data_8DW6
#
_entry.id   8DW6
#
_cell.length_a   1.00
_cell.length_b   1.00
_cell.length_c   1.00
_cell.angle_alpha   90.00
_cell.angle_beta   90.00
_cell.angle_gamma   90.00
#
_symmetry.space_group_name_H-M   'P 1'
#
loop_
_entity.id
_entity.type
_entity.pdbx_description
1 polymer 'DnaB-like replicative helicase'
2 polymer "DNA (5'-D(P*TP*TP*TP*TP*TP*TP*TP*TP*TP*TP*TP*T)-3')"
3 polymer 'DNA primase'
4 polymer 'DNA (70-MER)'
5 non-polymer 'PHOSPHOTHIOPHOSPHORIC ACID-ADENYLATE ESTER'
6 non-polymer 'MAGNESIUM ION'
7 non-polymer 'ZINC ION'
#
loop_
_entity_poly.entity_id
_entity_poly.type
_entity_poly.pdbx_seq_one_letter_code
_entity_poly.pdbx_strand_id
1 'polypeptide(L)'
;MVEIILSHLIFDQAYFSKVWPYMDSEYFESGPAKNTFKLIKSHVNEYHSVPSINALNVALENSSFTETEYSGVKTLISKL
ADSPEDHSWLVKETEKYVQQRAMFNATSKIIEIQTNAELPPEKRNKKMPDVGAIPDIMRQALSISFDSYVGHDWMDDYEA
RWLSYMNKARKVPFKLRILNKITKGGAETGTLNVLMAGVNVGKSLGLCSLAADYLQLGHNVLYISMEMAEEVCAKRIDAN
MLDVSLDDIDDGHISYAEYKGKMEKWREKSTLGRLIVKQYPTGGADANTFRSLLNELKLKKNFVPTIIIVDYLGICKSCR
IRVYSENSYTTVKAIAEELRALAVETETVLWTAAQVGKQAWDSSDVNMSDIAESAGLPATADFMLAVIETEELAAAEQQL
IKQIKSRYGDKNKWNKFLMGVQKGNQKWVEIEQDSTPTEVNEVAGSQQIQAEQNRYQRNESTRAQLDALANELKF
;
A,B,C,D,E,F
2 'polydeoxyribonucleotide' (DT)(DT)(DT)(DT)(DT)(DT)(DT)(DT)(DT)(DT)(DT)(DT) M
3 'polypeptide(L)'
;MSSIPWIDNEFAYRALAHLPKFTQVNNSSTFKLRFRCPVCGDSKTDQNKARGWYYGDNNEGNIHCYNCNYHAPIGIYLKE
FEPDLYREYIFEIRKEKGKSRPIEKPKELPKQPEKKIIKSLPSCVRLDKLAEDHPIIKYVKARCIPKDKWKYLWFTTEWP
KLVNSIAPGTYKKEISEPRLVIPIYNANGKAESFQGRALKKDAPQKYITIEAYPEATKIYGVERVKDGDVYVLEGPIDSL
FIENGIAITGGQLDLEVVPFKDRRVWVLDNEPRHPDTIKRMTKLVDAGERVMFWDKSPWKSKDVNDMIRKEGATPEQIME
YMKNNIAQGLMAKMRLSKYAKI
;
H
4 'polydeoxyribonucleotide' (DG)(DG)(DC)(DT)(DG) T
#
loop_
_chem_comp.id
_chem_comp.type
_chem_comp.name
_chem_comp.formula
AGS non-polymer 'PHOSPHOTHIOPHOSPHORIC ACID-ADENYLATE ESTER' 'C10 H16 N5 O12 P3 S'
DC DNA linking 2'-DEOXYCYTIDINE-5'-MONOPHOSPHATE 'C9 H14 N3 O7 P'
DG DNA linking 2'-DEOXYGUANOSINE-5'-MONOPHOSPHATE 'C10 H14 N5 O7 P'
DT DNA linking THYMIDINE-5'-MONOPHOSPHATE 'C10 H15 N2 O8 P'
MG non-polymer 'MAGNESIUM ION' 'Mg 2'
ZN non-polymer 'ZINC ION' 'Zn 2'
#
# COMPACT_ATOMS: atom_id res chain seq x y z
N MET A 1 -44.27 -9.96 11.01
CA MET A 1 -43.78 -10.14 12.37
C MET A 1 -44.85 -9.75 13.39
N VAL A 2 -45.74 -8.85 12.99
CA VAL A 2 -46.79 -8.38 13.89
C VAL A 2 -47.73 -9.52 14.27
N GLU A 3 -48.01 -10.42 13.31
CA GLU A 3 -48.85 -11.56 13.61
C GLU A 3 -48.23 -12.44 14.69
N ILE A 4 -46.92 -12.68 14.58
CA ILE A 4 -46.23 -13.48 15.59
C ILE A 4 -46.26 -12.78 16.94
N ILE A 5 -46.04 -11.47 16.96
CA ILE A 5 -46.02 -10.72 18.21
C ILE A 5 -47.38 -10.81 18.90
N LEU A 6 -48.45 -10.59 18.15
CA LEU A 6 -49.78 -10.66 18.75
C LEU A 6 -50.12 -12.09 19.19
N SER A 7 -49.75 -13.08 18.38
CA SER A 7 -50.04 -14.47 18.72
C SER A 7 -49.35 -14.88 20.00
N HIS A 8 -48.09 -14.49 20.16
CA HIS A 8 -47.36 -14.86 21.37
C HIS A 8 -47.62 -13.92 22.53
N LEU A 9 -48.28 -12.77 22.30
CA LEU A 9 -48.86 -12.05 23.41
C LEU A 9 -50.09 -12.76 23.93
N ILE A 10 -50.92 -13.29 23.03
CA ILE A 10 -52.13 -13.99 23.44
C ILE A 10 -51.78 -15.34 24.08
N PHE A 11 -50.85 -16.08 23.49
CA PHE A 11 -50.61 -17.48 23.85
C PHE A 11 -49.25 -17.72 24.50
N ASP A 12 -48.82 -16.83 25.38
CA ASP A 12 -47.57 -17.06 26.10
C ASP A 12 -47.58 -16.23 27.38
N GLN A 13 -46.72 -16.62 28.30
CA GLN A 13 -46.63 -15.96 29.61
C GLN A 13 -45.29 -15.28 29.82
N ALA A 14 -44.18 -15.98 29.63
CA ALA A 14 -42.87 -15.37 29.80
C ALA A 14 -42.64 -14.25 28.79
N TYR A 15 -43.06 -14.48 27.54
CA TYR A 15 -42.94 -13.45 26.52
C TYR A 15 -43.77 -12.22 26.88
N PHE A 16 -44.99 -12.44 27.37
CA PHE A 16 -45.83 -11.32 27.79
C PHE A 16 -45.18 -10.57 28.95
N SER A 17 -44.79 -11.28 30.00
CA SER A 17 -44.19 -10.64 31.16
C SER A 17 -42.87 -9.96 30.83
N LYS A 18 -42.23 -10.33 29.72
CA LYS A 18 -40.97 -9.72 29.33
C LYS A 18 -41.15 -8.51 28.42
N VAL A 19 -42.14 -8.54 27.53
CA VAL A 19 -42.23 -7.51 26.49
C VAL A 19 -43.42 -6.57 26.66
N TRP A 20 -44.32 -6.83 27.60
CA TRP A 20 -45.49 -5.94 27.74
C TRP A 20 -45.13 -4.52 28.17
N PRO A 21 -44.25 -4.28 29.13
CA PRO A 21 -43.94 -2.88 29.51
C PRO A 21 -43.38 -2.05 28.36
N TYR A 22 -42.80 -2.68 27.34
CA TYR A 22 -42.19 -1.96 26.23
C TYR A 22 -43.05 -2.02 24.97
N MET A 23 -44.37 -2.16 25.13
CA MET A 23 -45.28 -2.32 24.01
C MET A 23 -46.25 -1.13 23.99
N ASP A 24 -46.32 -0.46 22.84
CA ASP A 24 -47.17 0.71 22.67
C ASP A 24 -48.02 0.56 21.42
N SER A 25 -49.14 1.28 21.39
CA SER A 25 -50.06 1.20 20.26
C SER A 25 -49.43 1.75 18.98
N GLU A 26 -48.64 2.81 19.10
CA GLU A 26 -48.04 3.44 17.92
C GLU A 26 -46.96 2.59 17.27
N TYR A 27 -46.55 1.48 17.90
CA TYR A 27 -45.51 0.64 17.35
C TYR A 27 -46.00 -0.34 16.28
N PHE A 28 -47.30 -0.50 16.09
CA PHE A 28 -47.79 -1.60 15.26
C PHE A 28 -48.17 -1.16 13.85
N GLU A 29 -49.19 -0.30 13.72
CA GLU A 29 -49.72 0.04 12.40
C GLU A 29 -50.78 1.12 12.52
N SER A 30 -51.44 1.44 11.39
CA SER A 30 -52.61 2.29 11.39
C SER A 30 -53.85 1.53 10.91
N GLY A 31 -53.79 0.21 10.90
CA GLY A 31 -54.89 -0.60 10.41
C GLY A 31 -55.30 -1.72 11.36
N PRO A 32 -55.45 -2.93 10.82
CA PRO A 32 -55.93 -4.05 11.65
C PRO A 32 -55.04 -4.36 12.84
N ALA A 33 -53.72 -4.25 12.67
CA ALA A 33 -52.81 -4.56 13.78
C ALA A 33 -53.02 -3.61 14.95
N LYS A 34 -53.15 -2.31 14.66
CA LYS A 34 -53.36 -1.34 15.72
C LYS A 34 -54.67 -1.60 16.46
N ASN A 35 -55.73 -1.92 15.72
CA ASN A 35 -57.01 -2.19 16.36
C ASN A 35 -56.95 -3.44 17.23
N THR A 36 -56.30 -4.49 16.73
CA THR A 36 -56.16 -5.71 17.53
C THR A 36 -55.36 -5.45 18.80
N PHE A 37 -54.27 -4.69 18.69
CA PHE A 37 -53.50 -4.38 19.89
C PHE A 37 -54.27 -3.49 20.84
N LYS A 38 -55.10 -2.57 20.32
CA LYS A 38 -55.94 -1.77 21.19
C LYS A 38 -56.94 -2.63 21.93
N LEU A 39 -57.53 -3.62 21.26
CA LEU A 39 -58.42 -4.55 21.94
C LEU A 39 -57.68 -5.31 23.04
N ILE A 40 -56.47 -5.79 22.74
CA ILE A 40 -55.70 -6.53 23.74
C ILE A 40 -55.38 -5.65 24.94
N LYS A 41 -54.95 -4.42 24.69
CA LYS A 41 -54.59 -3.50 25.77
C LYS A 41 -55.82 -3.12 26.60
N SER A 42 -56.95 -2.89 25.95
CA SER A 42 -58.18 -2.59 26.68
C SER A 42 -58.57 -3.76 27.58
N HIS A 43 -58.50 -4.98 27.04
CA HIS A 43 -58.87 -6.14 27.85
C HIS A 43 -57.91 -6.32 29.03
N VAL A 44 -56.61 -6.12 28.80
CA VAL A 44 -55.66 -6.31 29.89
C VAL A 44 -55.80 -5.20 30.93
N ASN A 45 -56.23 -4.01 30.51
CA ASN A 45 -56.44 -2.94 31.48
C ASN A 45 -57.70 -3.18 32.32
N GLU A 46 -58.80 -3.59 31.68
CA GLU A 46 -60.03 -3.81 32.44
C GLU A 46 -59.94 -5.09 33.27
N TYR A 47 -59.35 -6.15 32.70
CA TYR A 47 -59.09 -7.39 33.42
C TYR A 47 -57.59 -7.68 33.31
N HIS A 48 -56.91 -7.67 34.45
CA HIS A 48 -55.45 -7.77 34.44
C HIS A 48 -55.01 -9.19 34.11
N SER A 49 -55.29 -9.62 32.88
CA SER A 49 -54.90 -10.95 32.42
C SER A 49 -54.92 -10.95 30.90
N VAL A 50 -54.20 -11.90 30.32
CA VAL A 50 -54.12 -12.01 28.86
C VAL A 50 -55.45 -12.51 28.32
N PRO A 51 -56.06 -11.84 27.35
CA PRO A 51 -57.34 -12.30 26.82
C PRO A 51 -57.21 -13.56 25.99
N SER A 52 -58.31 -14.30 25.92
CA SER A 52 -58.41 -15.48 25.07
C SER A 52 -59.05 -15.11 23.74
N ILE A 53 -59.05 -16.07 22.81
CA ILE A 53 -59.58 -15.80 21.46
C ILE A 53 -61.08 -15.52 21.52
N ASN A 54 -61.83 -16.32 22.30
CA ASN A 54 -63.27 -16.08 22.41
C ASN A 54 -63.55 -14.73 23.07
N ALA A 55 -62.80 -14.39 24.12
CA ALA A 55 -62.97 -13.09 24.75
C ALA A 55 -62.60 -11.97 23.80
N LEU A 56 -61.54 -12.17 23.01
CA LEU A 56 -61.15 -11.16 22.03
C LEU A 56 -62.23 -10.95 20.99
N ASN A 57 -62.86 -12.04 20.53
CA ASN A 57 -63.93 -11.92 19.55
C ASN A 57 -65.17 -11.27 20.16
N VAL A 58 -65.47 -11.55 21.43
CA VAL A 58 -66.57 -10.89 22.11
C VAL A 58 -66.31 -9.39 22.20
N ALA A 59 -65.09 -9.01 22.57
CA ALA A 59 -64.74 -7.60 22.65
C ALA A 59 -64.84 -6.93 21.28
N LEU A 60 -64.40 -7.64 20.22
CA LEU A 60 -64.51 -7.10 18.88
C LEU A 60 -65.98 -6.91 18.48
N GLU A 61 -66.84 -7.86 18.86
CA GLU A 61 -68.26 -7.71 18.60
C GLU A 61 -68.83 -6.51 19.34
N ASN A 62 -68.44 -6.31 20.58
CA ASN A 62 -68.89 -5.16 21.36
C ASN A 62 -67.85 -4.04 21.28
N SER A 63 -67.66 -3.54 20.06
CA SER A 63 -66.70 -2.48 19.82
C SER A 63 -67.18 -1.62 18.65
N SER A 64 -66.64 -0.41 18.58
CA SER A 64 -67.05 0.58 17.57
C SER A 64 -66.03 0.56 16.43
N PHE A 65 -66.29 -0.27 15.43
CA PHE A 65 -65.47 -0.33 14.22
C PHE A 65 -66.37 -0.37 13.00
N THR A 66 -65.85 0.10 11.88
CA THR A 66 -66.57 0.08 10.63
C THR A 66 -66.49 -1.32 10.01
N GLU A 67 -67.04 -1.46 8.80
CA GLU A 67 -67.08 -2.77 8.15
C GLU A 67 -65.68 -3.24 7.79
N THR A 68 -64.88 -2.38 7.19
CA THR A 68 -63.51 -2.76 6.81
C THR A 68 -62.67 -3.07 8.04
N GLU A 69 -62.78 -2.25 9.08
CA GLU A 69 -62.04 -2.51 10.31
C GLU A 69 -62.49 -3.82 10.94
N TYR A 70 -63.81 -4.08 10.94
CA TYR A 70 -64.33 -5.33 11.49
C TYR A 70 -63.76 -6.53 10.74
N SER A 71 -63.76 -6.46 9.40
CA SER A 71 -63.23 -7.56 8.60
C SER A 71 -61.75 -7.77 8.87
N GLY A 72 -60.97 -6.68 8.92
CA GLY A 72 -59.55 -6.81 9.14
C GLY A 72 -59.23 -7.41 10.50
N VAL A 73 -59.90 -6.92 11.54
CA VAL A 73 -59.65 -7.44 12.88
C VAL A 73 -60.09 -8.90 12.99
N LYS A 74 -61.23 -9.25 12.38
CA LYS A 74 -61.69 -10.63 12.42
C LYS A 74 -60.70 -11.56 11.74
N THR A 75 -60.21 -11.17 10.56
CA THR A 75 -59.24 -11.99 9.85
C THR A 75 -57.95 -12.15 10.65
N LEU A 76 -57.47 -11.04 11.23
CA LEU A 76 -56.22 -11.11 11.99
C LEU A 76 -56.39 -11.99 13.23
N ILE A 77 -57.53 -11.88 13.91
CA ILE A 77 -57.80 -12.72 15.08
C ILE A 77 -57.85 -14.19 14.69
N SER A 78 -58.51 -14.49 13.57
CA SER A 78 -58.53 -15.85 13.06
C SER A 78 -57.18 -16.33 12.55
N LYS A 79 -56.20 -15.45 12.46
CA LYS A 79 -54.87 -15.83 11.89
C LYS A 79 -53.79 -15.92 12.98
N LEU A 80 -54.19 -16.12 14.24
CA LEU A 80 -53.20 -16.14 15.35
C LEU A 80 -52.47 -17.49 15.35
N ALA A 81 -51.21 -17.51 15.81
CA ALA A 81 -50.41 -18.75 15.81
C ALA A 81 -50.04 -19.15 17.24
N ASP A 82 -50.28 -20.41 17.61
CA ASP A 82 -49.93 -20.90 18.97
C ASP A 82 -48.60 -21.63 18.91
N SER A 83 -47.87 -21.51 17.78
CA SER A 83 -46.59 -22.23 17.62
C SER A 83 -45.61 -21.82 18.73
N PRO A 84 -44.86 -22.76 19.34
CA PRO A 84 -43.96 -22.44 20.45
C PRO A 84 -42.54 -22.08 19.99
N GLU A 85 -42.36 -20.92 19.35
CA GLU A 85 -41.03 -20.49 18.96
C GLU A 85 -40.11 -20.38 20.16
N ASP A 86 -38.81 -20.34 19.90
CA ASP A 86 -37.83 -20.18 20.96
C ASP A 86 -37.89 -18.77 21.53
N HIS A 87 -37.65 -18.66 22.83
CA HIS A 87 -37.89 -17.39 23.53
C HIS A 87 -36.87 -16.34 23.16
N SER A 88 -35.59 -16.71 23.07
CA SER A 88 -34.54 -15.73 22.82
C SER A 88 -34.72 -15.06 21.45
N TRP A 89 -34.96 -15.86 20.42
CA TRP A 89 -35.18 -15.30 19.10
C TRP A 89 -36.42 -14.42 19.07
N LEU A 90 -37.49 -14.85 19.74
CA LEU A 90 -38.71 -14.07 19.76
C LEU A 90 -38.50 -12.71 20.41
N VAL A 91 -37.82 -12.68 21.56
CA VAL A 91 -37.57 -11.43 22.26
C VAL A 91 -36.68 -10.52 21.42
N LYS A 92 -35.60 -11.08 20.84
CA LYS A 92 -34.70 -10.26 20.05
C LYS A 92 -35.40 -9.68 18.83
N GLU A 93 -36.21 -10.50 18.15
CA GLU A 93 -36.86 -10.04 16.93
C GLU A 93 -37.93 -8.98 17.24
N THR A 94 -38.70 -9.18 18.32
CA THR A 94 -39.69 -8.15 18.66
C THR A 94 -39.01 -6.88 19.14
N GLU A 95 -37.85 -7.00 19.79
CA GLU A 95 -37.09 -5.79 20.15
C GLU A 95 -36.65 -5.04 18.90
N LYS A 96 -36.15 -5.77 17.90
CA LYS A 96 -35.73 -5.11 16.65
C LYS A 96 -36.92 -4.45 15.96
N TYR A 97 -38.06 -5.13 15.92
CA TYR A 97 -39.25 -4.56 15.31
C TYR A 97 -39.69 -3.29 16.02
N VAL A 98 -39.71 -3.32 17.35
CA VAL A 98 -40.09 -2.15 18.13
C VAL A 98 -39.13 -1.00 17.89
N GLN A 99 -37.82 -1.29 17.86
CA GLN A 99 -36.83 -0.24 17.64
C GLN A 99 -36.99 0.38 16.27
N GLN A 100 -37.21 -0.45 15.24
CA GLN A 100 -37.39 0.10 13.90
C GLN A 100 -38.63 0.98 13.82
N ARG A 101 -39.74 0.53 14.41
CA ARG A 101 -40.95 1.33 14.36
C ARG A 101 -40.79 2.63 15.13
N ALA A 102 -40.12 2.59 16.28
CA ALA A 102 -39.90 3.81 17.05
C ALA A 102 -39.01 4.79 16.28
N MET A 103 -37.97 4.29 15.62
CA MET A 103 -37.12 5.16 14.81
C MET A 103 -37.91 5.79 13.67
N PHE A 104 -38.75 5.00 13.00
CA PHE A 104 -39.56 5.55 11.90
C PHE A 104 -40.51 6.63 12.42
N ASN A 105 -41.16 6.38 13.56
CA ASN A 105 -42.08 7.36 14.11
C ASN A 105 -41.35 8.64 14.49
N ALA A 106 -40.18 8.53 15.10
CA ALA A 106 -39.42 9.71 15.50
C ALA A 106 -38.96 10.51 14.28
N THR A 107 -38.49 9.82 13.24
CA THR A 107 -38.07 10.52 12.03
C THR A 107 -39.25 11.24 11.38
N SER A 108 -40.40 10.58 11.31
CA SER A 108 -41.59 11.24 10.76
C SER A 108 -41.98 12.46 11.60
N LYS A 109 -41.87 12.33 12.92
CA LYS A 109 -42.23 13.45 13.79
C LYS A 109 -41.29 14.63 13.60
N ILE A 110 -39.99 14.38 13.47
CA ILE A 110 -39.06 15.50 13.28
C ILE A 110 -39.25 16.12 11.89
N ILE A 111 -39.56 15.32 10.88
CA ILE A 111 -39.85 15.88 9.56
C ILE A 111 -41.09 16.76 9.64
N GLU A 112 -42.12 16.32 10.36
CA GLU A 112 -43.33 17.13 10.51
C GLU A 112 -43.05 18.41 11.28
N ILE A 113 -42.17 18.32 12.29
CA ILE A 113 -41.80 19.51 13.05
C ILE A 113 -41.09 20.52 12.15
N GLN A 114 -40.16 20.04 11.32
CA GLN A 114 -39.48 20.94 10.39
C GLN A 114 -40.45 21.55 9.39
N THR A 115 -41.37 20.76 8.87
CA THR A 115 -42.36 21.28 7.92
C THR A 115 -43.24 22.34 8.57
N ASN A 116 -43.68 22.10 9.81
CA ASN A 116 -44.48 23.09 10.52
C ASN A 116 -43.67 24.34 10.85
N ALA A 117 -42.37 24.19 11.08
CA ALA A 117 -41.53 25.34 11.37
C ALA A 117 -41.44 26.28 10.18
N GLU A 118 -41.36 25.71 8.97
CA GLU A 118 -41.32 26.53 7.75
C GLU A 118 -42.75 26.90 7.34
N LEU A 119 -43.52 27.49 8.25
CA LEU A 119 -44.91 27.93 7.93
C LEU A 119 -45.13 29.34 8.50
N PRO A 120 -46.02 30.18 7.92
CA PRO A 120 -46.32 31.49 8.50
C PRO A 120 -46.51 31.39 10.03
N PRO A 121 -45.82 32.22 10.85
CA PRO A 121 -45.91 32.13 12.30
C PRO A 121 -47.36 32.32 12.76
N GLU A 122 -48.09 33.22 12.10
CA GLU A 122 -49.52 33.43 12.42
C GLU A 122 -50.25 32.11 12.20
N LYS A 123 -49.79 31.34 11.20
CA LYS A 123 -50.47 30.07 10.84
C LYS A 123 -49.57 28.85 11.09
N ARG A 124 -49.72 28.19 12.24
CA ARG A 124 -48.95 26.96 12.56
C ARG A 124 -49.69 26.25 13.70
N ASN A 125 -49.38 24.98 13.96
CA ASN A 125 -50.00 24.33 15.15
C ASN A 125 -49.18 24.64 16.39
N LYS A 126 -49.84 24.95 17.50
CA LYS A 126 -49.20 25.20 18.79
C LYS A 126 -48.75 23.91 19.45
N LYS A 127 -49.48 22.82 19.24
CA LYS A 127 -49.14 21.56 19.89
C LYS A 127 -47.84 20.95 19.36
N MET A 128 -47.48 21.26 18.12
CA MET A 128 -46.26 20.70 17.55
C MET A 128 -45.05 21.20 18.34
N PRO A 129 -44.15 20.32 18.75
CA PRO A 129 -42.97 20.75 19.49
C PRO A 129 -42.06 21.63 18.63
N ASP A 130 -41.34 22.53 19.31
CA ASP A 130 -40.42 23.42 18.62
C ASP A 130 -39.27 22.63 18.02
N VAL A 131 -38.51 23.30 17.14
CA VAL A 131 -37.40 22.65 16.45
C VAL A 131 -36.33 22.21 17.43
N GLY A 132 -36.11 22.99 18.49
CA GLY A 132 -35.09 22.65 19.47
C GLY A 132 -35.33 21.36 20.21
N ALA A 133 -36.56 20.83 20.13
CA ALA A 133 -36.87 19.54 20.74
C ALA A 133 -36.51 18.36 19.86
N ILE A 134 -36.03 18.59 18.64
CA ILE A 134 -35.71 17.49 17.73
C ILE A 134 -34.62 16.57 18.29
N PRO A 135 -33.48 17.06 18.78
CA PRO A 135 -32.45 16.13 19.28
C PRO A 135 -32.91 15.27 20.44
N ASP A 136 -33.77 15.79 21.31
CA ASP A 136 -34.28 14.99 22.41
C ASP A 136 -35.21 13.89 21.93
N ILE A 137 -36.09 14.21 20.98
CA ILE A 137 -37.06 13.24 20.49
C ILE A 137 -36.37 12.01 19.95
N MET A 138 -35.38 12.21 19.07
CA MET A 138 -34.63 11.09 18.54
C MET A 138 -33.97 10.29 19.65
N ARG A 139 -33.53 10.97 20.72
CA ARG A 139 -32.96 10.27 21.86
C ARG A 139 -33.97 9.29 22.45
N GLN A 140 -35.22 9.73 22.61
CA GLN A 140 -36.25 8.83 23.12
C GLN A 140 -36.49 7.66 22.18
N ALA A 141 -36.23 7.85 20.88
CA ALA A 141 -36.31 6.73 19.95
C ALA A 141 -35.14 5.78 20.14
N LEU A 142 -33.96 6.31 20.48
CA LEU A 142 -32.79 5.46 20.67
C LEU A 142 -32.75 4.82 22.05
N SER A 143 -33.55 5.31 22.99
CA SER A 143 -33.60 4.75 24.33
C SER A 143 -34.72 3.72 24.45
N ILE A 144 -34.73 2.75 23.55
CA ILE A 144 -35.74 1.70 23.52
C ILE A 144 -35.01 0.36 23.47
N SER A 145 -34.98 -0.36 24.57
CA SER A 145 -34.29 -1.66 24.62
C SER A 145 -35.02 -2.52 25.63
N PHE A 146 -35.43 -3.72 25.23
CA PHE A 146 -36.25 -4.54 26.13
C PHE A 146 -35.44 -4.76 27.40
N ASP A 147 -34.13 -4.95 27.29
CA ASP A 147 -33.35 -5.27 28.51
C ASP A 147 -32.06 -4.46 28.58
N SER A 148 -31.90 -3.69 29.65
CA SER A 148 -30.73 -2.81 29.80
C SER A 148 -29.66 -3.44 30.70
N TYR A 149 -28.58 -3.96 30.11
CA TYR A 149 -27.47 -4.50 30.92
C TYR A 149 -26.14 -3.99 30.36
N VAL A 150 -25.78 -2.76 30.72
CA VAL A 150 -24.48 -2.19 30.29
C VAL A 150 -23.55 -2.21 31.49
N GLY A 151 -22.76 -3.24 31.65
CA GLY A 151 -21.82 -3.31 32.76
C GLY A 151 -22.49 -3.65 34.07
N HIS A 152 -21.70 -3.57 35.13
CA HIS A 152 -22.16 -3.87 36.48
C HIS A 152 -22.50 -2.57 37.21
N ASP A 153 -23.74 -2.46 37.66
CA ASP A 153 -24.23 -1.25 38.32
C ASP A 153 -24.18 -1.45 39.82
N TRP A 154 -23.28 -0.74 40.48
CA TRP A 154 -23.21 -0.76 41.94
C TRP A 154 -24.49 -0.17 42.52
N MET A 155 -24.96 -0.77 43.61
CA MET A 155 -26.19 -0.38 44.33
C MET A 155 -27.43 -0.76 43.54
N ASP A 156 -27.26 -1.24 42.31
CA ASP A 156 -28.37 -1.77 41.52
C ASP A 156 -28.22 -3.24 41.21
N ASP A 157 -27.07 -3.85 41.53
CA ASP A 157 -26.83 -5.26 41.32
C ASP A 157 -26.17 -5.89 42.55
N TYR A 158 -26.46 -5.33 43.74
CA TYR A 158 -25.81 -5.81 44.95
C TYR A 158 -26.36 -7.16 45.38
N GLU A 159 -27.65 -7.42 45.11
CA GLU A 159 -28.22 -8.71 45.46
C GLU A 159 -27.66 -9.82 44.59
N ALA A 160 -27.46 -9.55 43.29
CA ALA A 160 -26.87 -10.54 42.41
C ALA A 160 -25.40 -10.75 42.73
N ARG A 161 -24.70 -9.68 43.11
CA ARG A 161 -23.29 -9.79 43.43
C ARG A 161 -23.07 -10.61 44.70
N TRP A 162 -23.95 -10.47 45.69
CA TRP A 162 -23.83 -11.27 46.89
C TRP A 162 -24.01 -12.75 46.59
N LEU A 163 -24.92 -13.08 45.68
CA LEU A 163 -25.09 -14.47 45.27
C LEU A 163 -23.83 -14.99 44.60
N SER A 164 -23.01 -14.10 44.05
CA SER A 164 -21.73 -14.51 43.49
C SER A 164 -20.71 -14.81 44.59
N TYR A 165 -20.72 -14.07 45.68
CA TYR A 165 -19.68 -14.27 46.70
C TYR A 165 -19.99 -15.53 47.49
N MET A 166 -21.27 -15.76 47.77
CA MET A 166 -21.69 -16.96 48.56
C MET A 166 -21.55 -18.23 47.72
N ASN A 167 -21.94 -18.18 46.46
CA ASN A 167 -21.91 -19.38 45.57
C ASN A 167 -20.51 -19.57 44.98
N LYS A 168 -19.57 -18.67 45.26
CA LYS A 168 -18.19 -18.77 44.71
C LYS A 168 -18.33 -19.02 43.21
N ALA A 169 -19.16 -18.26 42.52
CA ALA A 169 -19.49 -18.51 41.10
C ALA A 169 -18.26 -18.49 40.21
N ARG A 170 -17.20 -17.83 40.64
CA ARG A 170 -16.06 -17.70 39.74
C ARG A 170 -14.94 -18.69 40.05
N LYS A 171 -14.89 -19.25 41.25
CA LYS A 171 -13.75 -20.07 41.65
C LYS A 171 -13.82 -21.47 41.04
N VAL A 172 -12.64 -21.99 40.69
CA VAL A 172 -12.50 -23.37 40.24
C VAL A 172 -11.47 -24.04 41.13
N PRO A 173 -11.86 -25.03 41.95
CA PRO A 173 -10.92 -25.62 42.91
C PRO A 173 -9.76 -26.33 42.22
N PHE A 174 -8.78 -26.72 43.04
CA PHE A 174 -7.51 -27.24 42.55
C PHE A 174 -7.27 -28.71 42.84
N LYS A 175 -8.02 -29.31 43.76
CA LYS A 175 -7.84 -30.68 44.26
C LYS A 175 -6.59 -30.80 45.15
N LEU A 176 -5.81 -29.74 45.29
CA LEU A 176 -4.70 -29.68 46.23
C LEU A 176 -5.06 -28.69 47.32
N ARG A 177 -4.95 -29.11 48.58
CA ARG A 177 -5.39 -28.28 49.68
C ARG A 177 -4.59 -26.99 49.78
N ILE A 178 -3.27 -27.08 49.57
CA ILE A 178 -2.43 -25.89 49.69
C ILE A 178 -2.77 -24.86 48.63
N LEU A 179 -3.00 -25.30 47.38
CA LEU A 179 -3.32 -24.36 46.32
C LEU A 179 -4.70 -23.74 46.52
N ASN A 180 -5.65 -24.49 47.08
CA ASN A 180 -6.94 -23.90 47.43
C ASN A 180 -6.81 -22.91 48.58
N LYS A 181 -5.88 -23.17 49.52
CA LYS A 181 -5.70 -22.26 50.65
C LYS A 181 -5.21 -20.89 50.21
N ILE A 182 -4.24 -20.85 49.30
CA ILE A 182 -3.64 -19.57 48.91
C ILE A 182 -4.42 -18.85 47.83
N THR A 183 -5.41 -19.50 47.21
CA THR A 183 -6.25 -18.88 46.20
C THR A 183 -7.65 -18.58 46.71
N LYS A 184 -7.91 -18.81 48.01
CA LYS A 184 -9.22 -18.58 48.61
C LYS A 184 -10.32 -19.35 47.89
N GLY A 185 -10.01 -20.57 47.46
CA GLY A 185 -10.99 -21.42 46.84
C GLY A 185 -10.72 -21.81 45.40
N GLY A 186 -9.50 -21.58 44.93
CA GLY A 186 -9.09 -21.98 43.60
C GLY A 186 -8.95 -20.79 42.67
N ALA A 187 -8.59 -21.11 41.42
CA ALA A 187 -8.44 -20.09 40.40
C ALA A 187 -9.80 -19.64 39.89
N GLU A 188 -9.81 -18.52 39.18
CA GLU A 188 -11.03 -17.89 38.71
C GLU A 188 -11.16 -18.01 37.19
N THR A 189 -12.40 -17.97 36.72
CA THR A 189 -12.66 -17.99 35.29
C THR A 189 -12.20 -16.68 34.66
N GLY A 190 -11.83 -16.76 33.38
CA GLY A 190 -11.33 -15.59 32.68
C GLY A 190 -10.02 -15.07 33.21
N THR A 191 -9.09 -15.97 33.52
CA THR A 191 -7.82 -15.59 34.11
C THR A 191 -6.68 -16.32 33.39
N LEU A 192 -5.49 -15.72 33.47
CA LEU A 192 -4.27 -16.31 32.97
C LEU A 192 -3.37 -16.62 34.16
N ASN A 193 -3.03 -17.90 34.33
CA ASN A 193 -2.21 -18.36 35.44
C ASN A 193 -0.99 -19.06 34.88
N VAL A 194 0.19 -18.70 35.38
CA VAL A 194 1.44 -19.20 34.83
C VAL A 194 2.31 -19.77 35.94
N LEU A 195 3.15 -20.73 35.57
CA LEU A 195 4.13 -21.33 36.46
C LEU A 195 5.53 -20.97 35.96
N MET A 196 6.34 -20.57 36.94
CA MET A 196 7.72 -20.16 36.64
C MET A 196 8.62 -21.30 37.10
N ALA A 197 9.36 -21.85 36.15
CA ALA A 197 10.21 -23.02 36.44
C ALA A 197 11.66 -22.59 36.50
N GLY A 198 12.34 -22.91 37.60
CA GLY A 198 13.78 -22.61 37.71
C GLY A 198 14.63 -23.76 37.22
N VAL A 199 15.78 -23.99 37.86
CA VAL A 199 16.70 -25.10 37.45
C VAL A 199 16.05 -26.44 37.77
N ASN A 200 16.20 -27.44 36.89
CA ASN A 200 15.68 -28.81 37.17
C ASN A 200 14.16 -28.76 37.43
N VAL A 201 13.42 -27.95 36.66
CA VAL A 201 11.94 -27.87 36.83
C VAL A 201 11.28 -27.93 35.45
N GLY A 202 10.73 -29.09 35.07
CA GLY A 202 9.99 -29.16 33.81
C GLY A 202 8.73 -28.34 33.84
N LYS A 203 8.35 -27.80 32.71
CA LYS A 203 7.17 -26.92 32.67
C LYS A 203 5.93 -27.77 32.41
N SER A 204 6.08 -28.91 31.75
CA SER A 204 4.90 -29.71 31.38
C SER A 204 4.48 -30.70 32.48
N LEU A 205 5.33 -30.99 33.46
CA LEU A 205 4.92 -31.84 34.58
C LEU A 205 3.81 -31.17 35.40
N GLY A 206 4.01 -29.92 35.78
CA GLY A 206 2.99 -29.22 36.56
C GLY A 206 1.70 -29.03 35.78
N LEU A 207 1.82 -28.71 34.49
CA LEU A 207 0.62 -28.53 33.66
C LEU A 207 -0.14 -29.84 33.52
N CYS A 208 0.57 -30.97 33.34
CA CYS A 208 -0.11 -32.25 33.26
C CYS A 208 -0.74 -32.64 34.58
N SER A 209 -0.09 -32.31 35.70
CA SER A 209 -0.69 -32.57 37.01
C SER A 209 -1.97 -31.77 37.18
N LEU A 210 -1.95 -30.49 36.81
CA LEU A 210 -3.16 -29.67 36.90
C LEU A 210 -4.25 -30.20 35.97
N ALA A 211 -3.87 -30.61 34.76
CA ALA A 211 -4.85 -31.16 33.83
C ALA A 211 -5.49 -32.42 34.38
N ALA A 212 -4.69 -33.32 34.96
CA ALA A 212 -5.23 -34.53 35.55
C ALA A 212 -6.14 -34.22 36.74
N ASP A 213 -5.74 -33.26 37.58
CA ASP A 213 -6.56 -32.89 38.72
C ASP A 213 -7.90 -32.32 38.28
N TYR A 214 -7.89 -31.46 37.26
CA TYR A 214 -9.14 -30.93 36.73
C TYR A 214 -9.98 -32.02 36.09
N LEU A 215 -9.33 -32.97 35.41
CA LEU A 215 -10.05 -34.08 34.79
C LEU A 215 -10.75 -34.93 35.84
N GLN A 216 -10.09 -35.17 36.97
CA GLN A 216 -10.70 -35.95 38.03
C GLN A 216 -11.83 -35.21 38.72
N LEU A 217 -11.91 -33.89 38.58
CA LEU A 217 -12.97 -33.10 39.19
C LEU A 217 -14.15 -32.84 38.25
N GLY A 218 -14.10 -33.37 37.02
CA GLY A 218 -15.21 -33.27 36.12
C GLY A 218 -15.13 -32.17 35.08
N HIS A 219 -14.02 -31.46 34.99
CA HIS A 219 -13.90 -30.33 34.08
C HIS A 219 -13.47 -30.79 32.70
N ASN A 220 -13.98 -30.11 31.68
CA ASN A 220 -13.51 -30.29 30.32
C ASN A 220 -12.19 -29.56 30.14
N VAL A 221 -11.14 -30.29 29.79
CA VAL A 221 -9.80 -29.73 29.69
C VAL A 221 -9.34 -29.82 28.24
N LEU A 222 -8.86 -28.70 27.71
CA LEU A 222 -8.25 -28.64 26.38
C LEU A 222 -6.76 -28.35 26.57
N TYR A 223 -5.94 -29.34 26.26
CA TYR A 223 -4.49 -29.24 26.39
C TYR A 223 -3.89 -29.00 25.01
N ILE A 224 -3.36 -27.80 24.80
CA ILE A 224 -2.72 -27.44 23.54
C ILE A 224 -1.22 -27.54 23.74
N SER A 225 -0.59 -28.45 23.02
CA SER A 225 0.84 -28.72 23.14
C SER A 225 1.58 -28.12 21.95
N MET A 226 2.82 -27.70 22.22
CA MET A 226 3.66 -27.08 21.20
C MET A 226 4.89 -27.92 20.87
N GLU A 227 5.67 -28.27 21.87
CA GLU A 227 6.93 -29.00 21.68
C GLU A 227 6.74 -30.52 21.71
N MET A 228 5.52 -31.00 21.91
CA MET A 228 5.28 -32.43 22.06
C MET A 228 4.06 -32.83 21.25
N ALA A 229 4.00 -34.11 20.92
CA ALA A 229 2.86 -34.65 20.18
C ALA A 229 1.70 -34.95 21.13
N GLU A 230 0.55 -35.24 20.53
CA GLU A 230 -0.64 -35.55 21.33
C GLU A 230 -0.44 -36.82 22.14
N GLU A 231 0.20 -37.83 21.54
CA GLU A 231 0.39 -39.10 22.22
C GLU A 231 1.30 -38.94 23.44
N VAL A 232 2.33 -38.11 23.35
CA VAL A 232 3.25 -37.95 24.48
C VAL A 232 2.56 -37.25 25.64
N CYS A 233 1.82 -36.18 25.37
CA CYS A 233 1.10 -35.50 26.43
C CYS A 233 0.04 -36.40 27.05
N ALA A 234 -0.69 -37.14 26.22
CA ALA A 234 -1.67 -38.07 26.75
C ALA A 234 -1.00 -39.21 27.52
N LYS A 235 0.25 -39.54 27.19
CA LYS A 235 0.98 -40.54 27.96
C LYS A 235 1.35 -40.00 29.33
N ARG A 236 1.73 -38.73 29.41
CA ARG A 236 1.94 -38.11 30.71
C ARG A 236 0.65 -38.10 31.52
N ILE A 237 -0.47 -37.82 30.86
CA ILE A 237 -1.77 -37.86 31.53
C ILE A 237 -2.08 -39.25 32.04
N ASP A 238 -1.81 -40.28 31.22
CA ASP A 238 -2.03 -41.66 31.64
C ASP A 238 -1.16 -42.02 32.83
N ALA A 239 0.11 -41.61 32.79
CA ALA A 239 1.02 -41.89 33.91
C ALA A 239 0.41 -41.37 35.21
N ASN A 240 -0.08 -40.13 35.21
CA ASN A 240 -0.66 -39.51 36.43
C ASN A 240 -1.98 -40.20 36.82
N MET A 241 -2.83 -40.53 35.85
CA MET A 241 -4.17 -41.07 36.17
C MET A 241 -4.12 -42.57 36.48
N LEU A 242 -3.36 -43.36 35.73
CA LEU A 242 -3.36 -44.80 35.91
C LEU A 242 -2.34 -45.27 36.94
N ASP A 243 -1.57 -44.36 37.52
CA ASP A 243 -0.53 -44.61 38.53
C ASP A 243 0.64 -45.40 37.93
N VAL A 244 0.69 -45.57 36.61
CA VAL A 244 1.79 -46.25 35.96
C VAL A 244 2.93 -45.27 35.75
N SER A 245 4.15 -45.72 36.02
CA SER A 245 5.32 -44.87 35.77
C SER A 245 5.48 -44.64 34.27
N LEU A 246 6.08 -43.48 33.94
CA LEU A 246 6.23 -43.11 32.54
C LEU A 246 7.15 -44.06 31.80
N ASP A 247 8.27 -44.45 32.42
CA ASP A 247 9.19 -45.37 31.78
C ASP A 247 8.64 -46.79 31.70
N ASP A 248 7.71 -47.16 32.59
CA ASP A 248 7.12 -48.49 32.54
C ASP A 248 6.31 -48.70 31.26
N ILE A 249 5.67 -47.65 30.76
CA ILE A 249 4.92 -47.77 29.52
C ILE A 249 5.87 -48.05 28.34
N ASP A 250 6.98 -47.31 28.27
CA ASP A 250 7.92 -47.51 27.18
C ASP A 250 8.61 -48.87 27.29
N ASP A 251 8.98 -49.28 28.50
CA ASP A 251 9.63 -50.58 28.68
C ASP A 251 8.68 -51.72 28.33
N GLY A 252 7.41 -51.61 28.69
CA GLY A 252 6.45 -52.66 28.48
C GLY A 252 6.06 -53.46 29.70
N HIS A 253 6.38 -52.96 30.91
CA HIS A 253 6.03 -53.68 32.12
C HIS A 253 4.52 -53.81 32.27
N ILE A 254 3.78 -52.75 31.99
CA ILE A 254 2.32 -52.78 32.08
C ILE A 254 1.76 -53.37 30.79
N SER A 255 0.89 -54.36 30.94
CA SER A 255 0.31 -55.04 29.80
C SER A 255 -0.99 -54.38 29.36
N TYR A 256 -1.53 -54.84 28.24
CA TYR A 256 -2.76 -54.28 27.71
C TYR A 256 -3.94 -54.55 28.64
N ALA A 257 -3.93 -55.68 29.34
CA ALA A 257 -5.05 -56.02 30.21
C ALA A 257 -5.19 -55.00 31.35
N GLU A 258 -4.08 -54.73 32.06
CA GLU A 258 -4.14 -53.77 33.16
C GLU A 258 -4.47 -52.37 32.66
N TYR A 259 -3.89 -51.97 31.53
CA TYR A 259 -4.17 -50.66 30.96
C TYR A 259 -5.66 -50.51 30.65
N LYS A 260 -6.23 -51.47 29.94
CA LYS A 260 -7.65 -51.39 29.58
C LYS A 260 -8.53 -51.47 30.82
N GLY A 261 -8.15 -52.29 31.80
CA GLY A 261 -8.94 -52.36 33.02
C GLY A 261 -8.97 -51.06 33.77
N LYS A 262 -7.81 -50.41 33.92
CA LYS A 262 -7.76 -49.11 34.59
C LYS A 262 -8.53 -48.05 33.81
N MET A 263 -8.41 -48.06 32.48
CA MET A 263 -9.14 -47.08 31.68
C MET A 263 -10.64 -47.26 31.81
N GLU A 264 -11.12 -48.51 31.79
CA GLU A 264 -12.55 -48.73 31.95
C GLU A 264 -13.02 -48.43 33.36
N LYS A 265 -12.17 -48.67 34.37
CA LYS A 265 -12.51 -48.28 35.73
C LYS A 265 -12.67 -46.78 35.84
N TRP A 266 -11.79 -46.01 35.20
CA TRP A 266 -11.95 -44.56 35.18
C TRP A 266 -13.20 -44.16 34.42
N ARG A 267 -13.50 -44.83 33.30
CA ARG A 267 -14.67 -44.49 32.50
C ARG A 267 -15.96 -44.75 33.26
N GLU A 268 -15.98 -45.77 34.13
CA GLU A 268 -17.18 -46.05 34.91
C GLU A 268 -17.53 -44.91 35.84
N LYS A 269 -16.52 -44.27 36.43
CA LYS A 269 -16.76 -43.17 37.35
C LYS A 269 -17.43 -42.01 36.63
N SER A 270 -18.48 -41.46 37.25
CA SER A 270 -19.22 -40.35 36.68
C SER A 270 -18.62 -38.99 37.01
N THR A 271 -17.60 -38.95 37.87
CA THR A 271 -16.93 -37.70 38.24
C THR A 271 -15.73 -37.40 37.35
N LEU A 272 -15.71 -37.91 36.13
CA LEU A 272 -14.59 -37.74 35.22
C LEU A 272 -15.01 -36.84 34.06
N GLY A 273 -14.09 -35.97 33.64
CA GLY A 273 -14.32 -35.08 32.54
C GLY A 273 -13.76 -35.60 31.23
N ARG A 274 -13.61 -34.69 30.27
CA ARG A 274 -13.03 -35.01 28.98
C ARG A 274 -11.77 -34.19 28.78
N LEU A 275 -10.75 -34.84 28.21
CA LEU A 275 -9.48 -34.18 27.91
C LEU A 275 -9.24 -34.27 26.40
N ILE A 276 -9.07 -33.12 25.77
CA ILE A 276 -8.79 -33.04 24.33
C ILE A 276 -7.41 -32.46 24.16
N VAL A 277 -6.51 -33.23 23.56
CA VAL A 277 -5.13 -32.81 23.35
C VAL A 277 -4.97 -32.44 21.88
N LYS A 278 -4.54 -31.20 21.63
CA LYS A 278 -4.32 -30.70 20.28
C LYS A 278 -2.88 -30.23 20.15
N GLN A 279 -2.21 -30.68 19.10
CA GLN A 279 -0.81 -30.36 18.87
C GLN A 279 -0.68 -29.30 17.79
N TYR A 280 0.25 -28.36 18.00
CA TYR A 280 0.57 -27.34 17.02
C TYR A 280 2.07 -27.20 16.90
N PRO A 281 2.58 -26.85 15.72
CA PRO A 281 4.02 -26.65 15.56
C PRO A 281 4.52 -25.47 16.38
N THR A 282 5.82 -25.51 16.68
CA THR A 282 6.45 -24.42 17.43
C THR A 282 6.34 -23.11 16.66
N GLY A 283 5.76 -22.11 17.31
CA GLY A 283 5.57 -20.81 16.68
C GLY A 283 4.47 -20.76 15.66
N GLY A 284 3.68 -21.82 15.52
CA GLY A 284 2.64 -21.87 14.52
C GLY A 284 1.24 -21.78 15.09
N ALA A 285 1.13 -21.31 16.33
CA ALA A 285 -0.17 -21.23 17.03
C ALA A 285 -0.20 -19.93 17.82
N ASP A 286 -0.88 -18.93 17.27
CA ASP A 286 -1.18 -17.70 17.99
C ASP A 286 -2.51 -17.84 18.72
N ALA A 287 -2.83 -16.86 19.55
CA ALA A 287 -4.10 -16.91 20.25
C ALA A 287 -5.23 -16.39 19.38
N ASN A 288 -5.26 -16.85 18.13
CA ASN A 288 -6.38 -16.68 17.22
C ASN A 288 -6.66 -18.03 16.58
N THR A 289 -5.61 -18.84 16.47
CA THR A 289 -5.78 -20.24 16.09
C THR A 289 -6.52 -21.01 17.19
N PHE A 290 -6.29 -20.63 18.45
CA PHE A 290 -7.00 -21.28 19.55
C PHE A 290 -8.49 -20.98 19.48
N ARG A 291 -8.86 -19.77 19.05
CA ARG A 291 -10.27 -19.46 18.88
C ARG A 291 -10.91 -20.33 17.81
N SER A 292 -10.20 -20.53 16.69
CA SER A 292 -10.70 -21.42 15.64
C SER A 292 -10.81 -22.85 16.15
N LEU A 293 -9.83 -23.29 16.94
CA LEU A 293 -9.89 -24.63 17.52
C LEU A 293 -11.09 -24.79 18.44
N LEU A 294 -11.37 -23.78 19.28
CA LEU A 294 -12.52 -23.82 20.15
C LEU A 294 -13.81 -23.86 19.35
N ASN A 295 -13.88 -23.06 18.28
CA ASN A 295 -15.08 -23.07 17.44
C ASN A 295 -15.29 -24.43 16.80
N GLU A 296 -14.22 -25.04 16.30
CA GLU A 296 -14.34 -26.36 15.68
C GLU A 296 -14.74 -27.41 16.70
N LEU A 297 -14.17 -27.36 17.91
CA LEU A 297 -14.53 -28.33 18.95
C LEU A 297 -15.98 -28.17 19.37
N LYS A 298 -16.45 -26.93 19.51
CA LYS A 298 -17.84 -26.70 19.88
C LYS A 298 -18.79 -27.18 18.78
N LEU A 299 -18.45 -26.90 17.52
CA LEU A 299 -19.35 -27.24 16.43
C LEU A 299 -19.36 -28.75 16.17
N LYS A 300 -18.19 -29.38 16.13
CA LYS A 300 -18.05 -30.77 15.74
C LYS A 300 -18.03 -31.72 16.93
N LYS A 301 -17.19 -31.46 17.92
CA LYS A 301 -17.05 -32.33 19.07
C LYS A 301 -17.99 -31.98 20.21
N ASN A 302 -18.77 -30.90 20.08
CA ASN A 302 -19.63 -30.36 21.15
C ASN A 302 -18.85 -30.10 22.44
N PHE A 303 -17.52 -30.05 22.34
CA PHE A 303 -16.64 -29.93 23.50
C PHE A 303 -16.41 -28.45 23.78
N VAL A 304 -17.05 -27.93 24.82
CA VAL A 304 -16.85 -26.57 25.28
C VAL A 304 -16.01 -26.65 26.55
N PRO A 305 -14.75 -26.24 26.53
CA PRO A 305 -13.88 -26.44 27.69
C PRO A 305 -14.11 -25.40 28.78
N THR A 306 -13.74 -25.79 29.99
CA THR A 306 -13.64 -24.87 31.12
C THR A 306 -12.21 -24.60 31.53
N ILE A 307 -11.28 -25.48 31.15
CA ILE A 307 -9.86 -25.31 31.42
C ILE A 307 -9.12 -25.40 30.09
N ILE A 308 -8.27 -24.42 29.81
CA ILE A 308 -7.40 -24.44 28.64
C ILE A 308 -5.96 -24.35 29.15
N ILE A 309 -5.13 -25.33 28.79
CA ILE A 309 -3.76 -25.40 29.25
C ILE A 309 -2.84 -25.37 28.03
N VAL A 310 -2.04 -24.32 27.91
CA VAL A 310 -1.07 -24.19 26.83
C VAL A 310 0.29 -24.67 27.34
N ASP A 311 0.96 -25.49 26.54
CA ASP A 311 2.17 -26.17 27.01
C ASP A 311 3.25 -25.18 27.42
N TYR A 312 3.47 -24.14 26.63
CA TYR A 312 4.54 -23.19 26.90
C TYR A 312 4.19 -21.86 26.26
N LEU A 313 4.29 -20.78 27.04
CA LEU A 313 3.98 -19.44 26.53
C LEU A 313 5.04 -18.97 25.55
N GLY A 314 6.31 -19.27 25.82
CA GLY A 314 7.37 -18.78 24.95
C GLY A 314 7.31 -19.37 23.55
N ILE A 315 6.93 -20.65 23.45
CA ILE A 315 6.84 -21.29 22.14
C ILE A 315 5.72 -20.72 21.29
N CYS A 316 4.72 -20.10 21.94
CA CYS A 316 3.54 -19.58 21.20
C CYS A 316 3.96 -18.40 20.32
N LYS A 317 3.04 -17.90 19.49
CA LYS A 317 3.33 -16.75 18.60
C LYS A 317 2.35 -15.61 18.90
N SER A 318 2.85 -14.37 18.97
CA SER A 318 1.94 -13.21 19.17
C SER A 318 1.24 -12.89 17.84
N CYS A 319 -0.09 -12.93 17.82
CA CYS A 319 -0.83 -12.57 16.59
C CYS A 319 -0.60 -11.09 16.26
N ARG A 320 -0.50 -10.25 17.30
CA ARG A 320 -0.32 -8.79 17.10
C ARG A 320 1.08 -8.48 16.55
N ILE A 321 2.09 -9.25 16.99
CA ILE A 321 3.50 -8.96 16.57
C ILE A 321 3.75 -9.54 15.17
N ARG A 322 3.12 -10.68 14.84
CA ARG A 322 3.32 -11.35 13.52
C ARG A 322 4.76 -11.87 13.43
N VAL A 323 5.76 -10.99 13.55
CA VAL A 323 7.19 -11.44 13.54
C VAL A 323 7.42 -12.30 14.79
N TYR A 324 8.26 -13.33 14.68
CA TYR A 324 8.43 -14.27 15.83
C TYR A 324 9.90 -14.32 16.26
N SER A 325 10.15 -14.39 17.58
CA SER A 325 11.54 -14.52 18.09
C SER A 325 11.59 -15.67 19.10
N GLU A 326 12.72 -16.38 19.17
CA GLU A 326 12.84 -17.56 20.07
C GLU A 326 12.66 -17.12 21.53
N ASN A 327 13.30 -16.02 21.92
CA ASN A 327 13.21 -15.53 23.32
C ASN A 327 13.21 -13.99 23.34
N SER A 328 12.08 -13.36 22.95
CA SER A 328 11.99 -11.88 22.91
C SER A 328 10.91 -11.38 23.87
N TYR A 329 11.17 -10.29 24.59
CA TYR A 329 10.22 -9.77 25.61
C TYR A 329 8.92 -9.26 24.98
N THR A 330 9.00 -8.53 23.87
CA THR A 330 7.78 -7.92 23.30
C THR A 330 6.76 -9.02 22.96
N THR A 331 7.24 -10.12 22.38
CA THR A 331 6.33 -11.24 22.01
C THR A 331 5.69 -11.84 23.26
N VAL A 332 6.47 -12.05 24.32
CA VAL A 332 5.92 -12.71 25.54
C VAL A 332 4.82 -11.83 26.12
N LYS A 333 5.04 -10.51 26.15
CA LYS A 333 4.04 -9.57 26.70
C LYS A 333 2.77 -9.63 25.86
N ALA A 334 2.92 -9.68 24.53
CA ALA A 334 1.74 -9.74 23.62
C ALA A 334 1.04 -11.10 23.77
N ILE A 335 1.82 -12.18 23.80
CA ILE A 335 1.23 -13.51 23.95
C ILE A 335 0.41 -13.59 25.22
N ALA A 336 0.94 -13.06 26.32
CA ALA A 336 0.21 -13.08 27.59
C ALA A 336 -1.09 -12.28 27.48
N GLU A 337 -1.03 -11.10 26.87
CA GLU A 337 -2.24 -10.30 26.72
C GLU A 337 -3.28 -11.02 25.86
N GLU A 338 -2.85 -11.63 24.75
CA GLU A 338 -3.78 -12.32 23.88
C GLU A 338 -4.40 -13.53 24.56
N LEU A 339 -3.59 -14.30 25.31
CA LEU A 339 -4.12 -15.46 26.01
C LEU A 339 -5.08 -15.05 27.12
N ARG A 340 -4.78 -13.97 27.84
CA ARG A 340 -5.70 -13.51 28.86
C ARG A 340 -6.99 -12.98 28.25
N ALA A 341 -6.90 -12.33 27.10
CA ALA A 341 -8.10 -11.90 26.40
C ALA A 341 -8.94 -13.10 25.97
N LEU A 342 -8.28 -14.16 25.49
CA LEU A 342 -9.00 -15.39 25.14
C LEU A 342 -9.68 -15.98 26.37
N ALA A 343 -8.98 -16.01 27.50
CA ALA A 343 -9.57 -16.55 28.72
C ALA A 343 -10.78 -15.73 29.15
N VAL A 344 -10.69 -14.41 29.08
CA VAL A 344 -11.79 -13.55 29.47
C VAL A 344 -12.98 -13.75 28.55
N GLU A 345 -12.73 -13.80 27.23
CA GLU A 345 -13.83 -13.89 26.28
C GLU A 345 -14.43 -15.28 26.22
N THR A 346 -13.72 -16.30 26.70
CA THR A 346 -14.25 -17.66 26.72
C THR A 346 -14.69 -18.11 28.11
N GLU A 347 -14.46 -17.30 29.14
CA GLU A 347 -14.84 -17.64 30.51
C GLU A 347 -14.23 -18.97 30.94
N THR A 348 -12.93 -19.13 30.69
CA THR A 348 -12.21 -20.35 31.00
C THR A 348 -10.97 -20.02 31.82
N VAL A 349 -10.52 -20.99 32.60
CA VAL A 349 -9.27 -20.86 33.33
C VAL A 349 -8.13 -21.29 32.41
N LEU A 350 -7.18 -20.37 32.18
CA LEU A 350 -6.10 -20.60 31.24
C LEU A 350 -4.79 -20.75 32.00
N TRP A 351 -4.06 -21.80 31.70
CA TRP A 351 -2.81 -22.12 32.37
C TRP A 351 -1.67 -22.17 31.37
N THR A 352 -0.52 -21.68 31.81
CA THR A 352 0.70 -21.72 30.96
C THR A 352 1.91 -21.78 31.88
N ALA A 353 3.11 -21.90 31.30
CA ALA A 353 4.33 -21.90 32.13
C ALA A 353 5.45 -21.13 31.44
N ALA A 354 6.40 -20.63 32.20
CA ALA A 354 7.55 -19.89 31.61
C ALA A 354 8.82 -20.28 32.36
N GLN A 355 9.98 -19.90 31.82
CA GLN A 355 11.27 -20.16 32.53
C GLN A 355 11.63 -18.92 33.35
N VAL A 356 12.15 -19.11 34.57
CA VAL A 356 12.56 -17.97 35.43
C VAL A 356 13.89 -17.40 34.91
N GLY A 357 14.30 -16.23 35.43
CA GLY A 357 15.57 -15.62 34.99
C GLY A 357 16.76 -16.46 35.41
N LYS A 358 17.87 -16.35 34.66
CA LYS A 358 19.10 -17.12 34.99
C LYS A 358 19.49 -16.88 36.45
N GLN A 359 19.47 -15.61 36.89
CA GLN A 359 19.77 -15.30 38.32
C GLN A 359 18.75 -16.06 39.17
N ALA A 360 17.49 -16.09 38.73
CA ALA A 360 16.46 -16.87 39.46
C ALA A 360 16.84 -18.35 39.42
N TRP A 361 17.44 -18.81 38.32
CA TRP A 361 17.86 -20.22 38.22
C TRP A 361 18.86 -20.55 39.33
N ASP A 362 19.88 -19.70 39.49
CA ASP A 362 20.94 -19.96 40.51
C ASP A 362 20.36 -19.78 41.92
N SER A 363 19.54 -18.75 42.13
CA SER A 363 19.01 -18.46 43.49
C SER A 363 17.78 -19.32 43.78
N SER A 364 17.72 -19.94 44.95
CA SER A 364 16.51 -20.72 45.33
C SER A 364 15.33 -19.76 45.38
N ASP A 365 15.53 -18.57 45.94
CA ASP A 365 14.45 -17.53 45.96
C ASP A 365 14.36 -16.91 44.57
N VAL A 366 13.14 -16.76 44.04
CA VAL A 366 12.95 -16.09 42.72
C VAL A 366 12.18 -14.79 42.93
N ASN A 367 12.74 -13.67 42.46
CA ASN A 367 12.07 -12.35 42.61
C ASN A 367 11.36 -12.00 41.31
N MET A 368 10.26 -11.25 41.38
CA MET A 368 9.59 -10.79 40.14
C MET A 368 10.64 -10.11 39.27
N SER A 369 11.57 -9.37 39.91
CA SER A 369 12.68 -8.76 39.15
C SER A 369 13.51 -9.88 38.51
N ASP A 370 13.72 -10.98 39.24
CA ASP A 370 14.48 -12.12 38.70
C ASP A 370 13.56 -13.01 37.87
N ILE A 371 13.07 -12.49 36.74
CA ILE A 371 12.19 -13.28 35.84
C ILE A 371 12.62 -13.03 34.39
N ALA A 372 12.67 -14.08 33.57
CA ALA A 372 13.02 -13.91 32.14
C ALA A 372 12.03 -12.93 31.50
N GLU A 373 10.75 -13.03 31.87
CA GLU A 373 9.72 -12.08 31.35
C GLU A 373 9.49 -11.01 32.42
N SER A 374 10.10 -9.83 32.26
CA SER A 374 9.96 -8.78 33.30
C SER A 374 8.94 -7.71 32.88
N ALA A 375 7.98 -7.40 33.75
CA ALA A 375 7.00 -6.32 33.47
C ALA A 375 6.08 -6.77 32.34
N GLY A 376 6.27 -7.98 31.84
CA GLY A 376 5.39 -8.52 30.81
C GLY A 376 4.58 -9.65 31.38
N LEU A 377 5.22 -10.56 32.13
CA LEU A 377 4.35 -11.58 32.69
C LEU A 377 3.76 -11.15 34.04
N PRO A 378 4.54 -10.53 34.97
CA PRO A 378 3.90 -10.04 36.20
C PRO A 378 3.17 -8.73 35.99
N ALA A 379 2.45 -8.64 34.88
CA ALA A 379 1.49 -7.57 34.62
C ALA A 379 0.20 -8.05 34.01
N THR A 380 0.25 -9.20 33.31
CA THR A 380 -0.96 -9.74 32.63
C THR A 380 -1.35 -11.07 33.26
N ALA A 381 -0.74 -11.42 34.40
CA ALA A 381 -1.01 -12.75 35.00
C ALA A 381 -1.74 -12.58 36.33
N ASP A 382 -2.91 -13.21 36.47
CA ASP A 382 -3.67 -13.15 37.73
C ASP A 382 -2.90 -13.94 38.81
N PHE A 383 -2.32 -15.09 38.45
CA PHE A 383 -1.55 -15.92 39.42
C PHE A 383 -0.24 -16.33 38.76
N MET A 384 0.87 -16.18 39.49
CA MET A 384 2.17 -16.64 38.95
C MET A 384 2.86 -17.46 40.04
N LEU A 385 2.77 -18.78 39.93
CA LEU A 385 3.38 -19.66 40.94
C LEU A 385 4.79 -19.97 40.48
N ALA A 386 5.73 -19.96 41.42
CA ALA A 386 7.14 -20.23 41.13
C ALA A 386 7.52 -21.57 41.73
N VAL A 387 8.26 -22.36 40.95
CA VAL A 387 8.65 -23.71 41.33
C VAL A 387 10.17 -23.76 41.43
N ILE A 388 10.68 -24.18 42.58
CA ILE A 388 12.11 -24.24 42.83
C ILE A 388 12.49 -25.69 43.10
N GLU A 389 13.49 -26.19 42.37
CA GLU A 389 14.00 -27.54 42.53
C GLU A 389 15.50 -27.47 42.76
N THR A 390 15.92 -27.61 44.02
CA THR A 390 17.33 -27.65 44.36
C THR A 390 17.77 -29.09 44.57
N GLU A 391 19.05 -29.28 44.86
CA GLU A 391 19.57 -30.64 45.05
C GLU A 391 18.95 -31.31 46.28
N GLU A 392 18.84 -30.58 47.39
CA GLU A 392 18.28 -31.18 48.59
C GLU A 392 16.80 -31.52 48.41
N LEU A 393 16.05 -30.66 47.72
CA LEU A 393 14.64 -30.95 47.47
C LEU A 393 14.49 -32.13 46.51
N ALA A 394 15.34 -32.21 45.48
CA ALA A 394 15.29 -33.32 44.54
C ALA A 394 15.62 -34.63 45.23
N ALA A 395 16.60 -34.61 46.13
CA ALA A 395 16.94 -35.83 46.88
C ALA A 395 15.78 -36.29 47.74
N ALA A 396 14.93 -35.37 48.20
CA ALA A 396 13.76 -35.70 48.99
C ALA A 396 12.50 -35.80 48.14
N GLU A 397 12.63 -35.72 46.81
CA GLU A 397 11.49 -35.79 45.89
C GLU A 397 10.48 -34.68 46.20
N GLN A 398 10.96 -33.44 46.25
CA GLN A 398 10.14 -32.30 46.57
C GLN A 398 10.54 -31.11 45.71
N GLN A 399 9.63 -30.13 45.64
CA GLN A 399 9.88 -28.87 44.93
C GLN A 399 9.29 -27.74 45.77
N LEU A 400 10.06 -26.66 45.93
CA LEU A 400 9.61 -25.52 46.72
C LEU A 400 8.76 -24.60 45.86
N ILE A 401 7.48 -24.50 46.18
CA ILE A 401 6.56 -23.64 45.45
C ILE A 401 6.55 -22.27 46.14
N LYS A 402 6.90 -21.23 45.40
CA LYS A 402 6.89 -19.86 45.91
C LYS A 402 5.88 -19.04 45.14
N GLN A 403 5.16 -18.18 45.85
CA GLN A 403 4.06 -17.40 45.22
C GLN A 403 4.61 -16.03 44.84
N ILE A 404 4.75 -15.76 43.55
CA ILE A 404 5.42 -14.49 43.14
C ILE A 404 4.39 -13.41 42.79
N LYS A 405 3.18 -13.80 42.33
CA LYS A 405 2.12 -12.78 42.07
C LYS A 405 0.75 -13.43 42.25
N SER A 406 -0.06 -12.91 43.18
CA SER A 406 -1.38 -13.51 43.47
C SER A 406 -2.47 -12.44 43.44
N ARG A 407 -3.10 -12.23 42.28
CA ARG A 407 -4.23 -11.26 42.20
C ARG A 407 -5.34 -11.80 43.10
N TYR A 408 -5.51 -13.13 43.14
CA TYR A 408 -6.57 -13.76 43.97
C TYR A 408 -6.49 -13.28 45.43
N GLY A 409 -5.37 -13.53 46.11
CA GLY A 409 -5.28 -13.19 47.54
C GLY A 409 -3.97 -12.53 47.90
N ASP A 410 -3.70 -12.36 49.20
CA ASP A 410 -2.45 -11.76 49.63
C ASP A 410 -1.29 -12.67 49.25
N LYS A 411 -0.27 -12.08 48.62
CA LYS A 411 0.87 -12.87 48.16
C LYS A 411 1.71 -13.40 49.31
N ASN A 412 1.73 -12.68 50.43
CA ASN A 412 2.61 -13.01 51.55
C ASN A 412 1.94 -13.87 52.61
N LYS A 413 0.68 -14.27 52.41
CA LYS A 413 0.01 -15.11 53.40
C LYS A 413 0.70 -16.46 53.56
N TRP A 414 0.72 -17.24 52.49
CA TRP A 414 1.44 -18.52 52.44
C TRP A 414 2.29 -18.48 51.17
N ASN A 415 3.49 -17.89 51.28
CA ASN A 415 4.30 -17.68 50.09
C ASN A 415 5.08 -18.93 49.70
N LYS A 416 5.73 -19.57 50.66
CA LYS A 416 6.58 -20.73 50.42
C LYS A 416 5.89 -21.99 50.93
N PHE A 417 5.85 -23.02 50.09
CA PHE A 417 5.31 -24.31 50.47
C PHE A 417 6.04 -25.39 49.68
N LEU A 418 6.20 -26.55 50.30
CA LEU A 418 6.93 -27.66 49.70
C LEU A 418 5.95 -28.62 49.04
N MET A 419 6.21 -28.98 47.79
CA MET A 419 5.33 -29.83 47.01
C MET A 419 5.99 -31.17 46.74
N GLY A 420 5.22 -32.23 46.89
CA GLY A 420 5.68 -33.60 46.66
C GLY A 420 5.66 -34.00 45.21
N VAL A 421 6.65 -33.58 44.44
CA VAL A 421 6.69 -33.88 43.01
C VAL A 421 7.17 -35.31 42.81
N GLN A 422 6.43 -36.06 41.99
CA GLN A 422 6.87 -37.37 41.49
C GLN A 422 7.09 -37.22 39.99
N LYS A 423 8.35 -37.35 39.57
CA LYS A 423 8.76 -37.16 38.19
C LYS A 423 8.45 -38.37 37.32
N GLY A 424 8.16 -39.52 37.90
CA GLY A 424 7.87 -40.71 37.12
C GLY A 424 6.42 -40.76 36.70
N ASN A 425 5.52 -40.55 37.66
CA ASN A 425 4.09 -40.50 37.39
C ASN A 425 3.62 -39.11 36.99
N GLN A 426 4.53 -38.13 36.97
CA GLN A 426 4.20 -36.75 36.61
C GLN A 426 3.08 -36.21 37.49
N LYS A 427 3.32 -36.23 38.80
CA LYS A 427 2.25 -35.95 39.75
C LYS A 427 2.74 -35.01 40.84
N TRP A 428 1.80 -34.27 41.42
CA TRP A 428 2.04 -33.42 42.58
C TRP A 428 1.18 -33.94 43.72
N VAL A 429 1.82 -34.36 44.81
CA VAL A 429 1.12 -34.79 46.01
C VAL A 429 1.45 -33.81 47.13
N GLU A 430 0.53 -33.69 48.08
CA GLU A 430 0.71 -32.75 49.17
C GLU A 430 1.69 -33.30 50.20
N ILE A 431 2.19 -32.40 51.04
CA ILE A 431 3.14 -32.73 52.11
C ILE A 431 2.50 -32.37 53.44
N GLU A 432 2.48 -33.33 54.35
CA GLU A 432 1.90 -33.10 55.68
C GLU A 432 2.81 -32.23 56.53
N MET B 1 -34.23 31.49 -1.56
CA MET B 1 -33.77 32.78 -2.03
C MET B 1 -32.31 32.72 -2.46
N VAL B 2 -31.98 31.73 -3.29
CA VAL B 2 -30.61 31.56 -3.75
C VAL B 2 -30.18 32.73 -4.62
N GLU B 3 -31.07 33.18 -5.51
CA GLU B 3 -30.72 34.25 -6.44
C GLU B 3 -30.36 35.53 -5.69
N ILE B 4 -31.13 35.89 -4.66
CA ILE B 4 -30.84 37.08 -3.88
C ILE B 4 -29.51 36.93 -3.16
N ILE B 5 -29.26 35.75 -2.58
CA ILE B 5 -28.00 35.52 -1.86
C ILE B 5 -26.82 35.71 -2.80
N LEU B 6 -26.87 35.08 -3.98
CA LEU B 6 -25.76 35.20 -4.93
C LEU B 6 -25.61 36.64 -5.43
N SER B 7 -26.74 37.31 -5.71
CA SER B 7 -26.68 38.67 -6.24
C SER B 7 -26.05 39.62 -5.23
N HIS B 8 -26.41 39.49 -3.96
CA HIS B 8 -25.82 40.37 -2.95
C HIS B 8 -24.46 39.89 -2.47
N LEU B 9 -24.07 38.66 -2.77
CA LEU B 9 -22.67 38.28 -2.62
C LEU B 9 -21.82 38.99 -3.67
N ILE B 10 -22.30 39.03 -4.91
CA ILE B 10 -21.54 39.67 -5.98
C ILE B 10 -21.54 41.19 -5.81
N PHE B 11 -22.70 41.77 -5.49
CA PHE B 11 -22.90 43.22 -5.59
C PHE B 11 -23.15 43.87 -4.23
N ASP B 12 -22.45 43.43 -3.19
CA ASP B 12 -22.56 44.08 -1.89
C ASP B 12 -21.36 43.68 -1.04
N GLN B 13 -20.57 44.67 -0.64
CA GLN B 13 -19.38 44.39 0.17
C GLN B 13 -19.77 44.07 1.62
N ALA B 14 -20.70 44.82 2.19
CA ALA B 14 -21.09 44.59 3.57
C ALA B 14 -21.75 43.22 3.75
N TYR B 15 -22.69 42.89 2.86
CA TYR B 15 -23.35 41.60 2.93
C TYR B 15 -22.34 40.47 2.73
N PHE B 16 -21.40 40.64 1.82
CA PHE B 16 -20.36 39.64 1.61
C PHE B 16 -19.54 39.44 2.88
N SER B 17 -19.01 40.53 3.44
CA SER B 17 -18.19 40.42 4.64
C SER B 17 -18.97 39.86 5.81
N LYS B 18 -20.30 40.01 5.80
CA LYS B 18 -21.10 39.48 6.89
C LYS B 18 -21.38 37.99 6.74
N VAL B 19 -21.72 37.55 5.53
CA VAL B 19 -22.30 36.21 5.35
C VAL B 19 -21.36 35.21 4.70
N TRP B 20 -20.28 35.64 4.05
CA TRP B 20 -19.43 34.70 3.34
C TRP B 20 -18.77 33.67 4.24
N PRO B 21 -18.18 34.02 5.40
CA PRO B 21 -17.50 32.99 6.20
C PRO B 21 -18.40 31.87 6.67
N TYR B 22 -19.71 32.07 6.67
CA TYR B 22 -20.67 31.04 7.07
C TYR B 22 -21.30 30.32 5.89
N MET B 23 -20.85 30.59 4.67
CA MET B 23 -21.43 29.97 3.49
C MET B 23 -20.79 28.61 3.21
N ASP B 24 -21.60 27.66 2.78
CA ASP B 24 -21.14 26.33 2.42
C ASP B 24 -21.84 25.90 1.13
N SER B 25 -21.15 25.05 0.36
CA SER B 25 -21.70 24.56 -0.89
C SER B 25 -22.88 23.61 -0.70
N GLU B 26 -23.07 23.07 0.49
CA GLU B 26 -24.13 22.12 0.76
C GLU B 26 -25.43 22.78 1.18
N TYR B 27 -25.65 24.03 0.77
CA TYR B 27 -26.84 24.77 1.19
C TYR B 27 -27.78 25.13 0.06
N PHE B 28 -27.34 25.16 -1.20
CA PHE B 28 -28.14 25.78 -2.25
C PHE B 28 -29.03 24.76 -2.97
N GLU B 29 -28.40 23.84 -3.71
CA GLU B 29 -29.12 22.81 -4.44
C GLU B 29 -28.15 21.84 -5.09
N SER B 30 -28.65 20.92 -5.90
CA SER B 30 -27.84 20.02 -6.70
C SER B 30 -27.89 20.39 -8.18
N GLY B 31 -27.93 21.69 -8.48
CA GLY B 31 -28.03 22.15 -9.83
C GLY B 31 -27.22 23.40 -10.12
N PRO B 32 -27.82 24.36 -10.85
CA PRO B 32 -27.08 25.57 -11.23
C PRO B 32 -26.55 26.37 -10.05
N ALA B 33 -27.31 26.44 -8.96
CA ALA B 33 -26.90 27.26 -7.82
C ALA B 33 -25.60 26.73 -7.20
N LYS B 34 -25.50 25.41 -7.05
CA LYS B 34 -24.28 24.83 -6.49
C LYS B 34 -23.07 25.10 -7.37
N ASN B 35 -23.25 25.00 -8.69
CA ASN B 35 -22.14 25.27 -9.60
C ASN B 35 -21.73 26.74 -9.56
N THR B 36 -22.71 27.65 -9.51
CA THR B 36 -22.39 29.07 -9.42
C THR B 36 -21.64 29.38 -8.13
N PHE B 37 -22.09 28.79 -7.01
CA PHE B 37 -21.40 29.01 -5.76
C PHE B 37 -20.01 28.37 -5.77
N LYS B 38 -19.84 27.25 -6.47
CA LYS B 38 -18.51 26.67 -6.63
C LYS B 38 -17.58 27.61 -7.38
N LEU B 39 -18.08 28.23 -8.45
CA LEU B 39 -17.27 29.20 -9.19
C LEU B 39 -16.89 30.37 -8.30
N ILE B 40 -17.86 30.90 -7.55
CA ILE B 40 -17.60 32.04 -6.68
C ILE B 40 -16.58 31.67 -5.61
N LYS B 41 -16.73 30.49 -5.01
CA LYS B 41 -15.82 30.06 -3.95
C LYS B 41 -14.42 29.84 -4.49
N SER B 42 -14.30 29.25 -5.68
CA SER B 42 -12.98 29.07 -6.28
C SER B 42 -12.32 30.42 -6.57
N HIS B 43 -13.08 31.38 -7.09
CA HIS B 43 -12.53 32.70 -7.36
C HIS B 43 -12.08 33.37 -6.06
N VAL B 44 -12.88 33.27 -5.00
CA VAL B 44 -12.52 33.92 -3.74
C VAL B 44 -11.30 33.25 -3.12
N ASN B 45 -11.21 31.92 -3.22
CA ASN B 45 -10.04 31.23 -2.71
C ASN B 45 -8.79 31.62 -3.49
N GLU B 46 -8.90 31.77 -4.81
CA GLU B 46 -7.72 32.04 -5.62
C GLU B 46 -7.27 33.49 -5.51
N TYR B 47 -8.21 34.44 -5.40
CA TYR B 47 -7.87 35.85 -5.49
C TYR B 47 -8.27 36.68 -4.26
N HIS B 48 -8.93 36.08 -3.28
CA HIS B 48 -9.30 36.77 -2.03
C HIS B 48 -10.15 38.01 -2.31
N SER B 49 -11.06 37.91 -3.27
CA SER B 49 -11.94 39.02 -3.59
C SER B 49 -13.20 38.48 -4.26
N VAL B 50 -14.25 39.27 -4.22
CA VAL B 50 -15.54 38.86 -4.80
C VAL B 50 -15.45 38.97 -6.32
N PRO B 51 -15.79 37.92 -7.07
CA PRO B 51 -15.74 37.99 -8.52
C PRO B 51 -16.84 38.88 -9.07
N SER B 52 -16.60 39.36 -10.29
CA SER B 52 -17.58 40.14 -11.03
C SER B 52 -18.31 39.23 -12.01
N ILE B 53 -19.23 39.81 -12.79
CA ILE B 53 -19.96 39.04 -13.78
C ILE B 53 -19.02 38.54 -14.88
N ASN B 54 -18.08 39.39 -15.30
CA ASN B 54 -17.13 38.99 -16.34
C ASN B 54 -16.27 37.82 -15.87
N ALA B 55 -15.78 37.88 -14.63
CA ALA B 55 -14.98 36.79 -14.10
C ALA B 55 -15.79 35.50 -14.01
N LEU B 56 -17.06 35.61 -13.65
CA LEU B 56 -17.91 34.42 -13.54
C LEU B 56 -18.16 33.79 -14.90
N ASN B 57 -18.58 34.58 -15.89
CA ASN B 57 -19.04 34.02 -17.15
C ASN B 57 -17.94 33.88 -18.19
N VAL B 58 -16.72 34.33 -17.90
CA VAL B 58 -15.63 34.14 -18.86
C VAL B 58 -14.49 33.38 -18.20
N ALA B 59 -13.93 33.95 -17.13
CA ALA B 59 -12.75 33.36 -16.51
C ALA B 59 -13.05 32.06 -15.77
N LEU B 60 -14.32 31.79 -15.44
CA LEU B 60 -14.66 30.64 -14.62
C LEU B 60 -15.63 29.68 -15.29
N GLU B 61 -16.67 30.22 -15.93
CA GLU B 61 -17.72 29.35 -16.52
C GLU B 61 -17.20 28.74 -17.83
N ASN B 62 -16.19 29.36 -18.43
CA ASN B 62 -15.59 28.82 -19.68
C ASN B 62 -14.56 27.75 -19.31
N SER B 63 -14.95 26.82 -18.42
CA SER B 63 -14.02 25.75 -17.98
C SER B 63 -14.54 24.38 -18.42
N SER B 64 -15.17 23.63 -17.50
CA SER B 64 -15.65 22.26 -17.83
C SER B 64 -17.01 21.99 -17.19
N PHE B 65 -18.07 21.88 -18.01
CA PHE B 65 -19.42 21.55 -17.49
C PHE B 65 -20.23 20.92 -18.63
N THR B 66 -21.18 20.03 -18.31
CA THR B 66 -22.02 19.49 -19.36
C THR B 66 -22.89 20.61 -19.95
N GLU B 67 -23.63 20.27 -21.00
CA GLU B 67 -24.46 21.26 -21.68
C GLU B 67 -25.55 21.80 -20.76
N THR B 68 -26.23 20.91 -20.04
CA THR B 68 -27.30 21.34 -19.16
C THR B 68 -26.76 22.20 -18.01
N GLU B 69 -25.66 21.77 -17.40
CA GLU B 69 -25.05 22.56 -16.33
C GLU B 69 -24.57 23.91 -16.85
N TYR B 70 -23.96 23.92 -18.04
CA TYR B 70 -23.50 25.17 -18.62
C TYR B 70 -24.65 26.13 -18.87
N SER B 71 -25.76 25.63 -19.43
CA SER B 71 -26.91 26.47 -19.69
C SER B 71 -27.52 27.00 -18.40
N GLY B 72 -27.64 26.14 -17.38
CA GLY B 72 -28.18 26.58 -16.11
C GLY B 72 -27.32 27.66 -15.45
N VAL B 73 -26.01 27.46 -15.46
CA VAL B 73 -25.11 28.45 -14.87
C VAL B 73 -25.17 29.77 -15.64
N LYS B 74 -25.23 29.69 -16.98
CA LYS B 74 -25.34 30.91 -17.77
C LYS B 74 -26.62 31.66 -17.46
N THR B 75 -27.74 30.96 -17.37
CA THR B 75 -29.01 31.60 -17.05
C THR B 75 -28.97 32.23 -15.67
N LEU B 76 -28.42 31.51 -14.68
CA LEU B 76 -28.37 32.04 -13.32
C LEU B 76 -27.46 33.26 -13.24
N ILE B 77 -26.31 33.23 -13.93
CA ILE B 77 -25.40 34.37 -13.90
C ILE B 77 -26.02 35.57 -14.59
N SER B 78 -26.71 35.35 -15.71
CA SER B 78 -27.39 36.46 -16.39
C SER B 78 -28.54 37.00 -15.56
N LYS B 79 -29.14 36.17 -14.69
CA LYS B 79 -30.25 36.60 -13.87
C LYS B 79 -29.82 37.39 -12.64
N LEU B 80 -28.54 37.32 -12.27
CA LEU B 80 -28.07 38.04 -11.09
C LEU B 80 -28.12 39.54 -11.33
N ALA B 81 -28.66 40.28 -10.35
CA ALA B 81 -28.77 41.72 -10.46
C ALA B 81 -28.88 42.31 -9.06
N ASP B 82 -28.26 43.47 -8.87
CA ASP B 82 -28.31 44.13 -7.57
C ASP B 82 -29.70 44.70 -7.31
N SER B 83 -30.21 44.46 -6.11
CA SER B 83 -31.53 44.93 -5.71
C SER B 83 -31.43 45.67 -4.39
N PRO B 84 -32.07 46.83 -4.28
CA PRO B 84 -32.00 47.60 -3.02
C PRO B 84 -32.81 46.96 -1.91
N GLU B 85 -32.14 46.34 -0.96
CA GLU B 85 -32.79 45.74 0.20
C GLU B 85 -31.99 46.10 1.45
N ASP B 86 -32.69 46.23 2.57
CA ASP B 86 -32.07 46.65 3.82
C ASP B 86 -31.08 45.61 4.30
N HIS B 87 -29.94 46.06 4.82
CA HIS B 87 -28.92 45.16 5.32
C HIS B 87 -29.12 44.86 6.80
N SER B 88 -30.37 44.54 7.15
CA SER B 88 -30.69 43.86 8.40
C SER B 88 -31.68 42.75 8.08
N TRP B 89 -32.51 42.99 7.07
CA TRP B 89 -33.45 41.99 6.59
C TRP B 89 -32.75 40.93 5.75
N LEU B 90 -31.78 41.35 4.93
CA LEU B 90 -31.04 40.39 4.11
C LEU B 90 -30.27 39.40 4.98
N VAL B 91 -29.58 39.89 6.00
CA VAL B 91 -28.79 39.01 6.85
C VAL B 91 -29.69 38.04 7.61
N LYS B 92 -30.81 38.53 8.14
CA LYS B 92 -31.72 37.66 8.88
C LYS B 92 -32.35 36.60 7.98
N GLU B 93 -32.79 37.00 6.77
CA GLU B 93 -33.36 36.02 5.85
C GLU B 93 -32.32 35.00 5.41
N THR B 94 -31.09 35.44 5.16
CA THR B 94 -30.02 34.51 4.81
C THR B 94 -29.73 33.55 5.95
N GLU B 95 -29.74 34.04 7.19
CA GLU B 95 -29.52 33.17 8.34
C GLU B 95 -30.63 32.14 8.47
N LYS B 96 -31.89 32.56 8.27
CA LYS B 96 -33.00 31.62 8.31
C LYS B 96 -32.87 30.57 7.22
N TYR B 97 -32.50 30.99 6.01
CA TYR B 97 -32.33 30.04 4.91
C TYR B 97 -31.21 29.05 5.22
N VAL B 98 -30.09 29.53 5.76
CA VAL B 98 -28.98 28.66 6.09
C VAL B 98 -29.38 27.65 7.16
N GLN B 99 -30.11 28.11 8.18
CA GLN B 99 -30.56 27.20 9.24
C GLN B 99 -31.50 26.15 8.68
N GLN B 100 -32.43 26.55 7.82
CA GLN B 100 -33.36 25.59 7.22
C GLN B 100 -32.61 24.56 6.37
N ARG B 101 -31.64 25.01 5.59
CA ARG B 101 -30.89 24.08 4.75
C ARG B 101 -30.03 23.14 5.59
N ALA B 102 -29.45 23.65 6.67
CA ALA B 102 -28.69 22.78 7.57
C ALA B 102 -29.58 21.72 8.19
N MET B 103 -30.79 22.11 8.62
CA MET B 103 -31.72 21.12 9.16
C MET B 103 -32.12 20.09 8.12
N PHE B 104 -32.36 20.53 6.88
CA PHE B 104 -32.71 19.60 5.80
C PHE B 104 -31.58 18.61 5.55
N ASN B 105 -30.34 19.11 5.48
CA ASN B 105 -29.20 18.23 5.26
C ASN B 105 -29.04 17.24 6.40
N ALA B 106 -29.22 17.70 7.65
CA ALA B 106 -29.10 16.80 8.79
C ALA B 106 -30.17 15.72 8.76
N THR B 107 -31.41 16.08 8.40
CA THR B 107 -32.47 15.10 8.31
C THR B 107 -32.17 14.06 7.23
N SER B 108 -31.69 14.51 6.07
CA SER B 108 -31.33 13.58 5.01
C SER B 108 -30.19 12.66 5.47
N LYS B 109 -29.20 13.22 6.17
CA LYS B 109 -28.07 12.43 6.63
C LYS B 109 -28.51 11.36 7.62
N ILE B 110 -29.38 11.72 8.57
CA ILE B 110 -29.81 10.71 9.54
C ILE B 110 -30.71 9.67 8.88
N ILE B 111 -31.51 10.06 7.89
CA ILE B 111 -32.28 9.07 7.13
C ILE B 111 -31.34 8.08 6.46
N GLU B 112 -30.28 8.58 5.83
CA GLU B 112 -29.30 7.70 5.20
C GLU B 112 -28.59 6.83 6.23
N ILE B 113 -28.33 7.38 7.41
CA ILE B 113 -27.68 6.60 8.48
C ILE B 113 -28.57 5.43 8.90
N GLN B 114 -29.85 5.70 9.09
CA GLN B 114 -30.77 4.63 9.48
C GLN B 114 -30.90 3.59 8.38
N THR B 115 -30.98 4.05 7.12
CA THR B 115 -31.07 3.11 6.00
C THR B 115 -29.83 2.23 5.93
N ASN B 116 -28.65 2.82 6.13
CA ASN B 116 -27.41 2.06 6.07
C ASN B 116 -27.33 1.05 7.21
N ALA B 117 -27.65 1.49 8.43
CA ALA B 117 -27.55 0.60 9.58
C ALA B 117 -28.59 -0.51 9.53
N GLU B 118 -29.71 -0.28 8.83
CA GLU B 118 -30.69 -1.36 8.67
C GLU B 118 -30.14 -2.49 7.82
N LEU B 119 -29.20 -2.20 6.93
CA LEU B 119 -28.63 -3.22 6.06
C LEU B 119 -27.73 -4.16 6.87
N PRO B 120 -27.62 -5.42 6.45
CA PRO B 120 -26.77 -6.38 7.16
C PRO B 120 -25.29 -6.04 6.96
N PRO B 121 -24.41 -6.60 7.79
CA PRO B 121 -22.98 -6.29 7.66
C PRO B 121 -22.38 -6.71 6.33
N GLU B 122 -21.10 -6.40 6.12
CA GLU B 122 -20.34 -6.57 4.89
C GLU B 122 -20.81 -5.63 3.78
N LYS B 123 -21.88 -4.85 4.02
CA LYS B 123 -22.34 -3.83 3.09
C LYS B 123 -22.76 -2.58 3.84
N ARG B 124 -22.17 -2.35 5.01
CA ARG B 124 -22.66 -1.35 5.95
C ARG B 124 -22.01 0.02 5.79
N ASN B 125 -21.18 0.21 4.75
CA ASN B 125 -20.65 1.53 4.39
C ASN B 125 -19.93 2.18 5.57
N LYS B 126 -18.80 1.55 5.93
CA LYS B 126 -17.99 1.99 7.05
C LYS B 126 -17.61 3.47 6.94
N LYS B 127 -17.20 4.06 8.07
CA LYS B 127 -16.92 5.47 8.27
C LYS B 127 -18.19 6.30 8.36
N MET B 128 -19.36 5.70 8.15
CA MET B 128 -20.64 6.38 8.34
C MET B 128 -21.07 6.25 9.80
N PRO B 129 -21.47 7.34 10.45
CA PRO B 129 -21.76 7.28 11.89
C PRO B 129 -22.92 6.34 12.19
N ASP B 130 -22.87 5.75 13.38
CA ASP B 130 -23.88 4.80 13.83
C ASP B 130 -25.16 5.54 14.21
N VAL B 131 -26.21 4.75 14.48
CA VAL B 131 -27.50 5.32 14.85
C VAL B 131 -27.43 6.06 16.17
N GLY B 132 -26.43 5.75 17.01
CA GLY B 132 -26.32 6.42 18.29
C GLY B 132 -26.05 7.91 18.16
N ALA B 133 -25.23 8.29 17.18
CA ALA B 133 -24.94 9.71 16.97
C ALA B 133 -25.87 10.32 15.93
N ILE B 134 -27.17 10.11 16.09
CA ILE B 134 -28.17 10.89 15.37
C ILE B 134 -28.47 12.21 16.10
N PRO B 135 -28.73 12.21 17.41
CA PRO B 135 -29.10 13.49 18.06
C PRO B 135 -28.01 14.54 18.02
N ASP B 136 -26.74 14.16 18.06
CA ASP B 136 -25.68 15.15 18.03
C ASP B 136 -25.64 15.87 16.68
N ILE B 137 -25.91 15.15 15.60
CA ILE B 137 -25.96 15.77 14.28
C ILE B 137 -27.08 16.79 14.21
N MET B 138 -28.26 16.45 14.74
CA MET B 138 -29.38 17.39 14.74
C MET B 138 -29.07 18.61 15.62
N ARG B 139 -28.42 18.38 16.77
CA ARG B 139 -28.07 19.49 17.64
C ARG B 139 -27.05 20.41 16.98
N GLN B 140 -26.08 19.83 16.27
CA GLN B 140 -25.13 20.64 15.51
C GLN B 140 -25.83 21.44 14.42
N ALA B 141 -26.80 20.82 13.74
CA ALA B 141 -27.56 21.53 12.71
C ALA B 141 -28.37 22.67 13.31
N LEU B 142 -28.87 22.51 14.53
CA LEU B 142 -29.63 23.56 15.17
C LEU B 142 -28.78 24.80 15.41
N SER B 143 -27.54 24.62 15.88
CA SER B 143 -26.66 25.74 16.20
C SER B 143 -25.78 26.03 14.98
N ILE B 144 -26.38 26.66 13.98
CA ILE B 144 -25.68 26.99 12.75
C ILE B 144 -25.86 28.49 12.47
N SER B 145 -26.06 29.27 13.53
CA SER B 145 -26.29 30.69 13.40
C SER B 145 -25.01 31.42 12.98
N PHE B 146 -25.17 32.70 12.62
CA PHE B 146 -24.04 33.52 12.12
C PHE B 146 -23.44 34.35 13.24
N ASP B 147 -22.86 33.68 14.23
CA ASP B 147 -22.21 34.37 15.37
C ASP B 147 -20.71 34.08 15.29
N SER B 148 -19.89 35.10 15.49
CA SER B 148 -18.41 34.92 15.37
C SER B 148 -17.88 34.38 16.70
N TYR B 149 -17.63 33.07 16.77
CA TYR B 149 -17.02 32.49 17.99
C TYR B 149 -15.80 31.66 17.59
N VAL B 150 -14.69 32.34 17.30
CA VAL B 150 -13.44 31.62 16.92
C VAL B 150 -12.42 31.82 18.05
N GLY B 151 -12.33 30.87 18.98
CA GLY B 151 -11.31 30.97 20.03
C GLY B 151 -11.69 31.83 21.21
N HIS B 152 -10.73 32.15 22.06
CA HIS B 152 -10.98 32.93 23.28
C HIS B 152 -10.15 34.20 23.22
N ASP B 153 -10.78 35.30 22.83
CA ASP B 153 -10.09 36.57 22.93
C ASP B 153 -9.75 36.89 24.38
N TRP B 154 -8.53 37.37 24.62
CA TRP B 154 -8.09 37.64 25.98
C TRP B 154 -8.81 38.84 26.58
N MET B 155 -8.92 39.93 25.83
CA MET B 155 -9.55 41.14 26.34
C MET B 155 -11.06 41.14 26.18
N ASP B 156 -11.58 40.49 25.14
CA ASP B 156 -13.01 40.51 24.87
C ASP B 156 -13.79 39.48 25.67
N ASP B 157 -13.13 38.51 26.30
CA ASP B 157 -13.82 37.42 26.97
C ASP B 157 -13.36 37.25 28.42
N TYR B 158 -12.97 38.34 29.08
CA TYR B 158 -12.52 38.24 30.46
C TYR B 158 -13.66 38.06 31.44
N GLU B 159 -14.90 38.42 31.07
CA GLU B 159 -16.04 38.22 31.94
C GLU B 159 -16.32 36.74 32.16
N ALA B 160 -16.39 35.98 31.06
CA ALA B 160 -16.62 34.54 31.17
C ALA B 160 -15.47 33.85 31.88
N ARG B 161 -14.24 34.31 31.65
CA ARG B 161 -13.10 33.74 32.33
C ARG B 161 -13.17 33.99 33.84
N TRP B 162 -13.58 35.20 34.24
CA TRP B 162 -13.73 35.46 35.67
C TRP B 162 -14.87 34.65 36.26
N LEU B 163 -15.94 34.45 35.49
CA LEU B 163 -17.02 33.58 35.98
C LEU B 163 -16.52 32.17 36.20
N SER B 164 -15.69 31.66 35.29
CA SER B 164 -15.09 30.34 35.48
C SER B 164 -14.19 30.33 36.70
N TYR B 165 -13.43 31.40 36.94
CA TYR B 165 -12.56 31.46 38.10
C TYR B 165 -13.36 31.41 39.40
N MET B 166 -14.38 32.27 39.50
CA MET B 166 -15.13 32.36 40.76
C MET B 166 -15.98 31.13 41.00
N ASN B 167 -16.59 30.59 39.94
CA ASN B 167 -17.34 29.35 40.07
C ASN B 167 -16.42 28.15 40.26
N LYS B 168 -15.16 28.26 39.86
CA LYS B 168 -14.24 27.13 39.80
C LYS B 168 -14.85 25.98 39.01
N ALA B 169 -15.47 26.31 37.88
CA ALA B 169 -16.18 25.30 37.11
C ALA B 169 -15.23 24.51 36.24
N ARG B 170 -14.13 24.05 36.84
CA ARG B 170 -13.27 23.02 36.26
C ARG B 170 -12.81 22.00 37.28
N LYS B 171 -12.80 22.34 38.58
CA LYS B 171 -12.24 21.46 39.59
C LYS B 171 -13.26 20.43 40.05
N VAL B 172 -12.77 19.22 40.29
CA VAL B 172 -13.54 18.16 40.94
C VAL B 172 -12.81 17.77 42.21
N PRO B 173 -13.26 18.25 43.36
CA PRO B 173 -12.49 18.06 44.60
C PRO B 173 -12.41 16.60 45.00
N PHE B 174 -11.31 16.26 45.68
CA PHE B 174 -11.13 14.94 46.26
C PHE B 174 -11.84 14.87 47.61
N LYS B 175 -11.93 13.66 48.17
CA LYS B 175 -12.32 13.49 49.55
C LYS B 175 -11.13 13.55 50.51
N LEU B 176 -9.91 13.56 49.99
CA LEU B 176 -8.71 13.66 50.79
C LEU B 176 -8.18 15.09 50.72
N ARG B 177 -8.01 15.71 51.90
CA ARG B 177 -7.54 17.09 51.93
C ARG B 177 -6.11 17.21 51.43
N ILE B 178 -5.30 16.17 51.58
CA ILE B 178 -3.92 16.23 51.12
C ILE B 178 -3.87 16.31 49.60
N LEU B 179 -4.74 15.59 48.90
CA LEU B 179 -4.80 15.67 47.46
C LEU B 179 -5.48 16.94 46.96
N ASN B 180 -6.20 17.64 47.84
CA ASN B 180 -6.80 18.92 47.47
C ASN B 180 -5.87 20.10 47.72
N LYS B 181 -4.96 19.98 48.69
CA LYS B 181 -4.03 21.08 48.96
C LYS B 181 -2.87 21.11 47.99
N ILE B 182 -2.63 20.03 47.24
CA ILE B 182 -1.60 20.02 46.22
C ILE B 182 -2.17 20.24 44.82
N THR B 183 -3.46 19.98 44.61
CA THR B 183 -4.12 20.22 43.34
C THR B 183 -4.90 21.52 43.34
N LYS B 184 -4.89 22.27 44.45
CA LYS B 184 -5.57 23.57 44.55
C LYS B 184 -7.06 23.45 44.24
N GLY B 185 -7.68 22.36 44.71
CA GLY B 185 -9.10 22.19 44.56
C GLY B 185 -9.52 20.93 43.82
N GLY B 186 -8.58 20.03 43.59
CA GLY B 186 -8.88 18.77 42.93
C GLY B 186 -8.46 18.77 41.46
N ALA B 187 -8.79 17.67 40.81
CA ALA B 187 -8.47 17.50 39.40
C ALA B 187 -9.46 18.26 38.53
N GLU B 188 -9.01 18.60 37.32
CA GLU B 188 -9.81 19.37 36.37
C GLU B 188 -10.52 18.46 35.39
N THR B 189 -11.54 19.02 34.73
CA THR B 189 -12.44 18.24 33.89
C THR B 189 -11.73 17.56 32.72
N GLY B 190 -11.19 18.35 31.79
CA GLY B 190 -10.55 17.77 30.63
C GLY B 190 -9.09 17.40 30.89
N THR B 191 -8.86 16.36 31.68
CA THR B 191 -7.52 16.02 32.12
C THR B 191 -7.32 14.52 32.12
N LEU B 192 -6.04 14.12 32.08
CA LEU B 192 -5.64 12.72 32.16
C LEU B 192 -4.69 12.56 33.34
N ASN B 193 -5.15 11.88 34.39
CA ASN B 193 -4.39 11.70 35.62
C ASN B 193 -3.95 10.25 35.74
N VAL B 194 -2.71 10.05 36.18
CA VAL B 194 -2.04 8.75 36.09
C VAL B 194 -1.45 8.38 37.45
N LEU B 195 -1.56 7.10 37.80
CA LEU B 195 -0.89 6.52 38.95
C LEU B 195 0.16 5.52 38.47
N MET B 196 1.36 5.61 39.04
CA MET B 196 2.44 4.67 38.76
C MET B 196 2.85 4.01 40.06
N ALA B 197 2.71 2.70 40.16
CA ALA B 197 3.01 2.04 41.42
C ALA B 197 3.99 0.88 41.28
N GLY B 198 3.91 0.11 40.19
CA GLY B 198 4.74 -1.08 40.03
C GLY B 198 3.89 -2.32 39.87
N VAL B 199 4.38 -3.43 40.42
CA VAL B 199 3.70 -4.73 40.35
C VAL B 199 3.23 -5.10 41.75
N ASN B 200 1.93 -5.28 41.91
CA ASN B 200 1.32 -5.62 43.20
C ASN B 200 1.73 -4.61 44.28
N VAL B 201 1.77 -3.34 43.90
CA VAL B 201 2.03 -2.26 44.85
C VAL B 201 0.79 -1.43 45.13
N GLY B 202 -0.21 -1.46 44.26
CA GLY B 202 -1.33 -0.54 44.31
C GLY B 202 -1.94 -0.47 42.93
N LYS B 203 -2.12 0.75 42.40
CA LYS B 203 -2.36 0.96 40.98
C LYS B 203 -3.76 0.50 40.58
N SER B 204 -4.44 -0.17 41.51
CA SER B 204 -5.87 -0.44 41.43
C SER B 204 -6.55 -0.32 42.77
N LEU B 205 -5.82 -0.49 43.88
CA LEU B 205 -6.31 -0.05 45.18
C LEU B 205 -6.51 1.46 45.18
N GLY B 206 -5.56 2.19 44.60
CA GLY B 206 -5.71 3.64 44.51
C GLY B 206 -6.85 4.06 43.61
N LEU B 207 -6.99 3.43 42.45
CA LEU B 207 -8.07 3.75 41.54
C LEU B 207 -9.43 3.42 42.17
N CYS B 208 -9.52 2.27 42.85
CA CYS B 208 -10.76 1.92 43.52
C CYS B 208 -11.08 2.88 44.66
N SER B 209 -10.05 3.32 45.40
CA SER B 209 -10.27 4.29 46.47
C SER B 209 -10.75 5.62 45.91
N LEU B 210 -10.16 6.07 44.79
CA LEU B 210 -10.61 7.30 44.16
C LEU B 210 -12.05 7.17 43.67
N ALA B 211 -12.38 6.01 43.08
CA ALA B 211 -13.75 5.79 42.63
C ALA B 211 -14.72 5.81 43.81
N ALA B 212 -14.34 5.21 44.94
CA ALA B 212 -15.19 5.22 46.11
C ALA B 212 -15.37 6.64 46.65
N ASP B 213 -14.29 7.43 46.68
CA ASP B 213 -14.41 8.81 47.15
C ASP B 213 -15.32 9.62 46.24
N TYR B 214 -15.15 9.49 44.92
CA TYR B 214 -16.02 10.19 43.98
C TYR B 214 -17.46 9.75 44.12
N LEU B 215 -17.69 8.45 44.37
CA LEU B 215 -19.03 7.96 44.60
C LEU B 215 -19.64 8.57 45.85
N GLN B 216 -18.85 8.68 46.92
CA GLN B 216 -19.33 9.34 48.13
C GLN B 216 -19.53 10.83 47.94
N LEU B 217 -18.92 11.42 46.93
CA LEU B 217 -19.07 12.84 46.64
C LEU B 217 -20.20 13.12 45.65
N GLY B 218 -20.99 12.11 45.29
CA GLY B 218 -22.13 12.31 44.42
C GLY B 218 -21.86 12.25 42.94
N HIS B 219 -20.63 11.94 42.53
CA HIS B 219 -20.29 11.89 41.12
C HIS B 219 -20.68 10.56 40.51
N ASN B 220 -21.03 10.59 39.23
CA ASN B 220 -21.21 9.37 38.44
C ASN B 220 -19.84 8.88 37.99
N VAL B 221 -19.50 7.64 38.32
CA VAL B 221 -18.18 7.08 38.08
C VAL B 221 -18.33 5.89 37.14
N LEU B 222 -17.49 5.84 36.11
CA LEU B 222 -17.46 4.72 35.17
C LEU B 222 -16.08 4.08 35.25
N TYR B 223 -16.04 2.84 35.75
CA TYR B 223 -14.80 2.10 35.92
C TYR B 223 -14.69 1.08 34.79
N ILE B 224 -13.83 1.38 33.83
CA ILE B 224 -13.54 0.47 32.71
C ILE B 224 -12.32 -0.33 33.09
N SER B 225 -12.51 -1.62 33.37
CA SER B 225 -11.44 -2.50 33.83
C SER B 225 -11.01 -3.42 32.69
N MET B 226 -9.71 -3.43 32.41
CA MET B 226 -9.15 -4.32 31.39
C MET B 226 -8.48 -5.55 31.99
N GLU B 227 -8.11 -5.51 33.26
CA GLU B 227 -7.37 -6.59 33.90
C GLU B 227 -8.17 -7.36 34.94
N MET B 228 -9.31 -6.84 35.38
CA MET B 228 -10.12 -7.49 36.39
C MET B 228 -11.57 -7.52 35.94
N ALA B 229 -12.29 -8.53 36.40
CA ALA B 229 -13.70 -8.65 36.09
C ALA B 229 -14.49 -7.56 36.80
N GLU B 230 -15.76 -7.43 36.41
CA GLU B 230 -16.63 -6.45 37.07
C GLU B 230 -16.88 -6.83 38.52
N GLU B 231 -17.03 -8.12 38.79
CA GLU B 231 -17.36 -8.56 40.15
C GLU B 231 -16.24 -8.28 41.14
N VAL B 232 -14.98 -8.50 40.73
CA VAL B 232 -13.87 -8.29 41.66
C VAL B 232 -13.69 -6.81 41.94
N CYS B 233 -13.81 -5.96 40.91
CA CYS B 233 -13.72 -4.52 41.13
C CYS B 233 -14.84 -4.04 42.04
N ALA B 234 -16.07 -4.53 41.81
CA ALA B 234 -17.17 -4.17 42.68
C ALA B 234 -16.96 -4.69 44.10
N LYS B 235 -16.29 -5.83 44.25
CA LYS B 235 -15.98 -6.34 45.58
C LYS B 235 -14.96 -5.45 46.29
N ARG B 236 -13.99 -4.92 45.55
CA ARG B 236 -13.05 -3.98 46.14
C ARG B 236 -13.76 -2.71 46.57
N ILE B 237 -14.69 -2.23 45.74
CA ILE B 237 -15.47 -1.05 46.11
C ILE B 237 -16.32 -1.33 47.34
N ASP B 238 -16.90 -2.53 47.43
CA ASP B 238 -17.69 -2.90 48.60
C ASP B 238 -16.82 -2.95 49.85
N ALA B 239 -15.60 -3.47 49.73
CA ALA B 239 -14.69 -3.48 50.87
C ALA B 239 -14.34 -2.06 51.29
N ASN B 240 -14.17 -1.17 50.32
CA ASN B 240 -13.84 0.22 50.65
C ASN B 240 -14.99 0.91 51.35
N MET B 241 -16.22 0.72 50.87
CA MET B 241 -17.34 1.52 51.34
C MET B 241 -18.09 0.91 52.53
N LEU B 242 -18.05 -0.41 52.68
CA LEU B 242 -18.77 -1.08 53.76
C LEU B 242 -17.90 -1.32 54.98
N ASP B 243 -16.64 -0.88 54.96
CA ASP B 243 -15.71 -1.05 56.08
C ASP B 243 -15.59 -2.52 56.48
N VAL B 244 -15.53 -3.40 55.48
CA VAL B 244 -15.36 -4.83 55.70
C VAL B 244 -14.11 -5.29 54.96
N SER B 245 -13.33 -6.15 55.60
CA SER B 245 -12.09 -6.63 55.01
C SER B 245 -12.38 -7.44 53.75
N LEU B 246 -11.46 -7.36 52.79
CA LEU B 246 -11.63 -8.09 51.54
C LEU B 246 -11.61 -9.59 51.76
N ASP B 247 -10.89 -10.05 52.78
CA ASP B 247 -10.88 -11.48 53.09
C ASP B 247 -12.19 -11.91 53.75
N ASP B 248 -12.79 -11.02 54.55
CA ASP B 248 -14.03 -11.37 55.24
C ASP B 248 -15.16 -11.66 54.25
N ILE B 249 -15.20 -10.95 53.13
CA ILE B 249 -16.22 -11.22 52.11
C ILE B 249 -15.98 -12.54 51.39
N ASP B 250 -14.77 -13.09 51.47
CA ASP B 250 -14.44 -14.36 50.84
C ASP B 250 -14.61 -15.55 51.78
N ASP B 251 -14.05 -15.48 52.99
CA ASP B 251 -14.23 -16.56 53.94
C ASP B 251 -15.69 -16.70 54.37
N GLY B 252 -16.37 -15.59 54.59
CA GLY B 252 -17.77 -15.62 54.95
C GLY B 252 -18.06 -15.11 56.35
N HIS B 253 -17.26 -14.16 56.83
CA HIS B 253 -17.45 -13.59 58.15
C HIS B 253 -18.48 -12.47 58.17
N ILE B 254 -19.04 -12.12 57.02
CA ILE B 254 -20.04 -11.07 56.91
C ILE B 254 -21.35 -11.70 56.48
N SER B 255 -22.42 -11.43 57.24
CA SER B 255 -23.72 -12.00 56.94
C SER B 255 -24.45 -11.17 55.88
N TYR B 256 -25.47 -11.78 55.28
CA TYR B 256 -26.26 -11.08 54.27
C TYR B 256 -27.08 -9.96 54.89
N ALA B 257 -27.51 -10.12 56.14
CA ALA B 257 -28.33 -9.11 56.79
C ALA B 257 -27.58 -7.79 56.90
N GLU B 258 -26.36 -7.82 57.44
CA GLU B 258 -25.61 -6.59 57.61
C GLU B 258 -25.13 -6.03 56.27
N TYR B 259 -24.84 -6.89 55.31
CA TYR B 259 -24.49 -6.43 53.97
C TYR B 259 -25.63 -5.64 53.35
N LYS B 260 -26.84 -6.20 53.39
CA LYS B 260 -28.00 -5.51 52.83
C LYS B 260 -28.31 -4.25 53.63
N GLY B 261 -28.12 -4.29 54.95
CA GLY B 261 -28.35 -3.11 55.76
C GLY B 261 -27.41 -1.97 55.40
N LYS B 262 -26.13 -2.27 55.23
CA LYS B 262 -25.18 -1.24 54.83
C LYS B 262 -25.47 -0.72 53.43
N MET B 263 -25.84 -1.60 52.50
CA MET B 263 -26.17 -1.16 51.15
C MET B 263 -27.39 -0.24 51.16
N GLU B 264 -28.42 -0.58 51.93
CA GLU B 264 -29.60 0.28 51.99
C GLU B 264 -29.33 1.57 52.75
N LYS B 265 -28.43 1.55 53.73
CA LYS B 265 -28.02 2.77 54.41
C LYS B 265 -27.31 3.71 53.45
N TRP B 266 -26.47 3.15 52.56
CA TRP B 266 -25.84 3.98 51.53
C TRP B 266 -26.85 4.47 50.52
N ARG B 267 -27.86 3.64 50.19
CA ARG B 267 -28.83 4.03 49.18
C ARG B 267 -29.65 5.24 49.61
N GLU B 268 -30.07 5.29 50.87
CA GLU B 268 -30.93 6.36 51.33
C GLU B 268 -30.24 7.72 51.34
N LYS B 269 -28.91 7.75 51.31
CA LYS B 269 -28.18 9.01 51.30
C LYS B 269 -28.33 9.69 49.93
N SER B 270 -28.67 10.97 49.95
CA SER B 270 -28.76 11.74 48.73
C SER B 270 -27.40 12.09 48.16
N THR B 271 -26.36 12.07 49.00
CA THR B 271 -24.99 12.39 48.58
C THR B 271 -24.24 11.13 48.14
N LEU B 272 -24.83 10.39 47.21
CA LEU B 272 -24.21 9.19 46.65
C LEU B 272 -24.47 9.14 45.16
N GLY B 273 -23.42 8.92 44.39
CA GLY B 273 -23.53 8.84 42.95
C GLY B 273 -23.81 7.43 42.47
N ARG B 274 -23.56 7.20 41.19
CA ARG B 274 -23.71 5.90 40.57
C ARG B 274 -22.35 5.44 40.04
N LEU B 275 -21.95 4.23 40.41
CA LEU B 275 -20.73 3.62 39.91
C LEU B 275 -21.09 2.45 39.02
N ILE B 276 -20.62 2.49 37.77
CA ILE B 276 -20.86 1.43 36.81
C ILE B 276 -19.52 0.85 36.38
N VAL B 277 -19.37 -0.46 36.54
CA VAL B 277 -18.13 -1.16 36.21
C VAL B 277 -18.36 -1.97 34.94
N LYS B 278 -17.47 -1.78 33.96
CA LYS B 278 -17.53 -2.49 32.69
C LYS B 278 -16.16 -3.08 32.40
N GLN B 279 -16.13 -4.36 32.03
CA GLN B 279 -14.88 -5.06 31.76
C GLN B 279 -14.74 -5.31 30.27
N TYR B 280 -13.50 -5.16 29.78
CA TYR B 280 -13.13 -5.49 28.42
C TYR B 280 -11.94 -6.43 28.43
N PRO B 281 -11.81 -7.30 27.43
CA PRO B 281 -10.64 -8.17 27.36
C PRO B 281 -9.35 -7.37 27.24
N THR B 282 -8.27 -7.91 27.82
CA THR B 282 -6.99 -7.22 27.85
C THR B 282 -6.47 -6.98 26.45
N GLY B 283 -6.42 -5.71 26.04
CA GLY B 283 -5.97 -5.36 24.71
C GLY B 283 -7.06 -5.28 23.66
N GLY B 284 -8.32 -5.20 24.07
CA GLY B 284 -9.42 -5.20 23.12
C GLY B 284 -10.41 -4.06 23.30
N ALA B 285 -9.91 -2.88 23.69
CA ALA B 285 -10.77 -1.72 23.88
C ALA B 285 -9.96 -0.46 23.58
N ASP B 286 -10.51 0.39 22.72
CA ASP B 286 -9.87 1.64 22.33
C ASP B 286 -10.77 2.82 22.73
N ALA B 287 -10.37 4.02 22.32
CA ALA B 287 -11.18 5.21 22.60
C ALA B 287 -12.53 5.15 21.90
N ASN B 288 -12.57 4.56 20.70
CA ASN B 288 -13.86 4.39 20.02
C ASN B 288 -14.77 3.45 20.80
N THR B 289 -14.20 2.38 21.37
CA THR B 289 -14.98 1.48 22.21
C THR B 289 -15.53 2.22 23.43
N PHE B 290 -14.71 3.08 24.04
CA PHE B 290 -15.16 3.84 25.19
C PHE B 290 -16.25 4.83 24.81
N ARG B 291 -16.14 5.45 23.63
CA ARG B 291 -17.20 6.34 23.16
C ARG B 291 -18.50 5.59 22.92
N SER B 292 -18.41 4.39 22.33
CA SER B 292 -19.60 3.57 22.14
C SER B 292 -20.22 3.19 23.48
N LEU B 293 -19.38 2.85 24.46
CA LEU B 293 -19.88 2.53 25.79
C LEU B 293 -20.58 3.73 26.43
N LEU B 294 -19.98 4.92 26.27
CA LEU B 294 -20.59 6.13 26.82
C LEU B 294 -21.94 6.41 26.17
N ASN B 295 -22.02 6.26 24.85
CA ASN B 295 -23.28 6.49 24.15
C ASN B 295 -24.33 5.48 24.59
N GLU B 296 -23.94 4.21 24.74
CA GLU B 296 -24.87 3.18 25.18
C GLU B 296 -25.37 3.46 26.59
N LEU B 297 -24.47 3.87 27.49
CA LEU B 297 -24.87 4.22 28.84
C LEU B 297 -25.83 5.40 28.86
N LYS B 298 -25.54 6.42 28.06
CA LYS B 298 -26.41 7.60 28.03
C LYS B 298 -27.79 7.26 27.48
N LEU B 299 -27.85 6.45 26.42
CA LEU B 299 -29.14 6.12 25.82
C LEU B 299 -29.95 5.20 26.71
N LYS B 300 -29.34 4.13 27.22
CA LYS B 300 -30.09 3.09 27.90
C LYS B 300 -30.27 3.38 29.39
N LYS B 301 -29.17 3.58 30.12
CA LYS B 301 -29.23 3.78 31.55
C LYS B 301 -29.29 5.26 31.94
N ASN B 302 -29.31 6.17 30.97
CA ASN B 302 -29.29 7.61 31.25
C ASN B 302 -28.13 7.98 32.16
N PHE B 303 -26.95 7.44 31.84
CA PHE B 303 -25.76 7.57 32.66
C PHE B 303 -24.74 8.41 31.91
N VAL B 304 -24.46 9.59 32.42
CA VAL B 304 -23.44 10.48 31.87
C VAL B 304 -22.38 10.68 32.96
N PRO B 305 -21.26 9.97 32.87
CA PRO B 305 -20.26 10.03 33.95
C PRO B 305 -19.55 11.37 33.99
N THR B 306 -19.11 11.72 35.20
CA THR B 306 -18.18 12.83 35.38
C THR B 306 -16.77 12.36 35.67
N ILE B 307 -16.60 11.10 36.07
CA ILE B 307 -15.29 10.50 36.30
C ILE B 307 -15.21 9.21 35.50
N ILE B 308 -14.15 9.06 34.71
CA ILE B 308 -13.86 7.85 33.97
C ILE B 308 -12.54 7.31 34.47
N ILE B 309 -12.54 6.07 34.96
CA ILE B 309 -11.35 5.44 35.51
C ILE B 309 -11.04 4.21 34.66
N VAL B 310 -9.98 4.28 33.88
CA VAL B 310 -9.49 3.13 33.12
C VAL B 310 -8.47 2.41 33.97
N ASP B 311 -8.69 1.13 34.20
CA ASP B 311 -7.86 0.38 35.16
C ASP B 311 -6.41 0.30 34.71
N TYR B 312 -6.13 0.41 33.41
CA TYR B 312 -4.77 0.28 32.91
C TYR B 312 -4.70 0.90 31.53
N LEU B 313 -3.83 1.90 31.37
CA LEU B 313 -3.68 2.56 30.07
C LEU B 313 -2.87 1.71 29.09
N GLY B 314 -1.89 0.95 29.59
CA GLY B 314 -0.98 0.24 28.72
C GLY B 314 -1.48 -1.06 28.13
N ILE B 315 -2.67 -1.52 28.53
CA ILE B 315 -3.22 -2.75 27.97
C ILE B 315 -4.49 -2.43 27.19
N CYS B 316 -4.56 -1.22 26.63
CA CYS B 316 -5.59 -0.86 25.68
C CYS B 316 -5.01 -0.92 24.27
N LYS B 317 -5.79 -0.48 23.28
CA LYS B 317 -5.33 -0.44 21.92
C LYS B 317 -5.64 0.94 21.32
N SER B 318 -4.88 1.29 20.29
CA SER B 318 -5.00 2.60 19.66
C SER B 318 -6.04 2.54 18.54
N CYS B 319 -6.97 3.50 18.56
CA CYS B 319 -7.98 3.56 17.51
C CYS B 319 -7.40 4.09 16.20
N ARG B 320 -6.46 5.04 16.29
CA ARG B 320 -5.86 5.59 15.09
C ARG B 320 -4.92 4.60 14.42
N ILE B 321 -4.08 3.93 15.21
CA ILE B 321 -3.14 2.96 14.65
C ILE B 321 -3.91 1.73 14.18
N ARG B 322 -3.63 1.30 12.95
CA ARG B 322 -4.31 0.16 12.36
C ARG B 322 -3.49 -1.12 12.38
N VAL B 323 -2.17 -1.02 12.36
CA VAL B 323 -1.28 -2.18 12.39
C VAL B 323 -0.52 -2.16 13.70
N TYR B 324 -0.59 -3.25 14.46
CA TYR B 324 0.04 -3.29 15.77
C TYR B 324 1.54 -3.11 15.65
N SER B 325 2.09 -2.31 16.55
CA SER B 325 3.50 -1.94 16.53
C SER B 325 4.21 -2.54 17.73
N GLU B 326 5.37 -3.16 17.49
CA GLU B 326 6.20 -3.66 18.57
C GLU B 326 6.83 -2.54 19.39
N ASN B 327 6.83 -1.31 18.89
CA ASN B 327 7.40 -0.17 19.59
C ASN B 327 6.38 0.31 20.62
N SER B 328 6.70 0.13 21.90
CA SER B 328 5.78 0.52 22.97
C SER B 328 5.72 2.03 23.15
N TYR B 329 6.71 2.77 22.65
CA TYR B 329 6.70 4.23 22.81
C TYR B 329 5.55 4.86 22.04
N THR B 330 5.41 4.50 20.76
CA THR B 330 4.39 5.13 19.94
C THR B 330 2.98 4.67 20.31
N THR B 331 2.81 3.38 20.61
CA THR B 331 1.48 2.86 20.89
C THR B 331 0.91 3.44 22.18
N VAL B 332 1.71 3.46 23.25
CA VAL B 332 1.24 3.97 24.53
C VAL B 332 0.99 5.47 24.45
N LYS B 333 1.86 6.20 23.74
CA LYS B 333 1.64 7.63 23.57
C LYS B 333 0.35 7.89 22.81
N ALA B 334 0.09 7.11 21.75
CA ALA B 334 -1.16 7.28 20.99
C ALA B 334 -2.36 6.96 21.86
N ILE B 335 -2.28 5.91 22.67
CA ILE B 335 -3.38 5.54 23.56
C ILE B 335 -3.66 6.67 24.54
N ALA B 336 -2.60 7.23 25.13
CA ALA B 336 -2.77 8.31 26.09
C ALA B 336 -3.36 9.56 25.43
N GLU B 337 -2.90 9.88 24.22
CA GLU B 337 -3.45 11.03 23.50
C GLU B 337 -4.93 10.83 23.20
N GLU B 338 -5.30 9.62 22.76
CA GLU B 338 -6.71 9.35 22.48
C GLU B 338 -7.55 9.43 23.75
N LEU B 339 -7.03 8.91 24.86
CA LEU B 339 -7.77 8.97 26.12
C LEU B 339 -7.96 10.41 26.57
N ARG B 340 -6.92 11.23 26.45
CA ARG B 340 -7.05 12.63 26.85
C ARG B 340 -7.99 13.38 25.92
N ALA B 341 -7.98 13.05 24.64
CA ALA B 341 -8.95 13.65 23.71
C ALA B 341 -10.37 13.27 24.10
N LEU B 342 -10.59 12.01 24.49
CA LEU B 342 -11.90 11.60 24.96
C LEU B 342 -12.29 12.35 26.23
N ALA B 343 -11.33 12.54 27.14
CA ALA B 343 -11.62 13.24 28.38
C ALA B 343 -12.00 14.70 28.13
N VAL B 344 -11.28 15.38 27.25
CA VAL B 344 -11.59 16.78 26.96
C VAL B 344 -12.85 16.91 26.11
N GLU B 345 -13.20 15.88 25.35
CA GLU B 345 -14.44 15.92 24.58
C GLU B 345 -15.64 15.72 25.49
N THR B 346 -15.55 14.80 26.44
CA THR B 346 -16.65 14.51 27.35
C THR B 346 -16.60 15.35 28.62
N GLU B 347 -15.55 16.16 28.81
CA GLU B 347 -15.39 16.96 30.02
C GLU B 347 -15.45 16.11 31.28
N THR B 348 -14.75 14.98 31.26
CA THR B 348 -14.75 14.03 32.36
C THR B 348 -13.32 13.85 32.86
N VAL B 349 -13.17 13.88 34.19
CA VAL B 349 -11.87 13.62 34.78
C VAL B 349 -11.51 12.16 34.53
N LEU B 350 -10.40 11.93 33.84
CA LEU B 350 -9.98 10.59 33.44
C LEU B 350 -8.78 10.19 34.26
N TRP B 351 -8.95 9.15 35.09
CA TRP B 351 -7.87 8.55 35.85
C TRP B 351 -7.49 7.23 35.20
N THR B 352 -6.19 6.92 35.23
CA THR B 352 -5.70 5.67 34.66
C THR B 352 -4.47 5.23 35.45
N ALA B 353 -3.83 4.17 34.99
CA ALA B 353 -2.70 3.57 35.68
C ALA B 353 -1.57 3.31 34.70
N ALA B 354 -0.34 3.39 35.20
CA ALA B 354 0.85 3.15 34.38
C ALA B 354 1.81 2.27 35.13
N GLN B 355 2.60 1.46 34.40
CA GLN B 355 3.54 0.52 35.04
C GLN B 355 4.92 1.17 35.15
N VAL B 356 5.58 1.02 36.30
CA VAL B 356 6.94 1.60 36.50
C VAL B 356 8.00 0.60 35.99
N GLY B 357 9.23 1.06 35.77
CA GLY B 357 10.31 0.20 35.25
C GLY B 357 10.86 -0.75 36.30
N LYS B 358 11.43 -1.87 35.86
CA LYS B 358 11.93 -2.89 36.81
C LYS B 358 13.00 -2.29 37.73
N GLN B 359 13.79 -1.33 37.23
CA GLN B 359 14.76 -0.69 38.10
C GLN B 359 14.10 -0.05 39.31
N ALA B 360 12.87 0.46 39.13
CA ALA B 360 12.20 1.16 40.22
C ALA B 360 11.62 0.19 41.24
N TRP B 361 11.57 -1.09 40.90
CA TRP B 361 11.06 -2.10 41.82
C TRP B 361 11.94 -2.19 43.06
N ASP B 362 11.31 -2.14 44.23
CA ASP B 362 12.00 -2.13 45.52
C ASP B 362 12.98 -0.97 45.64
N SER B 363 12.65 0.16 45.02
CA SER B 363 13.45 1.37 45.08
C SER B 363 12.73 2.41 45.95
N SER B 364 13.45 2.96 46.92
CA SER B 364 12.84 3.89 47.87
C SER B 364 12.35 5.16 47.20
N ASP B 365 12.84 5.49 46.01
CA ASP B 365 12.40 6.67 45.28
C ASP B 365 12.24 6.30 43.81
N VAL B 366 11.19 6.83 43.19
CA VAL B 366 10.89 6.58 41.78
C VAL B 366 10.83 7.93 41.06
N ASN B 367 11.71 8.12 40.10
CA ASN B 367 11.75 9.33 39.29
C ASN B 367 10.87 9.18 38.06
N MET B 368 10.66 10.29 37.36
CA MET B 368 9.87 10.26 36.13
C MET B 368 10.56 9.44 35.04
N SER B 369 11.88 9.30 35.11
CA SER B 369 12.62 8.46 34.17
C SER B 369 12.44 6.97 34.44
N ASP B 370 11.61 6.60 35.41
CA ASP B 370 11.30 5.21 35.69
C ASP B 370 10.01 4.75 35.01
N ILE B 371 9.38 5.62 34.21
CA ILE B 371 8.21 5.20 33.44
C ILE B 371 8.62 4.10 32.46
N ALA B 372 7.79 3.07 32.36
CA ALA B 372 8.19 1.85 31.66
C ALA B 372 7.78 1.85 30.19
N GLU B 373 6.48 2.02 29.92
CA GLU B 373 5.96 1.77 28.59
C GLU B 373 6.43 2.83 27.59
N SER B 374 6.31 4.11 27.95
CA SER B 374 6.63 5.17 27.00
C SER B 374 6.99 6.44 27.75
N ALA B 375 7.91 7.20 27.17
CA ALA B 375 8.24 8.52 27.70
C ALA B 375 7.27 9.60 27.21
N GLY B 376 6.42 9.29 26.24
CA GLY B 376 5.40 10.23 25.79
C GLY B 376 4.19 10.30 26.69
N LEU B 377 3.94 9.24 27.46
CA LEU B 377 2.82 9.28 28.41
C LEU B 377 2.97 10.36 29.47
N PRO B 378 4.13 10.54 30.11
CA PRO B 378 4.24 11.66 31.07
C PRO B 378 4.08 13.03 30.43
N ALA B 379 4.31 13.14 29.12
CA ALA B 379 4.18 14.44 28.47
C ALA B 379 2.72 14.81 28.25
N THR B 380 1.87 13.79 28.06
CA THR B 380 0.42 14.02 27.77
C THR B 380 -0.42 14.07 29.06
N ALA B 381 0.07 13.49 30.15
CA ALA B 381 -0.69 13.45 31.41
C ALA B 381 -0.73 14.83 32.05
N ASP B 382 -1.84 15.17 32.72
CA ASP B 382 -1.95 16.48 33.40
C ASP B 382 -1.46 16.36 34.84
N PHE B 383 -1.47 15.14 35.40
CA PHE B 383 -1.06 14.93 36.80
C PHE B 383 -0.67 13.47 37.00
N MET B 384 0.58 13.22 37.39
CA MET B 384 1.02 11.88 37.67
C MET B 384 1.35 11.71 39.15
N LEU B 385 1.20 10.48 39.64
CA LEU B 385 1.55 10.16 41.01
C LEU B 385 2.28 8.82 41.05
N ALA B 386 3.22 8.71 41.98
CA ALA B 386 4.06 7.52 42.11
C ALA B 386 3.90 6.94 43.50
N VAL B 387 3.76 5.61 43.58
CA VAL B 387 3.61 4.89 44.84
C VAL B 387 4.88 4.09 45.07
N ILE B 388 5.57 4.36 46.19
CA ILE B 388 6.92 3.84 46.39
C ILE B 388 7.07 3.11 47.72
N GLU B 389 5.99 2.50 48.21
CA GLU B 389 6.05 1.76 49.48
C GLU B 389 6.90 0.50 49.28
N THR B 390 8.15 0.54 49.73
CA THR B 390 9.07 -0.58 49.46
C THR B 390 8.97 -1.71 50.48
N GLU B 391 9.47 -1.47 51.69
CA GLU B 391 9.44 -2.54 52.70
C GLU B 391 8.98 -2.08 54.07
N GLU B 392 9.38 -0.88 54.51
CA GLU B 392 9.08 -0.44 55.86
C GLU B 392 7.69 0.17 55.94
N LEU B 393 7.28 0.87 54.88
CA LEU B 393 5.93 1.44 54.83
C LEU B 393 4.88 0.34 54.80
N ALA B 394 5.21 -0.83 54.23
CA ALA B 394 4.28 -1.95 54.24
C ALA B 394 4.03 -2.43 55.67
N ALA B 395 5.08 -2.48 56.50
CA ALA B 395 4.91 -2.88 57.89
C ALA B 395 4.13 -1.86 58.69
N ALA B 396 4.12 -0.60 58.27
CA ALA B 396 3.38 0.46 58.94
C ALA B 396 2.09 0.82 58.22
N GLU B 397 1.70 0.03 57.21
CA GLU B 397 0.51 0.29 56.41
C GLU B 397 0.54 1.70 55.80
N GLN B 398 1.68 2.04 55.21
CA GLN B 398 1.91 3.36 54.64
C GLN B 398 2.29 3.24 53.17
N GLN B 399 2.04 4.32 52.44
CA GLN B 399 2.51 4.46 51.06
C GLN B 399 2.95 5.89 50.84
N LEU B 400 4.11 6.06 50.20
CA LEU B 400 4.68 7.37 49.93
C LEU B 400 4.39 7.76 48.49
N ILE B 401 3.88 8.97 48.29
CA ILE B 401 3.52 9.48 46.96
C ILE B 401 4.46 10.64 46.64
N LYS B 402 5.02 10.62 45.42
CA LYS B 402 6.07 11.56 45.07
C LYS B 402 5.61 12.78 44.30
N GLN B 403 4.47 12.71 43.60
CA GLN B 403 4.02 13.86 42.75
C GLN B 403 5.06 14.12 41.65
N ILE B 404 5.22 13.21 40.70
CA ILE B 404 6.28 13.33 39.65
C ILE B 404 5.95 14.44 38.64
N LYS B 405 4.72 14.53 38.14
CA LYS B 405 4.32 15.62 37.22
C LYS B 405 3.03 16.25 37.72
N SER B 406 3.04 17.56 37.94
CA SER B 406 1.85 18.25 38.48
C SER B 406 1.55 19.47 37.62
N ARG B 407 0.46 19.40 36.87
CA ARG B 407 0.07 20.55 36.08
C ARG B 407 -0.94 21.44 36.79
N TYR B 408 -1.42 21.04 37.97
CA TYR B 408 -2.31 21.86 38.78
C TYR B 408 -1.57 22.76 39.76
N GLY B 409 -0.26 22.58 39.91
CA GLY B 409 0.49 23.37 40.86
C GLY B 409 1.95 22.98 40.82
N ASP B 410 2.70 23.56 41.75
CA ASP B 410 4.13 23.29 41.85
C ASP B 410 4.34 21.95 42.53
N LYS B 411 4.97 21.00 41.83
CA LYS B 411 5.20 19.68 42.37
C LYS B 411 6.32 19.64 43.42
N ASN B 412 7.09 20.72 43.54
CA ASN B 412 8.17 20.80 44.52
C ASN B 412 7.71 21.37 45.86
N LYS B 413 6.42 21.68 46.01
CA LYS B 413 5.92 22.27 47.25
C LYS B 413 5.64 21.22 48.31
N TRP B 414 4.92 20.16 47.94
CA TRP B 414 4.51 19.09 48.84
C TRP B 414 4.79 17.73 48.20
N ASN B 415 6.04 17.56 47.75
CA ASN B 415 6.41 16.40 46.93
C ASN B 415 6.00 15.08 47.59
N LYS B 416 6.25 14.92 48.88
CA LYS B 416 5.95 13.67 49.59
C LYS B 416 4.95 13.93 50.70
N PHE B 417 3.97 13.03 50.84
CA PHE B 417 3.01 13.16 51.95
C PHE B 417 2.61 11.85 52.61
N LEU B 418 3.17 10.70 52.23
CA LEU B 418 3.11 9.47 53.03
C LEU B 418 1.67 9.04 53.32
N MET B 419 0.99 8.63 52.25
CA MET B 419 -0.41 8.22 52.35
C MET B 419 -0.57 6.94 53.17
N GLY B 420 -1.66 6.87 53.93
CA GLY B 420 -2.01 5.73 54.77
C GLY B 420 -2.79 4.61 54.09
N VAL B 421 -2.11 3.72 53.38
CA VAL B 421 -2.83 2.64 52.68
C VAL B 421 -3.43 1.67 53.69
N GLN B 422 -4.54 1.05 53.28
CA GLN B 422 -5.13 -0.09 53.99
C GLN B 422 -5.53 -1.10 52.92
N LYS B 423 -4.75 -2.18 52.81
CA LYS B 423 -4.96 -3.14 51.74
C LYS B 423 -6.13 -4.08 52.00
N GLY B 424 -6.41 -4.37 53.27
CA GLY B 424 -7.56 -5.21 53.58
C GLY B 424 -8.87 -4.57 53.19
N ASN B 425 -9.05 -3.29 53.51
CA ASN B 425 -10.23 -2.54 53.10
C ASN B 425 -10.04 -1.87 51.75
N GLN B 426 -8.85 -1.95 51.16
CA GLN B 426 -8.57 -1.39 49.83
C GLN B 426 -8.90 0.11 49.78
N LYS B 427 -8.25 0.88 50.63
CA LYS B 427 -8.54 2.30 50.70
C LYS B 427 -7.30 3.08 51.12
N TRP B 428 -7.39 4.41 50.96
CA TRP B 428 -6.37 5.34 51.42
C TRP B 428 -6.96 6.21 52.51
N VAL B 429 -6.25 6.34 53.63
CA VAL B 429 -6.63 7.23 54.71
C VAL B 429 -5.44 8.15 55.02
N GLU B 430 -5.74 9.35 55.47
CA GLU B 430 -4.70 10.34 55.72
C GLU B 430 -3.96 10.03 57.03
N ILE B 431 -2.90 10.79 57.27
CA ILE B 431 -2.11 10.67 58.49
C ILE B 431 -2.22 12.00 59.25
N GLU B 432 -3.38 12.65 59.13
CA GLU B 432 -3.61 13.92 59.79
C GLU B 432 -3.46 13.81 61.31
N MET C 1 -11.50 35.48 -23.63
CA MET C 1 -11.51 36.73 -22.88
C MET C 1 -10.78 37.82 -23.66
N VAL C 2 -10.77 37.70 -24.99
CA VAL C 2 -10.07 38.68 -25.82
C VAL C 2 -10.76 40.04 -25.72
N GLU C 3 -12.09 40.06 -25.57
CA GLU C 3 -12.80 41.32 -25.42
C GLU C 3 -12.34 42.06 -24.16
N ILE C 4 -12.21 41.34 -23.05
CA ILE C 4 -11.74 41.96 -21.82
C ILE C 4 -10.32 42.47 -21.98
N ILE C 5 -9.46 41.68 -22.62
CA ILE C 5 -8.06 42.07 -22.80
C ILE C 5 -7.97 43.35 -23.62
N LEU C 6 -8.69 43.41 -24.74
CA LEU C 6 -8.66 44.61 -25.57
C LEU C 6 -9.24 45.81 -24.86
N SER C 7 -10.37 45.63 -24.15
CA SER C 7 -11.00 46.74 -23.46
C SER C 7 -10.09 47.31 -22.39
N HIS C 8 -9.42 46.44 -21.63
CA HIS C 8 -8.52 46.93 -20.58
C HIS C 8 -7.18 47.37 -21.12
N LEU C 9 -6.84 47.00 -22.36
CA LEU C 9 -5.69 47.61 -23.02
C LEU C 9 -6.00 49.04 -23.41
N ILE C 10 -7.19 49.28 -23.97
CA ILE C 10 -7.54 50.63 -24.42
C ILE C 10 -7.74 51.57 -23.23
N PHE C 11 -8.42 51.10 -22.19
CA PHE C 11 -8.87 51.97 -21.10
C PHE C 11 -7.96 51.91 -19.88
N ASP C 12 -7.74 50.72 -19.31
CA ASP C 12 -6.91 50.60 -18.13
C ASP C 12 -5.45 50.94 -18.46
N GLN C 13 -4.75 51.46 -17.46
CA GLN C 13 -3.40 52.00 -17.66
C GLN C 13 -2.32 51.13 -17.03
N ALA C 14 -2.44 50.81 -15.74
CA ALA C 14 -1.44 49.97 -15.10
C ALA C 14 -1.42 48.57 -15.71
N TYR C 15 -2.59 48.05 -16.06
CA TYR C 15 -2.68 46.78 -16.77
C TYR C 15 -1.95 46.87 -18.11
N PHE C 16 -2.13 47.99 -18.82
CA PHE C 16 -1.41 48.18 -20.07
C PHE C 16 0.09 48.20 -19.84
N SER C 17 0.55 48.87 -18.79
CA SER C 17 1.98 48.95 -18.52
C SER C 17 2.55 47.56 -18.22
N LYS C 18 1.82 46.75 -17.45
CA LYS C 18 2.35 45.44 -17.08
C LYS C 18 2.25 44.42 -18.21
N VAL C 19 1.22 44.49 -19.05
CA VAL C 19 0.94 43.41 -19.98
C VAL C 19 1.38 43.69 -21.42
N TRP C 20 1.59 44.96 -21.78
CA TRP C 20 1.88 45.28 -23.18
C TRP C 20 3.17 44.65 -23.70
N PRO C 21 4.30 44.68 -22.97
CA PRO C 21 5.52 44.05 -23.53
C PRO C 21 5.34 42.57 -23.84
N TYR C 22 4.55 41.85 -23.05
CA TYR C 22 4.29 40.44 -23.32
C TYR C 22 3.02 40.26 -24.16
N MET C 23 2.96 40.95 -25.30
CA MET C 23 1.82 40.87 -26.21
C MET C 23 2.30 40.70 -27.63
N ASP C 24 1.71 39.76 -28.36
CA ASP C 24 2.02 39.54 -29.75
C ASP C 24 0.72 39.31 -30.53
N SER C 25 0.75 39.64 -31.82
CA SER C 25 -0.44 39.48 -32.65
C SER C 25 -0.81 38.02 -32.87
N GLU C 26 0.13 37.10 -32.66
CA GLU C 26 -0.15 35.68 -32.84
C GLU C 26 -0.91 35.08 -31.67
N TYR C 27 -1.00 35.79 -30.54
CA TYR C 27 -1.66 35.26 -29.36
C TYR C 27 -3.18 35.37 -29.39
N PHE C 28 -3.74 36.18 -30.29
CA PHE C 28 -5.16 36.51 -30.18
C PHE C 28 -6.07 35.62 -31.03
N GLU C 29 -5.95 35.69 -32.33
CA GLU C 29 -6.86 34.98 -33.24
C GLU C 29 -6.34 35.18 -34.66
N SER C 30 -7.10 34.69 -35.63
CA SER C 30 -6.88 34.98 -37.05
C SER C 30 -8.02 35.79 -37.65
N GLY C 31 -8.90 36.35 -36.82
CA GLY C 31 -10.04 37.09 -37.29
C GLY C 31 -10.10 38.51 -36.77
N PRO C 32 -11.28 38.92 -36.29
CA PRO C 32 -11.44 40.31 -35.83
C PRO C 32 -10.52 40.68 -34.68
N ALA C 33 -10.22 39.74 -33.77
CA ALA C 33 -9.35 40.05 -32.65
C ALA C 33 -7.95 40.41 -33.12
N LYS C 34 -7.41 39.64 -34.07
CA LYS C 34 -6.08 39.93 -34.58
C LYS C 34 -6.04 41.27 -35.28
N ASN C 35 -7.07 41.60 -36.06
CA ASN C 35 -7.10 42.89 -36.74
C ASN C 35 -7.17 44.04 -35.75
N THR C 36 -8.00 43.89 -34.71
CA THR C 36 -8.10 44.95 -33.70
C THR C 36 -6.78 45.14 -32.97
N PHE C 37 -6.12 44.04 -32.62
CA PHE C 37 -4.83 44.16 -31.94
C PHE C 37 -3.78 44.76 -32.86
N LYS C 38 -3.82 44.43 -34.15
CA LYS C 38 -2.89 45.04 -35.09
C LYS C 38 -3.12 46.54 -35.20
N LEU C 39 -4.38 46.96 -35.22
CA LEU C 39 -4.68 48.39 -35.25
C LEU C 39 -4.15 49.08 -34.00
N ILE C 40 -4.39 48.46 -32.83
CA ILE C 40 -3.93 49.07 -31.57
C ILE C 40 -2.40 49.16 -31.55
N LYS C 41 -1.73 48.10 -31.99
CA LYS C 41 -0.26 48.09 -31.99
C LYS C 41 0.30 49.12 -32.97
N SER C 42 -0.31 49.24 -34.15
CA SER C 42 0.12 50.26 -35.10
C SER C 42 -0.05 51.66 -34.53
N HIS C 43 -1.20 51.90 -33.87
CA HIS C 43 -1.43 53.21 -33.29
C HIS C 43 -0.43 53.51 -32.18
N VAL C 44 -0.13 52.51 -31.33
CA VAL C 44 0.79 52.76 -30.24
C VAL C 44 2.22 52.90 -30.75
N ASN C 45 2.54 52.30 -31.90
CA ASN C 45 3.86 52.50 -32.48
C ASN C 45 3.98 53.88 -33.11
N GLU C 46 2.94 54.33 -33.82
CA GLU C 46 2.94 55.67 -34.39
C GLU C 46 2.99 56.72 -33.28
N TYR C 47 1.96 56.76 -32.44
CA TYR C 47 1.90 57.64 -31.28
C TYR C 47 2.12 56.79 -30.04
N HIS C 48 3.13 57.15 -29.24
CA HIS C 48 3.50 56.36 -28.07
C HIS C 48 2.49 56.58 -26.92
N SER C 49 1.24 56.24 -27.22
CA SER C 49 0.16 56.36 -26.25
C SER C 49 -0.96 55.42 -26.66
N VAL C 50 -1.80 55.09 -25.68
CA VAL C 50 -2.92 54.17 -25.94
C VAL C 50 -4.00 54.91 -26.72
N PRO C 51 -4.54 54.33 -27.78
CA PRO C 51 -5.57 55.01 -28.57
C PRO C 51 -6.93 54.98 -27.87
N SER C 52 -7.85 55.75 -28.43
CA SER C 52 -9.24 55.82 -27.97
C SER C 52 -10.16 55.14 -28.99
N ILE C 53 -11.43 55.03 -28.61
CA ILE C 53 -12.41 54.39 -29.48
C ILE C 53 -12.60 55.19 -30.76
N ASN C 54 -12.67 56.52 -30.65
CA ASN C 54 -12.75 57.36 -31.83
C ASN C 54 -11.49 57.21 -32.67
N ALA C 55 -10.33 57.10 -32.03
CA ALA C 55 -9.09 56.87 -32.76
C ALA C 55 -9.13 55.52 -33.48
N LEU C 56 -9.71 54.51 -32.84
CA LEU C 56 -9.85 53.20 -33.49
C LEU C 56 -10.76 53.30 -34.71
N ASN C 57 -11.86 54.05 -34.60
CA ASN C 57 -12.75 54.22 -35.75
C ASN C 57 -12.04 54.96 -36.88
N VAL C 58 -11.25 55.99 -36.54
CA VAL C 58 -10.50 56.72 -37.56
C VAL C 58 -9.49 55.80 -38.23
N ALA C 59 -8.80 54.97 -37.45
CA ALA C 59 -7.83 54.05 -38.02
C ALA C 59 -8.51 53.03 -38.93
N LEU C 60 -9.68 52.55 -38.54
CA LEU C 60 -10.44 51.66 -39.41
C LEU C 60 -10.82 52.36 -40.70
N GLU C 61 -11.24 53.62 -40.63
CA GLU C 61 -11.63 54.35 -41.83
C GLU C 61 -10.45 54.55 -42.77
N ASN C 62 -9.35 55.10 -42.27
CA ASN C 62 -8.21 55.39 -43.14
C ASN C 62 -7.48 54.12 -43.56
N SER C 63 -7.20 53.22 -42.61
CA SER C 63 -6.57 51.95 -42.89
C SER C 63 -7.65 50.88 -42.94
N SER C 64 -8.02 50.48 -44.15
CA SER C 64 -9.17 49.61 -44.38
C SER C 64 -8.72 48.19 -44.70
N PHE C 65 -9.61 47.24 -44.41
CA PHE C 65 -9.45 45.84 -44.77
C PHE C 65 -10.56 45.47 -45.74
N THR C 66 -10.59 44.18 -46.11
CA THR C 66 -11.70 43.68 -46.91
C THR C 66 -12.98 43.73 -46.08
N GLU C 67 -14.08 44.20 -46.69
CA GLU C 67 -15.33 44.44 -45.93
C GLU C 67 -15.84 43.18 -45.19
N THR C 68 -15.62 42.00 -45.77
CA THR C 68 -16.07 40.75 -45.12
C THR C 68 -15.63 40.76 -43.65
N GLU C 69 -14.33 40.95 -43.41
CA GLU C 69 -13.80 40.98 -42.02
C GLU C 69 -13.98 42.39 -41.45
N TYR C 70 -14.01 43.41 -42.31
CA TYR C 70 -14.08 44.77 -41.79
C TYR C 70 -15.36 44.98 -41.00
N SER C 71 -16.47 44.39 -41.45
CA SER C 71 -17.70 44.46 -40.67
C SER C 71 -17.54 43.75 -39.33
N GLY C 72 -16.88 42.60 -39.32
CA GLY C 72 -16.65 41.90 -38.07
C GLY C 72 -15.75 42.69 -37.12
N VAL C 73 -14.78 43.40 -37.67
CA VAL C 73 -13.90 44.22 -36.83
C VAL C 73 -14.66 45.41 -36.26
N LYS C 74 -15.47 46.07 -37.10
CA LYS C 74 -16.21 47.24 -36.62
C LYS C 74 -17.28 46.85 -35.60
N THR C 75 -17.85 45.65 -35.73
CA THR C 75 -18.76 45.17 -34.70
C THR C 75 -18.01 44.58 -33.51
N LEU C 76 -16.71 44.30 -33.67
CA LEU C 76 -15.91 43.89 -32.52
C LEU C 76 -15.61 45.08 -31.62
N ILE C 77 -15.31 46.24 -32.22
CA ILE C 77 -15.16 47.46 -31.44
C ILE C 77 -16.55 48.09 -31.37
N SER C 78 -17.37 47.49 -30.52
CA SER C 78 -18.59 48.13 -30.04
C SER C 78 -18.89 47.71 -28.61
N LYS C 79 -18.04 46.90 -27.98
CA LYS C 79 -18.29 46.31 -26.68
C LYS C 79 -17.20 46.63 -25.66
N LEU C 80 -16.07 47.21 -26.08
CA LEU C 80 -14.98 47.50 -25.17
C LEU C 80 -15.40 48.61 -24.21
N ALA C 81 -15.64 48.24 -22.95
CA ALA C 81 -16.04 49.18 -21.91
C ALA C 81 -14.99 49.22 -20.82
N ASP C 82 -15.17 50.17 -19.90
CA ASP C 82 -14.23 50.35 -18.79
C ASP C 82 -14.19 49.10 -17.91
N SER C 83 -15.34 48.76 -17.29
CA SER C 83 -15.49 47.54 -16.50
C SER C 83 -14.36 47.39 -15.49
N PRO C 84 -14.35 48.17 -14.42
CA PRO C 84 -13.18 48.19 -13.53
C PRO C 84 -12.96 46.90 -12.75
N GLU C 85 -12.35 45.91 -13.41
CA GLU C 85 -12.02 44.66 -12.76
C GLU C 85 -10.78 44.82 -11.89
N ASP C 86 -10.58 43.85 -11.00
CA ASP C 86 -9.41 43.87 -10.14
C ASP C 86 -8.15 43.53 -10.93
N HIS C 87 -7.03 44.12 -10.52
CA HIS C 87 -5.80 44.05 -11.31
C HIS C 87 -5.19 42.66 -11.28
N SER C 88 -5.13 42.03 -10.10
CA SER C 88 -4.46 40.74 -9.97
C SER C 88 -5.14 39.67 -10.81
N TRP C 89 -6.48 39.59 -10.71
CA TRP C 89 -7.22 38.60 -11.49
C TRP C 89 -7.05 38.84 -12.98
N LEU C 90 -7.11 40.10 -13.40
CA LEU C 90 -6.97 40.42 -14.83
C LEU C 90 -5.60 40.00 -15.34
N VAL C 91 -4.54 40.31 -14.58
CA VAL C 91 -3.19 39.94 -15.00
C VAL C 91 -3.05 38.42 -15.06
N LYS C 92 -3.54 37.72 -14.03
CA LYS C 92 -3.42 36.26 -14.01
C LYS C 92 -4.18 35.62 -15.17
N GLU C 93 -5.39 36.09 -15.45
CA GLU C 93 -6.17 35.51 -16.54
C GLU C 93 -5.54 35.81 -17.90
N THR C 94 -5.02 37.03 -18.08
CA THR C 94 -4.33 37.33 -19.33
C THR C 94 -3.09 36.46 -19.50
N GLU C 95 -2.35 36.23 -18.41
CA GLU C 95 -1.18 35.37 -18.48
C GLU C 95 -1.57 33.94 -18.85
N LYS C 96 -2.64 33.43 -18.24
CA LYS C 96 -3.10 32.08 -18.59
C LYS C 96 -3.53 32.00 -20.04
N TYR C 97 -4.23 33.02 -20.53
CA TYR C 97 -4.68 33.02 -21.92
C TYR C 97 -3.50 33.03 -22.89
N VAL C 98 -2.50 33.89 -22.63
CA VAL C 98 -1.37 33.97 -23.54
C VAL C 98 -0.53 32.69 -23.46
N GLN C 99 -0.42 32.08 -22.27
CA GLN C 99 0.29 30.82 -22.17
C GLN C 99 -0.41 29.71 -22.96
N GLN C 100 -1.74 29.64 -22.84
CA GLN C 100 -2.48 28.62 -23.60
C GLN C 100 -2.32 28.84 -25.10
N ARG C 101 -2.43 30.08 -25.56
CA ARG C 101 -2.27 30.35 -26.99
C ARG C 101 -0.85 30.08 -27.46
N ALA C 102 0.15 30.34 -26.62
CA ALA C 102 1.52 30.03 -26.99
C ALA C 102 1.73 28.53 -27.12
N MET C 103 1.16 27.74 -26.20
CA MET C 103 1.24 26.30 -26.31
C MET C 103 0.57 25.80 -27.59
N PHE C 104 -0.60 26.36 -27.90
CA PHE C 104 -1.30 25.96 -29.12
C PHE C 104 -0.47 26.30 -30.37
N ASN C 105 0.11 27.50 -30.40
CA ASN C 105 0.93 27.90 -31.55
C ASN C 105 2.17 27.02 -31.67
N ALA C 106 2.82 26.70 -30.56
CA ALA C 106 4.00 25.85 -30.61
C ALA C 106 3.65 24.45 -31.11
N THR C 107 2.53 23.88 -30.64
CA THR C 107 2.12 22.57 -31.12
C THR C 107 1.81 22.61 -32.61
N SER C 108 1.11 23.65 -33.07
CA SER C 108 0.83 23.76 -34.50
C SER C 108 2.12 23.91 -35.30
N LYS C 109 3.08 24.67 -34.79
CA LYS C 109 4.35 24.86 -35.49
C LYS C 109 5.12 23.55 -35.59
N ILE C 110 5.18 22.77 -34.51
CA ILE C 110 5.92 21.52 -34.58
C ILE C 110 5.21 20.52 -35.49
N ILE C 111 3.87 20.54 -35.50
CA ILE C 111 3.15 19.68 -36.43
C ILE C 111 3.44 20.07 -37.87
N GLU C 112 3.49 21.37 -38.15
CA GLU C 112 3.81 21.82 -39.51
C GLU C 112 5.24 21.45 -39.88
N ILE C 113 6.18 21.55 -38.95
CA ILE C 113 7.55 21.15 -39.21
C ILE C 113 7.63 19.66 -39.55
N GLN C 114 6.93 18.83 -38.77
CA GLN C 114 6.92 17.40 -39.04
C GLN C 114 6.30 17.10 -40.40
N THR C 115 5.21 17.80 -40.74
CA THR C 115 4.59 17.61 -42.05
C THR C 115 5.54 18.01 -43.18
N ASN C 116 6.26 19.11 -43.01
CA ASN C 116 7.20 19.56 -44.04
C ASN C 116 8.35 18.58 -44.19
N ALA C 117 8.81 18.01 -43.08
CA ALA C 117 9.91 17.03 -43.16
C ALA C 117 9.52 15.81 -43.96
N GLU C 118 8.25 15.40 -43.87
CA GLU C 118 7.78 14.24 -44.61
C GLU C 118 7.78 14.51 -46.12
N LEU C 119 7.56 15.76 -46.50
CA LEU C 119 7.49 16.10 -47.92
C LEU C 119 8.85 15.93 -48.58
N PRO C 120 8.90 15.57 -49.85
CA PRO C 120 10.20 15.44 -50.55
C PRO C 120 10.91 16.77 -50.61
N PRO C 121 12.25 16.76 -50.60
CA PRO C 121 13.01 18.02 -50.59
C PRO C 121 12.77 18.91 -51.80
N GLU C 122 12.24 18.32 -52.88
CA GLU C 122 11.98 19.09 -54.09
C GLU C 122 10.96 20.20 -53.85
N LYS C 123 9.89 19.89 -53.12
CA LYS C 123 8.78 20.82 -52.95
C LYS C 123 8.63 21.31 -51.51
N ARG C 124 9.56 20.96 -50.63
CA ARG C 124 9.42 21.34 -49.23
C ARG C 124 9.66 22.83 -49.04
N ASN C 125 8.93 23.42 -48.09
CA ASN C 125 9.06 24.84 -47.79
C ASN C 125 10.41 25.14 -47.15
N LYS C 126 10.94 26.32 -47.46
CA LYS C 126 12.25 26.73 -46.95
C LYS C 126 12.17 27.56 -45.68
N LYS C 127 11.04 28.27 -45.46
CA LYS C 127 10.94 29.12 -44.28
C LYS C 127 10.74 28.29 -43.01
N MET C 128 10.17 27.10 -43.13
CA MET C 128 9.91 26.28 -41.96
C MET C 128 11.23 25.79 -41.37
N PRO C 129 11.35 25.76 -40.04
CA PRO C 129 12.59 25.27 -39.42
C PRO C 129 12.72 23.76 -39.58
N ASP C 130 13.93 23.28 -39.30
CA ASP C 130 14.19 21.85 -39.34
C ASP C 130 13.58 21.17 -38.11
N VAL C 131 13.57 19.83 -38.14
CA VAL C 131 13.02 19.07 -37.03
C VAL C 131 13.84 19.27 -35.77
N GLY C 132 15.15 19.47 -35.91
CA GLY C 132 16.00 19.67 -34.75
C GLY C 132 15.64 20.88 -33.91
N ALA C 133 14.91 21.83 -34.48
CA ALA C 133 14.47 23.01 -33.76
C ALA C 133 13.17 22.78 -32.99
N ILE C 134 12.57 21.60 -33.12
CA ILE C 134 11.29 21.34 -32.43
C ILE C 134 11.41 21.45 -30.91
N PRO C 135 12.42 20.86 -30.25
CA PRO C 135 12.46 20.97 -28.79
C PRO C 135 12.63 22.40 -28.28
N ASP C 136 13.64 23.12 -28.78
CA ASP C 136 13.98 24.41 -28.22
C ASP C 136 12.83 25.40 -28.32
N ILE C 137 12.18 25.46 -29.49
CA ILE C 137 11.04 26.37 -29.63
C ILE C 137 9.94 25.99 -28.65
N MET C 138 9.76 24.68 -28.41
CA MET C 138 8.80 24.26 -27.40
C MET C 138 9.16 24.82 -26.04
N ARG C 139 10.45 24.80 -25.69
CA ARG C 139 10.90 25.45 -24.46
C ARG C 139 10.54 26.92 -24.48
N GLN C 140 10.69 27.57 -25.63
CA GLN C 140 10.35 28.98 -25.75
C GLN C 140 8.87 29.22 -25.44
N ALA C 141 8.02 28.21 -25.67
CA ALA C 141 6.62 28.31 -25.29
C ALA C 141 6.36 27.90 -23.86
N LEU C 142 7.25 27.10 -23.26
CA LEU C 142 7.07 26.70 -21.87
C LEU C 142 7.35 27.87 -20.92
N SER C 143 8.43 28.61 -21.17
CA SER C 143 8.84 29.69 -20.30
C SER C 143 8.33 31.03 -20.83
N ILE C 144 7.01 31.18 -20.75
CA ILE C 144 6.33 32.43 -21.09
C ILE C 144 5.50 32.84 -19.87
N SER C 145 5.78 34.04 -19.37
CA SER C 145 5.10 34.53 -18.16
C SER C 145 5.31 36.04 -18.10
N PHE C 146 4.63 36.66 -17.13
CA PHE C 146 4.74 38.09 -16.91
C PHE C 146 5.73 38.44 -15.82
N ASP C 147 6.43 37.45 -15.26
CA ASP C 147 7.40 37.69 -14.18
C ASP C 147 8.69 38.19 -14.79
N SER C 148 8.93 39.50 -14.68
CA SER C 148 10.17 40.08 -15.19
C SER C 148 11.38 39.64 -14.40
N TYR C 149 11.18 39.16 -13.17
CA TYR C 149 12.27 38.70 -12.31
C TYR C 149 12.18 37.19 -12.17
N VAL C 150 13.28 36.50 -12.46
CA VAL C 150 13.33 35.05 -12.31
C VAL C 150 14.05 34.64 -11.02
N GLY C 151 14.87 35.51 -10.45
CA GLY C 151 15.54 35.24 -9.20
C GLY C 151 16.05 36.52 -8.59
N HIS C 152 17.08 36.38 -7.76
CA HIS C 152 17.74 37.52 -7.15
C HIS C 152 19.16 37.60 -7.69
N ASP C 153 19.52 38.75 -8.25
CA ASP C 153 20.84 38.98 -8.81
C ASP C 153 21.66 39.81 -7.84
N TRP C 154 22.89 39.37 -7.58
CA TRP C 154 23.70 40.01 -6.55
C TRP C 154 24.08 41.44 -6.93
N MET C 155 24.60 41.62 -8.16
CA MET C 155 25.05 42.93 -8.58
C MET C 155 23.93 43.78 -9.18
N ASP C 156 23.01 43.15 -9.92
CA ASP C 156 21.91 43.90 -10.52
C ASP C 156 20.97 44.46 -9.45
N ASP C 157 20.70 43.67 -8.42
CA ASP C 157 19.74 44.04 -7.38
C ASP C 157 20.41 44.43 -6.06
N TYR C 158 21.55 45.13 -6.14
CA TYR C 158 22.16 45.66 -4.93
C TYR C 158 21.25 46.69 -4.27
N GLU C 159 20.59 47.52 -5.09
CA GLU C 159 19.45 48.28 -4.62
C GLU C 159 18.25 47.35 -4.45
N ALA C 160 17.32 47.76 -3.59
CA ALA C 160 16.19 46.98 -3.10
C ALA C 160 16.62 45.85 -2.18
N ARG C 161 17.92 45.64 -1.98
CA ARG C 161 18.42 44.78 -0.92
C ARG C 161 19.01 45.59 0.23
N TRP C 162 19.58 46.76 -0.07
CA TRP C 162 19.98 47.67 0.99
C TRP C 162 18.78 48.23 1.73
N LEU C 163 17.63 48.33 1.04
CA LEU C 163 16.41 48.76 1.71
C LEU C 163 16.03 47.79 2.82
N SER C 164 16.21 46.49 2.58
CA SER C 164 15.95 45.49 3.60
C SER C 164 16.91 45.58 4.77
N TYR C 165 18.04 46.27 4.63
CA TYR C 165 18.98 46.43 5.72
C TYR C 165 18.69 47.67 6.55
N MET C 166 18.28 48.77 5.90
CA MET C 166 17.91 49.98 6.64
C MET C 166 16.65 49.75 7.46
N ASN C 167 15.55 49.44 6.78
CA ASN C 167 14.34 48.99 7.45
C ASN C 167 14.38 47.46 7.51
N LYS C 168 14.36 46.91 8.73
CA LYS C 168 14.55 45.48 8.89
C LYS C 168 13.47 44.69 8.15
N ALA C 169 12.21 45.03 8.38
CA ALA C 169 11.06 44.41 7.70
C ALA C 169 10.96 42.91 7.98
N ARG C 170 11.85 42.40 8.82
CA ARG C 170 11.83 41.01 9.25
C ARG C 170 11.94 40.87 10.75
N LYS C 171 12.74 41.71 11.41
CA LYS C 171 12.98 41.57 12.84
C LYS C 171 11.74 41.92 13.65
N VAL C 172 11.48 41.11 14.68
CA VAL C 172 10.44 41.39 15.67
C VAL C 172 11.09 41.35 17.03
N PRO C 173 11.20 42.49 17.74
CA PRO C 173 11.90 42.50 19.03
C PRO C 173 11.22 41.61 20.06
N PHE C 174 11.97 41.27 21.09
CA PHE C 174 11.57 40.26 22.08
C PHE C 174 11.02 40.86 23.37
N LYS C 175 11.18 42.16 23.59
CA LYS C 175 10.78 42.83 24.84
C LYS C 175 11.68 42.40 25.98
N LEU C 176 12.60 41.48 25.72
CA LEU C 176 13.63 41.08 26.67
C LEU C 176 14.98 41.45 26.09
N ARG C 177 15.79 42.16 26.88
CA ARG C 177 17.05 42.69 26.37
C ARG C 177 18.05 41.57 26.07
N ILE C 178 18.05 40.51 26.87
CA ILE C 178 18.99 39.42 26.65
C ILE C 178 18.68 38.69 25.34
N LEU C 179 17.40 38.44 25.07
CA LEU C 179 17.03 37.76 23.84
C LEU C 179 17.31 38.64 22.62
N ASN C 180 17.06 39.94 22.73
CA ASN C 180 17.39 40.84 21.63
C ASN C 180 18.90 40.89 21.41
N LYS C 181 19.68 40.83 22.48
CA LYS C 181 21.13 40.85 22.35
C LYS C 181 21.63 39.59 21.66
N ILE C 182 21.11 38.42 22.06
CA ILE C 182 21.58 37.13 21.47
C ILE C 182 20.93 36.93 20.10
N THR C 183 19.94 37.75 19.73
CA THR C 183 19.26 37.62 18.46
C THR C 183 19.54 38.77 17.50
N LYS C 184 20.07 39.88 18.01
CA LYS C 184 20.40 41.06 17.20
C LYS C 184 19.16 41.60 16.49
N GLY C 185 18.14 41.92 17.29
CA GLY C 185 16.92 42.52 16.79
C GLY C 185 15.67 41.69 16.95
N GLY C 186 15.78 40.45 17.43
CA GLY C 186 14.62 39.61 17.66
C GLY C 186 14.42 38.61 16.54
N ALA C 187 13.40 37.76 16.74
CA ALA C 187 13.09 36.73 15.77
C ALA C 187 12.58 37.35 14.47
N GLU C 188 12.84 36.65 13.37
CA GLU C 188 12.49 37.13 12.04
C GLU C 188 11.20 36.49 11.55
N THR C 189 10.53 37.17 10.63
CA THR C 189 9.30 36.66 10.06
C THR C 189 9.59 35.46 9.16
N GLY C 190 8.59 34.60 9.02
CA GLY C 190 8.76 33.38 8.24
C GLY C 190 9.79 32.44 8.82
N THR C 191 9.77 32.24 10.13
CA THR C 191 10.76 31.40 10.80
C THR C 191 10.07 30.49 11.80
N LEU C 192 10.75 29.39 12.12
CA LEU C 192 10.28 28.43 13.11
C LEU C 192 11.22 28.48 14.32
N ASN C 193 10.69 28.88 15.47
CA ASN C 193 11.46 28.99 16.69
C ASN C 193 10.94 27.98 17.71
N VAL C 194 11.86 27.31 18.40
CA VAL C 194 11.54 26.18 19.25
C VAL C 194 12.15 26.37 20.64
N LEU C 195 11.36 26.09 21.66
CA LEU C 195 11.83 25.95 23.03
C LEU C 195 11.80 24.48 23.39
N MET C 196 12.96 23.90 23.68
CA MET C 196 13.05 22.49 24.03
C MET C 196 13.38 22.34 25.51
N ALA C 197 12.65 21.47 26.18
CA ALA C 197 12.87 21.20 27.60
C ALA C 197 12.26 19.86 27.94
N GLY C 198 12.49 19.41 29.17
CA GLY C 198 11.94 18.16 29.64
C GLY C 198 10.47 18.27 30.01
N VAL C 199 9.93 17.16 30.49
CA VAL C 199 8.53 17.11 30.89
C VAL C 199 8.35 17.88 32.18
N ASN C 200 7.33 18.76 32.20
CA ASN C 200 6.93 19.61 33.32
C ASN C 200 7.93 20.71 33.62
N VAL C 201 9.01 20.82 32.86
CA VAL C 201 9.85 22.03 32.87
C VAL C 201 9.05 23.09 32.11
N GLY C 202 9.48 24.34 32.17
CA GLY C 202 8.67 25.39 31.58
C GLY C 202 8.88 25.59 30.10
N LYS C 203 7.99 24.98 29.30
CA LYS C 203 7.88 25.25 27.88
C LYS C 203 6.66 26.08 27.56
N SER C 204 5.48 25.64 28.01
CA SER C 204 4.29 26.46 27.90
C SER C 204 4.43 27.74 28.71
N LEU C 205 5.15 27.69 29.83
CA LEU C 205 5.43 28.90 30.59
C LEU C 205 6.22 29.90 29.74
N GLY C 206 7.28 29.43 29.08
CA GLY C 206 8.06 30.31 28.22
C GLY C 206 7.26 30.84 27.05
N LEU C 207 6.43 29.98 26.44
CA LEU C 207 5.62 30.41 25.32
C LEU C 207 4.59 31.44 25.75
N CYS C 208 4.00 31.27 26.92
CA CYS C 208 3.04 32.25 27.42
C CYS C 208 3.73 33.57 27.78
N SER C 209 4.94 33.49 28.34
CA SER C 209 5.68 34.73 28.62
C SER C 209 6.02 35.47 27.33
N LEU C 210 6.45 34.73 26.30
CA LEU C 210 6.73 35.35 25.01
C LEU C 210 5.46 35.95 24.40
N ALA C 211 4.34 35.24 24.51
CA ALA C 211 3.08 35.75 23.99
C ALA C 211 2.66 37.03 24.70
N ALA C 212 2.83 37.07 26.03
CA ALA C 212 2.51 38.28 26.78
C ALA C 212 3.42 39.43 26.38
N ASP C 213 4.71 39.16 26.22
CA ASP C 213 5.64 40.22 25.83
C ASP C 213 5.31 40.76 24.44
N TYR C 214 4.98 39.86 23.51
CA TYR C 214 4.56 40.30 22.18
C TYR C 214 3.27 41.10 22.24
N LEU C 215 2.33 40.66 23.08
CA LEU C 215 1.06 41.37 23.21
C LEU C 215 1.27 42.77 23.75
N GLN C 216 2.24 42.94 24.66
CA GLN C 216 2.54 44.27 25.16
C GLN C 216 3.19 45.14 24.09
N LEU C 217 3.85 44.53 23.10
CA LEU C 217 4.39 45.29 21.98
C LEU C 217 3.43 45.32 20.79
N GLY C 218 2.16 45.61 21.05
CA GLY C 218 1.20 45.85 19.99
C GLY C 218 1.16 44.81 18.90
N HIS C 219 1.20 43.53 19.26
CA HIS C 219 1.24 42.45 18.29
C HIS C 219 -0.02 41.61 18.35
N ASN C 220 -0.44 41.11 17.19
CA ASN C 220 -1.49 40.12 17.10
C ASN C 220 -0.87 38.74 17.32
N VAL C 221 -1.22 38.11 18.43
CA VAL C 221 -0.67 36.82 18.82
C VAL C 221 -1.80 35.79 18.80
N LEU C 222 -1.58 34.70 18.09
CA LEU C 222 -2.54 33.59 18.02
C LEU C 222 -1.91 32.40 18.73
N TYR C 223 -2.50 32.00 19.85
CA TYR C 223 -2.02 30.87 20.63
C TYR C 223 -2.86 29.65 20.29
N ILE C 224 -2.25 28.68 19.63
CA ILE C 224 -2.91 27.42 19.29
C ILE C 224 -2.41 26.35 20.26
N SER C 225 -3.33 25.79 21.04
CA SER C 225 -2.99 24.82 22.06
C SER C 225 -3.56 23.45 21.67
N MET C 226 -2.71 22.43 21.75
CA MET C 226 -3.12 21.06 21.47
C MET C 226 -3.40 20.25 22.74
N GLU C 227 -2.88 20.68 23.89
CA GLU C 227 -3.05 19.97 25.14
C GLU C 227 -3.90 20.74 26.14
N MET C 228 -3.52 21.97 26.46
CA MET C 228 -4.23 22.74 27.47
C MET C 228 -5.48 23.38 26.89
N ALA C 229 -6.43 23.67 27.77
CA ALA C 229 -7.65 24.35 27.36
C ALA C 229 -7.38 25.83 27.17
N GLU C 230 -8.33 26.51 26.52
CA GLU C 230 -8.20 27.94 26.29
C GLU C 230 -8.16 28.71 27.60
N GLU C 231 -8.97 28.29 28.57
CA GLU C 231 -9.03 29.01 29.84
C GLU C 231 -7.73 28.88 30.62
N VAL C 232 -7.05 27.74 30.51
CA VAL C 232 -5.79 27.56 31.23
C VAL C 232 -4.70 28.47 30.67
N CYS C 233 -4.59 28.51 29.33
CA CYS C 233 -3.62 29.41 28.71
C CYS C 233 -3.95 30.87 29.00
N ALA C 234 -5.24 31.22 28.96
CA ALA C 234 -5.64 32.57 29.30
C ALA C 234 -5.36 32.89 30.75
N LYS C 235 -5.44 31.90 31.64
CA LYS C 235 -5.08 32.12 33.04
C LYS C 235 -3.59 32.37 33.20
N ARG C 236 -2.77 31.62 32.45
CA ARG C 236 -1.33 31.90 32.47
C ARG C 236 -1.04 33.32 31.97
N ILE C 237 -1.72 33.73 30.90
CA ILE C 237 -1.52 35.07 30.37
C ILE C 237 -1.98 36.12 31.39
N ASP C 238 -3.11 35.88 32.06
CA ASP C 238 -3.58 36.81 33.08
C ASP C 238 -2.60 36.92 34.22
N ALA C 239 -2.03 35.79 34.65
CA ALA C 239 -1.03 35.82 35.71
C ALA C 239 0.19 36.62 35.28
N ASN C 240 0.61 36.47 34.02
CA ASN C 240 1.75 37.23 33.53
C ASN C 240 1.45 38.73 33.46
N MET C 241 0.27 39.08 32.95
CA MET C 241 -0.06 40.47 32.62
C MET C 241 -0.63 41.24 33.81
N LEU C 242 -1.51 40.63 34.58
CA LEU C 242 -2.19 41.30 35.68
C LEU C 242 -1.39 41.27 36.97
N ASP C 243 -0.20 40.70 36.97
CA ASP C 243 0.67 40.64 38.15
C ASP C 243 -0.03 39.98 39.33
N VAL C 244 -0.75 38.90 39.05
CA VAL C 244 -1.41 38.11 40.08
C VAL C 244 -0.92 36.68 39.97
N SER C 245 -0.60 36.07 41.11
CA SER C 245 -0.11 34.70 41.11
C SER C 245 -1.21 33.74 40.72
N LEU C 246 -0.80 32.57 40.22
CA LEU C 246 -1.76 31.52 39.90
C LEU C 246 -2.48 31.04 41.14
N ASP C 247 -1.76 30.93 42.26
CA ASP C 247 -2.38 30.51 43.52
C ASP C 247 -3.47 31.48 43.94
N ASP C 248 -3.30 32.78 43.69
CA ASP C 248 -4.31 33.75 44.06
C ASP C 248 -5.61 33.50 43.31
N ILE C 249 -5.54 33.15 42.04
CA ILE C 249 -6.76 32.91 41.26
C ILE C 249 -7.49 31.69 41.79
N ASP C 250 -6.77 30.61 42.11
CA ASP C 250 -7.40 29.38 42.58
C ASP C 250 -7.67 29.39 44.08
N ASP C 251 -7.27 30.44 44.80
CA ASP C 251 -7.58 30.58 46.21
C ASP C 251 -8.51 31.76 46.49
N GLY C 252 -8.93 32.49 45.47
CA GLY C 252 -9.84 33.61 45.66
C GLY C 252 -9.26 34.78 46.43
N HIS C 253 -8.00 35.10 46.21
CA HIS C 253 -7.37 36.25 46.85
C HIS C 253 -7.44 37.52 46.01
N ILE C 254 -8.11 37.46 44.86
CA ILE C 254 -8.27 38.60 43.97
C ILE C 254 -9.76 38.84 43.77
N SER C 255 -10.17 40.09 43.86
CA SER C 255 -11.58 40.45 43.71
C SER C 255 -11.91 40.79 42.26
N TYR C 256 -13.21 40.84 41.96
CA TYR C 256 -13.65 41.23 40.64
C TYR C 256 -13.36 42.69 40.34
N ALA C 257 -13.26 43.53 41.37
CA ALA C 257 -12.88 44.93 41.16
C ALA C 257 -11.46 45.04 40.65
N GLU C 258 -10.53 44.32 41.29
CA GLU C 258 -9.13 44.37 40.84
C GLU C 258 -8.98 43.79 39.44
N TYR C 259 -9.62 42.65 39.18
CA TYR C 259 -9.50 42.01 37.87
C TYR C 259 -10.02 42.90 36.76
N LYS C 260 -11.25 43.40 36.91
CA LYS C 260 -11.83 44.26 35.89
C LYS C 260 -11.06 45.57 35.76
N GLY C 261 -10.60 46.13 36.89
CA GLY C 261 -9.82 47.35 36.83
C GLY C 261 -8.54 47.18 36.04
N LYS C 262 -7.81 46.10 36.31
CA LYS C 262 -6.56 45.85 35.59
C LYS C 262 -6.82 45.55 34.12
N MET C 263 -7.89 44.80 33.82
CA MET C 263 -8.20 44.51 32.42
C MET C 263 -8.54 45.78 31.65
N GLU C 264 -9.34 46.67 32.24
CA GLU C 264 -9.67 47.91 31.57
C GLU C 264 -8.47 48.86 31.49
N LYS C 265 -7.60 48.82 32.50
CA LYS C 265 -6.36 49.60 32.44
C LYS C 265 -5.47 49.14 31.29
N TRP C 266 -5.41 47.83 31.06
CA TRP C 266 -4.69 47.33 29.90
C TRP C 266 -5.40 47.68 28.60
N ARG C 267 -6.74 47.68 28.61
CA ARG C 267 -7.48 48.02 27.40
C ARG C 267 -7.26 49.48 27.00
N GLU C 268 -7.14 50.37 27.98
CA GLU C 268 -6.96 51.79 27.67
C GLU C 268 -5.61 52.06 27.00
N LYS C 269 -4.67 51.13 27.09
CA LYS C 269 -3.39 51.29 26.42
C LYS C 269 -3.58 51.23 24.91
N SER C 270 -2.90 52.12 24.19
CA SER C 270 -2.88 52.09 22.75
C SER C 270 -1.77 51.20 22.20
N THR C 271 -0.92 50.66 23.07
CA THR C 271 0.20 49.80 22.68
C THR C 271 -0.08 48.34 23.03
N LEU C 272 -1.33 47.91 22.90
CA LEU C 272 -1.73 46.55 23.20
C LEU C 272 -2.34 45.90 21.96
N GLY C 273 -1.98 44.65 21.72
CA GLY C 273 -2.48 43.89 20.60
C GLY C 273 -3.68 43.03 20.94
N ARG C 274 -3.85 41.96 20.19
CA ARG C 274 -4.92 41.00 20.39
C ARG C 274 -4.33 39.62 20.60
N LEU C 275 -4.92 38.86 21.51
CA LEU C 275 -4.48 37.50 21.82
C LEU C 275 -5.66 36.56 21.71
N ILE C 276 -5.74 35.81 20.61
CA ILE C 276 -6.76 34.79 20.41
C ILE C 276 -6.15 33.45 20.77
N VAL C 277 -6.78 32.73 21.69
CA VAL C 277 -6.33 31.41 22.12
C VAL C 277 -7.28 30.39 21.53
N LYS C 278 -6.73 29.44 20.76
CA LYS C 278 -7.52 28.43 20.07
C LYS C 278 -7.06 27.05 20.53
N GLN C 279 -8.02 26.16 20.75
CA GLN C 279 -7.75 24.82 21.23
C GLN C 279 -8.12 23.79 20.16
N TYR C 280 -7.24 22.82 19.95
CA TYR C 280 -7.47 21.71 19.07
C TYR C 280 -7.19 20.41 19.80
N PRO C 281 -7.86 19.32 19.41
CA PRO C 281 -7.57 18.02 20.03
C PRO C 281 -6.14 17.59 19.75
N THR C 282 -5.57 16.84 20.68
CA THR C 282 -4.20 16.37 20.53
C THR C 282 -4.09 15.44 19.34
N GLY C 283 -3.29 15.84 18.36
CA GLY C 283 -3.15 15.08 17.13
C GLY C 283 -4.29 15.25 16.15
N GLY C 284 -5.07 16.32 16.29
CA GLY C 284 -6.22 16.52 15.42
C GLY C 284 -6.20 17.84 14.65
N ALA C 285 -5.01 18.35 14.35
CA ALA C 285 -4.88 19.58 13.60
C ALA C 285 -3.56 19.57 12.85
N ASP C 286 -3.57 20.14 11.64
CA ASP C 286 -2.38 20.18 10.80
C ASP C 286 -2.15 21.59 10.27
N ALA C 287 -1.22 21.73 9.32
CA ALA C 287 -0.94 23.04 8.73
C ALA C 287 -2.15 23.58 7.98
N ASN C 288 -2.88 22.71 7.27
CA ASN C 288 -4.07 23.16 6.56
C ASN C 288 -5.18 23.57 7.52
N THR C 289 -5.29 22.88 8.67
CA THR C 289 -6.23 23.33 9.70
C THR C 289 -5.85 24.71 10.20
N PHE C 290 -4.55 24.98 10.36
CA PHE C 290 -4.10 26.29 10.77
C PHE C 290 -4.43 27.34 9.70
N ARG C 291 -4.28 26.98 8.43
CA ARG C 291 -4.61 27.92 7.35
C ARG C 291 -6.10 28.22 7.34
N SER C 292 -6.94 27.21 7.54
CA SER C 292 -8.38 27.44 7.63
C SER C 292 -8.72 28.32 8.83
N LEU C 293 -8.04 28.09 9.96
CA LEU C 293 -8.25 28.92 11.14
C LEU C 293 -7.86 30.36 10.87
N LEU C 294 -6.74 30.58 10.18
CA LEU C 294 -6.33 31.94 9.84
C LEU C 294 -7.33 32.59 8.90
N ASN C 295 -7.84 31.83 7.94
CA ASN C 295 -8.83 32.39 7.01
C ASN C 295 -10.11 32.80 7.74
N GLU C 296 -10.59 31.94 8.65
CA GLU C 296 -11.82 32.29 9.37
C GLU C 296 -11.58 33.39 10.39
N LEU C 297 -10.36 33.48 10.94
CA LEU C 297 -10.03 34.61 11.81
C LEU C 297 -10.01 35.91 11.02
N LYS C 298 -9.47 35.89 9.80
CA LYS C 298 -9.45 37.09 8.97
C LYS C 298 -10.84 37.48 8.51
N LEU C 299 -11.72 36.51 8.26
CA LEU C 299 -13.06 36.82 7.79
C LEU C 299 -13.97 37.26 8.93
N LYS C 300 -14.17 36.40 9.94
CA LYS C 300 -15.12 36.67 11.01
C LYS C 300 -14.69 37.80 11.92
N LYS C 301 -13.45 38.27 11.83
CA LYS C 301 -12.99 39.41 12.60
C LYS C 301 -11.79 40.02 11.90
N ASN C 302 -11.46 41.25 12.30
CA ASN C 302 -10.31 41.94 11.71
C ASN C 302 -9.03 41.54 12.45
N PHE C 303 -8.68 40.27 12.29
CA PHE C 303 -7.57 39.67 13.01
C PHE C 303 -6.64 38.95 12.05
N VAL C 304 -5.48 39.54 11.78
CA VAL C 304 -4.42 38.90 11.01
C VAL C 304 -3.20 38.79 11.91
N PRO C 305 -2.85 37.60 12.38
CA PRO C 305 -1.79 37.49 13.38
C PRO C 305 -0.42 37.80 12.81
N THR C 306 0.45 38.34 13.68
CA THR C 306 1.86 38.48 13.39
C THR C 306 2.73 37.49 14.15
N ILE C 307 2.24 36.97 15.27
CA ILE C 307 2.92 35.93 16.03
C ILE C 307 1.98 34.74 16.15
N ILE C 308 2.50 33.54 15.91
CA ILE C 308 1.72 32.31 16.04
C ILE C 308 2.47 31.37 16.97
N ILE C 309 1.86 31.06 18.11
CA ILE C 309 2.46 30.21 19.13
C ILE C 309 1.74 28.88 19.11
N VAL C 310 2.36 27.86 18.51
CA VAL C 310 1.86 26.49 18.59
C VAL C 310 2.45 25.86 19.85
N ASP C 311 1.58 25.30 20.69
CA ASP C 311 2.00 24.84 22.01
C ASP C 311 3.06 23.75 21.90
N TYR C 312 2.86 22.78 21.01
CA TYR C 312 3.78 21.66 20.86
C TYR C 312 3.54 21.05 19.49
N LEU C 313 4.59 21.03 18.66
CA LEU C 313 4.43 20.51 17.30
C LEU C 313 4.37 18.98 17.29
N GLY C 314 4.98 18.34 18.28
CA GLY C 314 5.02 16.89 18.33
C GLY C 314 3.65 16.25 18.46
N ILE C 315 2.69 16.99 18.99
CA ILE C 315 1.33 16.48 19.14
C ILE C 315 0.41 17.02 18.05
N CYS C 316 0.98 17.46 16.92
CA CYS C 316 0.22 17.78 15.74
C CYS C 316 0.27 16.59 14.77
N LYS C 317 -0.38 16.74 13.62
CA LYS C 317 -0.34 15.73 12.57
C LYS C 317 0.07 16.36 11.26
N SER C 318 0.73 15.56 10.42
CA SER C 318 1.19 16.03 9.12
C SER C 318 0.02 16.10 8.14
N CYS C 319 0.05 17.10 7.26
CA CYS C 319 -0.97 17.26 6.23
C CYS C 319 -0.62 16.53 4.95
N ARG C 320 0.51 15.84 4.91
CA ARG C 320 0.91 15.03 3.75
C ARG C 320 0.98 13.56 4.07
N ILE C 321 1.71 13.18 5.13
CA ILE C 321 1.83 11.79 5.51
C ILE C 321 0.52 11.30 6.13
N ARG C 322 0.08 10.13 5.71
CA ARG C 322 -1.08 9.52 6.35
C ARG C 322 -0.73 9.14 7.79
N VAL C 323 -1.77 9.04 8.62
CA VAL C 323 -1.56 8.92 10.06
C VAL C 323 -0.80 7.64 10.38
N TYR C 324 0.34 7.80 11.06
CA TYR C 324 1.17 6.69 11.51
C TYR C 324 1.65 5.80 10.36
N SER C 325 1.80 6.38 9.16
CA SER C 325 2.40 5.64 8.06
C SER C 325 3.91 5.56 8.19
N GLU C 326 4.53 6.61 8.73
CA GLU C 326 5.98 6.70 8.85
C GLU C 326 6.37 6.74 10.33
N ASN C 327 7.68 6.70 10.58
CA ASN C 327 8.19 6.72 11.94
C ASN C 327 8.13 8.13 12.51
N SER C 328 8.68 8.29 13.72
CA SER C 328 8.68 9.59 14.37
C SER C 328 9.51 10.59 13.58
N TYR C 329 10.67 10.17 13.08
CA TYR C 329 11.59 11.07 12.39
C TYR C 329 10.93 11.73 11.19
N THR C 330 10.37 10.91 10.30
CA THR C 330 9.79 11.44 9.08
C THR C 330 8.57 12.31 9.37
N THR C 331 7.70 11.85 10.28
CA THR C 331 6.48 12.60 10.57
C THR C 331 6.80 13.95 11.19
N VAL C 332 7.72 13.98 12.17
CA VAL C 332 8.04 15.24 12.83
C VAL C 332 8.77 16.18 11.89
N LYS C 333 9.66 15.64 11.03
CA LYS C 333 10.29 16.49 10.03
C LYS C 333 9.27 17.10 9.09
N ALA C 334 8.30 16.30 8.64
CA ALA C 334 7.26 16.82 7.75
C ALA C 334 6.43 17.89 8.45
N ILE C 335 6.08 17.67 9.72
CA ILE C 335 5.30 18.66 10.46
C ILE C 335 6.08 19.96 10.60
N ALA C 336 7.36 19.86 10.92
CA ALA C 336 8.19 21.07 11.05
C ALA C 336 8.28 21.81 9.73
N GLU C 337 8.47 21.08 8.63
CA GLU C 337 8.54 21.72 7.32
C GLU C 337 7.22 22.40 6.97
N GLU C 338 6.09 21.74 7.27
CA GLU C 338 4.79 22.35 7.00
C GLU C 338 4.57 23.61 7.82
N LEU C 339 4.96 23.58 9.10
CA LEU C 339 4.82 24.75 9.94
C LEU C 339 5.69 25.91 9.44
N ARG C 340 6.92 25.60 9.02
CA ARG C 340 7.78 26.66 8.50
C ARG C 340 7.25 27.20 7.18
N ALA C 341 6.67 26.34 6.34
CA ALA C 341 6.04 26.81 5.12
C ALA C 341 4.87 27.73 5.42
N LEU C 342 4.07 27.38 6.43
CA LEU C 342 2.98 28.26 6.86
C LEU C 342 3.53 29.60 7.35
N ALA C 343 4.62 29.57 8.10
CA ALA C 343 5.22 30.79 8.62
C ALA C 343 5.71 31.69 7.48
N VAL C 344 6.39 31.11 6.49
CA VAL C 344 6.90 31.91 5.40
C VAL C 344 5.78 32.40 4.50
N GLU C 345 4.70 31.63 4.37
CA GLU C 345 3.56 32.08 3.58
C GLU C 345 2.85 33.24 4.25
N THR C 346 2.58 33.13 5.55
CA THR C 346 1.86 34.17 6.26
C THR C 346 2.77 35.31 6.72
N GLU C 347 4.08 35.18 6.56
CA GLU C 347 5.04 36.20 6.99
C GLU C 347 4.89 36.49 8.49
N THR C 348 4.90 35.42 9.29
CA THR C 348 4.69 35.52 10.73
C THR C 348 5.82 34.81 11.45
N VAL C 349 6.04 35.20 12.70
CA VAL C 349 6.97 34.52 13.58
C VAL C 349 6.23 33.39 14.27
N LEU C 350 6.67 32.15 14.02
CA LEU C 350 6.01 30.97 14.55
C LEU C 350 6.90 30.39 15.64
N TRP C 351 6.41 30.44 16.88
CA TRP C 351 7.07 29.82 18.01
C TRP C 351 6.39 28.50 18.34
N THR C 352 7.17 27.56 18.86
CA THR C 352 6.67 26.25 19.24
C THR C 352 7.60 25.66 20.29
N ALA C 353 7.26 24.45 20.74
CA ALA C 353 8.04 23.77 21.77
C ALA C 353 8.23 22.32 21.36
N ALA C 354 9.28 21.70 21.88
CA ALA C 354 9.59 20.31 21.59
C ALA C 354 10.06 19.63 22.86
N GLN C 355 9.86 18.32 22.92
CA GLN C 355 10.28 17.51 24.06
C GLN C 355 11.71 17.04 23.88
N VAL C 356 12.37 16.78 25.01
CA VAL C 356 13.69 16.19 25.00
C VAL C 356 13.56 14.70 25.32
N GLY C 357 14.65 13.97 25.15
CA GLY C 357 14.62 12.54 25.37
C GLY C 357 14.50 12.17 26.82
N LYS C 358 14.22 10.89 27.06
CA LYS C 358 14.09 10.38 28.41
C LYS C 358 15.39 10.50 29.19
N GLN C 359 16.53 10.50 28.49
CA GLN C 359 17.83 10.56 29.16
C GLN C 359 18.17 11.96 29.66
N ALA C 360 17.51 12.99 29.16
CA ALA C 360 17.82 14.37 29.52
C ALA C 360 16.86 14.95 30.55
N TRP C 361 15.97 14.13 31.11
CA TRP C 361 14.98 14.65 32.05
C TRP C 361 15.59 15.03 33.39
N ASP C 362 16.75 14.49 33.73
CA ASP C 362 17.42 14.79 34.99
C ASP C 362 18.88 15.12 34.74
N SER C 363 19.13 15.97 33.76
CA SER C 363 20.47 16.37 33.36
C SER C 363 20.64 17.87 33.50
N SER C 364 21.80 18.29 34.01
CA SER C 364 22.10 19.71 34.15
C SER C 364 22.46 20.37 32.82
N ASP C 365 22.70 19.59 31.77
CA ASP C 365 23.02 20.12 30.45
C ASP C 365 22.22 19.37 29.41
N VAL C 366 21.69 20.09 28.44
CA VAL C 366 20.89 19.52 27.35
C VAL C 366 21.58 19.85 26.03
N ASN C 367 21.86 18.84 25.24
CA ASN C 367 22.50 19.00 23.95
C ASN C 367 21.46 18.88 22.84
N MET C 368 21.88 19.22 21.62
CA MET C 368 20.99 19.11 20.47
C MET C 368 20.62 17.65 20.20
N SER C 369 21.51 16.72 20.53
CA SER C 369 21.23 15.30 20.36
C SER C 369 20.17 14.78 21.33
N ASP C 370 19.79 15.58 22.32
CA ASP C 370 18.76 15.19 23.29
C ASP C 370 17.34 15.46 22.78
N ILE C 371 17.20 15.96 21.56
CA ILE C 371 15.88 16.26 21.02
C ILE C 371 15.10 14.95 20.87
N ALA C 372 13.84 14.96 21.30
CA ALA C 372 12.98 13.82 21.11
C ALA C 372 12.39 13.83 19.70
N GLU C 373 11.89 12.67 19.29
CA GLU C 373 11.25 12.49 17.97
C GLU C 373 12.31 12.74 16.92
N SER C 374 12.04 13.54 15.89
CA SER C 374 12.96 13.67 14.76
C SER C 374 14.21 14.46 15.13
N ALA C 375 15.30 14.14 14.43
CA ALA C 375 16.48 14.98 14.40
C ALA C 375 16.44 15.99 13.27
N GLY C 376 15.43 15.92 12.40
CA GLY C 376 15.24 16.92 11.37
C GLY C 376 14.59 18.19 11.85
N LEU C 377 13.97 18.16 13.03
CA LEU C 377 13.42 19.38 13.61
C LEU C 377 14.50 20.42 13.89
N PRO C 378 15.65 20.08 14.50
CA PRO C 378 16.74 21.06 14.57
C PRO C 378 17.19 21.54 13.21
N ALA C 379 17.17 20.67 12.19
CA ALA C 379 17.55 21.10 10.85
C ALA C 379 16.56 22.11 10.30
N THR C 380 15.27 21.91 10.52
CA THR C 380 14.24 22.79 9.99
C THR C 380 14.08 24.06 10.81
N ALA C 381 14.44 24.05 12.09
CA ALA C 381 14.25 25.21 12.94
C ALA C 381 15.23 26.32 12.60
N ASP C 382 14.83 27.55 12.90
CA ASP C 382 15.68 28.72 12.71
C ASP C 382 16.29 29.22 14.00
N PHE C 383 15.73 28.85 15.16
CA PHE C 383 16.21 29.31 16.45
C PHE C 383 15.69 28.36 17.51
N MET C 384 16.60 27.70 18.23
CA MET C 384 16.24 26.69 19.21
C MET C 384 16.90 27.02 20.54
N LEU C 385 16.11 27.05 21.59
CA LEU C 385 16.59 27.31 22.95
C LEU C 385 16.23 26.13 23.84
N ALA C 386 17.18 25.75 24.70
CA ALA C 386 16.99 24.63 25.63
C ALA C 386 16.77 25.18 27.02
N VAL C 387 15.65 24.82 27.63
CA VAL C 387 15.30 25.23 28.99
C VAL C 387 15.72 24.11 29.94
N ILE C 388 16.64 24.42 30.86
CA ILE C 388 17.18 23.45 31.79
C ILE C 388 16.87 23.90 33.20
N GLU C 389 16.27 23.00 33.99
CA GLU C 389 15.95 23.28 35.38
C GLU C 389 16.48 22.16 36.25
N THR C 390 17.22 22.53 37.29
CA THR C 390 17.77 21.60 38.26
C THR C 390 17.33 21.99 39.66
N GLU C 391 17.71 21.18 40.65
CA GLU C 391 17.30 21.44 42.02
C GLU C 391 17.88 22.76 42.53
N GLU C 392 19.16 23.02 42.24
CA GLU C 392 19.77 24.28 42.66
C GLU C 392 19.12 25.46 41.96
N LEU C 393 18.81 25.31 40.67
CA LEU C 393 18.13 26.38 39.94
C LEU C 393 16.71 26.58 40.45
N ALA C 394 15.99 25.49 40.74
CA ALA C 394 14.64 25.61 41.26
C ALA C 394 14.62 26.24 42.65
N ALA C 395 15.67 26.02 43.44
CA ALA C 395 15.76 26.63 44.75
C ALA C 395 15.97 28.14 44.69
N ALA C 396 16.27 28.70 43.52
CA ALA C 396 16.48 30.13 43.36
C ALA C 396 15.55 30.75 42.34
N GLU C 397 14.55 30.00 41.85
CA GLU C 397 13.59 30.47 40.85
C GLU C 397 14.30 30.96 39.60
N GLN C 398 15.08 30.06 39.00
CA GLN C 398 15.85 30.37 37.81
C GLN C 398 15.92 29.15 36.91
N GLN C 399 16.22 29.40 35.64
CA GLN C 399 16.41 28.35 34.64
C GLN C 399 17.69 28.67 33.85
N LEU C 400 18.04 27.75 32.95
CA LEU C 400 19.34 27.73 32.30
C LEU C 400 19.17 27.70 30.78
N ILE C 401 18.38 28.63 30.25
CA ILE C 401 18.14 28.72 28.81
C ILE C 401 19.47 28.74 28.06
N LYS C 402 19.65 27.76 27.17
CA LYS C 402 20.88 27.56 26.44
C LYS C 402 20.61 27.56 24.95
N GLN C 403 21.47 28.23 24.19
CA GLN C 403 21.32 28.32 22.75
C GLN C 403 21.75 27.01 22.10
N ILE C 404 20.80 26.31 21.49
CA ILE C 404 21.07 25.07 20.78
C ILE C 404 21.35 25.33 19.30
N LYS C 405 20.53 26.16 18.67
CA LYS C 405 20.71 26.52 17.27
C LYS C 405 20.33 27.98 17.10
N SER C 406 21.07 28.69 16.26
CA SER C 406 20.79 30.11 16.00
C SER C 406 21.18 30.45 14.57
N ARG C 407 20.19 30.78 13.75
CA ARG C 407 20.43 31.39 12.46
C ARG C 407 20.43 32.91 12.53
N TYR C 408 20.28 33.48 13.72
CA TYR C 408 20.27 34.92 13.93
C TYR C 408 21.60 35.45 14.45
N GLY C 409 22.49 34.57 14.90
CA GLY C 409 23.75 35.02 15.45
C GLY C 409 24.60 33.83 15.84
N ASP C 410 25.78 34.14 16.36
CA ASP C 410 26.71 33.11 16.80
C ASP C 410 26.24 32.53 18.13
N LYS C 411 26.03 31.21 18.17
CA LYS C 411 25.53 30.56 19.37
C LYS C 411 26.55 30.53 20.50
N ASN C 412 27.81 30.85 20.23
CA ASN C 412 28.86 30.72 21.24
C ASN C 412 29.14 32.01 21.99
N LYS C 413 28.64 33.16 21.52
CA LYS C 413 28.92 34.41 22.22
C LYS C 413 28.25 34.43 23.59
N TRP C 414 26.95 34.13 23.65
CA TRP C 414 26.22 33.95 24.91
C TRP C 414 25.46 32.63 24.79
N ASN C 415 26.13 31.53 25.13
CA ASN C 415 25.53 30.21 24.95
C ASN C 415 24.52 29.91 26.06
N LYS C 416 24.95 30.03 27.31
CA LYS C 416 24.10 29.77 28.47
C LYS C 416 23.98 31.05 29.28
N PHE C 417 22.72 31.44 29.56
CA PHE C 417 22.43 32.66 30.35
C PHE C 417 21.30 32.34 31.34
N LEU C 418 21.49 32.66 32.63
CA LEU C 418 20.46 32.40 33.62
C LEU C 418 19.27 33.33 33.39
N MET C 419 18.08 32.81 33.67
CA MET C 419 16.83 33.56 33.54
C MET C 419 15.94 33.28 34.73
N GLY C 420 15.53 34.33 35.43
CA GLY C 420 14.62 34.16 36.55
C GLY C 420 13.26 33.76 36.04
N VAL C 421 12.66 32.76 36.67
CA VAL C 421 11.39 32.21 36.22
C VAL C 421 10.44 32.25 37.40
N GLN C 422 9.43 33.12 37.32
CA GLN C 422 8.36 33.17 38.32
C GLN C 422 7.26 32.22 37.87
N LYS C 423 7.27 31.01 38.43
CA LYS C 423 6.27 30.01 38.03
C LYS C 423 4.88 30.39 38.51
N GLY C 424 4.77 31.10 39.63
CA GLY C 424 3.48 31.57 40.07
C GLY C 424 2.86 32.57 39.11
N ASN C 425 3.67 33.49 38.59
CA ASN C 425 3.23 34.46 37.60
C ASN C 425 3.45 34.00 36.17
N GLN C 426 4.06 32.83 35.97
CA GLN C 426 4.34 32.29 34.63
C GLN C 426 5.14 33.29 33.80
N LYS C 427 6.15 33.89 34.41
CA LYS C 427 6.84 35.01 33.79
C LYS C 427 8.34 34.77 33.75
N TRP C 428 8.96 35.26 32.68
CA TRP C 428 10.40 35.26 32.53
C TRP C 428 10.93 36.66 32.85
N VAL C 429 11.85 36.75 33.79
CA VAL C 429 12.53 37.98 34.13
C VAL C 429 14.02 37.79 33.90
N GLU C 430 14.70 38.88 33.62
CA GLU C 430 16.12 38.85 33.29
C GLU C 430 16.94 39.36 34.47
N ILE C 431 18.03 38.67 34.77
CA ILE C 431 18.87 39.03 35.90
C ILE C 431 19.66 40.29 35.55
N GLU C 432 19.54 41.31 36.41
CA GLU C 432 20.26 42.56 36.21
C GLU C 432 20.82 43.07 37.53
N MET D 1 5.01 0.89 -44.97
CA MET D 1 5.80 -0.23 -45.43
C MET D 1 6.00 -1.26 -44.33
N VAL D 2 4.97 -1.44 -43.49
CA VAL D 2 5.07 -2.37 -42.38
C VAL D 2 5.18 -3.81 -42.88
N GLU D 3 4.48 -4.14 -43.96
CA GLU D 3 4.54 -5.49 -44.49
C GLU D 3 5.95 -5.85 -44.92
N ILE D 4 6.64 -4.91 -45.60
CA ILE D 4 8.02 -5.17 -46.02
C ILE D 4 8.93 -5.34 -44.81
N ILE D 5 8.74 -4.51 -43.78
CA ILE D 5 9.58 -4.61 -42.59
C ILE D 5 9.42 -5.97 -41.94
N LEU D 6 8.17 -6.42 -41.77
CA LEU D 6 7.94 -7.72 -41.15
C LEU D 6 8.48 -8.85 -42.02
N SER D 7 8.25 -8.77 -43.34
CA SER D 7 8.69 -9.82 -44.24
C SER D 7 10.20 -9.98 -44.21
N HIS D 8 10.94 -8.86 -44.20
CA HIS D 8 12.39 -8.94 -44.13
C HIS D 8 12.91 -9.16 -42.72
N LEU D 9 12.07 -8.97 -41.69
CA LEU D 9 12.41 -9.49 -40.38
C LEU D 9 12.32 -11.01 -40.35
N ILE D 10 11.43 -11.58 -41.15
CA ILE D 10 11.27 -13.04 -41.20
C ILE D 10 12.26 -13.67 -42.17
N PHE D 11 12.33 -13.18 -43.40
CA PHE D 11 13.09 -13.85 -44.47
C PHE D 11 14.40 -13.14 -44.79
N ASP D 12 15.09 -12.59 -43.80
CA ASP D 12 16.38 -11.95 -44.06
C ASP D 12 17.14 -11.91 -42.73
N GLN D 13 18.24 -12.67 -42.65
CA GLN D 13 19.04 -12.68 -41.43
C GLN D 13 19.86 -11.41 -41.30
N ALA D 14 20.38 -10.88 -42.41
CA ALA D 14 21.17 -9.65 -42.35
C ALA D 14 20.29 -8.47 -41.91
N TYR D 15 19.09 -8.37 -42.48
CA TYR D 15 18.17 -7.26 -42.13
C TYR D 15 17.83 -7.33 -40.63
N PHE D 16 17.50 -8.52 -40.14
CA PHE D 16 17.09 -8.69 -38.73
C PHE D 16 18.21 -8.25 -37.80
N SER D 17 19.46 -8.54 -38.16
CA SER D 17 20.59 -8.24 -37.24
C SER D 17 20.66 -6.74 -36.94
N LYS D 18 20.45 -5.89 -37.95
CA LYS D 18 20.60 -4.43 -37.74
C LYS D 18 19.30 -3.78 -37.23
N VAL D 19 18.17 -4.04 -37.89
CA VAL D 19 16.90 -3.36 -37.52
C VAL D 19 16.36 -3.84 -36.17
N TRP D 20 16.44 -5.14 -35.87
CA TRP D 20 15.79 -5.69 -34.64
C TRP D 20 16.18 -4.94 -33.37
N PRO D 21 17.48 -4.74 -33.04
CA PRO D 21 17.81 -4.15 -31.77
C PRO D 21 16.95 -2.91 -31.53
N TYR D 22 16.59 -2.20 -32.59
CA TYR D 22 15.85 -0.92 -32.49
C TYR D 22 14.34 -1.08 -32.64
N MET D 23 13.85 -2.11 -33.31
CA MET D 23 12.38 -2.17 -33.56
C MET D 23 11.65 -2.21 -32.23
N ASP D 24 10.52 -1.50 -32.13
CA ASP D 24 9.70 -1.49 -30.90
C ASP D 24 8.24 -1.67 -31.30
N SER D 25 7.40 -2.06 -30.35
CA SER D 25 6.01 -2.38 -30.61
C SER D 25 5.16 -1.15 -30.93
N GLU D 26 5.60 0.04 -30.52
CA GLU D 26 4.83 1.25 -30.72
C GLU D 26 5.11 1.93 -32.05
N TYR D 27 5.69 1.22 -33.01
CA TYR D 27 6.07 1.83 -34.29
C TYR D 27 5.27 1.32 -35.49
N PHE D 28 4.25 0.47 -35.29
CA PHE D 28 3.59 -0.14 -36.44
C PHE D 28 2.14 0.30 -36.61
N GLU D 29 1.28 0.02 -35.63
CA GLU D 29 -0.15 0.26 -35.77
C GLU D 29 -0.87 -0.09 -34.49
N SER D 30 -2.20 0.08 -34.47
CA SER D 30 -3.03 -0.40 -33.37
C SER D 30 -3.84 -1.64 -33.77
N GLY D 31 -3.53 -2.27 -34.90
CA GLY D 31 -4.29 -3.39 -35.38
C GLY D 31 -3.44 -4.61 -35.70
N PRO D 32 -3.60 -5.12 -36.93
CA PRO D 32 -2.90 -6.36 -37.30
C PRO D 32 -1.38 -6.26 -37.21
N ALA D 33 -0.81 -5.12 -37.56
CA ALA D 33 0.65 -4.99 -37.59
C ALA D 33 1.24 -5.13 -36.19
N LYS D 34 0.65 -4.45 -35.21
CA LYS D 34 1.16 -4.55 -33.84
C LYS D 34 1.01 -5.96 -33.29
N ASN D 35 -0.11 -6.63 -33.59
CA ASN D 35 -0.30 -7.99 -33.11
C ASN D 35 0.70 -8.95 -33.74
N THR D 36 0.94 -8.82 -35.04
CA THR D 36 1.94 -9.67 -35.69
C THR D 36 3.33 -9.43 -35.12
N PHE D 37 3.68 -8.16 -34.88
CA PHE D 37 4.99 -7.88 -34.30
C PHE D 37 5.09 -8.37 -32.87
N LYS D 38 3.99 -8.32 -32.11
CA LYS D 38 4.02 -8.88 -30.76
C LYS D 38 4.22 -10.38 -30.79
N LEU D 39 3.57 -11.07 -31.73
CA LEU D 39 3.81 -12.50 -31.91
C LEU D 39 5.28 -12.77 -32.21
N ILE D 40 5.85 -12.03 -33.15
CA ILE D 40 7.24 -12.22 -33.54
C ILE D 40 8.17 -11.94 -32.36
N LYS D 41 7.91 -10.87 -31.61
CA LYS D 41 8.75 -10.52 -30.47
C LYS D 41 8.66 -11.56 -29.37
N SER D 42 7.46 -12.08 -29.10
CA SER D 42 7.34 -13.15 -28.12
C SER D 42 8.10 -14.40 -28.55
N HIS D 43 8.01 -14.76 -29.82
CA HIS D 43 8.76 -15.92 -30.31
C HIS D 43 10.27 -15.69 -30.19
N VAL D 44 10.73 -14.49 -30.50
CA VAL D 44 12.15 -14.19 -30.40
C VAL D 44 12.61 -14.24 -28.95
N ASN D 45 11.82 -13.69 -28.04
CA ASN D 45 12.18 -13.72 -26.63
C ASN D 45 12.17 -15.14 -26.08
N GLU D 46 11.31 -16.01 -26.62
CA GLU D 46 11.21 -17.37 -26.12
C GLU D 46 12.24 -18.32 -26.73
N TYR D 47 12.69 -18.07 -27.96
CA TYR D 47 13.59 -19.00 -28.64
C TYR D 47 14.82 -18.36 -29.25
N HIS D 48 14.95 -17.03 -29.22
CA HIS D 48 16.13 -16.34 -29.74
C HIS D 48 16.37 -16.67 -31.21
N SER D 49 15.30 -16.76 -31.98
CA SER D 49 15.40 -17.01 -33.41
C SER D 49 14.19 -16.41 -34.11
N VAL D 50 14.33 -16.16 -35.40
CA VAL D 50 13.25 -15.57 -36.18
C VAL D 50 12.22 -16.64 -36.50
N PRO D 51 10.95 -16.43 -36.16
CA PRO D 51 9.93 -17.45 -36.44
C PRO D 51 9.66 -17.59 -37.92
N SER D 52 9.21 -18.79 -38.30
CA SER D 52 8.80 -19.06 -39.67
C SER D 52 7.30 -18.81 -39.80
N ILE D 53 6.78 -19.02 -41.01
CA ILE D 53 5.35 -18.84 -41.23
C ILE D 53 4.55 -19.86 -40.43
N ASN D 54 5.03 -21.11 -40.38
CA ASN D 54 4.35 -22.13 -39.60
C ASN D 54 4.36 -21.77 -38.12
N ALA D 55 5.48 -21.27 -37.61
CA ALA D 55 5.55 -20.86 -36.21
C ALA D 55 4.60 -19.71 -35.93
N LEU D 56 4.53 -18.74 -36.85
CA LEU D 56 3.60 -17.63 -36.66
C LEU D 56 2.15 -18.10 -36.66
N ASN D 57 1.81 -19.03 -37.55
CA ASN D 57 0.45 -19.57 -37.57
C ASN D 57 0.14 -20.32 -36.28
N VAL D 58 1.10 -21.10 -35.78
CA VAL D 58 0.88 -21.84 -34.54
C VAL D 58 0.67 -20.87 -33.38
N ALA D 59 1.48 -19.83 -33.30
CA ALA D 59 1.31 -18.82 -32.25
C ALA D 59 -0.01 -18.08 -32.41
N LEU D 60 -0.44 -17.85 -33.65
CA LEU D 60 -1.72 -17.20 -33.90
C LEU D 60 -2.88 -18.05 -33.40
N GLU D 61 -2.81 -19.36 -33.64
CA GLU D 61 -3.88 -20.24 -33.16
C GLU D 61 -3.92 -20.29 -31.64
N ASN D 62 -2.75 -20.21 -31.00
CA ASN D 62 -2.66 -20.15 -29.54
C ASN D 62 -2.65 -18.71 -29.05
N SER D 63 -3.63 -17.93 -29.49
CA SER D 63 -3.74 -16.53 -29.10
C SER D 63 -5.18 -16.23 -28.74
N SER D 64 -5.37 -15.20 -27.93
CA SER D 64 -6.67 -14.93 -27.31
C SER D 64 -7.41 -13.73 -27.89
N PHE D 65 -6.91 -13.13 -28.97
CA PHE D 65 -7.63 -11.98 -29.49
C PHE D 65 -8.82 -12.40 -30.33
N THR D 66 -9.69 -11.43 -30.62
CA THR D 66 -11.01 -11.69 -31.14
C THR D 66 -10.95 -12.10 -32.62
N GLU D 67 -12.13 -12.27 -33.22
CA GLU D 67 -12.21 -12.77 -34.59
C GLU D 67 -11.67 -11.77 -35.61
N THR D 68 -11.98 -10.49 -35.42
CA THR D 68 -11.48 -9.44 -36.34
C THR D 68 -9.96 -9.43 -36.29
N GLU D 69 -9.38 -9.37 -35.10
CA GLU D 69 -7.92 -9.33 -34.95
C GLU D 69 -7.29 -10.60 -35.50
N TYR D 70 -7.91 -11.75 -35.25
CA TYR D 70 -7.40 -13.02 -35.78
C TYR D 70 -7.38 -13.01 -37.30
N SER D 71 -8.47 -12.55 -37.92
CA SER D 71 -8.51 -12.50 -39.38
C SER D 71 -7.50 -11.52 -39.95
N GLY D 72 -7.34 -10.35 -39.31
CA GLY D 72 -6.35 -9.41 -39.78
C GLY D 72 -4.94 -9.96 -39.70
N VAL D 73 -4.60 -10.59 -38.58
CA VAL D 73 -3.27 -11.18 -38.43
C VAL D 73 -3.06 -12.31 -39.44
N LYS D 74 -4.09 -13.13 -39.65
CA LYS D 74 -3.96 -14.22 -40.61
C LYS D 74 -3.72 -13.68 -42.02
N THR D 75 -4.47 -12.66 -42.42
CA THR D 75 -4.26 -12.07 -43.74
C THR D 75 -2.86 -11.46 -43.85
N LEU D 76 -2.43 -10.74 -42.81
CA LEU D 76 -1.11 -10.12 -42.86
C LEU D 76 0.00 -11.16 -42.95
N ILE D 77 -0.12 -12.26 -42.21
CA ILE D 77 0.87 -13.32 -42.28
C ILE D 77 0.85 -13.98 -43.65
N SER D 78 -0.34 -14.22 -44.21
CA SER D 78 -0.43 -14.81 -45.53
C SER D 78 0.17 -13.90 -46.60
N LYS D 79 0.15 -12.59 -46.38
CA LYS D 79 0.71 -11.65 -47.34
C LYS D 79 2.23 -11.51 -47.22
N LEU D 80 2.84 -12.00 -46.14
CA LEU D 80 4.28 -11.88 -45.98
C LEU D 80 5.01 -12.79 -46.95
N ALA D 81 5.92 -12.21 -47.74
CA ALA D 81 6.69 -12.98 -48.70
C ALA D 81 7.99 -12.23 -48.99
N ASP D 82 9.08 -12.98 -49.10
CA ASP D 82 10.38 -12.37 -49.40
C ASP D 82 10.41 -11.85 -50.83
N SER D 83 11.10 -10.74 -51.03
CA SER D 83 11.23 -10.12 -52.33
C SER D 83 12.68 -9.79 -52.62
N PRO D 84 13.08 -9.80 -53.89
CA PRO D 84 14.46 -9.40 -54.24
C PRO D 84 14.71 -7.94 -53.91
N GLU D 85 15.59 -7.69 -52.95
CA GLU D 85 15.84 -6.35 -52.44
C GLU D 85 17.33 -6.17 -52.19
N ASP D 86 17.70 -4.98 -51.71
CA ASP D 86 19.08 -4.65 -51.42
C ASP D 86 19.19 -4.15 -49.99
N HIS D 87 20.19 -4.55 -49.23
CA HIS D 87 20.23 -4.18 -47.79
C HIS D 87 20.10 -2.66 -47.57
N SER D 88 20.76 -1.83 -48.36
CA SER D 88 20.77 -0.37 -48.09
C SER D 88 19.39 0.27 -48.20
N TRP D 89 18.65 0.04 -49.28
CA TRP D 89 17.36 0.74 -49.43
C TRP D 89 16.47 0.34 -48.26
N LEU D 90 16.62 -0.89 -47.78
CA LEU D 90 15.71 -1.32 -46.73
C LEU D 90 16.08 -0.69 -45.39
N VAL D 91 17.37 -0.64 -45.08
CA VAL D 91 17.79 -0.07 -43.80
C VAL D 91 17.46 1.41 -43.72
N LYS D 92 17.73 2.15 -44.80
CA LYS D 92 17.41 3.58 -44.80
C LYS D 92 15.91 3.83 -44.72
N GLU D 93 15.12 3.07 -45.48
CA GLU D 93 13.67 3.24 -45.44
C GLU D 93 13.12 2.88 -44.07
N THR D 94 13.65 1.83 -43.45
CA THR D 94 13.23 1.46 -42.11
C THR D 94 13.59 2.54 -41.10
N GLU D 95 14.78 3.13 -41.25
CA GLU D 95 15.16 4.23 -40.36
C GLU D 95 14.21 5.40 -40.51
N LYS D 96 13.86 5.75 -41.75
CA LYS D 96 12.91 6.84 -41.98
C LYS D 96 11.55 6.52 -41.36
N TYR D 97 11.07 5.29 -41.55
CA TYR D 97 9.77 4.91 -41.02
C TYR D 97 9.76 4.93 -39.50
N VAL D 98 10.82 4.41 -38.87
CA VAL D 98 10.90 4.39 -37.42
C VAL D 98 10.98 5.81 -36.87
N GLN D 99 11.77 6.68 -37.51
CA GLN D 99 11.85 8.07 -37.07
C GLN D 99 10.50 8.78 -37.20
N GLN D 100 9.81 8.55 -38.31
CA GLN D 100 8.49 9.18 -38.49
C GLN D 100 7.50 8.70 -37.44
N ARG D 101 7.50 7.38 -37.16
CA ARG D 101 6.57 6.86 -36.16
C ARG D 101 6.94 7.35 -34.77
N ALA D 102 8.22 7.48 -34.47
CA ALA D 102 8.64 8.03 -33.18
C ALA D 102 8.19 9.48 -33.04
N MET D 103 8.34 10.28 -34.10
CA MET D 103 7.86 11.65 -34.06
C MET D 103 6.35 11.72 -33.88
N PHE D 104 5.62 10.84 -34.58
CA PHE D 104 4.16 10.83 -34.46
C PHE D 104 3.72 10.47 -33.05
N ASN D 105 4.35 9.44 -32.46
CA ASN D 105 4.01 9.07 -31.09
C ASN D 105 4.38 10.18 -30.12
N ALA D 106 5.53 10.84 -30.34
CA ALA D 106 5.95 11.92 -29.46
C ALA D 106 4.97 13.08 -29.51
N THR D 107 4.52 13.48 -30.71
CA THR D 107 3.60 14.59 -30.79
C THR D 107 2.22 14.22 -30.25
N SER D 108 1.80 12.97 -30.44
CA SER D 108 0.55 12.53 -29.82
C SER D 108 0.62 12.59 -28.31
N LYS D 109 1.75 12.14 -27.73
CA LYS D 109 1.91 12.21 -26.29
C LYS D 109 2.00 13.66 -25.80
N ILE D 110 2.61 14.54 -26.60
CA ILE D 110 2.68 15.95 -26.25
C ILE D 110 1.29 16.55 -26.20
N ILE D 111 0.45 16.24 -27.19
CA ILE D 111 -0.93 16.73 -27.20
C ILE D 111 -1.70 16.17 -26.01
N GLU D 112 -1.48 14.89 -25.70
CA GLU D 112 -2.16 14.28 -24.55
C GLU D 112 -1.75 14.96 -23.25
N ILE D 113 -0.45 15.26 -23.09
CA ILE D 113 0.01 15.93 -21.89
C ILE D 113 -0.59 17.33 -21.78
N GLN D 114 -0.65 18.06 -22.90
CA GLN D 114 -1.22 19.40 -22.86
C GLN D 114 -2.70 19.36 -22.53
N THR D 115 -3.45 18.42 -23.11
CA THR D 115 -4.88 18.35 -22.84
C THR D 115 -5.18 17.72 -21.48
N ASN D 116 -4.23 17.04 -20.87
CA ASN D 116 -4.41 16.50 -19.53
C ASN D 116 -4.07 17.52 -18.45
N ALA D 117 -2.99 18.29 -18.64
CA ALA D 117 -2.65 19.32 -17.68
C ALA D 117 -3.68 20.44 -17.62
N GLU D 118 -4.43 20.65 -18.70
CA GLU D 118 -5.49 21.65 -18.72
C GLU D 118 -6.80 21.08 -18.19
N LEU D 119 -6.73 20.49 -17.01
CA LEU D 119 -7.87 19.87 -16.34
C LEU D 119 -7.84 20.25 -14.87
N PRO D 120 -9.00 20.30 -14.21
CA PRO D 120 -9.01 20.60 -12.79
C PRO D 120 -8.27 19.53 -12.01
N PRO D 121 -7.57 19.91 -10.93
CA PRO D 121 -6.80 18.93 -10.16
C PRO D 121 -7.71 17.88 -9.54
N GLU D 122 -7.05 16.81 -9.04
CA GLU D 122 -7.68 15.64 -8.45
C GLU D 122 -8.53 14.88 -9.48
N LYS D 123 -8.54 15.37 -10.73
CA LYS D 123 -9.19 14.70 -11.84
C LYS D 123 -8.31 14.75 -13.08
N ARG D 124 -6.99 14.87 -12.90
CA ARG D 124 -6.06 15.06 -14.00
C ARG D 124 -5.40 13.77 -14.46
N ASN D 125 -5.87 12.60 -13.99
CA ASN D 125 -5.36 11.30 -14.42
C ASN D 125 -3.86 11.19 -14.18
N LYS D 126 -3.51 11.15 -12.90
CA LYS D 126 -2.12 11.15 -12.46
C LYS D 126 -1.34 9.99 -13.07
N LYS D 127 -0.02 10.04 -12.89
CA LYS D 127 1.02 9.21 -13.51
C LYS D 127 1.32 9.70 -14.93
N MET D 128 0.60 10.72 -15.41
CA MET D 128 0.92 11.38 -16.68
C MET D 128 1.94 12.48 -16.44
N PRO D 129 3.02 12.54 -17.22
CA PRO D 129 4.04 13.55 -16.98
C PRO D 129 3.51 14.96 -17.21
N ASP D 130 4.10 15.91 -16.48
CA ASP D 130 3.69 17.30 -16.56
C ASP D 130 4.23 17.94 -17.83
N VAL D 131 3.80 19.19 -18.06
CA VAL D 131 4.23 19.92 -19.26
C VAL D 131 5.73 20.19 -19.24
N GLY D 132 6.36 20.20 -18.07
CA GLY D 132 7.76 20.53 -17.98
C GLY D 132 8.63 19.64 -18.85
N ALA D 133 8.35 18.33 -18.87
CA ALA D 133 9.06 17.42 -19.74
C ALA D 133 8.32 17.22 -21.07
N ILE D 134 7.90 18.31 -21.70
CA ILE D 134 7.40 18.26 -23.07
C ILE D 134 8.56 18.27 -24.07
N PRO D 135 9.55 19.17 -23.94
CA PRO D 135 10.63 19.14 -24.95
C PRO D 135 11.53 17.91 -24.83
N ASP D 136 11.79 17.44 -23.61
CA ASP D 136 12.67 16.29 -23.43
C ASP D 136 12.14 15.08 -24.19
N ILE D 137 10.82 14.85 -24.12
CA ILE D 137 10.22 13.76 -24.89
C ILE D 137 10.55 13.92 -26.37
N MET D 138 10.41 15.15 -26.89
CA MET D 138 10.76 15.38 -28.28
C MET D 138 12.23 15.12 -28.53
N ARG D 139 13.08 15.43 -27.55
CA ARG D 139 14.50 15.12 -27.68
C ARG D 139 14.73 13.62 -27.77
N GLN D 140 13.86 12.82 -27.14
CA GLN D 140 13.94 11.38 -27.30
C GLN D 140 13.43 10.93 -28.66
N ALA D 141 12.58 11.72 -29.31
CA ALA D 141 12.08 11.35 -30.63
C ALA D 141 13.11 11.57 -31.72
N LEU D 142 14.11 12.41 -31.47
CA LEU D 142 15.15 12.69 -32.45
C LEU D 142 16.39 11.81 -32.27
N SER D 143 16.56 11.18 -31.11
CA SER D 143 17.73 10.34 -30.86
C SER D 143 17.47 8.89 -31.24
N ILE D 144 16.96 8.67 -32.45
CA ILE D 144 16.73 7.33 -32.98
C ILE D 144 17.22 7.30 -34.42
N SER D 145 18.44 6.80 -34.65
CA SER D 145 19.04 6.87 -35.98
C SER D 145 19.78 5.62 -36.40
N PHE D 146 19.48 4.46 -35.80
CA PHE D 146 20.10 3.19 -36.16
C PHE D 146 21.62 3.21 -36.05
N ASP D 147 22.16 4.05 -35.16
CA ASP D 147 23.59 4.28 -35.08
C ASP D 147 24.06 4.24 -33.63
N SER D 148 23.65 3.21 -32.90
CA SER D 148 24.03 3.08 -31.51
C SER D 148 25.54 3.01 -31.36
N TYR D 149 26.07 3.78 -30.40
CA TYR D 149 27.50 3.83 -30.15
C TYR D 149 27.91 2.60 -29.33
N VAL D 150 28.75 1.74 -29.92
CA VAL D 150 29.12 0.49 -29.26
C VAL D 150 29.92 0.77 -28.00
N GLY D 151 30.87 1.69 -28.06
CA GLY D 151 31.68 2.02 -26.91
C GLY D 151 33.02 2.57 -27.35
N HIS D 152 33.91 2.68 -26.37
CA HIS D 152 35.25 3.25 -26.57
C HIS D 152 36.27 2.12 -26.55
N ASP D 153 37.10 2.05 -27.58
CA ASP D 153 38.15 1.04 -27.69
C ASP D 153 39.46 1.62 -27.18
N TRP D 154 40.16 0.86 -26.34
CA TRP D 154 41.36 1.37 -25.69
C TRP D 154 42.47 1.63 -26.71
N MET D 155 42.68 0.71 -27.65
CA MET D 155 43.79 0.82 -28.59
C MET D 155 43.37 1.52 -29.88
N ASP D 156 42.17 1.24 -30.38
CA ASP D 156 41.72 1.86 -31.62
C ASP D 156 41.55 3.37 -31.46
N ASP D 157 40.98 3.80 -30.34
CA ASP D 157 40.69 5.21 -30.08
C ASP D 157 41.53 5.68 -28.89
N TYR D 158 42.75 6.12 -29.16
CA TYR D 158 43.59 6.70 -28.12
C TYR D 158 44.12 8.09 -28.44
N GLU D 159 44.12 8.51 -29.71
CA GLU D 159 44.42 9.91 -30.02
C GLU D 159 43.33 10.81 -29.49
N ALA D 160 42.06 10.44 -29.68
CA ALA D 160 40.96 11.21 -29.13
C ALA D 160 41.02 11.23 -27.61
N ARG D 161 41.41 10.12 -27.00
CA ARG D 161 41.56 10.07 -25.55
C ARG D 161 42.68 10.98 -25.08
N TRP D 162 43.81 10.99 -25.77
CA TRP D 162 44.91 11.87 -25.39
C TRP D 162 44.55 13.33 -25.61
N LEU D 163 43.68 13.62 -26.58
CA LEU D 163 43.18 14.99 -26.70
C LEU D 163 42.05 15.21 -25.73
N SER D 164 42.23 14.75 -24.49
CA SER D 164 41.35 15.09 -23.38
C SER D 164 42.10 15.30 -22.08
N TYR D 165 43.43 15.22 -22.08
CA TYR D 165 44.24 15.35 -20.88
C TYR D 165 44.79 16.76 -20.68
N MET D 166 45.27 17.40 -21.74
CA MET D 166 45.71 18.78 -21.67
C MET D 166 44.59 19.77 -21.97
N ASN D 167 43.40 19.27 -22.34
CA ASN D 167 42.26 20.15 -22.56
C ASN D 167 41.90 20.87 -21.27
N LYS D 168 41.73 20.12 -20.18
CA LYS D 168 41.50 20.63 -18.84
C LYS D 168 40.26 21.52 -18.72
N ALA D 169 39.42 21.56 -19.76
CA ALA D 169 38.17 22.29 -19.66
C ALA D 169 37.17 21.61 -18.72
N ARG D 170 37.44 20.37 -18.33
CA ARG D 170 36.54 19.68 -17.41
C ARG D 170 36.71 20.18 -15.98
N LYS D 171 37.93 20.57 -15.60
CA LYS D 171 38.22 20.98 -14.24
C LYS D 171 38.01 22.48 -14.06
N VAL D 172 37.34 22.85 -12.97
CA VAL D 172 37.07 24.22 -12.59
C VAL D 172 37.85 24.52 -11.31
N PRO D 173 38.92 25.32 -11.37
CA PRO D 173 39.73 25.54 -10.18
C PRO D 173 38.99 26.28 -9.08
N PHE D 174 39.38 25.98 -7.84
CA PHE D 174 38.89 26.69 -6.67
C PHE D 174 39.63 28.03 -6.56
N LYS D 175 39.42 28.72 -5.45
CA LYS D 175 40.24 29.88 -5.10
C LYS D 175 41.16 29.61 -3.91
N LEU D 176 40.77 28.71 -3.00
CA LEU D 176 41.66 28.29 -1.94
C LEU D 176 42.71 27.33 -2.49
N ARG D 177 43.94 27.47 -1.99
CA ARG D 177 45.02 26.64 -2.49
C ARG D 177 44.93 25.20 -2.00
N ILE D 178 44.45 25.00 -0.77
CA ILE D 178 44.38 23.64 -0.22
C ILE D 178 43.36 22.80 -0.96
N LEU D 179 42.22 23.38 -1.31
CA LEU D 179 41.19 22.64 -2.03
C LEU D 179 41.66 22.28 -3.44
N ASN D 180 42.40 23.17 -4.09
CA ASN D 180 43.00 22.83 -5.38
C ASN D 180 44.03 21.73 -5.22
N LYS D 181 44.83 21.78 -4.15
CA LYS D 181 45.87 20.77 -3.95
C LYS D 181 45.28 19.38 -3.73
N ILE D 182 44.23 19.29 -2.90
CA ILE D 182 43.66 17.98 -2.62
C ILE D 182 42.90 17.45 -3.83
N THR D 183 42.29 18.31 -4.62
CA THR D 183 41.54 17.91 -5.80
C THR D 183 42.39 17.90 -7.07
N LYS D 184 43.66 18.29 -6.98
CA LYS D 184 44.59 18.27 -8.12
C LYS D 184 44.04 19.08 -9.29
N GLY D 185 43.72 20.35 -9.03
CA GLY D 185 43.25 21.25 -10.06
C GLY D 185 41.83 21.73 -9.91
N GLY D 186 41.13 21.36 -8.83
CA GLY D 186 39.77 21.80 -8.61
C GLY D 186 38.75 20.75 -8.98
N ALA D 187 37.49 21.10 -8.78
CA ALA D 187 36.40 20.20 -9.09
C ALA D 187 36.19 20.10 -10.59
N GLU D 188 35.48 19.05 -11.00
CA GLU D 188 35.23 18.75 -12.39
C GLU D 188 33.77 18.98 -12.74
N THR D 189 33.51 19.36 -13.98
CA THR D 189 32.15 19.53 -14.46
C THR D 189 31.45 18.18 -14.52
N GLY D 190 30.12 18.21 -14.39
CA GLY D 190 29.35 16.98 -14.37
C GLY D 190 29.61 16.12 -13.16
N THR D 191 29.69 16.71 -11.98
CA THR D 191 29.94 16.00 -10.73
C THR D 191 28.96 16.46 -9.67
N LEU D 192 29.00 15.78 -8.53
CA LEU D 192 28.16 16.11 -7.37
C LEU D 192 29.04 16.12 -6.13
N ASN D 193 29.36 17.31 -5.64
CA ASN D 193 30.18 17.48 -4.44
C ASN D 193 29.29 17.82 -3.26
N VAL D 194 29.67 17.33 -2.08
CA VAL D 194 28.81 17.36 -0.91
C VAL D 194 29.60 17.85 0.30
N LEU D 195 28.95 18.64 1.14
CA LEU D 195 29.46 19.04 2.44
C LEU D 195 28.62 18.42 3.54
N MET D 196 29.27 17.71 4.45
CA MET D 196 28.61 17.11 5.62
C MET D 196 29.15 17.80 6.86
N ALA D 197 28.27 18.46 7.59
CA ALA D 197 28.72 19.16 8.79
C ALA D 197 27.92 18.83 10.04
N GLY D 198 26.61 18.61 9.89
CA GLY D 198 25.72 18.54 11.01
C GLY D 198 24.68 19.66 10.96
N VAL D 199 24.24 20.09 12.13
CA VAL D 199 23.26 21.17 12.24
C VAL D 199 23.95 22.37 12.86
N ASN D 200 23.91 23.50 12.16
CA ASN D 200 24.44 24.77 12.63
C ASN D 200 25.93 24.68 12.92
N VAL D 201 26.68 24.10 11.99
CA VAL D 201 28.13 23.98 12.08
C VAL D 201 28.76 24.77 10.96
N GLY D 202 28.05 24.88 9.85
CA GLY D 202 28.57 25.43 8.62
C GLY D 202 27.65 25.00 7.49
N LYS D 203 28.22 24.45 6.42
CA LYS D 203 27.45 23.64 5.46
C LYS D 203 26.52 24.51 4.60
N SER D 204 26.39 25.78 4.95
CA SER D 204 25.76 26.77 4.08
C SER D 204 26.65 28.00 4.06
N LEU D 205 27.40 28.19 5.16
CA LEU D 205 28.51 29.14 5.14
C LEU D 205 29.57 28.69 4.15
N GLY D 206 29.87 27.39 4.13
CA GLY D 206 30.82 26.87 3.15
C GLY D 206 30.32 26.99 1.73
N LEU D 207 29.04 26.74 1.52
CA LEU D 207 28.46 26.89 0.19
C LEU D 207 28.50 28.35 -0.27
N CYS D 208 28.20 29.27 0.64
CA CYS D 208 28.26 30.69 0.29
C CYS D 208 29.69 31.13 0.02
N SER D 209 30.65 30.62 0.80
CA SER D 209 32.05 30.95 0.54
C SER D 209 32.50 30.42 -0.81
N LEU D 210 32.10 29.19 -1.15
CA LEU D 210 32.41 28.66 -2.47
C LEU D 210 31.78 29.49 -3.57
N ALA D 211 30.52 29.89 -3.38
CA ALA D 211 29.84 30.71 -4.39
C ALA D 211 30.56 32.04 -4.58
N ALA D 212 30.99 32.67 -3.48
CA ALA D 212 31.72 33.93 -3.59
C ALA D 212 33.06 33.74 -4.29
N ASP D 213 33.78 32.67 -3.95
CA ASP D 213 35.08 32.43 -4.57
C ASP D 213 34.95 32.16 -6.06
N TYR D 214 33.93 31.37 -6.45
CA TYR D 214 33.70 31.14 -7.87
C TYR D 214 33.27 32.42 -8.58
N LEU D 215 32.45 33.24 -7.92
CA LEU D 215 32.00 34.50 -8.50
C LEU D 215 33.17 35.43 -8.75
N GLN D 216 34.14 35.46 -7.83
CA GLN D 216 35.32 36.29 -8.05
C GLN D 216 36.16 35.78 -9.20
N LEU D 217 36.15 34.48 -9.47
CA LEU D 217 36.89 33.93 -10.60
C LEU D 217 36.02 33.83 -11.86
N GLY D 218 35.32 34.91 -12.18
CA GLY D 218 34.64 35.01 -13.47
C GLY D 218 33.70 33.88 -13.79
N HIS D 219 32.90 33.44 -12.82
CA HIS D 219 31.99 32.33 -13.02
C HIS D 219 30.54 32.78 -12.83
N ASN D 220 29.64 32.12 -13.55
CA ASN D 220 28.21 32.30 -13.36
C ASN D 220 27.72 31.27 -12.35
N VAL D 221 27.24 31.74 -11.21
CA VAL D 221 26.87 30.88 -10.09
C VAL D 221 25.37 30.96 -9.88
N LEU D 222 24.72 29.82 -9.73
CA LEU D 222 23.28 29.72 -9.49
C LEU D 222 23.09 29.08 -8.11
N TYR D 223 22.85 29.92 -7.11
CA TYR D 223 22.54 29.43 -5.77
C TYR D 223 21.06 29.08 -5.69
N ILE D 224 20.75 27.88 -5.21
CA ILE D 224 19.38 27.44 -5.03
C ILE D 224 19.18 27.09 -3.56
N SER D 225 18.33 27.85 -2.89
CA SER D 225 18.09 27.69 -1.45
C SER D 225 16.71 27.09 -1.25
N MET D 226 16.67 25.93 -0.60
CA MET D 226 15.42 25.26 -0.27
C MET D 226 14.96 25.53 1.16
N GLU D 227 15.76 26.21 1.96
CA GLU D 227 15.45 26.41 3.37
C GLU D 227 15.70 27.83 3.85
N MET D 228 16.13 28.73 2.99
CA MET D 228 16.40 30.11 3.38
C MET D 228 15.90 31.05 2.28
N ALA D 229 15.67 32.30 2.66
CA ALA D 229 15.17 33.30 1.73
C ALA D 229 16.29 33.77 0.81
N GLU D 230 15.88 34.37 -0.31
CA GLU D 230 16.85 34.91 -1.27
C GLU D 230 17.67 36.04 -0.69
N GLU D 231 17.14 36.76 0.29
CA GLU D 231 17.87 37.89 0.87
C GLU D 231 18.84 37.47 1.96
N VAL D 232 18.61 36.34 2.62
CA VAL D 232 19.55 35.85 3.62
C VAL D 232 20.83 35.35 2.94
N CYS D 233 20.66 34.56 1.86
CA CYS D 233 21.83 34.10 1.11
C CYS D 233 22.58 35.25 0.47
N ALA D 234 21.82 36.22 -0.07
CA ALA D 234 22.46 37.40 -0.65
C ALA D 234 23.16 38.22 0.42
N LYS D 235 22.61 38.26 1.64
CA LYS D 235 23.29 38.94 2.73
C LYS D 235 24.59 38.24 3.10
N ARG D 236 24.58 36.90 3.11
CA ARG D 236 25.82 36.16 3.35
C ARG D 236 26.85 36.46 2.28
N ILE D 237 26.43 36.49 1.02
CA ILE D 237 27.36 36.79 -0.06
C ILE D 237 27.88 38.22 0.05
N ASP D 238 27.02 39.15 0.46
CA ASP D 238 27.47 40.53 0.66
C ASP D 238 28.50 40.61 1.77
N ALA D 239 28.26 39.90 2.87
CA ALA D 239 29.23 39.89 3.96
C ALA D 239 30.56 39.29 3.50
N ASN D 240 30.51 38.24 2.68
CA ASN D 240 31.74 37.63 2.18
C ASN D 240 32.50 38.58 1.26
N MET D 241 31.80 39.15 0.28
CA MET D 241 32.48 39.94 -0.76
C MET D 241 32.95 41.29 -0.20
N LEU D 242 32.09 41.98 0.53
CA LEU D 242 32.38 43.35 0.94
C LEU D 242 33.25 43.42 2.19
N ASP D 243 33.58 42.28 2.79
CA ASP D 243 34.38 42.22 4.02
C ASP D 243 33.73 43.02 5.15
N VAL D 244 32.40 42.96 5.24
CA VAL D 244 31.64 43.59 6.30
C VAL D 244 30.90 42.51 7.07
N SER D 245 31.01 42.54 8.39
CA SER D 245 30.41 41.50 9.21
C SER D 245 28.89 41.54 9.11
N LEU D 246 28.27 40.37 9.29
CA LEU D 246 26.81 40.30 9.34
C LEU D 246 26.25 41.12 10.49
N ASP D 247 26.99 41.20 11.60
CA ASP D 247 26.56 42.04 12.72
C ASP D 247 26.57 43.52 12.33
N ASP D 248 27.55 43.95 11.54
CA ASP D 248 27.60 45.35 11.12
C ASP D 248 26.39 45.71 10.26
N ILE D 249 25.99 44.82 9.36
CA ILE D 249 24.79 45.06 8.56
C ILE D 249 23.55 45.11 9.45
N ASP D 250 23.46 44.16 10.40
CA ASP D 250 22.32 44.15 11.32
C ASP D 250 22.31 45.38 12.21
N ASP D 251 23.46 45.78 12.73
CA ASP D 251 23.56 46.90 13.64
C ASP D 251 23.71 48.24 12.93
N GLY D 252 23.72 48.26 11.61
CA GLY D 252 23.82 49.50 10.87
C GLY D 252 25.13 50.24 11.04
N HIS D 253 26.25 49.52 11.07
CA HIS D 253 27.56 50.13 11.18
C HIS D 253 28.20 50.41 9.82
N ILE D 254 27.49 50.12 8.74
CA ILE D 254 27.95 50.41 7.38
C ILE D 254 26.95 51.36 6.73
N SER D 255 27.45 52.42 6.12
CA SER D 255 26.60 53.42 5.50
C SER D 255 26.29 53.06 4.06
N TYR D 256 25.30 53.77 3.50
CA TYR D 256 24.94 53.54 2.10
C TYR D 256 26.05 53.95 1.16
N ALA D 257 26.84 54.97 1.53
CA ALA D 257 27.94 55.39 0.68
C ALA D 257 28.99 54.29 0.53
N GLU D 258 29.37 53.66 1.65
CA GLU D 258 30.36 52.59 1.60
C GLU D 258 29.83 51.38 0.83
N TYR D 259 28.57 51.03 1.06
CA TYR D 259 27.97 49.90 0.37
C TYR D 259 27.95 50.15 -1.14
N LYS D 260 27.50 51.35 -1.55
CA LYS D 260 27.46 51.69 -2.96
C LYS D 260 28.87 51.69 -3.56
N GLY D 261 29.84 52.26 -2.85
CA GLY D 261 31.19 52.29 -3.36
C GLY D 261 31.78 50.92 -3.55
N LYS D 262 31.58 50.04 -2.57
CA LYS D 262 32.09 48.67 -2.69
C LYS D 262 31.41 47.91 -3.81
N MET D 263 30.09 48.05 -3.95
CA MET D 263 29.39 47.37 -5.03
C MET D 263 29.85 47.86 -6.40
N GLU D 264 30.02 49.17 -6.56
CA GLU D 264 30.48 49.69 -7.84
C GLU D 264 31.93 49.29 -8.12
N LYS D 265 32.76 49.26 -7.09
CA LYS D 265 34.15 48.82 -7.25
C LYS D 265 34.21 47.37 -7.70
N TRP D 266 33.34 46.52 -7.14
CA TRP D 266 33.27 45.15 -7.62
C TRP D 266 32.75 45.09 -9.04
N ARG D 267 31.76 45.91 -9.37
CA ARG D 267 31.17 45.87 -10.71
C ARG D 267 32.19 46.26 -11.78
N GLU D 268 33.02 47.26 -11.50
CA GLU D 268 33.97 47.73 -12.50
C GLU D 268 35.13 46.76 -12.74
N LYS D 269 35.26 45.73 -11.90
CA LYS D 269 36.31 44.73 -12.11
C LYS D 269 35.87 43.73 -13.17
N SER D 270 36.77 43.46 -14.13
CA SER D 270 36.43 42.55 -15.21
C SER D 270 36.34 41.11 -14.72
N THR D 271 37.15 40.73 -13.74
CA THR D 271 37.17 39.38 -13.21
C THR D 271 36.08 39.21 -12.16
N LEU D 272 34.84 39.13 -12.65
CA LEU D 272 33.68 38.91 -11.80
C LEU D 272 32.54 38.41 -12.67
N GLY D 273 31.90 37.34 -12.25
CA GLY D 273 30.78 36.75 -12.99
C GLY D 273 29.45 37.31 -12.54
N ARG D 274 28.43 36.46 -12.60
CA ARG D 274 27.09 36.83 -12.14
C ARG D 274 26.56 35.74 -11.23
N LEU D 275 26.08 36.14 -10.07
CA LEU D 275 25.48 35.22 -9.09
C LEU D 275 23.99 35.47 -9.02
N ILE D 276 23.21 34.40 -9.13
CA ILE D 276 21.75 34.49 -9.08
C ILE D 276 21.24 33.52 -8.03
N VAL D 277 20.42 34.03 -7.11
CA VAL D 277 19.90 33.25 -5.99
C VAL D 277 18.41 33.01 -6.23
N LYS D 278 18.01 31.75 -6.17
CA LYS D 278 16.63 31.34 -6.35
C LYS D 278 16.18 30.52 -5.16
N GLN D 279 14.97 30.79 -4.67
CA GLN D 279 14.42 30.14 -3.49
C GLN D 279 13.22 29.30 -3.86
N TYR D 280 13.19 28.08 -3.36
CA TYR D 280 12.04 27.18 -3.50
C TYR D 280 11.59 26.72 -2.13
N PRO D 281 10.30 26.48 -1.95
CA PRO D 281 9.82 25.92 -0.67
C PRO D 281 10.40 24.53 -0.46
N THR D 282 10.58 24.18 0.81
CA THR D 282 11.18 22.90 1.16
C THR D 282 10.34 21.75 0.59
N GLY D 283 11.01 20.84 -0.12
CA GLY D 283 10.33 19.73 -0.75
C GLY D 283 9.49 20.10 -1.95
N GLY D 284 9.80 21.22 -2.60
CA GLY D 284 9.01 21.67 -3.74
C GLY D 284 9.82 21.95 -4.99
N ALA D 285 10.98 21.33 -5.10
CA ALA D 285 11.82 21.48 -6.29
C ALA D 285 12.56 20.17 -6.55
N ASP D 286 12.76 19.85 -7.82
CA ASP D 286 13.41 18.61 -8.21
C ASP D 286 14.33 18.89 -9.39
N ALA D 287 14.81 17.82 -10.03
CA ALA D 287 15.67 17.97 -11.18
C ALA D 287 14.94 18.63 -12.35
N ASN D 288 13.69 18.23 -12.58
CA ASN D 288 12.91 18.85 -13.65
C ASN D 288 12.66 20.33 -13.37
N THR D 289 12.41 20.67 -12.10
CA THR D 289 12.25 22.07 -11.73
C THR D 289 13.53 22.85 -12.00
N PHE D 290 14.69 22.24 -11.69
CA PHE D 290 15.96 22.92 -11.94
C PHE D 290 16.23 23.07 -13.44
N ARG D 291 15.81 22.08 -14.24
CA ARG D 291 15.96 22.22 -15.69
C ARG D 291 15.07 23.31 -16.24
N SER D 292 13.84 23.42 -15.74
CA SER D 292 12.97 24.51 -16.15
C SER D 292 13.56 25.86 -15.75
N LEU D 293 14.13 25.92 -14.54
CA LEU D 293 14.80 27.15 -14.10
C LEU D 293 15.98 27.48 -15.00
N LEU D 294 16.74 26.46 -15.41
CA LEU D 294 17.86 26.68 -16.32
C LEU D 294 17.38 27.23 -17.65
N ASN D 295 16.31 26.65 -18.20
CA ASN D 295 15.79 27.11 -19.49
C ASN D 295 15.30 28.56 -19.41
N GLU D 296 14.55 28.88 -18.36
CA GLU D 296 14.04 30.24 -18.24
C GLU D 296 15.15 31.24 -17.92
N LEU D 297 16.22 30.78 -17.24
CA LEU D 297 17.37 31.65 -17.03
C LEU D 297 18.11 31.92 -18.32
N LYS D 298 18.29 30.88 -19.15
CA LYS D 298 18.96 31.06 -20.44
C LYS D 298 18.17 31.98 -21.35
N LEU D 299 16.84 31.84 -21.37
CA LEU D 299 16.03 32.64 -22.27
C LEU D 299 15.83 34.05 -21.74
N LYS D 300 15.26 34.18 -20.54
CA LYS D 300 14.87 35.50 -20.05
C LYS D 300 16.08 36.33 -19.61
N LYS D 301 17.02 35.72 -18.91
CA LYS D 301 18.13 36.44 -18.30
C LYS D 301 19.47 36.19 -18.98
N ASN D 302 19.50 35.43 -20.08
CA ASN D 302 20.73 35.06 -20.78
C ASN D 302 21.84 34.68 -19.80
N PHE D 303 21.48 33.87 -18.82
CA PHE D 303 22.37 33.44 -17.74
C PHE D 303 22.64 31.96 -17.88
N VAL D 304 23.89 31.61 -18.18
CA VAL D 304 24.29 30.22 -18.32
C VAL D 304 25.24 29.87 -17.17
N PRO D 305 24.77 29.18 -16.14
CA PRO D 305 25.63 28.88 -14.99
C PRO D 305 26.57 27.72 -15.27
N THR D 306 27.67 27.71 -14.51
CA THR D 306 28.60 26.60 -14.49
C THR D 306 28.84 26.03 -13.10
N ILE D 307 28.44 26.73 -12.05
CA ILE D 307 28.74 26.33 -10.67
C ILE D 307 27.46 26.18 -9.87
N ILE D 308 26.40 25.66 -10.52
CA ILE D 308 25.10 25.47 -9.88
C ILE D 308 25.24 24.90 -8.48
N ILE D 309 24.65 25.58 -7.49
CA ILE D 309 24.72 25.19 -6.09
C ILE D 309 23.31 24.94 -5.59
N VAL D 310 23.11 23.81 -4.91
CA VAL D 310 21.81 23.49 -4.27
C VAL D 310 22.06 23.43 -2.76
N ASP D 311 21.30 24.17 -1.95
CA ASP D 311 21.59 24.27 -0.50
C ASP D 311 21.51 22.91 0.21
N TYR D 312 20.43 22.14 0.02
CA TYR D 312 20.43 20.78 0.62
C TYR D 312 19.65 19.82 -0.28
N LEU D 313 20.29 18.73 -0.72
CA LEU D 313 19.63 17.71 -1.58
C LEU D 313 18.53 17.02 -0.78
N GLY D 314 18.77 16.78 0.52
CA GLY D 314 17.78 16.10 1.37
C GLY D 314 16.48 16.88 1.44
N ILE D 315 16.52 18.19 1.18
CA ILE D 315 15.31 19.05 1.27
C ILE D 315 14.58 19.05 -0.07
N CYS D 316 15.22 18.56 -1.14
CA CYS D 316 14.58 18.51 -2.48
C CYS D 316 13.61 17.34 -2.67
N LYS D 317 12.82 17.36 -3.75
CA LYS D 317 11.83 16.27 -4.05
C LYS D 317 12.36 15.41 -5.19
N SER D 318 12.23 14.08 -5.07
CA SER D 318 12.61 13.18 -6.18
C SER D 318 11.66 13.42 -7.35
N CYS D 319 12.15 13.36 -8.58
CA CYS D 319 11.31 13.63 -9.77
C CYS D 319 10.75 12.33 -10.31
N ARG D 320 10.97 11.22 -9.60
CA ARG D 320 10.54 9.89 -10.09
C ARG D 320 9.74 9.14 -9.03
N ILE D 321 10.12 9.27 -7.76
CA ILE D 321 9.43 8.50 -6.73
C ILE D 321 8.38 9.39 -6.09
N ARG D 322 7.18 8.84 -5.91
CA ARG D 322 6.12 9.57 -5.25
C ARG D 322 6.52 9.88 -3.81
N VAL D 323 6.07 11.04 -3.31
CA VAL D 323 6.52 11.52 -2.02
C VAL D 323 6.10 10.55 -0.92
N TYR D 324 7.04 10.26 -0.01
CA TYR D 324 6.82 9.39 1.14
C TYR D 324 6.41 7.98 0.75
N SER D 325 6.78 7.53 -0.45
CA SER D 325 6.51 6.16 -0.87
C SER D 325 7.62 5.21 -0.42
N GLU D 326 8.86 5.50 -0.82
CA GLU D 326 10.01 4.71 -0.43
C GLU D 326 10.68 5.33 0.80
N ASN D 327 11.54 4.54 1.43
CA ASN D 327 12.21 4.99 2.65
C ASN D 327 13.25 6.07 2.31
N SER D 328 13.93 6.54 3.36
CA SER D 328 14.91 7.61 3.19
C SER D 328 16.05 7.16 2.28
N TYR D 329 16.50 5.91 2.43
CA TYR D 329 17.63 5.41 1.65
C TYR D 329 17.36 5.54 0.15
N THR D 330 16.28 4.91 -0.32
CA THR D 330 15.98 4.90 -1.75
C THR D 330 15.70 6.31 -2.27
N THR D 331 14.92 7.10 -1.52
CA THR D 331 14.54 8.42 -1.98
C THR D 331 15.76 9.33 -2.11
N VAL D 332 16.63 9.33 -1.09
CA VAL D 332 17.79 10.20 -1.13
C VAL D 332 18.78 9.74 -2.20
N LYS D 333 18.95 8.42 -2.35
CA LYS D 333 19.82 7.93 -3.42
C LYS D 333 19.30 8.37 -4.79
N ALA D 334 17.99 8.26 -5.00
CA ALA D 334 17.40 8.68 -6.27
C ALA D 334 17.59 10.18 -6.49
N ILE D 335 17.40 10.99 -5.44
CA ILE D 335 17.55 12.43 -5.58
C ILE D 335 18.99 12.78 -5.95
N ALA D 336 19.96 12.15 -5.28
CA ALA D 336 21.36 12.42 -5.58
C ALA D 336 21.72 11.98 -7.00
N GLU D 337 21.21 10.82 -7.43
CA GLU D 337 21.48 10.35 -8.78
C GLU D 337 20.88 11.31 -9.82
N GLU D 338 19.67 11.81 -9.57
CA GLU D 338 19.06 12.75 -10.51
C GLU D 338 19.82 14.07 -10.55
N LEU D 339 20.30 14.53 -9.40
CA LEU D 339 21.10 15.75 -9.39
C LEU D 339 22.41 15.56 -10.15
N ARG D 340 23.05 14.41 -9.99
CA ARG D 340 24.27 14.14 -10.74
C ARG D 340 23.98 14.05 -12.23
N ALA D 341 22.84 13.47 -12.60
CA ALA D 341 22.44 13.41 -14.00
C ALA D 341 22.23 14.82 -14.56
N LEU D 342 21.59 15.69 -13.79
CA LEU D 342 21.44 17.08 -14.22
C LEU D 342 22.79 17.76 -14.40
N ALA D 343 23.71 17.52 -13.45
CA ALA D 343 25.03 18.13 -13.54
C ALA D 343 25.79 17.68 -14.77
N VAL D 344 25.73 16.38 -15.08
CA VAL D 344 26.42 15.91 -16.28
C VAL D 344 25.70 16.39 -17.54
N GLU D 345 24.38 16.59 -17.47
CA GLU D 345 23.65 17.08 -18.63
C GLU D 345 24.04 18.52 -18.97
N THR D 346 24.04 19.40 -17.97
CA THR D 346 24.37 20.79 -18.22
C THR D 346 25.85 21.10 -18.06
N GLU D 347 26.66 20.10 -17.71
CA GLU D 347 28.11 20.25 -17.62
C GLU D 347 28.48 21.37 -16.64
N THR D 348 28.01 21.24 -15.41
CA THR D 348 28.26 22.22 -14.36
C THR D 348 28.77 21.52 -13.11
N VAL D 349 29.54 22.27 -12.31
CA VAL D 349 29.99 21.76 -11.02
C VAL D 349 28.84 21.94 -10.03
N LEU D 350 28.30 20.84 -9.54
CA LEU D 350 27.16 20.86 -8.63
C LEU D 350 27.65 20.67 -7.20
N TRP D 351 27.30 21.62 -6.33
CA TRP D 351 27.68 21.59 -4.93
C TRP D 351 26.43 21.51 -4.07
N THR D 352 26.50 20.72 -2.99
CA THR D 352 25.35 20.46 -2.16
C THR D 352 25.80 20.24 -0.72
N ALA D 353 24.84 20.23 0.19
CA ALA D 353 25.07 19.97 1.60
C ALA D 353 24.28 18.75 2.03
N ALA D 354 24.82 18.04 3.04
CA ALA D 354 24.17 16.86 3.56
C ALA D 354 24.30 16.82 5.07
N GLN D 355 23.24 16.38 5.74
CA GLN D 355 23.25 16.27 7.19
C GLN D 355 23.95 14.99 7.62
N VAL D 356 24.39 14.98 8.88
CA VAL D 356 24.95 13.79 9.50
C VAL D 356 23.94 13.29 10.54
N GLY D 357 24.17 12.08 11.02
CA GLY D 357 23.29 11.50 12.00
C GLY D 357 23.38 12.20 13.35
N LYS D 358 22.38 11.93 14.19
CA LYS D 358 22.35 12.53 15.51
C LYS D 358 23.55 12.12 16.36
N GLN D 359 24.10 10.93 16.12
CA GLN D 359 25.23 10.44 16.90
C GLN D 359 26.52 11.18 16.57
N ALA D 360 26.61 11.81 15.40
CA ALA D 360 27.81 12.52 15.00
C ALA D 360 27.85 13.95 15.52
N TRP D 361 26.73 14.47 16.02
CA TRP D 361 26.70 15.84 16.52
C TRP D 361 27.55 15.97 17.77
N ASP D 362 28.23 17.11 17.90
CA ASP D 362 29.09 17.41 19.04
C ASP D 362 30.14 16.32 19.24
N SER D 363 30.72 15.85 18.14
CA SER D 363 31.76 14.83 18.17
C SER D 363 33.02 15.38 17.51
N SER D 364 34.17 14.99 18.06
CA SER D 364 35.45 15.47 17.55
C SER D 364 35.81 14.87 16.19
N ASP D 365 35.07 13.86 15.73
CA ASP D 365 35.36 13.23 14.45
C ASP D 365 34.04 12.78 13.83
N VAL D 366 33.95 12.90 12.51
CA VAL D 366 32.78 12.50 11.74
C VAL D 366 33.24 11.53 10.67
N ASN D 367 32.67 10.33 10.67
CA ASN D 367 33.01 9.30 9.71
C ASN D 367 32.00 9.29 8.56
N MET D 368 32.34 8.57 7.50
CA MET D 368 31.45 8.45 6.35
C MET D 368 30.18 7.71 6.71
N SER D 369 30.24 6.81 7.68
CA SER D 369 29.06 6.06 8.13
C SER D 369 28.08 6.94 8.89
N ASP D 370 28.45 8.17 9.23
CA ASP D 370 27.57 9.08 9.95
C ASP D 370 26.62 9.84 9.04
N ILE D 371 26.63 9.56 7.73
CA ILE D 371 25.70 10.21 6.82
C ILE D 371 24.28 9.92 7.27
N ALA D 372 23.41 10.93 7.16
CA ALA D 372 22.13 10.87 7.84
C ALA D 372 21.10 10.05 7.08
N GLU D 373 20.74 10.49 5.87
CA GLU D 373 19.51 10.00 5.26
C GLU D 373 19.69 8.80 4.34
N SER D 374 20.91 8.54 3.85
CA SER D 374 21.10 7.42 2.95
C SER D 374 22.59 7.06 2.89
N ALA D 375 22.87 5.77 2.80
CA ALA D 375 24.22 5.30 2.52
C ALA D 375 24.56 5.35 1.04
N GLY D 376 23.55 5.50 0.17
CA GLY D 376 23.80 5.61 -1.26
C GLY D 376 24.35 6.94 -1.70
N LEU D 377 24.10 8.00 -0.93
CA LEU D 377 24.63 9.32 -1.28
C LEU D 377 26.15 9.34 -1.38
N PRO D 378 26.92 8.78 -0.43
CA PRO D 378 28.37 8.69 -0.64
C PRO D 378 28.74 7.88 -1.87
N ALA D 379 27.93 6.87 -2.23
CA ALA D 379 28.26 6.05 -3.38
C ALA D 379 28.00 6.77 -4.70
N THR D 380 27.03 7.69 -4.73
CA THR D 380 26.68 8.40 -5.95
C THR D 380 27.18 9.85 -5.97
N ALA D 381 28.23 10.13 -5.21
CA ALA D 381 28.78 11.51 -5.11
C ALA D 381 30.26 11.54 -5.47
N ASP D 382 30.68 12.47 -6.32
CA ASP D 382 32.10 12.51 -6.78
C ASP D 382 33.03 12.89 -5.63
N PHE D 383 32.71 13.93 -4.87
CA PHE D 383 33.60 14.38 -3.77
C PHE D 383 32.75 14.76 -2.56
N MET D 384 33.21 14.39 -1.36
CA MET D 384 32.50 14.79 -0.13
C MET D 384 33.53 15.36 0.85
N LEU D 385 33.14 16.40 1.58
CA LEU D 385 34.05 16.98 2.61
C LEU D 385 33.27 17.11 3.91
N ALA D 386 33.84 16.65 5.01
CA ALA D 386 33.19 16.68 6.32
C ALA D 386 33.69 17.89 7.11
N VAL D 387 32.76 18.70 7.60
CA VAL D 387 33.08 19.88 8.38
C VAL D 387 32.86 19.56 9.85
N ILE D 388 33.92 19.67 10.65
CA ILE D 388 33.90 19.30 12.05
C ILE D 388 34.30 20.51 12.88
N GLU D 389 33.51 20.81 13.90
CA GLU D 389 33.77 21.93 14.80
C GLU D 389 33.59 21.47 16.24
N THR D 390 34.62 21.69 17.05
CA THR D 390 34.58 21.45 18.48
C THR D 390 34.68 22.78 19.22
N GLU D 391 34.60 22.72 20.55
CA GLU D 391 34.70 23.94 21.34
C GLU D 391 36.07 24.58 21.20
N GLU D 392 37.13 23.78 21.20
CA GLU D 392 38.48 24.30 21.01
C GLU D 392 38.63 24.92 19.63
N LEU D 393 38.10 24.25 18.59
CA LEU D 393 38.15 24.80 17.25
C LEU D 393 37.33 26.07 17.13
N ALA D 394 36.15 26.10 17.76
CA ALA D 394 35.32 27.29 17.73
C ALA D 394 36.02 28.46 18.41
N ALA D 395 36.70 28.21 19.53
CA ALA D 395 37.44 29.26 20.20
C ALA D 395 38.62 29.76 19.38
N ALA D 396 39.13 28.94 18.45
CA ALA D 396 40.24 29.32 17.59
C ALA D 396 39.78 29.84 16.24
N GLU D 397 38.47 29.98 16.03
CA GLU D 397 37.90 30.43 14.76
C GLU D 397 38.36 29.54 13.60
N GLN D 398 38.40 28.23 13.84
CA GLN D 398 38.83 27.27 12.84
C GLN D 398 37.86 26.09 12.80
N GLN D 399 37.85 25.41 11.66
CA GLN D 399 37.09 24.19 11.47
C GLN D 399 37.96 23.15 10.80
N LEU D 400 37.74 21.88 11.16
CA LEU D 400 38.54 20.78 10.58
C LEU D 400 37.76 20.16 9.42
N ILE D 401 38.29 20.27 8.20
CA ILE D 401 37.63 19.67 7.02
C ILE D 401 38.30 18.32 6.77
N LYS D 402 37.54 17.23 6.84
CA LYS D 402 38.09 15.88 6.60
C LYS D 402 37.64 15.41 5.22
N GLN D 403 38.57 14.88 4.42
CA GLN D 403 38.22 14.37 3.07
C GLN D 403 37.58 13.00 3.28
N ILE D 404 36.27 12.89 3.06
CA ILE D 404 35.56 11.60 3.35
C ILE D 404 35.50 10.76 2.07
N LYS D 405 35.03 11.31 0.97
CA LYS D 405 35.06 10.59 -0.32
C LYS D 405 35.79 11.49 -1.31
N SER D 406 37.03 11.15 -1.67
CA SER D 406 37.82 12.03 -2.56
C SER D 406 38.04 11.31 -3.88
N ARG D 407 37.18 11.58 -4.84
CA ARG D 407 37.29 10.88 -6.12
C ARG D 407 38.29 11.51 -7.07
N TYR D 408 38.74 12.73 -6.81
CA TYR D 408 39.72 13.40 -7.65
C TYR D 408 41.16 13.10 -7.24
N GLY D 409 41.35 12.43 -6.10
CA GLY D 409 42.69 12.16 -5.64
C GLY D 409 42.67 11.18 -4.49
N ASP D 410 43.84 10.98 -3.90
CA ASP D 410 43.97 10.08 -2.76
C ASP D 410 43.54 10.81 -1.50
N LYS D 411 42.54 10.25 -0.81
CA LYS D 411 41.98 10.88 0.40
C LYS D 411 42.94 10.69 1.58
N ASN D 412 43.78 9.66 1.55
CA ASN D 412 44.66 9.40 2.71
C ASN D 412 45.60 10.60 2.88
N LYS D 413 46.06 11.17 1.76
CA LYS D 413 46.95 12.36 1.80
C LYS D 413 46.12 13.60 2.15
N TRP D 414 46.60 14.42 3.09
CA TRP D 414 45.89 15.65 3.49
C TRP D 414 44.45 15.32 3.89
N ASN D 415 44.23 14.29 4.71
CA ASN D 415 42.85 13.87 5.05
C ASN D 415 42.17 14.94 5.90
N LYS D 416 42.90 15.49 6.88
CA LYS D 416 42.30 16.51 7.79
C LYS D 416 43.17 17.76 7.79
N PHE D 417 42.60 18.91 7.43
CA PHE D 417 43.33 20.21 7.50
C PHE D 417 42.39 21.20 8.19
N LEU D 418 42.93 22.28 8.75
CA LEU D 418 42.10 23.22 9.52
C LEU D 418 41.83 24.47 8.69
N MET D 419 40.58 24.70 8.30
CA MET D 419 40.25 25.95 7.59
C MET D 419 40.05 27.04 8.64
N GLY D 420 40.17 28.31 8.23
CA GLY D 420 39.95 29.40 9.18
C GLY D 420 38.58 29.99 9.02
N VAL D 421 37.54 29.19 9.14
CA VAL D 421 36.23 29.82 8.95
C VAL D 421 36.09 31.05 9.85
N GLN D 422 35.63 32.15 9.25
CA GLN D 422 35.21 33.34 9.98
C GLN D 422 33.71 33.45 9.86
N LYS D 423 33.00 33.20 10.97
CA LYS D 423 31.54 33.11 10.90
C LYS D 423 30.89 34.48 10.72
N GLY D 424 31.55 35.55 11.16
CA GLY D 424 30.99 36.87 10.96
C GLY D 424 30.92 37.27 9.50
N ASN D 425 31.97 36.95 8.74
CA ASN D 425 32.05 37.31 7.33
C ASN D 425 31.62 36.19 6.40
N GLN D 426 31.23 35.03 6.93
CA GLN D 426 30.79 33.89 6.13
C GLN D 426 31.86 33.51 5.10
N LYS D 427 33.11 33.42 5.55
CA LYS D 427 34.24 33.23 4.67
C LYS D 427 35.14 32.12 5.18
N TRP D 428 35.72 31.37 4.25
CA TRP D 428 36.76 30.38 4.54
C TRP D 428 38.10 30.98 4.15
N VAL D 429 39.07 30.89 5.06
CA VAL D 429 40.42 31.36 4.80
C VAL D 429 41.39 30.23 5.13
N GLU D 430 42.53 30.22 4.44
CA GLU D 430 43.53 29.20 4.68
C GLU D 430 44.44 29.60 5.84
N ILE D 431 45.21 28.62 6.32
CA ILE D 431 46.17 28.84 7.40
C ILE D 431 47.60 28.83 6.89
N GLU D 432 47.83 28.39 5.66
CA GLU D 432 49.18 28.38 5.08
C GLU D 432 49.71 29.80 4.90
N MET E 1 -1.42 -28.28 -34.16
CA MET E 1 -0.24 -28.41 -35.02
C MET E 1 0.05 -29.86 -35.35
N VAL E 2 -1.01 -30.65 -35.52
CA VAL E 2 -0.84 -32.07 -35.80
C VAL E 2 -0.14 -32.27 -37.15
N GLU E 3 -0.44 -31.40 -38.12
CA GLU E 3 0.17 -31.53 -39.43
C GLU E 3 1.68 -31.36 -39.35
N ILE E 4 2.15 -30.37 -38.57
CA ILE E 4 3.58 -30.16 -38.40
C ILE E 4 4.22 -31.36 -37.71
N ILE E 5 3.55 -31.90 -36.69
CA ILE E 5 4.11 -33.03 -35.95
C ILE E 5 4.26 -34.24 -36.86
N LEU E 6 3.24 -34.53 -37.65
CA LEU E 6 3.32 -35.67 -38.56
C LEU E 6 4.36 -35.45 -39.65
N SER E 7 4.42 -34.23 -40.21
CA SER E 7 5.37 -33.95 -41.27
C SER E 7 6.81 -34.10 -40.76
N HIS E 8 7.10 -33.59 -39.57
CA HIS E 8 8.44 -33.73 -39.03
C HIS E 8 8.70 -35.10 -38.41
N LEU E 9 7.66 -35.89 -38.17
CA LEU E 9 7.89 -37.30 -37.85
C LEU E 9 8.36 -38.06 -39.08
N ILE E 10 7.68 -37.85 -40.21
CA ILE E 10 8.05 -38.55 -41.43
C ILE E 10 9.37 -38.03 -41.99
N PHE E 11 9.53 -36.72 -42.04
CA PHE E 11 10.60 -36.09 -42.82
C PHE E 11 11.76 -35.59 -41.98
N ASP E 12 11.84 -35.94 -40.70
CA ASP E 12 12.94 -35.49 -39.86
C ASP E 12 13.32 -36.59 -38.89
N GLN E 13 14.56 -37.07 -38.98
CA GLN E 13 15.02 -38.14 -38.10
C GLN E 13 15.33 -37.62 -36.70
N ALA E 14 15.88 -36.41 -36.60
CA ALA E 14 16.20 -35.85 -35.29
C ALA E 14 14.93 -35.64 -34.46
N TYR E 15 13.87 -35.14 -35.10
CA TYR E 15 12.60 -34.99 -34.41
C TYR E 15 12.02 -36.35 -34.02
N PHE E 16 12.12 -37.33 -34.91
CA PHE E 16 11.61 -38.67 -34.62
C PHE E 16 12.38 -39.33 -33.48
N SER E 17 13.64 -38.96 -33.29
CA SER E 17 14.48 -39.59 -32.28
C SER E 17 14.27 -39.01 -30.88
N LYS E 18 13.45 -37.98 -30.73
CA LYS E 18 13.22 -37.36 -29.43
C LYS E 18 11.76 -37.31 -29.01
N VAL E 19 10.84 -37.54 -29.96
CA VAL E 19 9.38 -37.43 -29.68
C VAL E 19 8.69 -38.79 -29.78
N TRP E 20 9.16 -39.69 -30.65
CA TRP E 20 8.47 -41.00 -30.85
C TRP E 20 8.42 -41.77 -29.53
N PRO E 21 9.45 -41.72 -28.66
CA PRO E 21 9.37 -42.39 -27.37
C PRO E 21 8.09 -42.00 -26.63
N TYR E 22 7.65 -40.75 -26.75
CA TYR E 22 6.47 -40.27 -26.00
C TYR E 22 5.38 -39.82 -26.98
N MET E 23 4.59 -40.77 -27.48
CA MET E 23 3.55 -40.45 -28.49
C MET E 23 2.50 -41.56 -28.47
N ASP E 24 1.21 -41.20 -28.47
CA ASP E 24 0.12 -42.16 -28.42
C ASP E 24 -0.99 -41.71 -29.35
N SER E 25 -1.83 -42.67 -29.75
CA SER E 25 -2.96 -42.35 -30.63
C SER E 25 -3.98 -41.47 -29.92
N GLU E 26 -4.07 -41.54 -28.59
CA GLU E 26 -5.00 -40.70 -27.85
C GLU E 26 -4.61 -39.23 -27.87
N TYR E 27 -3.33 -38.93 -28.14
CA TYR E 27 -2.86 -37.56 -28.09
C TYR E 27 -3.29 -36.70 -29.26
N PHE E 28 -3.66 -37.30 -30.39
CA PHE E 28 -3.80 -36.51 -31.62
C PHE E 28 -5.22 -36.01 -31.85
N GLU E 29 -6.15 -36.92 -32.09
CA GLU E 29 -7.51 -36.57 -32.47
C GLU E 29 -8.34 -37.85 -32.50
N SER E 30 -9.58 -37.74 -32.96
CA SER E 30 -10.43 -38.90 -33.22
C SER E 30 -10.73 -39.09 -34.69
N GLY E 31 -10.19 -38.24 -35.57
CA GLY E 31 -10.48 -38.30 -36.97
C GLY E 31 -9.27 -38.67 -37.82
N PRO E 32 -9.03 -37.91 -38.88
CA PRO E 32 -7.92 -38.24 -39.79
C PRO E 32 -6.56 -38.22 -39.14
N ALA E 33 -6.34 -37.35 -38.14
CA ALA E 33 -5.05 -37.28 -37.48
C ALA E 33 -4.72 -38.59 -36.76
N LYS E 34 -5.68 -39.13 -36.02
CA LYS E 34 -5.43 -40.37 -35.30
C LYS E 34 -5.19 -41.52 -36.28
N ASN E 35 -5.94 -41.57 -37.38
CA ASN E 35 -5.74 -42.63 -38.35
C ASN E 35 -4.37 -42.54 -39.02
N THR E 36 -3.94 -41.31 -39.35
CA THR E 36 -2.61 -41.15 -39.93
C THR E 36 -1.52 -41.58 -38.95
N PHE E 37 -1.66 -41.19 -37.68
CA PHE E 37 -0.67 -41.61 -36.69
C PHE E 37 -0.70 -43.12 -36.47
N LYS E 38 -1.88 -43.72 -36.55
CA LYS E 38 -1.98 -45.18 -36.43
C LYS E 38 -1.29 -45.87 -37.59
N LEU E 39 -1.44 -45.33 -38.80
CA LEU E 39 -0.72 -45.88 -39.95
C LEU E 39 0.79 -45.77 -39.75
N ILE E 40 1.25 -44.61 -39.28
CA ILE E 40 2.68 -44.43 -39.04
C ILE E 40 3.18 -45.42 -37.98
N LYS E 41 2.43 -45.58 -36.89
CA LYS E 41 2.83 -46.50 -35.83
C LYS E 41 2.83 -47.94 -36.31
N SER E 42 1.82 -48.34 -37.08
CA SER E 42 1.79 -49.70 -37.62
C SER E 42 2.97 -49.95 -38.54
N HIS E 43 3.30 -48.98 -39.40
CA HIS E 43 4.41 -49.17 -40.32
C HIS E 43 5.74 -49.25 -39.57
N VAL E 44 5.92 -48.40 -38.54
CA VAL E 44 7.18 -48.44 -37.80
C VAL E 44 7.28 -49.71 -36.97
N ASN E 45 6.15 -50.26 -36.51
CA ASN E 45 6.18 -51.51 -35.76
C ASN E 45 6.51 -52.68 -36.67
N GLU E 46 5.86 -52.76 -37.84
CA GLU E 46 6.13 -53.86 -38.75
C GLU E 46 7.54 -53.77 -39.32
N TYR E 47 8.02 -52.56 -39.61
CA TYR E 47 9.34 -52.33 -40.16
C TYR E 47 9.98 -51.19 -39.40
N HIS E 48 11.09 -51.46 -38.72
CA HIS E 48 11.66 -50.51 -37.78
C HIS E 48 12.34 -49.34 -38.50
N SER E 49 11.55 -48.52 -39.18
CA SER E 49 12.05 -47.31 -39.83
C SER E 49 10.90 -46.36 -40.04
N VAL E 50 11.23 -45.10 -40.26
CA VAL E 50 10.20 -44.07 -40.51
C VAL E 50 9.66 -44.24 -41.92
N PRO E 51 8.34 -44.33 -42.10
CA PRO E 51 7.78 -44.53 -43.45
C PRO E 51 7.90 -43.29 -44.31
N SER E 52 7.79 -43.51 -45.62
CA SER E 52 7.76 -42.44 -46.60
C SER E 52 6.33 -42.20 -47.07
N ILE E 53 6.15 -41.16 -47.89
CA ILE E 53 4.81 -40.81 -48.36
C ILE E 53 4.25 -41.91 -49.24
N ASN E 54 5.06 -42.45 -50.14
CA ASN E 54 4.58 -43.53 -51.01
C ASN E 54 4.24 -44.77 -50.19
N ALA E 55 5.11 -45.13 -49.23
CA ALA E 55 4.84 -46.28 -48.38
C ALA E 55 3.60 -46.05 -47.52
N LEU E 56 3.44 -44.83 -47.01
CA LEU E 56 2.26 -44.51 -46.20
C LEU E 56 0.99 -44.62 -47.04
N ASN E 57 1.03 -44.15 -48.28
CA ASN E 57 -0.15 -44.25 -49.15
C ASN E 57 -0.45 -45.69 -49.50
N VAL E 58 0.58 -46.51 -49.74
CA VAL E 58 0.37 -47.93 -50.01
C VAL E 58 -0.27 -48.61 -48.81
N ALA E 59 0.23 -48.29 -47.60
CA ALA E 59 -0.36 -48.85 -46.39
C ALA E 59 -1.81 -48.41 -46.22
N LEU E 60 -2.10 -47.14 -46.55
CA LEU E 60 -3.47 -46.64 -46.47
C LEU E 60 -4.37 -47.39 -47.44
N GLU E 61 -3.87 -47.69 -48.64
CA GLU E 61 -4.62 -48.51 -49.58
C GLU E 61 -4.85 -49.91 -49.02
N ASN E 62 -3.83 -50.49 -48.38
CA ASN E 62 -3.97 -51.82 -47.78
C ASN E 62 -4.94 -51.79 -46.61
N SER E 63 -4.82 -50.79 -45.75
CA SER E 63 -5.70 -50.69 -44.59
C SER E 63 -7.12 -50.31 -45.02
N SER E 64 -8.09 -50.64 -44.17
CA SER E 64 -9.50 -50.46 -44.47
C SER E 64 -10.07 -49.34 -43.62
N PHE E 65 -10.68 -48.36 -44.28
CA PHE E 65 -11.37 -47.26 -43.62
C PHE E 65 -12.67 -46.98 -44.37
N THR E 66 -13.61 -46.35 -43.66
CA THR E 66 -14.82 -45.90 -44.32
C THR E 66 -14.50 -44.72 -45.24
N GLU E 67 -15.50 -44.33 -46.03
CA GLU E 67 -15.28 -43.35 -47.09
C GLU E 67 -14.82 -42.01 -46.52
N THR E 68 -15.49 -41.55 -45.46
CA THR E 68 -15.15 -40.22 -44.88
C THR E 68 -13.72 -40.28 -44.35
N GLU E 69 -13.41 -41.30 -43.55
CA GLU E 69 -12.09 -41.40 -42.96
C GLU E 69 -11.02 -41.59 -44.04
N TYR E 70 -11.34 -42.35 -45.09
CA TYR E 70 -10.40 -42.52 -46.20
C TYR E 70 -10.09 -41.18 -46.86
N SER E 71 -11.13 -40.38 -47.12
CA SER E 71 -10.93 -39.07 -47.73
C SER E 71 -10.12 -38.15 -46.80
N GLY E 72 -10.45 -38.16 -45.51
CA GLY E 72 -9.71 -37.32 -44.58
C GLY E 72 -8.24 -37.70 -44.51
N VAL E 73 -7.95 -39.01 -44.46
CA VAL E 73 -6.57 -39.46 -44.40
C VAL E 73 -5.83 -39.11 -45.68
N LYS E 74 -6.47 -39.28 -46.85
CA LYS E 74 -5.81 -38.91 -48.09
C LYS E 74 -5.49 -37.41 -48.12
N THR E 75 -6.46 -36.59 -47.73
CA THR E 75 -6.24 -35.14 -47.72
C THR E 75 -5.11 -34.78 -46.76
N LEU E 76 -5.08 -35.39 -45.57
CA LEU E 76 -4.04 -35.07 -44.60
C LEU E 76 -2.67 -35.53 -45.09
N ILE E 77 -2.60 -36.73 -45.69
CA ILE E 77 -1.32 -37.24 -46.19
C ILE E 77 -0.80 -36.36 -47.32
N SER E 78 -1.70 -35.83 -48.15
CA SER E 78 -1.27 -34.92 -49.21
C SER E 78 -0.54 -33.70 -48.65
N LYS E 79 -0.89 -33.31 -47.42
CA LYS E 79 -0.34 -32.09 -46.80
C LYS E 79 0.82 -32.43 -45.85
N LEU E 80 1.95 -32.81 -46.45
CA LEU E 80 3.17 -33.08 -45.68
C LEU E 80 4.36 -32.57 -46.47
N ALA E 81 5.14 -31.69 -45.86
CA ALA E 81 6.35 -31.14 -46.46
C ALA E 81 7.49 -31.18 -45.44
N ASP E 82 8.71 -30.99 -45.95
CA ASP E 82 9.88 -30.99 -45.08
C ASP E 82 9.81 -29.83 -44.09
N SER E 83 9.84 -28.59 -44.60
CA SER E 83 9.68 -27.38 -43.80
C SER E 83 10.64 -27.36 -42.62
N PRO E 84 11.93 -27.11 -42.86
CA PRO E 84 12.93 -27.23 -41.77
C PRO E 84 12.81 -26.15 -40.72
N GLU E 85 11.89 -26.31 -39.78
CA GLU E 85 11.77 -25.38 -38.66
C GLU E 85 12.86 -25.63 -37.63
N ASP E 86 12.95 -24.72 -36.66
CA ASP E 86 13.93 -24.85 -35.59
C ASP E 86 13.61 -26.06 -34.73
N HIS E 87 14.66 -26.74 -34.27
CA HIS E 87 14.47 -27.96 -33.48
C HIS E 87 13.98 -27.66 -32.07
N SER E 88 14.55 -26.63 -31.43
CA SER E 88 14.17 -26.31 -30.06
C SER E 88 12.70 -25.88 -29.98
N TRP E 89 12.29 -24.98 -30.88
CA TRP E 89 10.90 -24.57 -30.88
C TRP E 89 9.98 -25.74 -31.18
N LEU E 90 10.38 -26.61 -32.11
CA LEU E 90 9.54 -27.74 -32.48
C LEU E 90 9.33 -28.68 -31.30
N VAL E 91 10.41 -29.00 -30.57
CA VAL E 91 10.28 -29.92 -29.44
C VAL E 91 9.49 -29.27 -28.31
N LYS E 92 9.71 -27.97 -28.06
CA LYS E 92 8.93 -27.31 -27.02
C LYS E 92 7.45 -27.28 -27.37
N GLU E 93 7.13 -26.98 -28.63
CA GLU E 93 5.74 -26.90 -29.04
C GLU E 93 5.06 -28.26 -29.00
N THR E 94 5.76 -29.32 -29.42
CA THR E 94 5.15 -30.64 -29.36
C THR E 94 5.00 -31.10 -27.92
N GLU E 95 5.92 -30.73 -27.03
CA GLU E 95 5.74 -31.03 -25.62
C GLU E 95 4.51 -30.33 -25.07
N LYS E 96 4.31 -29.06 -25.43
CA LYS E 96 3.12 -28.34 -24.97
C LYS E 96 1.85 -28.98 -25.51
N TYR E 97 1.85 -29.35 -26.79
CA TYR E 97 0.68 -29.98 -27.38
C TYR E 97 0.35 -31.32 -26.70
N VAL E 98 1.39 -32.13 -26.45
CA VAL E 98 1.17 -33.40 -25.78
C VAL E 98 0.63 -33.19 -24.37
N GLN E 99 1.18 -32.21 -23.65
CA GLN E 99 0.72 -31.94 -22.29
C GLN E 99 -0.75 -31.50 -22.28
N GLN E 100 -1.13 -30.60 -23.19
CA GLN E 100 -2.51 -30.12 -23.18
C GLN E 100 -3.49 -31.21 -23.59
N ARG E 101 -3.12 -32.03 -24.58
CA ARG E 101 -4.02 -33.12 -24.97
C ARG E 101 -4.13 -34.15 -23.86
N ALA E 102 -3.04 -34.45 -23.17
CA ALA E 102 -3.08 -35.39 -22.05
C ALA E 102 -3.96 -34.85 -20.92
N MET E 103 -3.86 -33.55 -20.63
CA MET E 103 -4.71 -32.96 -19.61
C MET E 103 -6.18 -33.03 -19.99
N PHE E 104 -6.48 -32.76 -21.26
CA PHE E 104 -7.86 -32.87 -21.73
C PHE E 104 -8.39 -34.29 -21.59
N ASN E 105 -7.58 -35.28 -21.98
CA ASN E 105 -8.00 -36.67 -21.86
C ASN E 105 -8.20 -37.07 -20.40
N ALA E 106 -7.31 -36.61 -19.52
CA ALA E 106 -7.46 -36.93 -18.10
C ALA E 106 -8.72 -36.31 -17.50
N THR E 107 -9.01 -35.07 -17.88
CA THR E 107 -10.24 -34.43 -17.39
C THR E 107 -11.47 -35.18 -17.88
N SER E 108 -11.49 -35.56 -19.16
CA SER E 108 -12.62 -36.33 -19.68
C SER E 108 -12.73 -37.67 -18.95
N LYS E 109 -11.60 -38.31 -18.67
CA LYS E 109 -11.63 -39.61 -17.98
C LYS E 109 -12.19 -39.47 -16.57
N ILE E 110 -11.77 -38.45 -15.83
CA ILE E 110 -12.30 -38.29 -14.47
C ILE E 110 -13.76 -37.88 -14.49
N ILE E 111 -14.19 -37.11 -15.49
CA ILE E 111 -15.61 -36.77 -15.61
C ILE E 111 -16.42 -38.03 -15.87
N GLU E 112 -15.92 -38.91 -16.74
CA GLU E 112 -16.61 -40.17 -17.00
C GLU E 112 -16.64 -41.04 -15.75
N ILE E 113 -15.55 -41.06 -14.98
CA ILE E 113 -15.53 -41.82 -13.73
C ILE E 113 -16.58 -41.30 -12.76
N GLN E 114 -16.68 -39.98 -12.63
CA GLN E 114 -17.68 -39.39 -11.74
C GLN E 114 -19.10 -39.71 -12.21
N THR E 115 -19.34 -39.63 -13.53
CA THR E 115 -20.66 -39.94 -14.05
C THR E 115 -21.02 -41.40 -13.82
N ASN E 116 -20.06 -42.30 -14.00
CA ASN E 116 -20.30 -43.72 -13.78
C ASN E 116 -20.52 -44.03 -12.30
N ALA E 117 -19.87 -43.27 -11.41
CA ALA E 117 -20.02 -43.52 -9.98
C ALA E 117 -21.45 -43.28 -9.52
N GLU E 118 -22.12 -42.26 -10.07
CA GLU E 118 -23.48 -41.96 -9.67
C GLU E 118 -24.49 -42.99 -10.14
N LEU E 119 -24.12 -43.83 -11.09
CA LEU E 119 -25.03 -44.85 -11.59
C LEU E 119 -25.26 -45.93 -10.52
N PRO E 120 -26.41 -46.61 -10.56
CA PRO E 120 -26.63 -47.72 -9.65
C PRO E 120 -25.61 -48.82 -9.89
N PRO E 121 -25.28 -49.59 -8.85
CA PRO E 121 -24.23 -50.62 -9.01
C PRO E 121 -24.53 -51.64 -10.10
N GLU E 122 -25.80 -51.98 -10.32
CA GLU E 122 -26.14 -52.89 -11.40
C GLU E 122 -25.82 -52.30 -12.76
N LYS E 123 -26.14 -51.02 -12.96
CA LYS E 123 -25.95 -50.39 -14.26
C LYS E 123 -24.50 -50.00 -14.51
N ARG E 124 -23.74 -49.70 -13.47
CA ARG E 124 -22.40 -49.14 -13.65
C ARG E 124 -21.44 -50.18 -14.24
N ASN E 125 -20.47 -49.68 -14.99
CA ASN E 125 -19.46 -50.51 -15.62
C ASN E 125 -18.32 -50.79 -14.64
N LYS E 126 -17.88 -52.04 -14.58
CA LYS E 126 -16.79 -52.43 -13.71
C LYS E 126 -15.42 -52.10 -14.27
N LYS E 127 -15.32 -51.75 -15.55
CA LYS E 127 -14.02 -51.44 -16.14
C LYS E 127 -13.52 -50.07 -15.68
N MET E 128 -14.41 -49.09 -15.57
CA MET E 128 -14.01 -47.77 -15.14
C MET E 128 -13.56 -47.80 -13.69
N PRO E 129 -12.51 -47.08 -13.33
CA PRO E 129 -12.01 -47.11 -11.96
C PRO E 129 -12.93 -46.34 -11.01
N ASP E 130 -12.69 -46.53 -9.72
CA ASP E 130 -13.44 -45.82 -8.71
C ASP E 130 -12.98 -44.37 -8.62
N VAL E 131 -13.71 -43.59 -7.82
CA VAL E 131 -13.38 -42.17 -7.67
C VAL E 131 -12.02 -41.99 -7.02
N GLY E 132 -11.59 -42.98 -6.22
CA GLY E 132 -10.30 -42.87 -5.55
C GLY E 132 -9.12 -42.83 -6.50
N ALA E 133 -9.33 -43.20 -7.76
CA ALA E 133 -8.30 -43.14 -8.78
C ALA E 133 -8.28 -41.82 -9.53
N ILE E 134 -9.14 -40.87 -9.14
CA ILE E 134 -9.14 -39.55 -9.79
C ILE E 134 -7.82 -38.81 -9.63
N PRO E 135 -7.24 -38.70 -8.42
CA PRO E 135 -6.04 -37.85 -8.29
C PRO E 135 -4.84 -38.34 -9.09
N ASP E 136 -4.45 -39.62 -8.91
CA ASP E 136 -3.26 -40.12 -9.61
C ASP E 136 -3.44 -40.07 -11.12
N ILE E 137 -4.67 -40.28 -11.61
CA ILE E 137 -4.92 -40.11 -13.04
C ILE E 137 -4.57 -38.71 -13.49
N MET E 138 -4.94 -37.71 -12.70
CA MET E 138 -4.58 -36.33 -13.04
C MET E 138 -3.10 -36.05 -12.82
N ARG E 139 -2.39 -36.93 -12.10
CA ARG E 139 -0.98 -36.70 -11.84
C ARG E 139 -0.09 -37.33 -12.91
N GLN E 140 -0.44 -38.52 -13.39
CA GLN E 140 0.31 -39.13 -14.47
C GLN E 140 0.19 -38.33 -15.76
N ALA E 141 -0.84 -37.51 -15.90
CA ALA E 141 -0.97 -36.61 -17.04
C ALA E 141 -0.22 -35.31 -16.84
N LEU E 142 0.40 -35.11 -15.69
CA LEU E 142 1.25 -33.95 -15.43
C LEU E 142 2.73 -34.31 -15.38
N SER E 143 3.08 -35.53 -15.77
CA SER E 143 4.46 -36.01 -15.77
C SER E 143 4.81 -36.62 -17.12
N ILE E 144 4.46 -35.91 -18.20
CA ILE E 144 4.67 -36.41 -19.55
C ILE E 144 5.62 -35.48 -20.29
N SER E 145 6.56 -34.89 -19.56
CA SER E 145 7.57 -34.03 -20.18
C SER E 145 8.49 -34.86 -21.07
N PHE E 146 9.06 -34.20 -22.08
CA PHE E 146 9.97 -34.85 -23.02
C PHE E 146 11.38 -34.76 -22.46
N ASP E 147 11.84 -35.83 -21.82
CA ASP E 147 13.20 -35.87 -21.30
C ASP E 147 13.61 -37.34 -21.18
N SER E 148 14.50 -37.78 -22.06
CA SER E 148 15.00 -39.15 -22.04
C SER E 148 16.29 -39.30 -21.25
N TYR E 149 16.95 -38.21 -20.91
CA TYR E 149 18.21 -38.28 -20.17
C TYR E 149 17.92 -38.48 -18.69
N VAL E 150 18.52 -39.51 -18.10
CA VAL E 150 18.28 -39.81 -16.70
C VAL E 150 19.35 -39.23 -15.79
N GLY E 151 20.56 -39.02 -16.29
CA GLY E 151 21.62 -38.40 -15.54
C GLY E 151 22.80 -39.33 -15.36
N HIS E 152 23.76 -38.86 -14.57
CA HIS E 152 24.96 -39.62 -14.28
C HIS E 152 24.63 -40.88 -13.50
N ASP E 153 25.60 -41.79 -13.41
CA ASP E 153 25.42 -43.03 -12.67
C ASP E 153 26.54 -43.34 -11.70
N TRP E 154 27.71 -42.71 -11.83
CA TRP E 154 28.82 -42.79 -10.89
C TRP E 154 29.53 -44.14 -10.94
N MET E 155 28.96 -45.11 -11.64
CA MET E 155 29.59 -46.42 -11.75
C MET E 155 29.59 -46.89 -13.20
N ASP E 156 28.59 -46.45 -13.96
CA ASP E 156 28.52 -46.74 -15.38
C ASP E 156 29.11 -45.62 -16.23
N ASP E 157 29.54 -44.52 -15.62
CA ASP E 157 30.01 -43.35 -16.36
C ASP E 157 31.25 -42.74 -15.71
N TYR E 158 32.04 -43.54 -14.99
CA TYR E 158 33.21 -42.96 -14.33
C TYR E 158 34.33 -42.65 -15.32
N GLU E 159 34.37 -43.34 -16.46
CA GLU E 159 35.34 -43.01 -17.49
C GLU E 159 35.03 -41.63 -18.09
N ALA E 160 33.77 -41.39 -18.41
CA ALA E 160 33.38 -40.08 -18.94
C ALA E 160 33.62 -38.98 -17.92
N ARG E 161 33.36 -39.27 -16.64
CA ARG E 161 33.60 -38.28 -15.60
C ARG E 161 35.09 -37.98 -15.45
N TRP E 162 35.94 -39.01 -15.55
CA TRP E 162 37.38 -38.78 -15.49
C TRP E 162 37.84 -37.95 -16.69
N LEU E 163 37.28 -38.22 -17.87
CA LEU E 163 37.60 -37.38 -19.02
C LEU E 163 37.15 -35.94 -18.79
N SER E 164 36.00 -35.76 -18.15
CA SER E 164 35.54 -34.41 -17.81
C SER E 164 36.47 -33.74 -16.81
N TYR E 165 37.12 -34.53 -15.93
CA TYR E 165 38.11 -33.95 -15.03
C TYR E 165 39.27 -33.33 -15.79
N MET E 166 39.57 -33.85 -16.97
CA MET E 166 40.66 -33.33 -17.78
C MET E 166 40.28 -32.14 -18.65
N ASN E 167 38.99 -31.79 -18.69
CA ASN E 167 38.53 -30.63 -19.45
C ASN E 167 38.67 -29.39 -18.59
N LYS E 168 39.83 -28.74 -18.70
CA LYS E 168 40.10 -27.50 -17.98
C LYS E 168 39.89 -26.27 -18.85
N ALA E 169 39.13 -26.39 -19.93
CA ALA E 169 38.88 -25.27 -20.82
C ALA E 169 38.01 -24.19 -20.18
N ARG E 170 37.30 -24.53 -19.10
CA ARG E 170 36.48 -23.53 -18.42
C ARG E 170 37.31 -22.54 -17.61
N LYS E 171 38.49 -22.96 -17.16
CA LYS E 171 39.33 -22.10 -16.33
C LYS E 171 39.91 -20.95 -17.14
N VAL E 172 40.05 -19.80 -16.48
CA VAL E 172 40.70 -18.63 -17.06
C VAL E 172 41.69 -18.10 -16.03
N PRO E 173 42.99 -18.09 -16.32
CA PRO E 173 43.98 -17.66 -15.33
C PRO E 173 43.83 -16.18 -14.99
N PHE E 174 44.44 -15.79 -13.87
CA PHE E 174 44.22 -14.48 -13.27
C PHE E 174 45.35 -13.48 -13.52
N LYS E 175 46.52 -13.94 -13.96
CA LYS E 175 47.73 -13.11 -14.12
C LYS E 175 48.30 -12.75 -12.75
N LEU E 176 47.57 -13.11 -11.69
CA LEU E 176 48.05 -12.98 -10.32
C LEU E 176 48.17 -14.38 -9.73
N ARG E 177 49.36 -14.70 -9.22
CA ARG E 177 49.60 -16.06 -8.76
C ARG E 177 48.78 -16.41 -7.53
N ILE E 178 48.53 -15.43 -6.65
CA ILE E 178 47.75 -15.73 -5.45
C ILE E 178 46.30 -16.04 -5.80
N LEU E 179 45.73 -15.28 -6.75
CA LEU E 179 44.35 -15.55 -7.15
C LEU E 179 44.21 -16.89 -7.84
N ASN E 180 45.18 -17.26 -8.67
CA ASN E 180 45.17 -18.59 -9.28
C ASN E 180 45.33 -19.67 -8.22
N LYS E 181 46.16 -19.43 -7.21
CA LYS E 181 46.35 -20.40 -6.13
C LYS E 181 45.06 -20.61 -5.36
N ILE E 182 44.32 -19.53 -5.08
CA ILE E 182 43.11 -19.68 -4.30
C ILE E 182 41.91 -20.10 -5.14
N THR E 183 41.96 -19.96 -6.45
CA THR E 183 40.88 -20.40 -7.33
C THR E 183 41.17 -21.73 -8.00
N LYS E 184 42.30 -22.37 -7.68
CA LYS E 184 42.68 -23.67 -8.26
C LYS E 184 42.71 -23.60 -9.79
N GLY E 185 43.26 -22.52 -10.33
CA GLY E 185 43.42 -22.39 -11.76
C GLY E 185 42.69 -21.23 -12.39
N GLY E 186 42.24 -20.28 -11.57
CA GLY E 186 41.58 -19.09 -12.05
C GLY E 186 40.07 -19.25 -12.07
N ALA E 187 39.42 -18.18 -12.52
CA ALA E 187 37.96 -18.17 -12.60
C ALA E 187 37.48 -19.04 -13.75
N GLU E 188 36.19 -19.37 -13.72
CA GLU E 188 35.57 -20.24 -14.70
C GLU E 188 34.56 -19.46 -15.53
N THR E 189 34.33 -19.94 -16.76
CA THR E 189 33.39 -19.28 -17.64
C THR E 189 31.96 -19.46 -17.17
N GLY E 190 31.13 -18.47 -17.46
CA GLY E 190 29.74 -18.52 -17.07
C GLY E 190 29.50 -18.47 -15.57
N THR E 191 30.24 -17.62 -14.86
CA THR E 191 30.14 -17.51 -13.42
C THR E 191 30.06 -16.04 -13.02
N LEU E 192 29.35 -15.78 -11.92
CA LEU E 192 29.18 -14.43 -11.40
C LEU E 192 30.20 -14.20 -10.29
N ASN E 193 31.24 -13.44 -10.59
CA ASN E 193 32.28 -13.11 -9.64
C ASN E 193 32.11 -11.67 -9.18
N VAL E 194 32.26 -11.45 -7.87
CA VAL E 194 31.97 -10.16 -7.25
C VAL E 194 33.19 -9.70 -6.46
N LEU E 195 33.47 -8.40 -6.51
CA LEU E 195 34.54 -7.79 -5.73
C LEU E 195 33.89 -6.67 -4.90
N MET E 196 33.64 -6.94 -3.63
CA MET E 196 32.90 -6.05 -2.78
C MET E 196 33.82 -5.35 -1.77
N ALA E 197 33.44 -4.13 -1.41
CA ALA E 197 34.17 -3.31 -0.45
C ALA E 197 33.27 -2.14 -0.06
N GLY E 198 33.81 -1.23 0.73
CA GLY E 198 33.08 -0.03 1.11
C GLY E 198 33.14 1.04 0.03
N VAL E 199 32.63 2.21 0.39
CA VAL E 199 32.63 3.34 -0.52
C VAL E 199 34.02 3.98 -0.54
N ASN E 200 34.55 4.19 -1.76
CA ASN E 200 35.85 4.81 -1.96
C ASN E 200 36.98 3.96 -1.36
N VAL E 201 36.93 2.67 -1.64
CA VAL E 201 37.97 1.75 -1.20
C VAL E 201 38.78 1.16 -2.35
N GLY E 202 38.26 1.15 -3.58
CA GLY E 202 39.00 0.59 -4.69
C GLY E 202 38.31 -0.53 -5.44
N LYS E 203 36.98 -0.54 -5.43
CA LYS E 203 36.25 -1.55 -6.19
C LYS E 203 36.48 -1.38 -7.68
N SER E 204 36.29 -0.17 -8.20
CA SER E 204 36.56 0.07 -9.62
C SER E 204 38.05 -0.01 -9.91
N LEU E 205 38.90 0.29 -8.93
CA LEU E 205 40.33 0.07 -9.10
C LEU E 205 40.63 -1.40 -9.33
N GLY E 206 40.03 -2.28 -8.53
CA GLY E 206 40.23 -3.70 -8.72
C GLY E 206 39.64 -4.19 -10.03
N LEU E 207 38.48 -3.67 -10.42
CA LEU E 207 37.88 -4.06 -11.70
C LEU E 207 38.78 -3.66 -12.87
N CYS E 208 39.33 -2.44 -12.84
CA CYS E 208 40.22 -2.01 -13.90
C CYS E 208 41.53 -2.79 -13.89
N SER E 209 42.01 -3.15 -12.71
CA SER E 209 43.22 -3.98 -12.64
C SER E 209 42.97 -5.35 -13.25
N LEU E 210 41.82 -5.95 -12.96
CA LEU E 210 41.48 -7.23 -13.57
C LEU E 210 41.34 -7.08 -15.08
N ALA E 211 40.73 -5.99 -15.54
CA ALA E 211 40.58 -5.76 -16.97
C ALA E 211 41.95 -5.65 -17.65
N ALA E 212 42.88 -4.91 -17.04
CA ALA E 212 44.22 -4.78 -17.62
C ALA E 212 44.96 -6.10 -17.61
N ASP E 213 44.84 -6.87 -16.52
CA ASP E 213 45.51 -8.17 -16.45
C ASP E 213 44.97 -9.13 -17.50
N TYR E 214 43.66 -9.14 -17.70
CA TYR E 214 43.08 -9.99 -18.74
C TYR E 214 43.45 -9.49 -20.14
N LEU E 215 43.57 -8.17 -20.31
CA LEU E 215 43.98 -7.62 -21.60
C LEU E 215 45.40 -8.04 -21.95
N GLN E 216 46.31 -8.03 -20.97
CA GLN E 216 47.69 -8.42 -21.22
C GLN E 216 47.83 -9.91 -21.46
N LEU E 217 46.82 -10.72 -21.16
CA LEU E 217 46.85 -12.15 -21.42
C LEU E 217 46.24 -12.51 -22.77
N GLY E 218 45.73 -11.54 -23.52
CA GLY E 218 45.15 -11.79 -24.82
C GLY E 218 43.66 -11.95 -24.85
N HIS E 219 42.97 -11.73 -23.73
CA HIS E 219 41.52 -11.87 -23.70
C HIS E 219 40.85 -10.62 -24.26
N ASN E 220 39.57 -10.79 -24.61
CA ASN E 220 38.71 -9.67 -24.98
C ASN E 220 37.89 -9.27 -23.76
N VAL E 221 38.02 -8.02 -23.34
CA VAL E 221 37.42 -7.53 -22.11
C VAL E 221 36.41 -6.44 -22.46
N LEU E 222 35.20 -6.58 -21.93
CA LEU E 222 34.13 -5.61 -22.12
C LEU E 222 33.84 -4.96 -20.77
N TYR E 223 34.26 -3.71 -20.60
CA TYR E 223 34.05 -2.96 -19.37
C TYR E 223 32.80 -2.12 -19.53
N ILE E 224 31.81 -2.34 -18.66
CA ILE E 224 30.55 -1.62 -18.69
C ILE E 224 30.52 -0.71 -17.47
N SER E 225 30.70 0.58 -17.70
CA SER E 225 30.70 1.57 -16.63
C SER E 225 29.29 2.06 -16.37
N MET E 226 28.96 2.25 -15.09
CA MET E 226 27.65 2.73 -14.69
C MET E 226 27.67 4.09 -14.02
N GLU E 227 28.82 4.55 -13.53
CA GLU E 227 28.96 5.87 -12.93
C GLU E 227 29.97 6.74 -13.67
N MET E 228 31.15 6.22 -13.96
CA MET E 228 32.20 7.03 -14.57
C MET E 228 32.02 7.09 -16.09
N ALA E 229 32.69 8.07 -16.69
CA ALA E 229 32.69 8.22 -18.14
C ALA E 229 33.67 7.24 -18.78
N GLU E 230 33.53 7.07 -20.10
CA GLU E 230 34.39 6.14 -20.82
C GLU E 230 35.84 6.59 -20.78
N GLU E 231 36.09 7.90 -20.91
CA GLU E 231 37.46 8.39 -20.93
C GLU E 231 38.09 8.32 -19.55
N VAL E 232 37.30 8.43 -18.48
CA VAL E 232 37.85 8.38 -17.13
C VAL E 232 38.36 6.98 -16.82
N CYS E 233 37.57 5.96 -17.11
CA CYS E 233 37.99 4.58 -16.87
C CYS E 233 39.16 4.21 -17.77
N ALA E 234 39.12 4.63 -19.03
CA ALA E 234 40.25 4.39 -19.93
C ALA E 234 41.51 5.06 -19.43
N LYS E 235 41.38 6.17 -18.70
CA LYS E 235 42.56 6.78 -18.07
C LYS E 235 43.15 5.86 -17.01
N ARG E 236 42.29 5.20 -16.23
CA ARG E 236 42.79 4.25 -15.23
C ARG E 236 43.45 3.06 -15.89
N ILE E 237 42.87 2.57 -16.98
CA ILE E 237 43.48 1.46 -17.72
C ILE E 237 44.83 1.88 -18.29
N ASP E 238 44.92 3.13 -18.78
CA ASP E 238 46.20 3.63 -19.28
C ASP E 238 47.22 3.73 -18.15
N ALA E 239 46.80 4.18 -16.97
CA ALA E 239 47.70 4.25 -15.84
C ALA E 239 48.20 2.86 -15.44
N ASN E 240 47.34 1.85 -15.57
CA ASN E 240 47.77 0.49 -15.26
C ASN E 240 48.74 -0.05 -16.31
N MET E 241 48.41 0.14 -17.59
CA MET E 241 49.21 -0.44 -18.67
C MET E 241 50.52 0.31 -18.87
N LEU E 242 50.43 1.60 -19.22
CA LEU E 242 51.63 2.40 -19.43
C LEU E 242 52.45 2.52 -18.14
N ASP E 243 51.80 2.40 -16.99
CA ASP E 243 52.47 2.37 -15.69
C ASP E 243 53.28 3.65 -15.46
N VAL E 244 52.59 4.78 -15.42
CA VAL E 244 53.24 6.02 -15.04
C VAL E 244 52.59 6.60 -13.78
N SER E 245 51.32 7.00 -13.88
CA SER E 245 50.57 7.54 -12.75
C SER E 245 49.16 7.96 -13.18
N LEU E 246 48.35 8.38 -12.21
CA LEU E 246 47.09 9.06 -12.52
C LEU E 246 47.26 10.57 -12.52
N ASP E 247 48.03 11.11 -11.57
CA ASP E 247 48.23 12.56 -11.52
C ASP E 247 49.18 13.03 -12.61
N ASP E 248 50.21 12.25 -12.92
CA ASP E 248 51.16 12.64 -13.95
C ASP E 248 50.48 12.76 -15.31
N ILE E 249 49.44 11.97 -15.55
CA ILE E 249 48.66 12.13 -16.78
C ILE E 249 47.99 13.50 -16.80
N ASP E 250 47.42 13.91 -15.68
CA ASP E 250 46.72 15.19 -15.57
C ASP E 250 47.64 16.36 -15.25
N ASP E 251 48.89 16.09 -14.86
CA ASP E 251 49.84 17.16 -14.55
C ASP E 251 50.83 17.40 -15.68
N GLY E 252 50.67 16.74 -16.82
CA GLY E 252 51.52 16.99 -17.95
C GLY E 252 52.92 16.40 -17.87
N HIS E 253 53.18 15.53 -16.89
CA HIS E 253 54.49 14.93 -16.78
C HIS E 253 54.79 13.93 -17.89
N ILE E 254 53.79 13.55 -18.68
CA ILE E 254 53.97 12.66 -19.81
C ILE E 254 53.79 13.48 -21.09
N SER E 255 54.82 13.50 -21.91
CA SER E 255 54.72 14.17 -23.20
C SER E 255 54.07 13.25 -24.23
N TYR E 256 53.62 13.83 -25.34
CA TYR E 256 52.96 13.07 -26.37
C TYR E 256 53.88 12.04 -27.03
N ALA E 257 55.19 12.29 -26.96
CA ALA E 257 56.17 11.35 -27.52
C ALA E 257 56.16 10.05 -26.70
N GLU E 258 56.38 10.18 -25.39
CA GLU E 258 56.39 8.99 -24.49
C GLU E 258 55.03 8.30 -24.56
N TYR E 259 53.95 9.09 -24.57
CA TYR E 259 52.58 8.52 -24.63
C TYR E 259 52.44 7.64 -25.88
N LYS E 260 52.85 8.18 -27.04
CA LYS E 260 52.74 7.42 -28.31
C LYS E 260 53.66 6.19 -28.26
N GLY E 261 54.93 6.40 -27.92
CA GLY E 261 55.89 5.28 -27.89
C GLY E 261 55.33 4.09 -27.13
N LYS E 262 54.69 4.34 -25.98
CA LYS E 262 54.20 3.25 -25.16
C LYS E 262 52.98 2.58 -25.79
N MET E 263 52.06 3.37 -26.35
CA MET E 263 50.88 2.78 -26.97
C MET E 263 51.27 1.93 -28.18
N GLU E 264 52.22 2.40 -28.99
CA GLU E 264 52.65 1.62 -30.14
C GLU E 264 53.42 0.37 -29.71
N LYS E 265 54.22 0.47 -28.64
CA LYS E 265 54.91 -0.72 -28.13
C LYS E 265 53.92 -1.77 -27.65
N TRP E 266 52.84 -1.34 -26.99
CA TRP E 266 51.81 -2.29 -26.59
C TRP E 266 51.06 -2.83 -27.80
N ARG E 267 50.90 -2.03 -28.84
CA ARG E 267 50.27 -2.51 -30.07
C ARG E 267 51.12 -3.59 -30.73
N GLU E 268 52.44 -3.44 -30.68
CA GLU E 268 53.32 -4.41 -31.32
C GLU E 268 53.23 -5.79 -30.65
N LYS E 269 52.85 -5.82 -29.38
CA LYS E 269 52.73 -7.09 -28.68
C LYS E 269 51.62 -7.94 -29.29
N SER E 270 51.93 -9.23 -29.50
CA SER E 270 50.94 -10.17 -30.01
C SER E 270 50.15 -10.85 -28.91
N THR E 271 50.51 -10.62 -27.65
CA THR E 271 49.82 -11.19 -26.51
C THR E 271 48.74 -10.27 -25.94
N LEU E 272 48.47 -9.15 -26.61
CA LEU E 272 47.48 -8.19 -26.15
C LEU E 272 46.13 -8.49 -26.80
N GLY E 273 45.07 -8.19 -26.07
CA GLY E 273 43.72 -8.42 -26.57
C GLY E 273 43.01 -7.14 -26.97
N ARG E 274 41.70 -7.11 -26.77
CA ARG E 274 40.88 -5.95 -27.12
C ARG E 274 40.04 -5.55 -25.92
N LEU E 275 39.94 -4.24 -25.68
CA LEU E 275 39.19 -3.70 -24.56
C LEU E 275 38.21 -2.65 -25.06
N ILE E 276 36.93 -2.83 -24.74
CA ILE E 276 35.88 -1.88 -25.10
C ILE E 276 35.22 -1.40 -23.81
N VAL E 277 35.12 -0.08 -23.65
CA VAL E 277 34.53 0.54 -22.48
C VAL E 277 33.19 1.15 -22.90
N LYS E 278 32.13 0.77 -22.21
CA LYS E 278 30.79 1.26 -22.48
C LYS E 278 30.20 1.84 -21.21
N GLN E 279 29.63 3.04 -21.31
CA GLN E 279 29.02 3.72 -20.18
C GLN E 279 27.50 3.76 -20.36
N TYR E 280 26.78 3.61 -19.25
CA TYR E 280 25.33 3.69 -19.23
C TYR E 280 24.89 4.60 -18.10
N PRO E 281 23.77 5.30 -18.27
CA PRO E 281 23.22 6.08 -17.15
C PRO E 281 22.80 5.17 -16.01
N THR E 282 22.85 5.72 -14.80
CA THR E 282 22.52 4.95 -13.61
C THR E 282 21.09 4.44 -13.69
N GLY E 283 20.91 3.15 -13.42
CA GLY E 283 19.60 2.52 -13.45
C GLY E 283 18.98 2.44 -14.84
N GLY E 284 19.76 2.07 -15.85
CA GLY E 284 19.23 1.99 -17.19
C GLY E 284 19.76 0.86 -18.05
N ALA E 285 20.20 -0.24 -17.43
CA ALA E 285 20.76 -1.33 -18.21
C ALA E 285 20.65 -2.64 -17.46
N ASP E 286 20.56 -3.73 -18.22
CA ASP E 286 20.64 -5.09 -17.69
C ASP E 286 21.07 -6.01 -18.82
N ALA E 287 20.91 -7.33 -18.59
CA ALA E 287 21.29 -8.31 -19.59
C ALA E 287 20.55 -8.09 -20.91
N ASN E 288 19.30 -7.62 -20.84
CA ASN E 288 18.57 -7.31 -22.07
C ASN E 288 19.28 -6.23 -22.87
N THR E 289 19.74 -5.17 -22.19
CA THR E 289 20.58 -4.19 -22.85
C THR E 289 21.94 -4.78 -23.18
N PHE E 290 22.46 -5.63 -22.28
CA PHE E 290 23.79 -6.20 -22.49
C PHE E 290 23.80 -7.17 -23.67
N ARG E 291 22.71 -7.91 -23.87
CA ARG E 291 22.66 -8.83 -25.01
C ARG E 291 22.63 -8.07 -26.34
N SER E 292 21.85 -7.00 -26.40
CA SER E 292 21.83 -6.17 -27.60
C SER E 292 23.19 -5.53 -27.84
N LEU E 293 23.84 -5.09 -26.76
CA LEU E 293 25.18 -4.52 -26.89
C LEU E 293 26.17 -5.57 -27.39
N LEU E 294 26.05 -6.81 -26.91
CA LEU E 294 26.91 -7.90 -27.39
C LEU E 294 26.69 -8.16 -28.87
N ASN E 295 25.43 -8.20 -29.30
CA ASN E 295 25.15 -8.42 -30.72
C ASN E 295 25.69 -7.29 -31.58
N GLU E 296 25.51 -6.05 -31.14
CA GLU E 296 26.03 -4.92 -31.90
C GLU E 296 27.56 -4.93 -31.94
N LEU E 297 28.20 -5.29 -30.83
CA LEU E 297 29.65 -5.39 -30.82
C LEU E 297 30.14 -6.45 -31.78
N LYS E 298 29.50 -7.62 -31.78
CA LYS E 298 29.92 -8.70 -32.66
C LYS E 298 29.70 -8.32 -34.13
N LEU E 299 28.60 -7.64 -34.43
CA LEU E 299 28.33 -7.25 -35.81
C LEU E 299 29.31 -6.19 -36.28
N LYS E 300 29.51 -5.13 -35.49
CA LYS E 300 30.31 -4.00 -35.94
C LYS E 300 31.79 -4.35 -36.00
N LYS E 301 32.28 -5.10 -35.01
CA LYS E 301 33.69 -5.46 -34.95
C LYS E 301 33.83 -6.92 -34.56
N ASN E 302 34.97 -7.51 -34.92
CA ASN E 302 35.24 -8.91 -34.59
C ASN E 302 35.62 -9.00 -33.11
N PHE E 303 34.63 -8.73 -32.26
CA PHE E 303 34.84 -8.63 -30.81
C PHE E 303 33.80 -9.50 -30.11
N VAL E 304 34.23 -10.67 -29.66
CA VAL E 304 33.41 -11.51 -28.78
C VAL E 304 34.12 -11.56 -27.44
N PRO E 305 33.65 -10.83 -26.43
CA PRO E 305 34.42 -10.70 -25.19
C PRO E 305 34.42 -11.99 -24.39
N THR E 306 35.61 -12.33 -23.87
CA THR E 306 35.76 -13.44 -22.94
C THR E 306 35.53 -13.00 -21.50
N ILE E 307 35.84 -11.76 -21.17
CA ILE E 307 35.64 -11.20 -19.85
C ILE E 307 34.63 -10.07 -19.95
N ILE E 308 33.61 -10.08 -19.09
CA ILE E 308 32.61 -8.97 -19.05
C ILE E 308 32.64 -8.36 -17.64
N ILE E 309 33.09 -7.11 -17.54
CA ILE E 309 33.17 -6.43 -16.22
C ILE E 309 32.00 -5.45 -16.11
N VAL E 310 31.18 -5.59 -15.07
CA VAL E 310 30.08 -4.61 -14.83
C VAL E 310 30.52 -3.69 -13.69
N ASP E 311 30.45 -2.38 -13.89
CA ASP E 311 30.98 -1.43 -12.86
C ASP E 311 30.29 -1.69 -11.51
N TYR E 312 28.96 -1.80 -11.50
CA TYR E 312 28.27 -2.17 -10.24
C TYR E 312 26.93 -2.83 -10.57
N LEU E 313 26.61 -3.94 -9.91
CA LEU E 313 25.30 -4.62 -10.12
C LEU E 313 24.17 -3.73 -9.60
N GLY E 314 24.36 -3.09 -8.44
CA GLY E 314 23.31 -2.26 -7.84
C GLY E 314 22.85 -1.16 -8.79
N ILE E 315 23.80 -0.44 -9.39
CA ILE E 315 23.48 0.67 -10.33
C ILE E 315 22.71 0.10 -11.52
N CYS E 316 22.83 -1.21 -11.77
CA CYS E 316 22.15 -1.84 -12.94
C CYS E 316 20.65 -1.87 -12.71
N LYS E 317 19.87 -2.16 -13.75
CA LYS E 317 18.39 -2.17 -13.64
C LYS E 317 17.87 -3.56 -13.99
N SER E 318 16.97 -4.10 -13.17
CA SER E 318 16.43 -5.47 -13.40
C SER E 318 15.60 -5.50 -14.69
N CYS E 319 15.44 -6.67 -15.30
CA CYS E 319 14.73 -6.77 -16.59
C CYS E 319 13.20 -6.79 -16.38
N ARG E 320 12.69 -7.65 -15.51
CA ARG E 320 11.26 -7.80 -15.32
C ARG E 320 10.72 -6.82 -14.27
N ILE E 321 11.36 -6.73 -13.12
CA ILE E 321 10.92 -5.82 -12.07
C ILE E 321 11.19 -4.38 -12.52
N ARG E 322 10.25 -3.50 -12.22
CA ARG E 322 10.35 -2.10 -12.61
C ARG E 322 11.42 -1.41 -11.75
N VAL E 323 11.52 -0.08 -11.90
CA VAL E 323 12.60 0.65 -11.24
C VAL E 323 12.44 0.60 -9.72
N TYR E 324 11.21 0.70 -9.22
CA TYR E 324 10.95 0.64 -7.79
C TYR E 324 9.71 -0.20 -7.49
N SER E 325 9.56 -1.31 -8.20
CA SER E 325 8.39 -2.18 -7.99
C SER E 325 8.49 -2.89 -6.64
N GLU E 326 9.65 -3.47 -6.33
CA GLU E 326 9.83 -4.24 -5.11
C GLU E 326 11.06 -3.74 -4.38
N ASN E 327 11.34 -4.35 -3.23
CA ASN E 327 12.41 -3.91 -2.35
C ASN E 327 13.76 -4.40 -2.88
N SER E 328 14.81 -4.11 -2.12
CA SER E 328 16.19 -4.44 -2.54
C SER E 328 16.45 -5.95 -2.58
N TYR E 329 15.91 -6.70 -1.63
CA TYR E 329 16.25 -8.14 -1.59
C TYR E 329 15.79 -8.83 -2.86
N THR E 330 14.83 -8.25 -3.56
CA THR E 330 14.26 -8.96 -4.73
C THR E 330 14.99 -8.52 -5.98
N THR E 331 14.81 -7.26 -6.36
CA THR E 331 15.37 -6.78 -7.62
C THR E 331 16.88 -6.92 -7.68
N VAL E 332 17.60 -6.78 -6.58
CA VAL E 332 19.04 -6.99 -6.61
C VAL E 332 19.35 -8.45 -6.92
N LYS E 333 18.63 -9.37 -6.25
CA LYS E 333 18.81 -10.79 -6.53
C LYS E 333 18.38 -11.11 -7.96
N ALA E 334 17.33 -10.46 -8.45
CA ALA E 334 16.90 -10.67 -9.83
C ALA E 334 17.98 -10.23 -10.82
N ILE E 335 18.60 -9.09 -10.56
CA ILE E 335 19.69 -8.62 -11.42
C ILE E 335 20.88 -9.57 -11.36
N ALA E 336 21.18 -10.09 -10.16
CA ALA E 336 22.27 -11.05 -10.03
C ALA E 336 21.99 -12.31 -10.82
N GLU E 337 20.76 -12.83 -10.73
CA GLU E 337 20.38 -14.02 -11.49
C GLU E 337 20.44 -13.77 -12.98
N GLU E 338 19.97 -12.59 -13.42
CA GLU E 338 20.01 -12.26 -14.85
C GLU E 338 21.45 -12.14 -15.35
N LEU E 339 22.33 -11.55 -14.55
CA LEU E 339 23.74 -11.45 -14.95
C LEU E 339 24.40 -12.82 -15.00
N ARG E 340 24.11 -13.69 -14.03
CA ARG E 340 24.68 -15.04 -14.09
C ARG E 340 24.15 -15.81 -15.30
N ALA E 341 22.86 -15.64 -15.61
CA ALA E 341 22.30 -16.28 -16.80
C ALA E 341 22.96 -15.77 -18.07
N LEU E 342 23.20 -14.45 -18.14
CA LEU E 342 23.90 -13.89 -19.29
C LEU E 342 25.32 -14.44 -19.40
N ALA E 343 26.01 -14.55 -18.27
CA ALA E 343 27.37 -15.08 -18.30
C ALA E 343 27.40 -16.54 -18.74
N VAL E 344 26.47 -17.36 -18.25
CA VAL E 344 26.46 -18.77 -18.62
C VAL E 344 25.98 -18.94 -20.06
N GLU E 345 25.18 -17.99 -20.57
CA GLU E 345 24.80 -18.04 -21.98
C GLU E 345 25.97 -17.68 -22.89
N THR E 346 26.70 -16.61 -22.54
CA THR E 346 27.83 -16.18 -23.34
C THR E 346 29.12 -16.94 -23.02
N GLU E 347 29.11 -17.76 -21.97
CA GLU E 347 30.30 -18.51 -21.53
C GLU E 347 31.46 -17.55 -21.27
N THR E 348 31.19 -16.52 -20.47
CA THR E 348 32.17 -15.49 -20.17
C THR E 348 32.28 -15.31 -18.66
N VAL E 349 33.46 -14.89 -18.22
CA VAL E 349 33.69 -14.59 -16.81
C VAL E 349 33.13 -13.21 -16.52
N LEU E 350 32.15 -13.14 -15.62
CA LEU E 350 31.48 -11.90 -15.29
C LEU E 350 31.99 -11.38 -13.95
N TRP E 351 32.50 -10.15 -13.96
CA TRP E 351 32.98 -9.48 -12.77
C TRP E 351 32.12 -8.27 -12.48
N THR E 352 31.81 -8.05 -11.21
CA THR E 352 31.03 -6.90 -10.78
C THR E 352 31.44 -6.55 -9.37
N ALA E 353 31.04 -5.35 -8.93
CA ALA E 353 31.30 -4.87 -7.60
C ALA E 353 30.03 -4.90 -6.77
N ALA E 354 30.20 -4.84 -5.45
CA ALA E 354 29.07 -4.80 -4.54
C ALA E 354 29.38 -3.83 -3.41
N GLN E 355 28.36 -3.19 -2.89
CA GLN E 355 28.52 -2.25 -1.79
C GLN E 355 28.33 -2.95 -0.45
N VAL E 356 28.94 -2.37 0.57
CA VAL E 356 28.88 -2.87 1.94
C VAL E 356 28.11 -1.86 2.78
N GLY E 357 27.24 -2.35 3.65
CA GLY E 357 26.49 -1.47 4.53
C GLY E 357 27.40 -0.68 5.44
N LYS E 358 26.82 0.38 6.04
CA LYS E 358 27.61 1.31 6.83
C LYS E 358 28.23 0.67 8.06
N GLN E 359 27.74 -0.50 8.48
CA GLN E 359 28.26 -1.13 9.68
C GLN E 359 29.71 -1.59 9.52
N ALA E 360 30.17 -1.82 8.30
CA ALA E 360 31.53 -2.32 8.07
C ALA E 360 32.37 -1.37 7.24
N TRP E 361 31.97 -0.10 7.14
CA TRP E 361 32.74 0.87 6.36
C TRP E 361 34.04 1.27 7.04
N ASP E 362 34.13 1.12 8.37
CA ASP E 362 35.33 1.46 9.11
C ASP E 362 35.83 0.32 9.97
N SER E 363 35.52 -0.92 9.60
CA SER E 363 35.89 -2.09 10.39
C SER E 363 37.10 -2.78 9.76
N SER E 364 37.91 -3.39 10.63
CA SER E 364 39.10 -4.11 10.16
C SER E 364 38.74 -5.35 9.37
N ASP E 365 37.52 -5.86 9.51
CA ASP E 365 37.06 -7.03 8.77
C ASP E 365 35.65 -6.80 8.26
N VAL E 366 35.29 -7.52 7.20
CA VAL E 366 33.96 -7.49 6.62
C VAL E 366 33.51 -8.92 6.39
N ASN E 367 32.27 -9.21 6.74
CA ASN E 367 31.69 -10.54 6.58
C ASN E 367 30.69 -10.55 5.43
N MET E 368 30.21 -11.74 5.10
CA MET E 368 29.22 -11.87 4.03
C MET E 368 27.91 -11.18 4.40
N SER E 369 27.59 -11.12 5.71
CA SER E 369 26.37 -10.45 6.14
C SER E 369 26.42 -8.94 5.90
N ASP E 370 27.60 -8.38 5.67
CA ASP E 370 27.76 -6.96 5.41
C ASP E 370 27.64 -6.64 3.93
N ILE E 371 26.54 -7.07 3.31
CA ILE E 371 26.24 -6.76 1.92
C ILE E 371 25.12 -5.71 1.92
N ALA E 372 25.40 -4.55 1.32
CA ALA E 372 24.47 -3.44 1.40
C ALA E 372 23.14 -3.77 0.72
N GLU E 373 23.19 -4.43 -0.41
CA GLU E 373 22.00 -4.80 -1.16
C GLU E 373 21.55 -6.19 -0.71
N SER E 374 20.63 -6.80 -1.47
CA SER E 374 20.07 -8.11 -1.15
C SER E 374 21.15 -9.12 -0.79
N ALA E 375 20.80 -10.01 0.13
CA ALA E 375 21.66 -11.15 0.48
C ALA E 375 21.52 -12.30 -0.52
N GLY E 376 20.67 -12.15 -1.53
CA GLY E 376 20.64 -13.10 -2.62
C GLY E 376 21.82 -12.97 -3.57
N LEU E 377 22.46 -11.80 -3.60
CA LEU E 377 23.70 -11.67 -4.38
C LEU E 377 24.79 -12.58 -3.85
N PRO E 378 25.05 -12.70 -2.54
CA PRO E 378 25.94 -13.77 -2.07
C PRO E 378 25.23 -15.11 -1.98
N ALA E 379 24.40 -15.41 -2.97
CA ALA E 379 23.86 -16.73 -3.24
C ALA E 379 24.04 -17.10 -4.70
N THR E 380 23.90 -16.14 -5.61
CA THR E 380 24.16 -16.32 -7.02
C THR E 380 25.65 -16.14 -7.38
N ALA E 381 26.44 -15.60 -6.45
CA ALA E 381 27.84 -15.32 -6.69
C ALA E 381 28.67 -16.59 -6.60
N ASP E 382 29.91 -16.54 -7.10
CA ASP E 382 30.73 -17.78 -7.15
C ASP E 382 32.05 -17.52 -6.44
N PHE E 383 32.69 -16.38 -6.69
CA PHE E 383 33.96 -16.02 -6.01
C PHE E 383 33.82 -14.59 -5.49
N MET E 384 33.09 -14.41 -4.39
CA MET E 384 32.87 -13.05 -3.84
C MET E 384 34.03 -12.66 -2.94
N LEU E 385 35.06 -12.03 -3.49
CA LEU E 385 36.17 -11.55 -2.62
C LEU E 385 35.73 -10.26 -1.92
N ALA E 386 36.52 -9.79 -0.98
CA ALA E 386 36.23 -8.60 -0.18
C ALA E 386 37.50 -7.80 0.02
N VAL E 387 37.39 -6.48 -0.07
CA VAL E 387 38.51 -5.56 0.06
C VAL E 387 38.34 -4.77 1.35
N ILE E 388 39.32 -4.88 2.24
CA ILE E 388 39.31 -4.21 3.54
C ILE E 388 40.58 -3.37 3.64
N GLU E 389 40.41 -2.07 3.91
CA GLU E 389 41.53 -1.15 4.06
C GLU E 389 41.39 -0.39 5.37
N THR E 390 42.49 -0.31 6.12
CA THR E 390 42.56 0.42 7.38
C THR E 390 43.65 1.49 7.29
N GLU E 391 43.89 2.18 8.41
CA GLU E 391 44.94 3.19 8.44
C GLU E 391 46.33 2.56 8.36
N GLU E 392 46.54 1.47 9.10
CA GLU E 392 47.82 0.77 9.03
C GLU E 392 48.06 0.20 7.64
N LEU E 393 47.00 -0.35 7.02
CA LEU E 393 47.13 -0.87 5.65
C LEU E 393 47.40 0.25 4.66
N ALA E 394 46.67 1.36 4.77
CA ALA E 394 46.89 2.48 3.85
C ALA E 394 48.27 3.09 4.03
N ALA E 395 48.84 2.99 5.23
CA ALA E 395 50.21 3.46 5.43
C ALA E 395 51.20 2.63 4.61
N ALA E 396 50.97 1.32 4.53
CA ALA E 396 51.82 0.42 3.77
C ALA E 396 51.34 0.22 2.33
N GLU E 397 50.26 0.90 1.93
CA GLU E 397 49.69 0.75 0.59
C GLU E 397 49.32 -0.70 0.30
N GLN E 398 48.70 -1.38 1.27
CA GLN E 398 48.43 -2.81 1.18
C GLN E 398 46.99 -3.07 1.61
N GLN E 399 46.08 -3.11 0.64
CA GLN E 399 44.72 -3.53 0.95
C GLN E 399 44.67 -5.01 1.31
N LEU E 400 43.78 -5.34 2.24
CA LEU E 400 43.57 -6.72 2.68
C LEU E 400 42.40 -7.30 1.91
N ILE E 401 42.59 -8.48 1.33
CA ILE E 401 41.54 -9.17 0.59
C ILE E 401 41.17 -10.43 1.36
N LYS E 402 39.89 -10.53 1.72
CA LYS E 402 39.38 -11.65 2.49
C LYS E 402 38.51 -12.53 1.60
N GLN E 403 38.70 -13.85 1.65
CA GLN E 403 37.94 -14.76 0.75
C GLN E 403 36.55 -14.95 1.37
N ILE E 404 35.50 -14.35 0.79
CA ILE E 404 34.16 -14.36 1.44
C ILE E 404 33.31 -15.54 0.97
N LYS E 405 33.14 -15.72 -0.35
CA LYS E 405 32.41 -16.91 -0.87
C LYS E 405 33.28 -17.56 -1.93
N SER E 406 33.83 -18.75 -1.64
CA SER E 406 34.76 -19.38 -2.60
C SER E 406 34.16 -20.69 -3.10
N ARG E 407 33.52 -20.66 -4.26
CA ARG E 407 32.93 -21.86 -4.83
C ARG E 407 33.95 -22.71 -5.58
N TYR E 408 34.98 -22.09 -6.15
CA TYR E 408 36.00 -22.85 -6.89
C TYR E 408 36.85 -23.69 -5.96
N GLY E 409 37.35 -23.09 -4.88
CA GLY E 409 38.26 -23.77 -3.99
C GLY E 409 37.90 -23.68 -2.53
N ASP E 410 38.85 -23.99 -1.66
CA ASP E 410 38.62 -23.96 -0.22
C ASP E 410 38.65 -22.53 0.28
N LYS E 411 37.53 -22.08 0.85
CA LYS E 411 37.38 -20.69 1.27
C LYS E 411 38.32 -20.33 2.42
N ASN E 412 38.83 -21.32 3.16
CA ASN E 412 39.58 -21.04 4.38
C ASN E 412 41.04 -21.47 4.31
N LYS E 413 41.52 -21.91 3.14
CA LYS E 413 42.92 -22.31 3.04
C LYS E 413 43.84 -21.09 3.12
N TRP E 414 43.54 -20.05 2.36
CA TRP E 414 44.19 -18.74 2.48
C TRP E 414 43.05 -17.73 2.61
N ASN E 415 42.57 -17.53 3.83
CA ASN E 415 41.37 -16.73 4.03
C ASN E 415 41.65 -15.26 3.80
N LYS E 416 42.76 -14.75 4.35
CA LYS E 416 43.11 -13.34 4.25
C LYS E 416 44.52 -13.21 3.72
N PHE E 417 44.67 -12.50 2.61
CA PHE E 417 45.98 -12.23 2.02
C PHE E 417 46.10 -10.75 1.68
N LEU E 418 47.31 -10.22 1.85
CA LEU E 418 47.59 -8.83 1.58
C LEU E 418 47.97 -8.62 0.12
N MET E 419 47.42 -7.56 -0.47
CA MET E 419 47.77 -7.11 -1.81
C MET E 419 48.64 -5.87 -1.72
N GLY E 420 49.21 -5.47 -2.86
CA GLY E 420 50.10 -4.33 -2.90
C GLY E 420 49.53 -3.16 -3.68
N VAL E 421 48.27 -2.85 -3.43
CA VAL E 421 47.51 -1.86 -4.20
C VAL E 421 48.25 -0.54 -4.31
N GLN E 422 48.51 -0.11 -5.54
CA GLN E 422 49.07 1.20 -5.85
C GLN E 422 47.95 2.06 -6.40
N LYS E 423 47.50 3.04 -5.62
CA LYS E 423 46.34 3.82 -6.00
C LYS E 423 46.64 4.78 -7.15
N GLY E 424 47.88 5.26 -7.24
CA GLY E 424 48.23 6.14 -8.34
C GLY E 424 48.19 5.45 -9.69
N ASN E 425 48.59 4.17 -9.73
CA ASN E 425 48.65 3.41 -10.95
C ASN E 425 47.43 2.54 -11.18
N GLN E 426 46.49 2.51 -10.25
CA GLN E 426 45.27 1.68 -10.35
C GLN E 426 45.62 0.23 -10.61
N LYS E 427 46.59 -0.29 -9.85
CA LYS E 427 47.13 -1.62 -10.07
C LYS E 427 47.18 -2.40 -8.76
N TRP E 428 46.87 -3.69 -8.84
CA TRP E 428 47.08 -4.62 -7.74
C TRP E 428 48.43 -5.31 -7.93
N VAL E 429 49.24 -5.31 -6.88
CA VAL E 429 50.57 -5.91 -6.90
C VAL E 429 50.61 -7.04 -5.89
N GLU E 430 51.01 -8.22 -6.35
CA GLU E 430 51.15 -9.35 -5.45
C GLU E 430 52.32 -9.13 -4.49
N ILE E 431 52.22 -9.73 -3.31
CA ILE E 431 53.23 -9.59 -2.26
C ILE E 431 53.91 -10.93 -2.06
N GLU E 432 55.24 -10.93 -2.17
CA GLU E 432 56.04 -12.13 -1.94
C GLU E 432 57.08 -11.89 -0.84
N MET F 1 -31.17 -34.27 -3.35
CA MET F 1 -32.15 -34.29 -2.26
C MET F 1 -31.97 -33.09 -1.34
N VAL F 2 -31.83 -31.90 -1.93
CA VAL F 2 -31.62 -30.70 -1.14
C VAL F 2 -32.84 -30.40 -0.28
N GLU F 3 -34.03 -30.62 -0.82
CA GLU F 3 -35.25 -30.34 -0.08
C GLU F 3 -35.34 -31.19 1.18
N ILE F 4 -34.99 -32.48 1.07
CA ILE F 4 -34.99 -33.36 2.23
C ILE F 4 -33.96 -32.90 3.26
N ILE F 5 -32.78 -32.49 2.79
CA ILE F 5 -31.73 -32.05 3.70
C ILE F 5 -32.20 -30.83 4.49
N LEU F 6 -32.77 -29.84 3.80
CA LEU F 6 -33.27 -28.66 4.48
C LEU F 6 -34.42 -29.00 5.43
N SER F 7 -35.33 -29.88 4.99
CA SER F 7 -36.46 -30.24 5.82
C SER F 7 -36.02 -30.90 7.12
N HIS F 8 -35.05 -31.80 7.04
CA HIS F 8 -34.57 -32.46 8.25
C HIS F 8 -33.56 -31.65 9.03
N LEU F 9 -32.97 -30.61 8.43
CA LEU F 9 -32.23 -29.64 9.22
C LEU F 9 -33.18 -28.81 10.07
N ILE F 10 -34.34 -28.45 9.52
CA ILE F 10 -35.29 -27.61 10.26
C ILE F 10 -36.06 -28.43 11.29
N PHE F 11 -36.61 -29.57 10.88
CA PHE F 11 -37.59 -30.29 11.68
C PHE F 11 -37.01 -31.44 12.49
N ASP F 12 -35.72 -31.74 12.36
CA ASP F 12 -35.11 -32.83 13.10
C ASP F 12 -33.88 -32.32 13.85
N GLN F 13 -33.62 -32.93 15.00
CA GLN F 13 -32.56 -32.49 15.90
C GLN F 13 -31.33 -33.39 15.86
N ALA F 14 -31.51 -34.71 15.91
CA ALA F 14 -30.38 -35.61 15.81
C ALA F 14 -29.71 -35.47 14.45
N TYR F 15 -30.50 -35.36 13.39
CA TYR F 15 -29.96 -35.12 12.06
C TYR F 15 -29.19 -33.81 12.02
N PHE F 16 -29.75 -32.76 12.62
CA PHE F 16 -29.06 -31.48 12.67
C PHE F 16 -27.76 -31.58 13.45
N SER F 17 -27.79 -32.27 14.60
CA SER F 17 -26.57 -32.41 15.40
C SER F 17 -25.51 -33.22 14.67
N LYS F 18 -25.92 -34.14 13.79
CA LYS F 18 -24.98 -35.01 13.10
C LYS F 18 -24.39 -34.37 11.84
N VAL F 19 -25.20 -33.64 11.07
CA VAL F 19 -24.79 -33.21 9.75
C VAL F 19 -24.44 -31.73 9.66
N TRP F 20 -24.87 -30.89 10.59
CA TRP F 20 -24.69 -29.44 10.45
C TRP F 20 -23.24 -29.01 10.36
N PRO F 21 -22.32 -29.47 11.21
CA PRO F 21 -20.95 -28.94 11.14
C PRO F 21 -20.25 -29.19 9.82
N TYR F 22 -20.74 -30.13 9.00
CA TYR F 22 -20.10 -30.47 7.74
C TYR F 22 -20.79 -29.85 6.53
N MET F 23 -21.99 -29.30 6.69
CA MET F 23 -22.67 -28.66 5.57
C MET F 23 -21.99 -27.35 5.22
N ASP F 24 -22.01 -27.01 3.93
CA ASP F 24 -21.44 -25.77 3.45
C ASP F 24 -22.34 -25.21 2.36
N SER F 25 -22.25 -23.89 2.16
CA SER F 25 -23.09 -23.23 1.18
C SER F 25 -22.77 -23.64 -0.25
N GLU F 26 -21.53 -24.09 -0.50
CA GLU F 26 -21.12 -24.47 -1.84
C GLU F 26 -21.73 -25.79 -2.30
N TYR F 27 -22.38 -26.53 -1.40
CA TYR F 27 -22.97 -27.82 -1.72
C TYR F 27 -24.37 -27.70 -2.30
N PHE F 28 -24.89 -26.49 -2.47
CA PHE F 28 -26.25 -26.26 -2.94
C PHE F 28 -26.22 -25.45 -4.23
N GLU F 29 -27.20 -25.71 -5.10
CA GLU F 29 -27.32 -24.98 -6.34
C GLU F 29 -27.67 -23.52 -6.08
N SER F 30 -27.31 -22.65 -7.02
CA SER F 30 -27.42 -21.21 -6.85
C SER F 30 -28.87 -20.72 -6.84
N GLY F 31 -29.85 -21.60 -6.94
CA GLY F 31 -31.24 -21.17 -6.93
C GLY F 31 -31.78 -20.92 -5.54
N PRO F 32 -33.01 -21.37 -5.29
CA PRO F 32 -33.58 -21.19 -3.94
C PRO F 32 -32.82 -21.91 -2.85
N ALA F 33 -32.14 -23.01 -3.20
CA ALA F 33 -31.50 -23.85 -2.18
C ALA F 33 -30.40 -23.11 -1.45
N LYS F 34 -29.50 -22.46 -2.19
CA LYS F 34 -28.39 -21.76 -1.56
C LYS F 34 -28.86 -20.61 -0.70
N ASN F 35 -29.87 -19.86 -1.18
CA ASN F 35 -30.39 -18.75 -0.39
C ASN F 35 -31.08 -19.22 0.88
N THR F 36 -31.86 -20.31 0.78
CA THR F 36 -32.48 -20.87 1.98
C THR F 36 -31.44 -21.35 2.98
N PHE F 37 -30.39 -22.01 2.50
CA PHE F 37 -29.32 -22.42 3.40
C PHE F 37 -28.59 -21.22 3.99
N LYS F 38 -28.45 -20.14 3.23
CA LYS F 38 -27.86 -18.92 3.77
C LYS F 38 -28.69 -18.38 4.91
N LEU F 39 -30.02 -18.35 4.74
CA LEU F 39 -30.90 -17.89 5.81
C LEU F 39 -30.76 -18.77 7.05
N ILE F 40 -30.75 -20.09 6.86
CA ILE F 40 -30.65 -21.01 7.98
C ILE F 40 -29.31 -20.82 8.70
N LYS F 41 -28.23 -20.71 7.93
CA LYS F 41 -26.90 -20.56 8.54
C LYS F 41 -26.78 -19.25 9.29
N SER F 42 -27.32 -18.16 8.73
CA SER F 42 -27.29 -16.87 9.42
C SER F 42 -28.08 -16.94 10.72
N HIS F 43 -29.25 -17.58 10.69
CA HIS F 43 -30.04 -17.72 11.91
C HIS F 43 -29.30 -18.53 12.96
N VAL F 44 -28.64 -19.61 12.54
CA VAL F 44 -27.91 -20.44 13.50
C VAL F 44 -26.71 -19.68 14.07
N ASN F 45 -26.03 -18.90 13.23
CA ASN F 45 -24.90 -18.12 13.71
C ASN F 45 -25.35 -17.02 14.66
N GLU F 46 -26.55 -16.47 14.46
CA GLU F 46 -27.00 -15.36 15.30
C GLU F 46 -27.71 -15.82 16.57
N TYR F 47 -28.32 -17.00 16.58
CA TYR F 47 -29.10 -17.44 17.73
C TYR F 47 -28.74 -18.82 18.25
N HIS F 48 -27.82 -19.53 17.60
CA HIS F 48 -27.31 -20.82 18.07
C HIS F 48 -28.45 -21.83 18.26
N SER F 49 -29.41 -21.81 17.34
CA SER F 49 -30.53 -22.75 17.38
C SER F 49 -31.08 -22.93 15.97
N VAL F 50 -31.80 -24.02 15.78
CA VAL F 50 -32.39 -24.31 14.47
C VAL F 50 -33.63 -23.44 14.29
N PRO F 51 -33.71 -22.68 13.20
CA PRO F 51 -34.89 -21.83 12.98
C PRO F 51 -36.11 -22.64 12.62
N SER F 52 -37.27 -22.05 12.88
CA SER F 52 -38.55 -22.61 12.51
C SER F 52 -38.98 -22.05 11.15
N ILE F 53 -40.19 -22.41 10.72
CA ILE F 53 -40.70 -21.87 9.45
C ILE F 53 -41.02 -20.39 9.59
N ASN F 54 -41.58 -19.99 10.73
CA ASN F 54 -41.89 -18.58 10.95
C ASN F 54 -40.61 -17.74 10.99
N ALA F 55 -39.57 -18.24 11.62
CA ALA F 55 -38.31 -17.51 11.69
C ALA F 55 -37.77 -17.23 10.30
N LEU F 56 -37.79 -18.23 9.43
CA LEU F 56 -37.26 -18.09 8.06
C LEU F 56 -38.15 -17.17 7.25
N ASN F 57 -39.48 -17.26 7.40
CA ASN F 57 -40.35 -16.31 6.66
C ASN F 57 -40.09 -14.89 7.17
N VAL F 58 -39.76 -14.71 8.44
CA VAL F 58 -39.38 -13.38 8.93
C VAL F 58 -38.01 -12.99 8.35
N ALA F 59 -37.06 -13.93 8.33
CA ALA F 59 -35.76 -13.65 7.75
C ALA F 59 -35.86 -13.38 6.25
N LEU F 60 -36.78 -14.03 5.56
CA LEU F 60 -36.92 -13.82 4.10
C LEU F 60 -37.43 -12.41 3.85
N GLU F 61 -38.39 -11.96 4.64
CA GLU F 61 -38.97 -10.62 4.43
C GLU F 61 -37.90 -9.59 4.75
N ASN F 62 -37.10 -9.83 5.76
CA ASN F 62 -36.01 -8.89 6.14
C ASN F 62 -34.74 -9.25 5.37
N SER F 63 -34.82 -9.43 4.05
CA SER F 63 -33.68 -9.82 3.25
C SER F 63 -33.65 -9.00 1.97
N SER F 64 -32.46 -8.85 1.39
CA SER F 64 -32.26 -8.10 0.16
C SER F 64 -32.21 -9.11 -1.00
N PHE F 65 -33.39 -9.58 -1.38
CA PHE F 65 -33.54 -10.55 -2.46
C PHE F 65 -34.36 -9.96 -3.60
N THR F 66 -34.04 -10.37 -4.82
CA THR F 66 -34.84 -9.98 -5.97
C THR F 66 -36.17 -10.73 -5.97
N GLU F 67 -37.05 -10.33 -6.88
CA GLU F 67 -38.37 -10.94 -6.95
C GLU F 67 -38.29 -12.43 -7.25
N THR F 68 -37.42 -12.81 -8.20
CA THR F 68 -37.27 -14.23 -8.53
C THR F 68 -36.70 -15.01 -7.35
N GLU F 69 -35.66 -14.47 -6.71
CA GLU F 69 -35.07 -15.14 -5.56
C GLU F 69 -36.05 -15.23 -4.41
N TYR F 70 -36.79 -14.14 -4.15
CA TYR F 70 -37.78 -14.14 -3.08
C TYR F 70 -38.85 -15.19 -3.33
N SER F 71 -39.36 -15.25 -4.57
CA SER F 71 -40.40 -16.23 -4.90
C SER F 71 -39.87 -17.65 -4.77
N GLY F 72 -38.65 -17.90 -5.25
CA GLY F 72 -38.08 -19.23 -5.14
C GLY F 72 -37.88 -19.66 -3.71
N VAL F 73 -37.34 -18.78 -2.86
CA VAL F 73 -37.14 -19.11 -1.46
C VAL F 73 -38.47 -19.36 -0.77
N LYS F 74 -39.48 -18.52 -1.05
CA LYS F 74 -40.77 -18.72 -0.40
C LYS F 74 -41.40 -20.04 -0.84
N THR F 75 -41.30 -20.38 -2.12
CA THR F 75 -41.85 -21.65 -2.60
C THR F 75 -41.12 -22.82 -1.94
N LEU F 76 -39.79 -22.74 -1.85
CA LEU F 76 -39.03 -23.84 -1.24
C LEU F 76 -39.38 -23.99 0.24
N ILE F 77 -39.55 -22.87 0.95
CA ILE F 77 -39.94 -22.93 2.36
C ILE F 77 -41.33 -23.54 2.50
N SER F 78 -42.24 -23.18 1.59
CA SER F 78 -43.58 -23.77 1.63
C SER F 78 -43.53 -25.27 1.38
N LYS F 79 -42.65 -25.72 0.48
CA LYS F 79 -42.58 -27.14 0.13
C LYS F 79 -41.95 -27.99 1.24
N LEU F 80 -41.29 -27.39 2.22
CA LEU F 80 -40.64 -28.18 3.26
C LEU F 80 -41.66 -28.88 4.14
N ALA F 81 -41.36 -30.13 4.50
CA ALA F 81 -42.22 -30.90 5.38
C ALA F 81 -41.37 -31.98 6.05
N ASP F 82 -41.88 -32.49 7.18
CA ASP F 82 -41.16 -33.49 7.97
C ASP F 82 -41.65 -34.87 7.54
N SER F 83 -40.97 -35.44 6.56
CA SER F 83 -41.29 -36.80 6.11
C SER F 83 -40.63 -37.80 7.04
N PRO F 84 -41.39 -38.69 7.69
CA PRO F 84 -40.80 -39.64 8.65
C PRO F 84 -39.97 -40.69 7.91
N GLU F 85 -38.68 -40.74 8.24
CA GLU F 85 -37.77 -41.75 7.70
C GLU F 85 -36.82 -42.16 8.83
N ASP F 86 -35.77 -42.89 8.47
CA ASP F 86 -34.86 -43.48 9.44
C ASP F 86 -33.58 -42.68 9.53
N HIS F 87 -33.09 -42.49 10.75
CA HIS F 87 -31.84 -41.76 10.97
C HIS F 87 -30.64 -42.69 10.89
N SER F 88 -30.62 -43.49 9.82
CA SER F 88 -29.41 -44.17 9.36
C SER F 88 -29.27 -44.15 7.85
N TRP F 89 -30.36 -43.99 7.12
CA TRP F 89 -30.34 -43.77 5.67
C TRP F 89 -30.18 -42.29 5.33
N LEU F 90 -30.75 -41.40 6.15
CA LEU F 90 -30.62 -39.98 5.90
C LEU F 90 -29.18 -39.53 5.99
N VAL F 91 -28.44 -39.99 7.01
CA VAL F 91 -27.08 -39.52 7.21
C VAL F 91 -26.18 -39.98 6.06
N LYS F 92 -26.31 -41.25 5.66
CA LYS F 92 -25.47 -41.75 4.58
C LYS F 92 -25.84 -41.11 3.25
N GLU F 93 -27.14 -40.89 3.01
CA GLU F 93 -27.55 -40.22 1.77
C GLU F 93 -27.02 -38.78 1.73
N THR F 94 -27.08 -38.07 2.86
CA THR F 94 -26.54 -36.73 2.91
C THR F 94 -25.03 -36.73 2.68
N GLU F 95 -24.34 -37.71 3.26
CA GLU F 95 -22.90 -37.81 3.04
C GLU F 95 -22.58 -38.05 1.56
N LYS F 96 -23.34 -38.94 0.92
CA LYS F 96 -23.15 -39.18 -0.51
C LYS F 96 -23.39 -37.92 -1.32
N TYR F 97 -24.46 -37.19 -1.00
CA TYR F 97 -24.77 -35.97 -1.73
C TYR F 97 -23.67 -34.93 -1.57
N VAL F 98 -23.16 -34.79 -0.34
CA VAL F 98 -22.10 -33.82 -0.09
C VAL F 98 -20.83 -34.20 -0.83
N GLN F 99 -20.50 -35.50 -0.84
CA GLN F 99 -19.31 -35.95 -1.58
C GLN F 99 -19.46 -35.69 -3.08
N GLN F 100 -20.65 -35.96 -3.63
CA GLN F 100 -20.88 -35.70 -5.04
C GLN F 100 -20.76 -34.21 -5.35
N ARG F 101 -21.32 -33.36 -4.49
CA ARG F 101 -21.22 -31.92 -4.73
C ARG F 101 -19.78 -31.44 -4.64
N ALA F 102 -19.01 -31.98 -3.69
CA ALA F 102 -17.61 -31.61 -3.58
C ALA F 102 -16.84 -32.02 -4.83
N MET F 103 -17.10 -33.23 -5.33
CA MET F 103 -16.44 -33.66 -6.57
C MET F 103 -16.82 -32.79 -7.75
N PHE F 104 -18.09 -32.40 -7.84
CA PHE F 104 -18.53 -31.52 -8.93
C PHE F 104 -17.83 -30.18 -8.85
N ASN F 105 -17.75 -29.59 -7.65
CA ASN F 105 -17.08 -28.31 -7.49
C ASN F 105 -15.60 -28.42 -7.83
N ALA F 106 -14.94 -29.51 -7.42
CA ALA F 106 -13.54 -29.70 -7.75
C ALA F 106 -13.33 -29.83 -9.26
N THR F 107 -14.22 -30.56 -9.94
CA THR F 107 -14.11 -30.69 -11.38
C THR F 107 -14.27 -29.34 -12.08
N SER F 108 -15.25 -28.55 -11.66
CA SER F 108 -15.42 -27.23 -12.24
C SER F 108 -14.18 -26.36 -11.98
N LYS F 109 -13.64 -26.45 -10.77
CA LYS F 109 -12.47 -25.63 -10.43
C LYS F 109 -11.26 -26.00 -11.27
N ILE F 110 -11.03 -27.30 -11.49
CA ILE F 110 -9.86 -27.69 -12.29
C ILE F 110 -10.08 -27.34 -13.76
N ILE F 111 -11.32 -27.48 -14.23
CA ILE F 111 -11.63 -27.14 -15.64
C ILE F 111 -11.39 -25.64 -15.83
N GLU F 112 -11.77 -24.83 -14.85
CA GLU F 112 -11.50 -23.37 -14.92
C GLU F 112 -9.99 -23.13 -14.89
N ILE F 113 -9.29 -23.78 -13.95
CA ILE F 113 -7.81 -23.62 -13.85
C ILE F 113 -7.20 -23.86 -15.23
N GLN F 114 -7.49 -25.02 -15.84
CA GLN F 114 -6.90 -25.37 -17.16
C GLN F 114 -7.21 -24.24 -18.15
N THR F 115 -8.44 -23.72 -18.15
CA THR F 115 -8.78 -22.62 -19.05
C THR F 115 -7.94 -21.38 -18.75
N ASN F 116 -7.69 -21.10 -17.48
CA ASN F 116 -6.89 -19.94 -17.11
C ASN F 116 -5.44 -20.09 -17.53
N ALA F 117 -4.90 -21.31 -17.44
CA ALA F 117 -3.49 -21.53 -17.74
C ALA F 117 -3.17 -21.24 -19.20
N GLU F 118 -4.05 -21.65 -20.11
CA GLU F 118 -3.79 -21.50 -21.53
C GLU F 118 -3.85 -20.05 -21.99
N LEU F 119 -4.34 -19.13 -21.16
CA LEU F 119 -4.42 -17.73 -21.54
C LEU F 119 -3.00 -17.13 -21.60
N PRO F 120 -2.79 -16.15 -22.49
CA PRO F 120 -1.47 -15.52 -22.59
C PRO F 120 -1.17 -14.68 -21.36
N PRO F 121 0.10 -14.40 -21.09
CA PRO F 121 0.44 -13.55 -19.95
C PRO F 121 -0.12 -12.14 -20.12
N GLU F 122 -0.18 -11.42 -19.00
CA GLU F 122 -0.74 -10.08 -18.87
C GLU F 122 -2.24 -10.05 -19.09
N LYS F 123 -2.89 -11.20 -19.28
CA LYS F 123 -4.34 -11.28 -19.42
C LYS F 123 -4.89 -12.36 -18.50
N ARG F 124 -4.06 -13.35 -18.18
CA ARG F 124 -4.49 -14.45 -17.32
C ARG F 124 -4.68 -13.98 -15.89
N ASN F 125 -5.59 -14.65 -15.19
CA ASN F 125 -5.88 -14.29 -13.81
C ASN F 125 -4.72 -14.68 -12.89
N LYS F 126 -4.42 -13.82 -11.93
CA LYS F 126 -3.38 -14.07 -10.95
C LYS F 126 -3.99 -14.59 -9.65
N LYS F 127 -3.14 -15.18 -8.82
CA LYS F 127 -3.49 -15.85 -7.57
C LYS F 127 -4.30 -17.11 -7.79
N MET F 128 -4.60 -17.47 -9.03
CA MET F 128 -5.28 -18.73 -9.34
C MET F 128 -4.26 -19.84 -9.48
N PRO F 129 -4.46 -20.99 -8.83
CA PRO F 129 -3.44 -22.04 -8.86
C PRO F 129 -3.19 -22.57 -10.27
N ASP F 130 -1.96 -23.00 -10.50
CA ASP F 130 -1.53 -23.45 -11.82
C ASP F 130 -2.04 -24.87 -12.07
N VAL F 131 -1.61 -25.48 -13.17
CA VAL F 131 -2.09 -26.81 -13.54
C VAL F 131 -1.62 -27.85 -12.53
N GLY F 132 -0.38 -27.71 -12.04
CA GLY F 132 0.17 -28.70 -11.14
C GLY F 132 -0.57 -28.82 -9.83
N ALA F 133 -1.41 -27.85 -9.50
CA ALA F 133 -2.23 -27.90 -8.29
C ALA F 133 -3.51 -28.70 -8.48
N ILE F 134 -3.78 -29.18 -9.69
CA ILE F 134 -5.04 -29.89 -9.95
C ILE F 134 -5.19 -31.15 -9.10
N PRO F 135 -4.23 -32.07 -9.05
CA PRO F 135 -4.45 -33.30 -8.26
C PRO F 135 -4.72 -33.02 -6.79
N ASP F 136 -4.01 -32.06 -6.20
CA ASP F 136 -4.19 -31.77 -4.78
C ASP F 136 -5.63 -31.39 -4.47
N ILE F 137 -6.22 -30.53 -5.31
CA ILE F 137 -7.64 -30.21 -5.16
C ILE F 137 -8.48 -31.47 -5.20
N MET F 138 -8.23 -32.34 -6.18
CA MET F 138 -8.96 -33.59 -6.26
C MET F 138 -8.70 -34.50 -5.07
N ARG F 139 -7.58 -34.32 -4.38
CA ARG F 139 -7.35 -35.08 -3.16
C ARG F 139 -8.16 -34.53 -1.99
N GLN F 140 -8.45 -33.23 -2.01
CA GLN F 140 -9.24 -32.64 -0.93
C GLN F 140 -10.70 -33.03 -1.02
N ALA F 141 -11.26 -33.04 -2.24
CA ALA F 141 -12.68 -33.32 -2.41
C ALA F 141 -13.03 -34.74 -1.98
N LEU F 142 -12.16 -35.72 -2.28
CA LEU F 142 -12.42 -37.09 -1.89
C LEU F 142 -12.34 -37.31 -0.39
N SER F 143 -11.76 -36.37 0.35
CA SER F 143 -11.61 -36.51 1.79
C SER F 143 -12.81 -36.00 2.57
N ILE F 144 -13.85 -35.53 1.90
CA ILE F 144 -15.03 -35.02 2.59
C ILE F 144 -15.80 -36.18 3.19
N SER F 145 -16.10 -36.08 4.48
CA SER F 145 -16.85 -37.10 5.20
C SER F 145 -17.49 -36.47 6.42
N PHE F 146 -18.52 -37.14 6.96
CA PHE F 146 -19.25 -36.56 8.11
C PHE F 146 -18.54 -36.96 9.41
N ASP F 147 -17.32 -37.48 9.27
CA ASP F 147 -16.53 -37.84 10.47
C ASP F 147 -15.33 -36.90 10.52
N SER F 148 -15.14 -36.22 11.64
CA SER F 148 -14.02 -35.25 11.76
C SER F 148 -13.23 -35.53 13.05
N TYR F 149 -11.90 -35.56 12.95
CA TYR F 149 -11.06 -35.72 14.16
C TYR F 149 -10.34 -34.39 14.39
N VAL F 150 -10.59 -33.74 15.53
CA VAL F 150 -9.99 -32.39 15.76
C VAL F 150 -8.75 -32.53 16.65
N GLY F 151 -8.84 -33.33 17.70
CA GLY F 151 -7.71 -33.47 18.63
C GLY F 151 -7.71 -34.85 19.26
N HIS F 152 -6.72 -35.15 20.11
CA HIS F 152 -6.69 -36.51 20.63
C HIS F 152 -7.56 -36.57 21.89
N ASP F 153 -8.57 -37.42 21.86
CA ASP F 153 -9.55 -37.51 22.95
C ASP F 153 -9.11 -38.60 23.92
N TRP F 154 -8.67 -38.19 25.11
CA TRP F 154 -8.38 -39.13 26.18
C TRP F 154 -9.65 -39.87 26.57
N MET F 155 -9.53 -41.17 26.81
CA MET F 155 -10.61 -42.06 27.23
C MET F 155 -11.56 -42.37 26.08
N ASP F 156 -11.39 -41.69 24.95
CA ASP F 156 -12.14 -42.01 23.74
C ASP F 156 -11.25 -42.56 22.63
N ASP F 157 -9.99 -42.14 22.58
CA ASP F 157 -8.99 -42.70 21.68
C ASP F 157 -7.84 -43.18 22.55
N TYR F 158 -7.96 -44.39 23.07
CA TYR F 158 -6.89 -45.00 23.86
C TYR F 158 -6.40 -46.32 23.31
N GLU F 159 -7.17 -46.99 22.45
CA GLU F 159 -6.64 -48.14 21.73
C GLU F 159 -5.56 -47.72 20.75
N ALA F 160 -5.81 -46.63 20.01
CA ALA F 160 -4.79 -46.12 19.08
C ALA F 160 -3.55 -45.66 19.83
N ARG F 161 -3.74 -45.04 21.00
CA ARG F 161 -2.60 -44.61 21.79
C ARG F 161 -1.79 -45.79 22.29
N TRP F 162 -2.46 -46.88 22.69
CA TRP F 162 -1.74 -48.08 23.09
C TRP F 162 -0.99 -48.69 21.92
N LEU F 163 -1.60 -48.68 20.73
CA LEU F 163 -0.90 -49.15 19.54
C LEU F 163 0.35 -48.32 19.28
N SER F 164 0.23 -47.00 19.43
CA SER F 164 1.39 -46.12 19.25
C SER F 164 2.47 -46.43 20.28
N TYR F 165 2.06 -46.73 21.51
CA TYR F 165 3.03 -47.13 22.53
C TYR F 165 3.78 -48.39 22.11
N MET F 166 3.04 -49.43 21.73
CA MET F 166 3.65 -50.73 21.48
C MET F 166 4.37 -50.80 20.14
N ASN F 167 3.86 -50.11 19.12
CA ASN F 167 4.41 -50.22 17.78
C ASN F 167 5.36 -49.07 17.49
N LYS F 168 6.36 -49.35 16.65
CA LYS F 168 7.34 -48.37 16.23
C LYS F 168 7.47 -48.41 14.72
N ALA F 169 7.53 -47.23 14.10
CA ALA F 169 7.63 -47.15 12.66
C ALA F 169 8.99 -47.62 12.17
N ARG F 170 9.01 -48.19 10.96
CA ARG F 170 10.28 -48.68 10.36
C ARG F 170 11.23 -47.50 10.13
N LYS F 171 12.54 -47.73 10.24
CA LYS F 171 13.50 -46.61 10.11
C LYS F 171 14.60 -46.96 9.11
N VAL F 172 14.96 -46.03 8.20
CA VAL F 172 16.11 -46.25 7.28
C VAL F 172 17.36 -45.77 8.01
N PRO F 173 18.22 -46.65 8.54
CA PRO F 173 19.37 -46.24 9.36
C PRO F 173 20.35 -45.39 8.58
N PHE F 174 21.01 -44.48 9.30
CA PHE F 174 22.15 -43.75 8.77
C PHE F 174 23.40 -44.61 8.89
N LYS F 175 24.54 -44.05 8.45
CA LYS F 175 25.83 -44.66 8.72
C LYS F 175 26.55 -44.00 9.87
N LEU F 176 26.18 -42.76 10.21
CA LEU F 176 26.72 -42.08 11.38
C LEU F 176 25.88 -42.46 12.60
N ARG F 177 26.55 -42.96 13.64
CA ARG F 177 25.82 -43.44 14.81
C ARG F 177 25.18 -42.31 15.59
N ILE F 178 25.71 -41.10 15.48
CA ILE F 178 25.15 -39.96 16.22
C ILE F 178 23.76 -39.61 15.68
N LEU F 179 23.58 -39.67 14.36
CA LEU F 179 22.26 -39.41 13.78
C LEU F 179 21.27 -40.49 14.19
N ASN F 180 21.71 -41.75 14.24
CA ASN F 180 20.84 -42.82 14.74
C ASN F 180 20.46 -42.60 16.19
N LYS F 181 21.41 -42.13 17.01
CA LYS F 181 21.11 -41.84 18.41
C LYS F 181 20.07 -40.74 18.53
N ILE F 182 20.22 -39.66 17.74
CA ILE F 182 19.29 -38.54 17.84
C ILE F 182 17.99 -38.80 17.09
N THR F 183 17.91 -39.87 16.30
CA THR F 183 16.70 -40.19 15.56
C THR F 183 16.11 -41.55 15.93
N LYS F 184 16.67 -42.24 16.93
CA LYS F 184 16.14 -43.51 17.41
C LYS F 184 16.07 -44.56 16.32
N GLY F 185 17.12 -44.62 15.49
CA GLY F 185 17.23 -45.66 14.47
C GLY F 185 17.25 -45.15 13.04
N GLY F 186 17.16 -43.85 12.79
CA GLY F 186 17.20 -43.34 11.44
C GLY F 186 16.00 -42.52 11.05
N ALA F 187 15.72 -42.42 9.76
CA ALA F 187 14.61 -41.64 9.24
C ALA F 187 13.58 -42.56 8.60
N GLU F 188 12.31 -42.15 8.71
CA GLU F 188 11.22 -42.94 8.16
C GLU F 188 11.08 -42.69 6.66
N THR F 189 10.23 -43.50 6.03
CA THR F 189 10.14 -43.52 4.57
C THR F 189 9.52 -42.23 4.01
N GLY F 190 8.27 -41.96 4.37
CA GLY F 190 7.60 -40.79 3.83
C GLY F 190 7.86 -39.52 4.61
N THR F 191 9.07 -38.98 4.49
CA THR F 191 9.46 -37.82 5.27
C THR F 191 10.17 -36.80 4.39
N LEU F 192 10.17 -35.55 4.85
CA LEU F 192 10.90 -34.46 4.24
C LEU F 192 11.93 -33.96 5.24
N ASN F 193 13.21 -34.25 4.99
CA ASN F 193 14.29 -33.88 5.88
C ASN F 193 15.09 -32.73 5.28
N VAL F 194 15.38 -31.73 6.11
CA VAL F 194 16.02 -30.50 5.68
C VAL F 194 17.28 -30.28 6.49
N LEU F 195 18.36 -29.88 5.82
CA LEU F 195 19.62 -29.55 6.46
C LEU F 195 19.93 -28.09 6.13
N MET F 196 19.38 -27.18 6.93
CA MET F 196 19.60 -25.77 6.71
C MET F 196 21.03 -25.40 7.08
N ALA F 197 21.55 -24.38 6.40
CA ALA F 197 22.90 -23.87 6.66
C ALA F 197 23.04 -22.52 5.97
N GLY F 198 24.11 -21.82 6.32
CA GLY F 198 24.42 -20.56 5.68
C GLY F 198 25.02 -20.75 4.30
N VAL F 199 25.29 -19.63 3.64
CA VAL F 199 25.87 -19.69 2.30
C VAL F 199 27.33 -20.11 2.40
N ASN F 200 27.71 -21.09 1.58
CA ASN F 200 29.09 -21.53 1.45
C ASN F 200 29.64 -22.05 2.79
N VAL F 201 28.85 -22.88 3.45
CA VAL F 201 29.22 -23.46 4.74
C VAL F 201 29.02 -24.97 4.79
N GLY F 202 28.52 -25.59 3.72
CA GLY F 202 28.42 -27.03 3.69
C GLY F 202 27.04 -27.62 3.54
N LYS F 203 26.14 -26.93 2.85
CA LYS F 203 24.84 -27.51 2.52
C LYS F 203 24.99 -28.72 1.62
N SER F 204 25.73 -28.57 0.52
CA SER F 204 25.93 -29.68 -0.40
C SER F 204 26.93 -30.69 0.14
N LEU F 205 27.87 -30.25 0.98
CA LEU F 205 28.81 -31.18 1.60
C LEU F 205 28.09 -32.21 2.46
N GLY F 206 27.16 -31.75 3.29
CA GLY F 206 26.40 -32.68 4.12
C GLY F 206 25.50 -33.58 3.30
N LEU F 207 24.84 -33.02 2.29
CA LEU F 207 23.96 -33.84 1.45
C LEU F 207 24.75 -34.88 0.68
N CYS F 208 25.94 -34.52 0.17
CA CYS F 208 26.76 -35.50 -0.53
C CYS F 208 27.31 -36.54 0.43
N SER F 209 27.64 -36.14 1.66
CA SER F 209 28.07 -37.11 2.66
C SER F 209 26.95 -38.11 2.97
N LEU F 210 25.72 -37.62 3.12
CA LEU F 210 24.58 -38.50 3.34
C LEU F 210 24.37 -39.42 2.14
N ALA F 211 24.50 -38.89 0.93
CA ALA F 211 24.31 -39.71 -0.27
C ALA F 211 25.35 -40.82 -0.33
N ALA F 212 26.61 -40.51 -0.02
CA ALA F 212 27.64 -41.54 0.00
C ALA F 212 27.38 -42.57 1.08
N ASP F 213 26.96 -42.13 2.27
CA ASP F 213 26.68 -43.07 3.35
C ASP F 213 25.54 -44.00 2.99
N TYR F 214 24.48 -43.47 2.39
CA TYR F 214 23.36 -44.32 1.98
C TYR F 214 23.75 -45.24 0.83
N LEU F 215 24.59 -44.77 -0.09
CA LEU F 215 25.03 -45.61 -1.20
C LEU F 215 25.85 -46.78 -0.70
N GLN F 216 26.68 -46.56 0.32
CA GLN F 216 27.45 -47.65 0.90
C GLN F 216 26.59 -48.66 1.66
N LEU F 217 25.33 -48.32 1.94
CA LEU F 217 24.42 -49.22 2.63
C LEU F 217 23.49 -49.97 1.70
N GLY F 218 23.67 -49.85 0.39
CA GLY F 218 22.88 -50.60 -0.56
C GLY F 218 21.60 -49.93 -1.02
N HIS F 219 21.44 -48.64 -0.79
CA HIS F 219 20.25 -47.92 -1.21
C HIS F 219 20.43 -47.37 -2.63
N ASN F 220 19.31 -47.20 -3.32
CA ASN F 220 19.28 -46.49 -4.60
C ASN F 220 19.05 -45.02 -4.31
N VAL F 221 20.05 -44.19 -4.62
CA VAL F 221 20.05 -42.78 -4.27
C VAL F 221 19.93 -41.96 -5.55
N LEU F 222 18.99 -41.03 -5.55
CA LEU F 222 18.81 -40.07 -6.65
C LEU F 222 19.18 -38.69 -6.13
N TYR F 223 20.20 -38.08 -6.72
CA TYR F 223 20.67 -36.76 -6.32
C TYR F 223 20.23 -35.77 -7.39
N ILE F 224 19.21 -34.98 -7.08
CA ILE F 224 18.72 -33.94 -7.98
C ILE F 224 19.42 -32.64 -7.60
N SER F 225 20.39 -32.23 -8.41
CA SER F 225 21.15 -31.01 -8.18
C SER F 225 20.55 -29.89 -9.01
N MET F 226 20.16 -28.81 -8.34
CA MET F 226 19.55 -27.67 -9.00
C MET F 226 20.51 -26.50 -9.19
N GLU F 227 21.75 -26.63 -8.74
CA GLU F 227 22.69 -25.52 -8.79
C GLU F 227 24.03 -25.93 -9.37
N MET F 228 24.39 -27.20 -9.21
CA MET F 228 25.70 -27.69 -9.62
C MET F 228 25.56 -28.67 -10.78
N ALA F 229 26.65 -28.81 -11.54
CA ALA F 229 26.69 -29.77 -12.63
C ALA F 229 26.74 -31.19 -12.08
N GLU F 230 26.33 -32.13 -12.93
CA GLU F 230 26.33 -33.54 -12.53
C GLU F 230 27.74 -34.01 -12.19
N GLU F 231 28.73 -33.59 -13.00
CA GLU F 231 30.10 -34.01 -12.76
C GLU F 231 30.63 -33.49 -11.43
N VAL F 232 30.18 -32.30 -11.01
CA VAL F 232 30.66 -31.73 -9.75
C VAL F 232 30.14 -32.54 -8.57
N CYS F 233 28.84 -32.86 -8.57
CA CYS F 233 28.28 -33.67 -7.50
C CYS F 233 28.90 -35.06 -7.49
N ALA F 234 29.06 -35.66 -8.67
CA ALA F 234 29.68 -36.97 -8.73
C ALA F 234 31.14 -36.91 -8.29
N LYS F 235 31.83 -35.80 -8.49
CA LYS F 235 33.19 -35.65 -8.00
C LYS F 235 33.21 -35.52 -6.49
N ARG F 236 32.23 -34.83 -5.91
CA ARG F 236 32.11 -34.81 -4.45
C ARG F 236 31.91 -36.23 -3.92
N ILE F 237 31.04 -37.01 -4.57
CA ILE F 237 30.80 -38.38 -4.14
C ILE F 237 32.07 -39.21 -4.28
N ASP F 238 32.80 -39.04 -5.37
CA ASP F 238 34.05 -39.77 -5.58
C ASP F 238 35.06 -39.43 -4.49
N ALA F 239 35.20 -38.15 -4.15
CA ALA F 239 36.09 -37.75 -3.07
C ALA F 239 35.67 -38.38 -1.76
N ASN F 240 34.36 -38.46 -1.52
CA ASN F 240 33.87 -39.09 -0.30
C ASN F 240 34.21 -40.57 -0.26
N MET F 241 34.06 -41.26 -1.39
CA MET F 241 34.17 -42.72 -1.40
C MET F 241 35.54 -43.25 -1.80
N LEU F 242 36.28 -42.52 -2.64
CA LEU F 242 37.61 -42.96 -3.04
C LEU F 242 38.72 -42.45 -2.14
N ASP F 243 38.38 -41.68 -1.11
CA ASP F 243 39.36 -41.15 -0.15
C ASP F 243 40.45 -40.35 -0.85
N VAL F 244 40.06 -39.56 -1.86
CA VAL F 244 40.96 -38.67 -2.57
C VAL F 244 40.41 -37.27 -2.47
N SER F 245 41.29 -36.31 -2.15
CA SER F 245 40.86 -34.92 -2.01
C SER F 245 40.44 -34.34 -3.37
N LEU F 246 39.52 -33.38 -3.32
CA LEU F 246 39.14 -32.65 -4.52
C LEU F 246 40.33 -31.92 -5.12
N ASP F 247 41.28 -31.47 -4.28
CA ASP F 247 42.50 -30.89 -4.80
C ASP F 247 43.31 -31.90 -5.59
N ASP F 248 43.38 -33.14 -5.11
CA ASP F 248 44.11 -34.18 -5.82
C ASP F 248 43.48 -34.48 -7.18
N ILE F 249 42.15 -34.52 -7.24
CA ILE F 249 41.47 -34.80 -8.50
C ILE F 249 41.68 -33.68 -9.50
N ASP F 250 41.51 -32.43 -9.05
CA ASP F 250 41.67 -31.29 -9.95
C ASP F 250 43.12 -31.15 -10.41
N ASP F 251 44.07 -31.30 -9.49
CA ASP F 251 45.48 -31.15 -9.85
C ASP F 251 45.99 -32.34 -10.66
N GLY F 252 45.28 -33.45 -10.67
CA GLY F 252 45.74 -34.64 -11.36
C GLY F 252 46.74 -35.47 -10.60
N HIS F 253 46.76 -35.37 -9.26
CA HIS F 253 47.69 -36.18 -8.47
C HIS F 253 47.38 -37.67 -8.64
N ILE F 254 46.11 -38.04 -8.65
CA ILE F 254 45.72 -39.42 -8.88
C ILE F 254 45.73 -39.72 -10.36
N SER F 255 46.15 -40.92 -10.73
CA SER F 255 46.18 -41.32 -12.13
C SER F 255 44.88 -42.03 -12.49
N TYR F 256 44.70 -42.25 -13.80
CA TYR F 256 43.53 -42.98 -14.27
C TYR F 256 43.56 -44.43 -13.82
N ALA F 257 44.76 -45.01 -13.68
CA ALA F 257 44.86 -46.40 -13.24
C ALA F 257 44.36 -46.57 -11.82
N GLU F 258 44.80 -45.70 -10.91
CA GLU F 258 44.34 -45.79 -9.53
C GLU F 258 42.85 -45.51 -9.42
N TYR F 259 42.36 -44.53 -10.17
CA TYR F 259 40.93 -44.22 -10.16
C TYR F 259 40.11 -45.40 -10.64
N LYS F 260 40.52 -46.02 -11.74
CA LYS F 260 39.81 -47.19 -12.26
C LYS F 260 39.88 -48.36 -11.28
N GLY F 261 41.04 -48.57 -10.67
CA GLY F 261 41.15 -49.65 -9.70
C GLY F 261 40.23 -49.46 -8.51
N LYS F 262 40.18 -48.25 -7.97
CA LYS F 262 39.29 -47.98 -6.85
C LYS F 262 37.82 -48.12 -7.25
N MET F 263 37.46 -47.64 -8.45
CA MET F 263 36.09 -47.76 -8.91
C MET F 263 35.69 -49.22 -9.07
N GLU F 264 36.58 -50.05 -9.62
CA GLU F 264 36.25 -51.46 -9.79
C GLU F 264 36.22 -52.19 -8.45
N LYS F 265 37.08 -51.80 -7.51
CA LYS F 265 37.01 -52.38 -6.17
C LYS F 265 35.68 -52.06 -5.50
N TRP F 266 35.19 -50.83 -5.68
CA TRP F 266 33.87 -50.49 -5.16
C TRP F 266 32.77 -51.27 -5.90
N ARG F 267 32.94 -51.47 -7.20
CA ARG F 267 31.94 -52.20 -7.98
C ARG F 267 31.81 -53.64 -7.51
N GLU F 268 32.94 -54.29 -7.22
CA GLU F 268 32.91 -55.70 -6.86
C GLU F 268 32.22 -55.97 -5.53
N LYS F 269 32.00 -54.94 -4.71
CA LYS F 269 31.32 -55.11 -3.44
C LYS F 269 29.82 -55.28 -3.65
N SER F 270 29.23 -56.28 -2.99
CA SER F 270 27.81 -56.54 -3.13
C SER F 270 26.95 -55.53 -2.37
N THR F 271 27.48 -54.97 -1.28
CA THR F 271 26.73 -54.02 -0.46
C THR F 271 26.85 -52.60 -1.01
N LEU F 272 26.52 -52.43 -2.28
CA LEU F 272 26.57 -51.14 -2.95
C LEU F 272 25.29 -50.93 -3.73
N GLY F 273 24.75 -49.71 -3.66
CA GLY F 273 23.57 -49.35 -4.40
C GLY F 273 23.92 -48.68 -5.72
N ARG F 274 22.96 -47.90 -6.22
CA ARG F 274 23.15 -47.12 -7.44
C ARG F 274 22.81 -45.67 -7.16
N LEU F 275 23.75 -44.78 -7.45
CA LEU F 275 23.55 -43.34 -7.28
C LEU F 275 23.45 -42.69 -8.66
N ILE F 276 22.37 -41.96 -8.88
CA ILE F 276 22.12 -41.30 -10.16
C ILE F 276 21.95 -39.82 -9.91
N VAL F 277 22.77 -39.00 -10.56
CA VAL F 277 22.77 -37.55 -10.38
C VAL F 277 22.11 -36.93 -11.59
N LYS F 278 21.07 -36.13 -11.35
CA LYS F 278 20.36 -35.42 -12.40
C LYS F 278 20.42 -33.93 -12.11
N GLN F 279 20.82 -33.14 -13.09
CA GLN F 279 20.93 -31.70 -12.95
C GLN F 279 19.80 -31.02 -13.69
N TYR F 280 19.17 -30.04 -13.03
CA TYR F 280 18.15 -29.22 -13.63
C TYR F 280 18.54 -27.75 -13.50
N PRO F 281 18.13 -26.92 -14.46
CA PRO F 281 18.40 -25.48 -14.34
C PRO F 281 17.64 -24.87 -13.17
N THR F 282 18.20 -23.77 -12.67
CA THR F 282 17.61 -23.10 -11.52
C THR F 282 16.19 -22.63 -11.84
N GLY F 283 15.24 -23.10 -11.06
CA GLY F 283 13.83 -22.79 -11.29
C GLY F 283 13.18 -23.57 -12.40
N GLY F 284 13.87 -24.55 -12.97
CA GLY F 284 13.35 -25.32 -14.08
C GLY F 284 12.79 -26.68 -13.75
N ALA F 285 12.82 -27.08 -12.48
CA ALA F 285 12.32 -28.39 -12.07
C ALA F 285 11.34 -28.24 -10.92
N ASP F 286 10.32 -29.11 -10.93
CA ASP F 286 9.30 -29.11 -9.89
C ASP F 286 9.03 -30.57 -9.51
N ALA F 287 8.00 -30.78 -8.69
CA ALA F 287 7.67 -32.12 -8.24
C ALA F 287 7.21 -33.00 -9.40
N ASN F 288 6.45 -32.43 -10.35
CA ASN F 288 5.99 -33.21 -11.49
C ASN F 288 7.16 -33.62 -12.39
N THR F 289 8.14 -32.73 -12.56
CA THR F 289 9.33 -33.11 -13.30
C THR F 289 10.07 -34.23 -12.60
N PHE F 290 10.12 -34.20 -11.26
CA PHE F 290 10.74 -35.27 -10.50
C PHE F 290 9.99 -36.59 -10.71
N ARG F 291 8.66 -36.53 -10.75
CA ARG F 291 7.88 -37.74 -10.99
C ARG F 291 8.13 -38.29 -12.39
N SER F 292 8.23 -37.41 -13.39
CA SER F 292 8.59 -37.86 -14.74
C SER F 292 9.97 -38.50 -14.75
N LEU F 293 10.93 -37.91 -14.02
CA LEU F 293 12.26 -38.50 -13.92
C LEU F 293 12.21 -39.87 -13.26
N LEU F 294 11.40 -40.03 -12.21
CA LEU F 294 11.27 -41.33 -11.57
C LEU F 294 10.66 -42.35 -12.52
N ASN F 295 9.64 -41.94 -13.28
CA ASN F 295 9.01 -42.85 -14.22
C ASN F 295 10.00 -43.31 -15.29
N GLU F 296 10.78 -42.37 -15.85
CA GLU F 296 11.74 -42.77 -16.87
C GLU F 296 12.88 -43.60 -16.28
N LEU F 297 13.27 -43.32 -15.03
CA LEU F 297 14.29 -44.14 -14.38
C LEU F 297 13.80 -45.57 -14.19
N LYS F 298 12.55 -45.74 -13.76
CA LYS F 298 12.00 -47.07 -13.60
C LYS F 298 11.86 -47.79 -14.94
N LEU F 299 11.39 -47.09 -15.97
CA LEU F 299 11.10 -47.73 -17.24
C LEU F 299 12.36 -48.07 -18.03
N LYS F 300 13.32 -47.14 -18.09
CA LYS F 300 14.47 -47.28 -18.99
C LYS F 300 15.74 -47.75 -18.30
N LYS F 301 15.76 -47.79 -16.97
CA LYS F 301 16.96 -48.21 -16.24
C LYS F 301 16.67 -49.17 -15.10
N ASN F 302 15.39 -49.47 -14.83
CA ASN F 302 14.99 -50.33 -13.72
C ASN F 302 15.58 -49.81 -12.41
N PHE F 303 15.18 -48.59 -12.07
CA PHE F 303 15.76 -47.87 -10.95
C PHE F 303 14.62 -47.27 -10.11
N VAL F 304 14.51 -47.72 -8.86
CA VAL F 304 13.53 -47.18 -7.93
C VAL F 304 14.28 -46.65 -6.71
N PRO F 305 14.33 -45.34 -6.51
CA PRO F 305 15.16 -44.78 -5.43
C PRO F 305 14.49 -44.91 -4.07
N THR F 306 15.27 -44.62 -3.04
CA THR F 306 14.79 -44.65 -1.66
C THR F 306 15.23 -43.38 -0.93
N ILE F 307 16.33 -42.78 -1.38
CA ILE F 307 17.00 -41.71 -0.66
C ILE F 307 17.09 -40.45 -1.52
N ILE F 308 16.03 -40.17 -2.29
CA ILE F 308 15.97 -38.99 -3.15
C ILE F 308 16.48 -37.76 -2.42
N ILE F 309 17.45 -37.06 -3.02
CA ILE F 309 18.10 -35.90 -2.43
C ILE F 309 17.96 -34.72 -3.36
N VAL F 310 17.45 -33.61 -2.84
CA VAL F 310 17.34 -32.36 -3.58
C VAL F 310 18.37 -31.39 -3.01
N ASP F 311 19.19 -30.82 -3.89
CA ASP F 311 20.31 -29.99 -3.44
C ASP F 311 19.84 -28.74 -2.71
N TYR F 312 18.79 -28.10 -3.22
CA TYR F 312 18.35 -26.81 -2.69
C TYR F 312 16.85 -26.68 -2.91
N LEU F 313 16.11 -26.46 -1.83
CA LEU F 313 14.66 -26.33 -1.92
C LEU F 313 14.25 -24.99 -2.52
N GLY F 314 14.98 -23.92 -2.18
CA GLY F 314 14.60 -22.58 -2.59
C GLY F 314 14.74 -22.31 -4.07
N ILE F 315 15.42 -23.18 -4.82
CA ILE F 315 15.59 -22.95 -6.25
C ILE F 315 14.50 -23.65 -7.06
N CYS F 316 13.99 -24.79 -6.59
CA CYS F 316 13.02 -25.58 -7.34
C CYS F 316 11.76 -24.77 -7.63
N LYS F 317 11.03 -25.20 -8.66
CA LYS F 317 9.79 -24.54 -9.03
C LYS F 317 8.67 -24.92 -8.07
N SER F 318 7.65 -24.05 -8.00
CA SER F 318 6.59 -24.23 -7.02
C SER F 318 5.74 -25.45 -7.33
N CYS F 319 5.42 -25.68 -8.60
CA CYS F 319 4.55 -26.76 -9.09
C CYS F 319 3.09 -26.55 -8.70
N ARG F 320 2.78 -25.54 -7.89
CA ARG F 320 1.41 -25.29 -7.46
C ARG F 320 1.07 -23.82 -7.67
N ILE F 321 2.09 -22.97 -7.65
CA ILE F 321 1.95 -21.54 -7.82
C ILE F 321 2.74 -21.13 -9.05
N ARG F 322 2.15 -20.23 -9.85
CA ARG F 322 2.85 -19.70 -11.00
C ARG F 322 4.07 -18.92 -10.55
N VAL F 323 5.10 -18.89 -11.41
CA VAL F 323 6.36 -18.25 -11.05
C VAL F 323 6.13 -16.76 -10.86
N TYR F 324 6.70 -16.23 -9.77
CA TYR F 324 6.63 -14.79 -9.44
C TYR F 324 5.18 -14.34 -9.26
N SER F 325 4.42 -15.12 -8.49
CA SER F 325 3.03 -14.80 -8.17
C SER F 325 2.82 -14.47 -6.71
N GLU F 326 3.24 -15.36 -5.80
CA GLU F 326 3.13 -15.14 -4.37
C GLU F 326 4.48 -14.74 -3.80
N ASN F 327 4.52 -14.55 -2.48
CA ASN F 327 5.75 -14.18 -1.80
C ASN F 327 6.63 -15.42 -1.60
N SER F 328 7.84 -15.18 -1.08
CA SER F 328 8.79 -16.27 -0.89
C SER F 328 8.27 -17.29 0.12
N TYR F 329 7.64 -16.82 1.20
CA TYR F 329 7.14 -17.73 2.23
C TYR F 329 6.14 -18.72 1.66
N THR F 330 5.12 -18.22 0.95
CA THR F 330 4.09 -19.09 0.42
C THR F 330 4.65 -20.05 -0.63
N THR F 331 5.51 -19.56 -1.52
CA THR F 331 6.07 -20.40 -2.56
C THR F 331 6.93 -21.51 -1.97
N VAL F 332 7.77 -21.18 -0.99
CA VAL F 332 8.64 -22.19 -0.39
C VAL F 332 7.83 -23.19 0.41
N LYS F 333 6.77 -22.73 1.11
CA LYS F 333 5.90 -23.66 1.81
C LYS F 333 5.21 -24.61 0.84
N ALA F 334 4.76 -24.09 -0.30
CA ALA F 334 4.15 -24.94 -1.31
C ALA F 334 5.14 -25.96 -1.86
N ILE F 335 6.38 -25.54 -2.09
CA ILE F 335 7.41 -26.46 -2.57
C ILE F 335 7.65 -27.55 -1.53
N ALA F 336 7.73 -27.18 -0.26
CA ALA F 336 7.93 -28.17 0.80
C ALA F 336 6.78 -29.16 0.86
N GLU F 337 5.54 -28.68 0.74
CA GLU F 337 4.40 -29.57 0.76
C GLU F 337 4.41 -30.51 -0.44
N GLU F 338 4.74 -29.99 -1.63
CA GLU F 338 4.81 -30.84 -2.82
C GLU F 338 5.89 -31.89 -2.68
N LEU F 339 7.06 -31.51 -2.16
CA LEU F 339 8.14 -32.47 -2.00
C LEU F 339 7.80 -33.54 -0.97
N ARG F 340 7.14 -33.16 0.12
CA ARG F 340 6.74 -34.16 1.11
C ARG F 340 5.67 -35.09 0.54
N ALA F 341 4.74 -34.55 -0.26
CA ALA F 341 3.76 -35.40 -0.91
C ALA F 341 4.42 -36.38 -1.86
N LEU F 342 5.43 -35.92 -2.61
CA LEU F 342 6.19 -36.82 -3.49
C LEU F 342 6.90 -37.91 -2.69
N ALA F 343 7.51 -37.54 -1.56
CA ALA F 343 8.19 -38.53 -0.73
C ALA F 343 7.20 -39.57 -0.18
N VAL F 344 6.03 -39.12 0.26
CA VAL F 344 5.02 -40.05 0.77
C VAL F 344 4.53 -40.96 -0.34
N GLU F 345 4.29 -40.41 -1.54
CA GLU F 345 3.82 -41.21 -2.65
C GLU F 345 4.84 -42.26 -3.07
N THR F 346 6.11 -41.88 -3.13
CA THR F 346 7.16 -42.77 -3.59
C THR F 346 7.79 -43.59 -2.48
N GLU F 347 7.41 -43.36 -1.23
CA GLU F 347 7.97 -44.06 -0.07
C GLU F 347 9.48 -43.94 -0.04
N THR F 348 9.97 -42.72 -0.24
CA THR F 348 11.40 -42.44 -0.30
C THR F 348 11.78 -41.40 0.74
N VAL F 349 12.89 -41.64 1.42
CA VAL F 349 13.44 -40.66 2.35
C VAL F 349 13.98 -39.49 1.54
N LEU F 350 13.39 -38.31 1.74
CA LEU F 350 13.72 -37.13 0.95
C LEU F 350 14.55 -36.17 1.79
N TRP F 351 15.72 -35.81 1.29
CA TRP F 351 16.60 -34.91 2.03
C TRP F 351 16.80 -33.65 1.20
N THR F 352 16.82 -32.49 1.83
CA THR F 352 17.00 -31.19 1.14
C THR F 352 17.88 -30.28 1.98
N ALA F 353 18.13 -29.06 1.53
CA ALA F 353 19.00 -28.12 2.26
C ALA F 353 18.52 -26.70 1.95
N ALA F 354 17.85 -26.09 2.92
CA ALA F 354 17.43 -24.70 2.78
C ALA F 354 18.53 -23.76 3.27
N GLN F 355 18.30 -22.47 3.05
CA GLN F 355 19.27 -21.45 3.43
C GLN F 355 18.73 -20.60 4.57
N VAL F 356 19.57 -20.35 5.58
CA VAL F 356 19.19 -19.53 6.71
C VAL F 356 19.31 -18.06 6.33
N GLY F 357 18.75 -17.17 7.16
CA GLY F 357 18.79 -15.76 6.90
C GLY F 357 20.16 -15.15 7.12
N LYS F 358 20.28 -13.89 6.71
CA LYS F 358 21.57 -13.19 6.82
C LYS F 358 21.98 -13.03 8.28
N GLN F 359 21.01 -12.96 9.19
CA GLN F 359 21.33 -12.86 10.61
C GLN F 359 22.02 -14.11 11.12
N ALA F 360 21.58 -15.29 10.66
CA ALA F 360 22.13 -16.54 11.16
C ALA F 360 23.56 -16.76 10.64
N TRP F 361 23.95 -16.06 9.58
CA TRP F 361 25.30 -16.18 9.06
C TRP F 361 26.30 -15.70 10.09
N ASP F 362 27.34 -16.51 10.33
CA ASP F 362 28.38 -16.20 11.30
C ASP F 362 27.80 -15.95 12.69
N SER F 363 26.76 -16.71 13.04
CA SER F 363 26.13 -16.65 14.35
C SER F 363 26.34 -17.98 15.07
N SER F 364 26.88 -17.91 16.29
CA SER F 364 27.24 -19.11 17.03
C SER F 364 26.03 -19.95 17.40
N ASP F 365 24.82 -19.40 17.31
CA ASP F 365 23.61 -20.15 17.60
C ASP F 365 22.50 -19.69 16.67
N VAL F 366 21.66 -20.64 16.23
CA VAL F 366 20.54 -20.36 15.36
C VAL F 366 19.29 -20.98 15.96
N ASN F 367 18.14 -20.50 15.51
CA ASN F 367 16.85 -21.01 15.96
C ASN F 367 15.88 -20.95 14.78
N MET F 368 14.61 -21.26 15.05
CA MET F 368 13.61 -21.26 13.99
C MET F 368 13.36 -19.87 13.43
N SER F 369 13.68 -18.81 14.18
CA SER F 369 13.56 -17.46 13.65
C SER F 369 14.84 -17.02 12.95
N ASP F 370 15.32 -17.87 12.04
CA ASP F 370 16.48 -17.59 11.22
C ASP F 370 16.32 -18.07 9.79
N ILE F 371 15.26 -18.82 9.47
CA ILE F 371 15.05 -19.30 8.12
C ILE F 371 14.75 -18.13 7.20
N ALA F 372 15.43 -18.08 6.06
CA ALA F 372 15.32 -16.92 5.19
C ALA F 372 14.02 -16.92 4.40
N GLU F 373 13.81 -17.94 3.57
CA GLU F 373 12.73 -17.89 2.59
C GLU F 373 11.37 -18.07 3.25
N SER F 374 11.23 -19.04 4.16
CA SER F 374 9.92 -19.35 4.72
C SER F 374 10.08 -19.98 6.09
N ALA F 375 9.35 -19.45 7.07
CA ALA F 375 9.29 -20.05 8.40
C ALA F 375 8.28 -21.18 8.49
N GLY F 376 7.51 -21.43 7.43
CA GLY F 376 6.60 -22.55 7.40
C GLY F 376 7.23 -23.88 7.02
N LEU F 377 8.50 -23.85 6.64
CA LEU F 377 9.20 -25.09 6.32
C LEU F 377 9.28 -26.05 7.51
N PRO F 378 9.60 -25.63 8.74
CA PRO F 378 9.59 -26.60 9.85
C PRO F 378 8.26 -27.28 10.06
N ALA F 379 7.15 -26.58 9.87
CA ALA F 379 5.84 -27.21 10.01
C ALA F 379 5.65 -28.32 9.00
N THR F 380 6.09 -28.08 7.75
CA THR F 380 5.95 -29.10 6.71
C THR F 380 6.99 -30.20 6.84
N ALA F 381 8.18 -29.85 7.34
CA ALA F 381 9.30 -30.82 7.45
C ALA F 381 9.08 -31.84 8.56
N ASP F 382 9.87 -32.92 8.57
CA ASP F 382 9.75 -33.99 9.61
C ASP F 382 11.04 -34.04 10.42
N PHE F 383 12.14 -33.55 9.89
CA PHE F 383 13.41 -33.46 10.65
C PHE F 383 14.19 -32.29 10.05
N MET F 384 14.72 -31.40 10.88
CA MET F 384 15.45 -30.23 10.36
C MET F 384 16.73 -30.03 11.18
N LEU F 385 17.87 -29.94 10.51
CA LEU F 385 19.15 -29.74 11.17
C LEU F 385 19.75 -28.42 10.71
N ALA F 386 20.80 -27.98 11.40
CA ALA F 386 21.47 -26.73 11.10
C ALA F 386 22.98 -26.93 11.12
N VAL F 387 23.70 -25.98 10.51
CA VAL F 387 25.14 -25.99 10.45
C VAL F 387 25.66 -24.64 10.98
N ILE F 388 26.57 -24.70 11.96
CA ILE F 388 26.98 -23.51 12.70
C ILE F 388 28.48 -23.30 12.62
N GLU F 389 29.10 -23.68 11.50
CA GLU F 389 30.53 -23.46 11.30
C GLU F 389 30.76 -21.98 10.99
N THR F 390 30.89 -21.19 12.05
CA THR F 390 30.94 -19.74 11.86
C THR F 390 32.35 -19.16 11.82
N GLU F 391 33.09 -19.23 12.93
CA GLU F 391 34.38 -18.56 13.01
C GLU F 391 35.52 -19.50 13.39
N GLU F 392 35.37 -20.27 14.47
CA GLU F 392 36.47 -21.07 14.99
C GLU F 392 36.33 -22.56 14.72
N LEU F 393 35.14 -23.03 14.36
CA LEU F 393 34.99 -24.43 13.98
C LEU F 393 35.72 -24.74 12.68
N ALA F 394 35.79 -23.77 11.76
CA ALA F 394 36.51 -23.97 10.52
C ALA F 394 38.00 -24.17 10.77
N ALA F 395 38.59 -23.39 11.68
CA ALA F 395 39.99 -23.55 12.02
C ALA F 395 40.25 -24.90 12.68
N ALA F 396 39.29 -25.40 13.45
CA ALA F 396 39.40 -26.70 14.10
C ALA F 396 38.87 -27.83 13.23
N GLU F 397 38.44 -27.54 12.00
CA GLU F 397 37.91 -28.54 11.07
C GLU F 397 36.72 -29.28 11.67
N GLN F 398 35.77 -28.52 12.21
CA GLN F 398 34.60 -29.08 12.87
C GLN F 398 33.37 -28.28 12.45
N GLN F 399 32.23 -28.66 12.99
CA GLN F 399 30.95 -28.03 12.67
C GLN F 399 30.07 -28.08 13.92
N LEU F 400 28.79 -27.79 13.75
CA LEU F 400 27.84 -27.83 14.85
C LEU F 400 26.43 -27.96 14.28
N ILE F 401 25.61 -28.79 14.93
CA ILE F 401 24.24 -29.03 14.49
C ILE F 401 23.29 -28.65 15.61
N LYS F 402 22.26 -27.87 15.27
CA LYS F 402 21.31 -27.34 16.24
C LYS F 402 20.14 -28.27 16.51
N GLN F 403 19.75 -29.08 15.53
CA GLN F 403 18.53 -29.93 15.68
C GLN F 403 17.33 -29.00 15.93
N ILE F 404 16.95 -28.19 14.95
CA ILE F 404 15.88 -27.18 15.09
C ILE F 404 14.50 -27.83 15.28
N LYS F 405 14.20 -28.85 14.50
CA LYS F 405 12.92 -29.58 14.63
C LYS F 405 13.19 -31.06 14.36
N SER F 406 13.04 -31.90 15.39
CA SER F 406 13.24 -33.36 15.21
C SER F 406 11.94 -34.07 15.57
N ARG F 407 11.23 -34.56 14.57
CA ARG F 407 10.01 -35.30 14.84
C ARG F 407 10.27 -36.76 15.18
N TYR F 408 11.48 -37.27 14.93
CA TYR F 408 11.79 -38.66 15.23
C TYR F 408 12.03 -38.90 16.71
N GLY F 409 12.48 -37.89 17.43
CA GLY F 409 12.75 -38.02 18.86
C GLY F 409 12.50 -36.71 19.57
N ASP F 410 13.37 -36.39 20.51
CA ASP F 410 13.27 -35.15 21.28
C ASP F 410 14.45 -34.25 20.92
N LYS F 411 14.15 -33.02 20.50
CA LYS F 411 15.19 -32.11 20.09
C LYS F 411 16.05 -31.65 21.26
N ASN F 412 15.49 -31.55 22.46
CA ASN F 412 16.24 -31.11 23.64
C ASN F 412 16.84 -32.27 24.40
N LYS F 413 17.56 -33.17 23.72
CA LYS F 413 18.35 -34.20 24.37
C LYS F 413 19.80 -34.16 23.93
N TRP F 414 20.04 -34.12 22.62
CA TRP F 414 21.38 -33.95 22.04
C TRP F 414 21.32 -32.78 21.05
N ASN F 415 20.76 -31.67 21.52
CA ASN F 415 20.42 -30.56 20.64
C ASN F 415 21.64 -30.08 19.85
N LYS F 416 22.74 -29.81 20.54
CA LYS F 416 23.97 -29.35 19.89
C LYS F 416 25.03 -30.43 20.04
N PHE F 417 25.56 -30.88 18.90
CA PHE F 417 26.69 -31.80 18.87
C PHE F 417 27.67 -31.37 17.78
N LEU F 418 28.92 -31.77 17.96
CA LEU F 418 30.02 -31.32 17.11
C LEU F 418 30.27 -32.37 16.02
N MET F 419 30.35 -31.91 14.77
CA MET F 419 30.60 -32.78 13.63
C MET F 419 31.96 -32.45 13.02
N GLY F 420 32.74 -33.47 12.75
CA GLY F 420 34.05 -33.33 12.13
C GLY F 420 33.98 -33.23 10.61
N VAL F 421 33.65 -32.04 10.10
CA VAL F 421 33.54 -31.87 8.66
C VAL F 421 34.93 -31.83 8.04
N GLN F 422 35.15 -32.72 7.07
CA GLN F 422 36.37 -32.76 6.29
C GLN F 422 36.02 -32.33 4.86
N LYS F 423 36.47 -31.12 4.48
CA LYS F 423 36.07 -30.51 3.22
C LYS F 423 36.85 -31.03 2.03
N GLY F 424 38.07 -31.52 2.23
CA GLY F 424 38.82 -32.10 1.12
C GLY F 424 38.15 -33.36 0.58
N ASN F 425 37.70 -34.23 1.49
CA ASN F 425 36.99 -35.43 1.12
C ASN F 425 35.47 -35.24 1.11
N GLN F 426 34.98 -34.08 1.54
CA GLN F 426 33.55 -33.76 1.53
C GLN F 426 32.76 -34.78 2.35
N LYS F 427 33.17 -34.97 3.61
CA LYS F 427 32.52 -35.96 4.45
C LYS F 427 32.39 -35.45 5.87
N TRP F 428 31.60 -36.18 6.65
CA TRP F 428 31.44 -35.95 8.09
C TRP F 428 32.05 -37.13 8.84
N VAL F 429 32.96 -36.84 9.77
CA VAL F 429 33.49 -37.85 10.67
C VAL F 429 33.02 -37.50 12.08
N GLU F 430 32.95 -38.52 12.92
CA GLU F 430 32.48 -38.34 14.28
C GLU F 430 33.64 -38.01 15.22
N ILE F 431 33.36 -37.17 16.22
CA ILE F 431 34.38 -36.78 17.18
C ILE F 431 34.69 -37.87 18.18
N GLU F 432 33.85 -38.90 18.27
CA GLU F 432 34.08 -40.00 19.20
C GLU F 432 35.28 -40.85 18.75
N SER H 3 -10.25 -15.49 -25.99
CA SER H 3 -11.48 -16.18 -25.60
C SER H 3 -12.15 -16.84 -26.81
N ILE H 4 -13.26 -17.52 -26.55
CA ILE H 4 -13.97 -18.23 -27.60
C ILE H 4 -15.35 -17.59 -27.78
N PRO H 5 -15.49 -16.67 -28.73
CA PRO H 5 -16.76 -15.93 -28.83
C PRO H 5 -17.94 -16.79 -29.25
N TRP H 6 -17.75 -17.68 -30.22
CA TRP H 6 -18.90 -18.39 -30.78
C TRP H 6 -19.51 -19.36 -29.78
N ILE H 7 -18.68 -20.10 -29.05
CA ILE H 7 -19.23 -21.03 -28.09
C ILE H 7 -19.90 -20.28 -26.94
N ASP H 8 -19.34 -19.14 -26.54
CA ASP H 8 -19.98 -18.35 -25.49
C ASP H 8 -21.31 -17.81 -25.97
N ASN H 9 -21.38 -17.37 -27.23
CA ASN H 9 -22.64 -16.91 -27.79
C ASN H 9 -23.67 -18.02 -27.82
N GLU H 10 -23.25 -19.23 -28.22
CA GLU H 10 -24.17 -20.35 -28.25
C GLU H 10 -24.68 -20.69 -26.85
N PHE H 11 -23.77 -20.72 -25.88
CA PHE H 11 -24.16 -21.05 -24.51
C PHE H 11 -25.10 -19.99 -23.93
N ALA H 12 -24.81 -18.72 -24.20
CA ALA H 12 -25.70 -17.65 -23.76
C ALA H 12 -27.05 -17.78 -24.43
N TYR H 13 -27.08 -18.14 -25.72
CA TYR H 13 -28.34 -18.33 -26.41
C TYR H 13 -29.14 -19.45 -25.76
N ARG H 14 -28.48 -20.57 -25.44
CA ARG H 14 -29.17 -21.68 -24.81
C ARG H 14 -29.70 -21.29 -23.44
N ALA H 15 -28.88 -20.57 -22.66
CA ALA H 15 -29.26 -20.26 -21.28
C ALA H 15 -30.33 -19.19 -21.20
N LEU H 16 -30.33 -18.24 -22.14
CA LEU H 16 -31.22 -17.10 -22.07
C LEU H 16 -32.37 -17.19 -23.06
N ALA H 17 -32.57 -18.35 -23.67
CA ALA H 17 -33.69 -18.51 -24.60
C ALA H 17 -35.03 -18.34 -23.88
N HIS H 18 -35.08 -18.68 -22.60
CA HIS H 18 -36.32 -18.66 -21.82
C HIS H 18 -36.53 -17.37 -21.05
N LEU H 19 -35.59 -16.43 -21.10
CA LEU H 19 -35.70 -15.22 -20.29
C LEU H 19 -36.80 -14.31 -20.84
N PRO H 20 -37.42 -13.50 -19.99
CA PRO H 20 -38.46 -12.58 -20.45
C PRO H 20 -37.90 -11.55 -21.41
N LYS H 21 -38.73 -11.16 -22.38
CA LYS H 21 -38.38 -10.17 -23.39
C LYS H 21 -37.15 -10.55 -24.19
N PHE H 22 -36.86 -11.86 -24.27
CA PHE H 22 -35.65 -12.29 -24.94
C PHE H 22 -35.71 -11.94 -26.42
N THR H 23 -34.65 -11.30 -26.90
CA THR H 23 -34.59 -10.80 -28.26
C THR H 23 -33.24 -11.16 -28.86
N GLN H 24 -33.25 -11.54 -30.14
CA GLN H 24 -32.03 -11.88 -30.86
C GLN H 24 -31.56 -10.69 -31.69
N VAL H 25 -31.08 -9.66 -30.99
CA VAL H 25 -30.68 -8.43 -31.65
C VAL H 25 -29.31 -8.65 -32.26
N ASN H 26 -29.27 -9.17 -33.48
CA ASN H 26 -28.02 -9.55 -34.13
C ASN H 26 -27.98 -8.89 -35.51
N ASN H 27 -27.12 -7.88 -35.64
CA ASN H 27 -26.93 -7.21 -36.91
C ASN H 27 -25.98 -8.05 -37.77
N SER H 28 -25.51 -7.47 -38.87
CA SER H 28 -24.62 -8.20 -39.77
C SER H 28 -23.25 -8.46 -39.18
N SER H 29 -22.87 -7.79 -38.09
CA SER H 29 -21.54 -7.92 -37.53
C SER H 29 -21.50 -8.07 -36.02
N THR H 30 -22.65 -8.08 -35.34
CA THR H 30 -22.67 -8.17 -33.89
C THR H 30 -23.68 -9.21 -33.45
N PHE H 31 -23.43 -9.77 -32.26
CA PHE H 31 -24.33 -10.74 -31.63
C PHE H 31 -24.76 -10.18 -30.28
N LYS H 32 -25.93 -9.55 -30.25
CA LYS H 32 -26.50 -9.01 -29.03
C LYS H 32 -27.81 -9.70 -28.73
N LEU H 33 -28.06 -9.94 -27.45
CA LEU H 33 -29.30 -10.54 -26.97
C LEU H 33 -29.96 -9.56 -26.02
N ARG H 34 -31.19 -9.17 -26.34
CA ARG H 34 -31.97 -8.29 -25.48
C ARG H 34 -33.03 -9.11 -24.75
N PHE H 35 -33.17 -8.86 -23.46
CA PHE H 35 -34.04 -9.69 -22.63
C PHE H 35 -34.27 -8.95 -21.33
N ARG H 36 -35.34 -9.33 -20.62
CA ARG H 36 -35.59 -8.75 -19.32
C ARG H 36 -34.63 -9.33 -18.30
N CYS H 37 -33.97 -8.47 -17.55
CA CYS H 37 -32.91 -8.88 -16.64
C CYS H 37 -33.46 -9.76 -15.52
N PRO H 38 -33.16 -11.07 -15.51
CA PRO H 38 -33.65 -11.90 -14.41
C PRO H 38 -33.06 -11.55 -13.07
N VAL H 39 -31.91 -10.87 -13.04
CA VAL H 39 -31.31 -10.48 -11.77
C VAL H 39 -32.19 -9.48 -11.05
N CYS H 40 -32.76 -8.53 -11.78
CA CYS H 40 -33.60 -7.50 -11.17
C CYS H 40 -35.00 -7.41 -11.77
N GLY H 41 -35.33 -8.21 -12.78
CA GLY H 41 -36.63 -8.06 -13.41
C GLY H 41 -36.76 -6.82 -14.25
N ASP H 42 -35.65 -6.20 -14.60
CA ASP H 42 -35.61 -4.92 -15.33
C ASP H 42 -36.42 -3.90 -14.53
N SER H 43 -37.04 -2.94 -15.22
CA SER H 43 -37.80 -1.91 -14.54
C SER H 43 -39.07 -2.50 -13.93
N LYS H 44 -39.30 -2.21 -12.65
CA LYS H 44 -40.54 -2.63 -12.01
C LYS H 44 -41.74 -1.94 -12.65
N THR H 45 -41.59 -0.66 -12.99
CA THR H 45 -42.70 0.08 -13.59
C THR H 45 -42.99 -0.44 -15.00
N ASP H 46 -41.97 -0.57 -15.83
CA ASP H 46 -42.14 -0.97 -17.22
C ASP H 46 -41.84 -2.45 -17.35
N GLN H 47 -42.86 -3.24 -17.64
CA GLN H 47 -42.70 -4.67 -17.83
C GLN H 47 -42.20 -5.02 -19.24
N ASN H 48 -42.26 -4.08 -20.16
CA ASN H 48 -41.79 -4.30 -21.53
C ASN H 48 -40.34 -3.88 -21.72
N LYS H 49 -39.68 -3.39 -20.68
CA LYS H 49 -38.27 -3.05 -20.75
C LYS H 49 -37.43 -4.32 -20.68
N ALA H 50 -36.44 -4.41 -21.54
CA ALA H 50 -35.50 -5.53 -21.59
C ALA H 50 -34.09 -4.94 -21.51
N ARG H 51 -33.68 -4.57 -20.29
CA ARG H 51 -32.40 -3.94 -20.09
C ARG H 51 -31.26 -4.93 -19.89
N GLY H 52 -31.56 -6.22 -19.87
CA GLY H 52 -30.52 -7.23 -19.91
C GLY H 52 -30.03 -7.40 -21.33
N TRP H 53 -28.75 -7.11 -21.56
CA TRP H 53 -28.16 -7.19 -22.88
C TRP H 53 -26.89 -8.01 -22.82
N TYR H 54 -26.78 -8.95 -23.74
CA TYR H 54 -25.59 -9.76 -23.91
C TYR H 54 -24.91 -9.34 -25.20
N TYR H 55 -23.62 -9.03 -25.13
CA TYR H 55 -22.85 -8.63 -26.29
C TYR H 55 -21.83 -9.73 -26.61
N GLY H 56 -21.95 -10.31 -27.80
CA GLY H 56 -20.97 -11.32 -28.24
C GLY H 56 -19.95 -10.66 -29.15
N ASP H 57 -20.26 -9.48 -29.66
CA ASP H 57 -19.31 -8.71 -30.52
C ASP H 57 -18.08 -8.36 -29.69
N ASN H 58 -18.26 -8.21 -28.38
CA ASN H 58 -17.12 -7.87 -27.47
C ASN H 58 -16.13 -9.03 -27.48
N ASN H 59 -14.88 -8.77 -27.07
CA ASN H 59 -13.85 -9.85 -27.12
C ASN H 59 -14.39 -11.03 -26.32
N GLU H 60 -15.00 -10.76 -25.17
CA GLU H 60 -15.67 -11.85 -24.39
C GLU H 60 -17.14 -11.48 -24.25
N GLY H 61 -18.04 -12.38 -24.66
CA GLY H 61 -19.49 -12.10 -24.56
C GLY H 61 -19.85 -11.66 -23.16
N ASN H 62 -20.28 -10.40 -22.98
CA ASN H 62 -20.53 -9.94 -21.63
C ASN H 62 -21.97 -9.47 -21.51
N ILE H 63 -22.56 -9.72 -20.35
CA ILE H 63 -23.92 -9.32 -20.07
C ILE H 63 -23.90 -8.07 -19.21
N HIS H 64 -24.93 -7.24 -19.38
CA HIS H 64 -25.06 -6.01 -18.61
C HIS H 64 -26.54 -5.64 -18.53
N CYS H 65 -26.99 -5.24 -17.35
CA CYS H 65 -28.33 -4.72 -17.19
C CYS H 65 -28.29 -3.22 -17.01
N TYR H 66 -29.14 -2.52 -17.75
CA TYR H 66 -29.24 -1.08 -17.62
C TYR H 66 -30.19 -0.67 -16.51
N ASN H 67 -30.81 -1.62 -15.82
CA ASN H 67 -31.71 -1.34 -14.71
C ASN H 67 -30.99 -1.48 -13.37
N CYS H 68 -30.46 -2.67 -13.07
CA CYS H 68 -29.71 -2.88 -11.84
C CYS H 68 -28.22 -2.64 -12.03
N ASN H 69 -27.80 -2.21 -13.22
CA ASN H 69 -26.41 -1.88 -13.50
C ASN H 69 -25.49 -3.05 -13.19
N TYR H 70 -25.97 -4.27 -13.46
CA TYR H 70 -25.18 -5.47 -13.23
C TYR H 70 -24.52 -5.87 -14.54
N HIS H 71 -23.19 -5.78 -14.57
CA HIS H 71 -22.40 -6.15 -15.74
C HIS H 71 -21.37 -7.20 -15.33
N ALA H 72 -21.24 -8.24 -16.15
CA ALA H 72 -20.34 -9.34 -15.83
C ALA H 72 -20.07 -10.12 -17.11
N PRO H 73 -19.10 -11.02 -17.09
CA PRO H 73 -18.96 -11.96 -18.21
C PRO H 73 -20.08 -12.99 -18.20
N ILE H 74 -20.28 -13.60 -19.36
CA ILE H 74 -21.29 -14.65 -19.49
C ILE H 74 -20.97 -15.82 -18.56
N GLY H 75 -19.67 -16.13 -18.42
CA GLY H 75 -19.30 -17.24 -17.58
C GLY H 75 -19.66 -17.03 -16.12
N ILE H 76 -19.48 -15.80 -15.63
CA ILE H 76 -19.79 -15.51 -14.23
C ILE H 76 -21.28 -15.69 -13.96
N TYR H 77 -22.11 -15.13 -14.84
CA TYR H 77 -23.55 -15.32 -14.68
C TYR H 77 -23.90 -16.79 -14.76
N LEU H 78 -23.32 -17.52 -15.71
CA LEU H 78 -23.68 -18.91 -15.89
C LEU H 78 -23.33 -19.72 -14.65
N LYS H 79 -22.15 -19.47 -14.07
CA LYS H 79 -21.75 -20.22 -12.89
C LYS H 79 -22.59 -19.84 -11.68
N GLU H 80 -22.96 -18.57 -11.57
CA GLU H 80 -23.71 -18.12 -10.40
C GLU H 80 -25.21 -18.30 -10.54
N PHE H 81 -25.69 -18.77 -11.70
CA PHE H 81 -27.12 -18.93 -11.88
C PHE H 81 -27.47 -20.31 -12.41
N GLU H 82 -26.65 -20.87 -13.29
CA GLU H 82 -26.89 -22.19 -13.88
C GLU H 82 -25.60 -22.99 -13.86
N PRO H 83 -25.14 -23.41 -12.68
CA PRO H 83 -23.90 -24.20 -12.61
C PRO H 83 -23.97 -25.50 -13.37
N ASP H 84 -25.17 -26.05 -13.57
CA ASP H 84 -25.31 -27.33 -14.28
C ASP H 84 -24.77 -27.23 -15.70
N LEU H 85 -25.28 -26.27 -16.48
CA LEU H 85 -24.75 -26.03 -17.80
C LEU H 85 -23.43 -25.29 -17.76
N TYR H 86 -23.13 -24.62 -16.64
CA TYR H 86 -21.86 -23.93 -16.51
C TYR H 86 -20.70 -24.91 -16.53
N ARG H 87 -20.84 -26.04 -15.84
CA ARG H 87 -19.79 -27.04 -15.85
C ARG H 87 -19.60 -27.61 -17.26
N GLU H 88 -20.70 -27.91 -17.94
CA GLU H 88 -20.59 -28.43 -19.30
C GLU H 88 -19.94 -27.41 -20.22
N TYR H 89 -20.28 -26.14 -20.05
CA TYR H 89 -19.66 -25.08 -20.85
C TYR H 89 -18.18 -24.95 -20.56
N ILE H 90 -17.81 -24.98 -19.28
CA ILE H 90 -16.40 -24.81 -18.93
C ILE H 90 -15.60 -26.03 -19.39
N PHE H 91 -16.23 -27.19 -19.49
CA PHE H 91 -15.55 -28.34 -20.08
C PHE H 91 -15.42 -28.19 -21.58
N GLU H 92 -16.49 -27.73 -22.24
CA GLU H 92 -16.44 -27.47 -23.67
C GLU H 92 -15.34 -26.47 -24.01
N ILE H 93 -15.00 -25.60 -23.06
CA ILE H 93 -13.93 -24.63 -23.29
C ILE H 93 -12.64 -25.34 -23.70
N ARG H 94 -12.23 -26.36 -22.94
CA ARG H 94 -11.05 -27.10 -23.36
C ARG H 94 -11.38 -28.18 -24.38
N LYS H 95 -12.65 -28.52 -24.53
CA LYS H 95 -13.04 -29.42 -25.61
C LYS H 95 -12.67 -28.83 -26.97
N GLU H 96 -13.02 -27.57 -27.18
CA GLU H 96 -12.65 -26.93 -28.44
C GLU H 96 -11.16 -26.63 -28.48
N LYS H 97 -10.51 -26.54 -27.33
CA LYS H 97 -9.09 -26.20 -27.25
C LYS H 97 -8.22 -27.22 -27.98
N LYS H 115 -32.15 -7.02 -53.26
CA LYS H 115 -32.34 -5.60 -53.02
C LYS H 115 -33.70 -5.13 -53.53
N LYS H 116 -34.20 -4.04 -52.96
CA LYS H 116 -35.46 -3.45 -53.37
C LYS H 116 -35.26 -1.97 -53.64
N ILE H 117 -35.86 -1.47 -54.71
CA ILE H 117 -35.83 -0.05 -55.05
C ILE H 117 -37.26 0.47 -54.99
N ILE H 118 -37.44 1.57 -54.27
CA ILE H 118 -38.77 2.17 -54.12
C ILE H 118 -39.13 2.88 -55.42
N LYS H 119 -40.31 2.58 -55.96
CA LYS H 119 -40.73 3.13 -57.24
C LYS H 119 -41.97 3.99 -57.18
N SER H 120 -42.75 3.92 -56.10
CA SER H 120 -44.00 4.66 -55.99
C SER H 120 -43.99 5.50 -54.72
N LEU H 121 -44.73 6.61 -54.77
CA LEU H 121 -44.80 7.56 -53.65
C LEU H 121 -46.26 7.86 -53.35
N PRO H 122 -46.99 6.90 -52.80
CA PRO H 122 -48.39 7.17 -52.43
C PRO H 122 -48.48 8.18 -51.29
N SER H 123 -49.45 9.09 -51.43
CA SER H 123 -49.70 10.14 -50.44
C SER H 123 -48.47 11.02 -50.24
N CYS H 124 -47.72 11.25 -51.31
CA CYS H 124 -46.51 12.07 -51.24
C CYS H 124 -46.56 13.15 -52.31
N VAL H 125 -46.39 14.41 -51.89
CA VAL H 125 -46.33 15.54 -52.81
C VAL H 125 -44.99 16.22 -52.59
N ARG H 126 -44.20 16.33 -53.66
CA ARG H 126 -42.88 16.92 -53.52
C ARG H 126 -42.99 18.40 -53.17
N LEU H 127 -42.05 18.86 -52.34
CA LEU H 127 -42.13 20.21 -51.81
C LEU H 127 -41.96 21.26 -52.90
N ASP H 128 -41.08 21.00 -53.87
CA ASP H 128 -40.91 21.96 -54.97
C ASP H 128 -42.21 22.15 -55.74
N LYS H 129 -42.95 21.07 -55.96
CA LYS H 129 -44.24 21.13 -56.62
C LYS H 129 -45.38 21.34 -55.64
N LEU H 130 -45.10 21.36 -54.34
CA LEU H 130 -46.13 21.64 -53.35
C LEU H 130 -46.55 23.10 -53.42
N ALA H 131 -47.77 23.37 -52.96
CA ALA H 131 -48.27 24.74 -52.93
C ALA H 131 -47.48 25.59 -51.94
N GLU H 132 -47.19 26.83 -52.35
CA GLU H 132 -46.41 27.73 -51.52
C GLU H 132 -47.12 28.08 -50.22
N ASP H 133 -48.45 27.92 -50.17
CA ASP H 133 -49.23 28.23 -48.99
C ASP H 133 -49.39 27.04 -48.05
N HIS H 134 -48.76 25.91 -48.35
CA HIS H 134 -48.87 24.77 -47.46
C HIS H 134 -48.15 25.07 -46.14
N PRO H 135 -48.75 24.71 -45.01
CA PRO H 135 -48.09 24.99 -43.72
C PRO H 135 -46.71 24.38 -43.60
N ILE H 136 -46.49 23.20 -44.18
CA ILE H 136 -45.16 22.61 -44.12
C ILE H 136 -44.17 23.44 -44.93
N ILE H 137 -44.64 24.06 -46.02
CA ILE H 137 -43.78 24.97 -46.78
C ILE H 137 -43.38 26.15 -45.91
N LYS H 138 -44.31 26.68 -45.13
CA LYS H 138 -43.99 27.76 -44.20
C LYS H 138 -42.98 27.30 -43.16
N TYR H 139 -43.15 26.07 -42.65
CA TYR H 139 -42.21 25.55 -41.67
C TYR H 139 -40.81 25.41 -42.26
N VAL H 140 -40.71 24.91 -43.49
CA VAL H 140 -39.41 24.76 -44.12
C VAL H 140 -38.82 26.13 -44.41
N LYS H 141 -39.66 27.14 -44.66
CA LYS H 141 -39.16 28.50 -44.73
C LYS H 141 -38.60 28.94 -43.40
N ALA H 142 -39.27 28.57 -42.29
CA ALA H 142 -38.68 28.78 -40.98
C ALA H 142 -37.41 27.98 -40.82
N ARG H 143 -37.34 26.81 -41.46
CA ARG H 143 -36.10 26.06 -41.53
C ARG H 143 -35.13 26.65 -42.54
N CYS H 144 -35.59 27.58 -43.39
CA CYS H 144 -34.74 28.33 -44.31
C CYS H 144 -34.03 27.43 -45.31
N ILE H 145 -34.70 26.38 -45.76
CA ILE H 145 -34.10 25.45 -46.72
C ILE H 145 -34.06 26.10 -48.09
N PRO H 146 -33.00 25.90 -48.88
CA PRO H 146 -32.99 26.42 -50.25
C PRO H 146 -34.15 25.86 -51.06
N LYS H 147 -34.72 26.71 -51.91
CA LYS H 147 -35.93 26.35 -52.64
C LYS H 147 -35.70 25.17 -53.56
N ASP H 148 -34.55 25.13 -54.24
CA ASP H 148 -34.26 24.03 -55.14
C ASP H 148 -34.25 22.69 -54.41
N LYS H 149 -33.74 22.68 -53.17
CA LYS H 149 -33.65 21.43 -52.42
C LYS H 149 -35.02 20.78 -52.24
N TRP H 150 -36.09 21.55 -52.37
CA TRP H 150 -37.44 21.02 -52.22
C TRP H 150 -37.75 19.97 -53.27
N LYS H 151 -36.99 19.92 -54.35
CA LYS H 151 -37.21 18.88 -55.35
C LYS H 151 -36.68 17.53 -54.90
N TYR H 152 -36.11 17.42 -53.70
CA TYR H 152 -35.68 16.15 -53.16
C TYR H 152 -36.49 15.73 -51.94
N LEU H 153 -37.44 16.54 -51.49
CA LEU H 153 -38.22 16.27 -50.30
C LEU H 153 -39.69 16.22 -50.66
N TRP H 154 -40.39 15.22 -50.14
CA TRP H 154 -41.83 15.12 -50.29
C TRP H 154 -42.50 15.33 -48.95
N PHE H 155 -43.78 15.64 -49.00
CA PHE H 155 -44.60 15.76 -47.81
C PHE H 155 -45.75 14.76 -47.90
N THR H 156 -46.06 14.14 -46.78
CA THR H 156 -47.12 13.15 -46.71
C THR H 156 -48.07 13.50 -45.58
N THR H 157 -49.34 13.16 -45.79
CA THR H 157 -50.34 13.20 -44.74
C THR H 157 -50.65 11.82 -44.21
N GLU H 158 -50.15 10.77 -44.84
CA GLU H 158 -50.48 9.39 -44.52
C GLU H 158 -49.21 8.56 -44.47
N TRP H 159 -48.22 9.05 -43.71
CA TRP H 159 -46.95 8.35 -43.58
C TRP H 159 -47.11 6.90 -43.15
N PRO H 160 -47.87 6.56 -42.10
CA PRO H 160 -48.11 5.13 -41.84
C PRO H 160 -48.81 4.42 -42.98
N LYS H 161 -49.79 5.08 -43.60
CA LYS H 161 -50.48 4.49 -44.73
C LYS H 161 -49.52 4.25 -45.88
N LEU H 162 -48.68 5.25 -46.19
CA LEU H 162 -47.74 5.10 -47.28
C LEU H 162 -46.76 3.97 -47.02
N VAL H 163 -46.25 3.88 -45.79
CA VAL H 163 -45.29 2.83 -45.46
C VAL H 163 -45.93 1.46 -45.58
N ASN H 164 -47.14 1.30 -45.05
CA ASN H 164 -47.83 0.02 -45.17
C ASN H 164 -48.19 -0.30 -46.61
N SER H 165 -48.46 0.73 -47.43
CA SER H 165 -48.68 0.51 -48.85
C SER H 165 -47.41 -0.02 -49.51
N ILE H 166 -46.26 0.53 -49.14
CA ILE H 166 -44.98 0.06 -49.68
C ILE H 166 -44.50 -1.17 -48.92
N ALA H 167 -44.55 -1.12 -47.58
CA ALA H 167 -44.13 -2.23 -46.72
C ALA H 167 -45.28 -2.57 -45.80
N PRO H 168 -46.15 -3.49 -46.21
CA PRO H 168 -47.28 -3.88 -45.36
C PRO H 168 -46.82 -4.49 -44.04
N GLY H 169 -47.64 -4.30 -43.01
CA GLY H 169 -47.36 -4.82 -41.69
C GLY H 169 -46.48 -3.92 -40.84
N THR H 170 -45.95 -2.84 -41.42
CA THR H 170 -45.13 -1.93 -40.64
C THR H 170 -45.94 -1.22 -39.57
N TYR H 171 -47.09 -0.66 -39.95
CA TYR H 171 -47.97 0.04 -39.02
C TYR H 171 -49.23 -0.78 -38.81
N LYS H 172 -49.58 -0.99 -37.54
CA LYS H 172 -50.83 -1.69 -37.23
C LYS H 172 -52.03 -0.93 -37.77
N LYS H 173 -52.04 0.38 -37.59
CA LYS H 173 -53.07 1.24 -38.15
C LYS H 173 -52.43 2.28 -39.05
N GLU H 174 -53.01 2.45 -40.23
CA GLU H 174 -52.52 3.44 -41.19
C GLU H 174 -53.07 4.82 -40.86
N ILE H 175 -52.66 5.32 -39.70
CA ILE H 175 -53.08 6.63 -39.23
C ILE H 175 -52.58 7.70 -40.20
N SER H 176 -53.34 8.77 -40.34
CA SER H 176 -52.91 9.89 -41.18
C SER H 176 -51.90 10.73 -40.41
N GLU H 177 -50.62 10.55 -40.71
CA GLU H 177 -49.56 11.33 -40.10
C GLU H 177 -48.81 12.12 -41.16
N PRO H 178 -48.80 13.44 -41.08
CA PRO H 178 -47.99 14.23 -42.01
C PRO H 178 -46.51 14.22 -41.61
N ARG H 179 -45.64 13.81 -42.53
CA ARG H 179 -44.22 13.83 -42.31
C ARG H 179 -43.53 14.36 -43.56
N LEU H 180 -42.25 14.68 -43.41
CA LEU H 180 -41.40 15.06 -44.53
C LEU H 180 -40.55 13.86 -44.90
N VAL H 181 -40.77 13.34 -46.09
CA VAL H 181 -40.12 12.12 -46.55
C VAL H 181 -38.95 12.49 -47.46
N ILE H 182 -37.76 12.13 -47.04
CA ILE H 182 -36.55 12.22 -47.85
C ILE H 182 -36.24 10.83 -48.36
N PRO H 183 -36.43 10.55 -49.64
CA PRO H 183 -35.95 9.28 -50.20
C PRO H 183 -34.43 9.30 -50.27
N ILE H 184 -33.84 8.13 -50.03
CA ILE H 184 -32.39 7.97 -50.01
C ILE H 184 -32.01 7.24 -51.29
N TYR H 185 -31.38 7.96 -52.20
CA TYR H 185 -31.02 7.44 -53.52
C TYR H 185 -29.60 6.91 -53.46
N ASN H 186 -29.40 5.73 -54.03
CA ASN H 186 -28.07 5.13 -54.09
C ASN H 186 -27.20 5.94 -55.04
N ALA H 187 -25.96 5.48 -55.24
CA ALA H 187 -25.12 6.10 -56.25
C ALA H 187 -25.79 6.06 -57.62
N ASN H 188 -26.56 5.01 -57.89
CA ASN H 188 -27.37 4.94 -59.09
C ASN H 188 -28.51 5.96 -59.07
N GLY H 189 -28.76 6.57 -57.91
CA GLY H 189 -29.86 7.51 -57.79
C GLY H 189 -31.20 6.88 -57.49
N LYS H 190 -31.20 5.65 -56.98
CA LYS H 190 -32.43 4.90 -56.74
C LYS H 190 -32.78 4.98 -55.26
N ALA H 191 -33.98 5.48 -54.98
CA ALA H 191 -34.47 5.56 -53.62
C ALA H 191 -34.65 4.15 -53.07
N GLU H 192 -33.74 3.73 -52.21
CA GLU H 192 -33.82 2.43 -51.55
C GLU H 192 -34.25 2.53 -50.10
N SER H 193 -34.55 3.74 -49.64
CA SER H 193 -34.99 3.97 -48.26
C SER H 193 -35.63 5.36 -48.21
N PHE H 194 -36.14 5.71 -47.04
CA PHE H 194 -36.79 7.00 -46.87
C PHE H 194 -36.83 7.34 -45.40
N GLN H 195 -36.58 8.61 -45.09
CA GLN H 195 -36.65 9.12 -43.72
C GLN H 195 -37.80 10.10 -43.60
N GLY H 196 -38.66 9.88 -42.61
CA GLY H 196 -39.78 10.76 -42.34
C GLY H 196 -39.52 11.58 -41.08
N ARG H 197 -39.60 12.89 -41.25
CA ARG H 197 -39.49 13.83 -40.14
C ARG H 197 -40.90 14.27 -39.75
N ALA H 198 -41.25 14.07 -38.49
CA ALA H 198 -42.57 14.48 -38.02
C ALA H 198 -42.64 15.99 -37.93
N LEU H 199 -43.72 16.55 -38.49
CA LEU H 199 -43.87 18.00 -38.48
C LEU H 199 -44.11 18.53 -37.08
N LYS H 200 -44.85 17.79 -36.26
CA LYS H 200 -45.11 18.22 -34.89
C LYS H 200 -43.84 18.13 -34.05
N LYS H 201 -43.81 18.93 -32.98
CA LYS H 201 -42.69 18.85 -32.05
C LYS H 201 -42.70 17.54 -31.29
N ASP H 202 -43.87 16.95 -31.08
CA ASP H 202 -44.00 15.67 -30.39
C ASP H 202 -44.12 14.56 -31.43
N ALA H 203 -43.36 13.49 -31.23
CA ALA H 203 -43.37 12.34 -32.11
C ALA H 203 -42.68 11.18 -31.41
N PRO H 204 -42.98 9.94 -31.79
CA PRO H 204 -42.18 8.82 -31.30
C PRO H 204 -40.71 8.93 -31.68
N GLN H 205 -40.42 9.46 -32.87
CA GLN H 205 -39.04 9.66 -33.30
C GLN H 205 -39.01 10.83 -34.27
N LYS H 206 -37.99 11.69 -34.11
CA LYS H 206 -37.82 12.81 -35.01
C LYS H 206 -37.62 12.34 -36.44
N TYR H 207 -36.81 11.31 -36.63
CA TYR H 207 -36.48 10.80 -37.96
C TYR H 207 -36.75 9.30 -37.99
N ILE H 208 -37.91 8.91 -38.51
CA ILE H 208 -38.27 7.50 -38.67
C ILE H 208 -37.81 7.09 -40.05
N THR H 209 -36.75 6.30 -40.13
CA THR H 209 -36.15 5.90 -41.40
C THR H 209 -36.46 4.43 -41.67
N ILE H 210 -37.04 4.16 -42.84
CA ILE H 210 -37.40 2.81 -43.25
C ILE H 210 -36.76 2.56 -44.62
N GLU H 211 -36.09 1.42 -44.75
CA GLU H 211 -35.40 1.07 -45.97
C GLU H 211 -36.22 0.05 -46.77
N ALA H 212 -36.05 0.09 -48.09
CA ALA H 212 -36.71 -0.89 -48.95
C ALA H 212 -36.17 -2.28 -48.67
N TYR H 213 -34.86 -2.42 -48.51
CA TYR H 213 -34.22 -3.68 -48.17
C TYR H 213 -33.12 -3.42 -47.16
N PRO H 214 -32.79 -4.41 -46.33
CA PRO H 214 -31.82 -4.18 -45.24
C PRO H 214 -30.46 -3.71 -45.71
N GLU H 215 -30.06 -4.03 -46.94
CA GLU H 215 -28.77 -3.63 -47.45
C GLU H 215 -28.82 -2.26 -48.15
N ALA H 216 -29.89 -1.51 -47.96
CA ALA H 216 -30.02 -0.20 -48.59
C ALA H 216 -28.97 0.77 -48.04
N THR H 217 -28.59 1.73 -48.87
CA THR H 217 -27.55 2.67 -48.49
C THR H 217 -27.98 3.52 -47.30
N LYS H 218 -27.06 3.68 -46.35
CA LYS H 218 -27.29 4.51 -45.17
C LYS H 218 -26.73 5.92 -45.34
N ILE H 219 -26.23 6.26 -46.52
CA ILE H 219 -25.60 7.54 -46.77
C ILE H 219 -26.46 8.32 -47.75
N TYR H 220 -26.76 9.56 -47.40
CA TYR H 220 -27.62 10.42 -48.20
C TYR H 220 -26.79 11.30 -49.13
N GLY H 221 -27.37 11.63 -50.28
CA GLY H 221 -26.72 12.54 -51.20
C GLY H 221 -25.58 11.94 -51.99
N VAL H 222 -25.42 10.62 -51.94
CA VAL H 222 -24.31 9.98 -52.65
C VAL H 222 -24.40 10.25 -54.14
N GLU H 223 -25.62 10.22 -54.68
CA GLU H 223 -25.82 10.51 -56.09
C GLU H 223 -25.49 11.95 -56.44
N ARG H 224 -25.42 12.84 -55.45
CA ARG H 224 -25.16 14.25 -55.70
C ARG H 224 -23.72 14.64 -55.38
N VAL H 225 -22.84 13.67 -55.17
CA VAL H 225 -21.45 13.99 -54.85
C VAL H 225 -20.77 14.53 -56.10
N LYS H 226 -20.05 15.62 -55.94
CA LYS H 226 -19.29 16.24 -57.01
C LYS H 226 -17.80 16.12 -56.69
N ASP H 227 -16.98 16.73 -57.55
CA ASP H 227 -15.53 16.70 -57.37
C ASP H 227 -15.13 17.44 -56.11
N GLY H 228 -13.87 17.28 -55.72
CA GLY H 228 -13.35 17.90 -54.54
C GLY H 228 -13.67 17.12 -53.29
N ASP H 229 -13.36 17.73 -52.15
CA ASP H 229 -13.61 17.09 -50.87
C ASP H 229 -15.11 16.90 -50.64
N VAL H 230 -15.44 15.81 -49.96
CA VAL H 230 -16.82 15.47 -49.65
C VAL H 230 -17.03 15.68 -48.16
N TYR H 231 -18.09 16.39 -47.81
CA TYR H 231 -18.37 16.76 -46.42
C TYR H 231 -19.41 15.80 -45.85
N VAL H 232 -19.02 15.05 -44.82
CA VAL H 232 -19.95 14.17 -44.14
C VAL H 232 -20.54 14.94 -42.97
N LEU H 233 -21.87 15.02 -42.95
CA LEU H 233 -22.60 15.77 -41.93
C LEU H 233 -23.48 14.81 -41.15
N GLU H 234 -24.31 15.36 -40.27
CA GLU H 234 -25.23 14.56 -39.46
C GLU H 234 -26.60 14.45 -40.12
N GLY H 235 -27.23 15.60 -40.38
CA GLY H 235 -28.56 15.61 -40.94
C GLY H 235 -28.56 15.92 -42.42
N PRO H 236 -29.40 15.21 -43.17
CA PRO H 236 -29.50 15.49 -44.61
C PRO H 236 -29.90 16.92 -44.89
N ILE H 237 -30.79 17.47 -44.06
CA ILE H 237 -31.19 18.86 -44.20
C ILE H 237 -29.99 19.78 -44.05
N ASP H 238 -29.08 19.44 -43.14
CA ASP H 238 -27.82 20.17 -43.02
C ASP H 238 -27.00 20.04 -44.30
N SER H 239 -26.95 18.84 -44.86
CA SER H 239 -26.21 18.63 -46.10
C SER H 239 -26.80 19.44 -47.24
N LEU H 240 -28.08 19.82 -47.15
CA LEU H 240 -28.67 20.63 -48.22
C LEU H 240 -27.95 21.96 -48.36
N PHE H 241 -27.64 22.61 -47.24
CA PHE H 241 -26.95 23.89 -47.33
C PHE H 241 -25.54 23.76 -47.86
N ILE H 242 -25.00 22.55 -47.95
CA ILE H 242 -23.59 22.33 -48.22
C ILE H 242 -23.43 21.64 -49.57
N GLU H 243 -22.58 22.20 -50.42
CA GLU H 243 -22.16 21.50 -51.63
C GLU H 243 -21.35 20.27 -51.23
N ASN H 244 -21.54 19.17 -51.98
CA ASN H 244 -20.91 17.90 -51.66
C ASN H 244 -21.21 17.48 -50.24
N GLY H 245 -22.44 17.76 -49.80
CA GLY H 245 -22.87 17.39 -48.47
C GLY H 245 -23.55 16.05 -48.44
N ILE H 246 -22.88 15.05 -47.89
CA ILE H 246 -23.47 13.74 -47.72
C ILE H 246 -23.83 13.56 -46.25
N ALA H 247 -24.81 12.71 -46.00
CA ALA H 247 -25.29 12.47 -44.64
C ALA H 247 -25.40 10.97 -44.43
N ILE H 248 -24.56 10.43 -43.55
CA ILE H 248 -24.73 9.06 -43.10
C ILE H 248 -26.01 9.00 -42.28
N THR H 249 -27.04 8.38 -42.83
CA THR H 249 -28.37 8.42 -42.23
C THR H 249 -28.40 7.48 -41.03
N GLY H 250 -27.94 7.99 -39.89
CA GLY H 250 -27.96 7.21 -38.67
C GLY H 250 -27.05 6.00 -38.75
N GLY H 251 -27.44 4.96 -38.01
CA GLY H 251 -26.68 3.74 -38.01
C GLY H 251 -25.35 3.89 -37.29
N GLN H 252 -24.55 2.84 -37.40
CA GLN H 252 -23.23 2.81 -36.77
C GLN H 252 -22.21 3.41 -37.72
N LEU H 253 -21.40 4.32 -37.21
CA LEU H 253 -20.38 4.98 -38.01
C LEU H 253 -19.29 3.98 -38.38
N ASP H 254 -19.20 3.65 -39.66
CA ASP H 254 -18.20 2.71 -40.16
C ASP H 254 -17.44 3.36 -41.31
N LEU H 255 -16.12 3.43 -41.19
CA LEU H 255 -15.32 4.08 -42.21
C LEU H 255 -15.41 3.33 -43.54
N GLU H 256 -15.42 2.01 -43.47
CA GLU H 256 -15.37 1.18 -44.66
C GLU H 256 -16.58 1.40 -45.55
N VAL H 257 -17.76 1.50 -44.93
CA VAL H 257 -18.98 1.73 -45.70
C VAL H 257 -19.00 3.12 -46.31
N VAL H 258 -18.09 3.99 -45.90
CA VAL H 258 -18.06 5.37 -46.37
C VAL H 258 -17.12 5.46 -47.56
N PRO H 259 -17.58 5.94 -48.71
CA PRO H 259 -16.68 6.14 -49.85
C PRO H 259 -15.84 7.41 -49.71
N PHE H 260 -15.08 7.74 -50.76
CA PHE H 260 -14.20 8.91 -50.76
C PHE H 260 -13.27 8.88 -49.57
N LYS H 261 -12.82 7.67 -49.22
CA LYS H 261 -11.99 7.47 -48.04
C LYS H 261 -10.73 8.31 -48.10
N ASP H 262 -10.31 8.70 -49.31
CA ASP H 262 -9.19 9.60 -49.53
C ASP H 262 -9.54 11.05 -49.25
N ARG H 263 -10.70 11.51 -49.70
CA ARG H 263 -10.99 12.93 -49.80
C ARG H 263 -12.17 13.38 -48.97
N ARG H 264 -12.78 12.49 -48.19
CA ARG H 264 -13.95 12.88 -47.42
C ARG H 264 -13.55 13.78 -46.24
N VAL H 265 -14.49 14.64 -45.83
CA VAL H 265 -14.29 15.57 -44.74
C VAL H 265 -15.37 15.34 -43.70
N TRP H 266 -14.96 15.20 -42.45
CA TRP H 266 -15.88 14.96 -41.35
C TRP H 266 -16.33 16.26 -40.73
N VAL H 267 -17.64 16.46 -40.66
CA VAL H 267 -18.22 17.63 -40.02
C VAL H 267 -19.28 17.16 -39.03
N LEU H 268 -18.98 17.28 -37.75
CA LEU H 268 -19.94 16.92 -36.71
C LEU H 268 -20.63 18.18 -36.19
N ASP H 269 -21.43 18.02 -35.15
CA ASP H 269 -22.13 19.14 -34.55
C ASP H 269 -21.18 19.97 -33.70
N ASN H 270 -21.55 21.23 -33.48
CA ASN H 270 -20.77 22.13 -32.65
C ASN H 270 -21.25 22.06 -31.20
N GLU H 271 -20.83 20.99 -30.53
CA GLU H 271 -21.19 20.73 -29.13
C GLU H 271 -19.94 20.31 -28.38
N PRO H 272 -19.03 21.24 -28.13
CA PRO H 272 -17.72 20.85 -27.56
C PRO H 272 -17.82 20.15 -26.22
N ARG H 273 -18.75 20.56 -25.38
CA ARG H 273 -18.83 19.94 -24.06
C ARG H 273 -19.51 18.58 -24.11
N HIS H 274 -20.21 18.28 -25.19
CA HIS H 274 -20.90 17.00 -25.29
C HIS H 274 -19.90 15.86 -25.39
N PRO H 275 -20.01 14.85 -24.54
CA PRO H 275 -18.97 13.81 -24.49
C PRO H 275 -19.00 12.85 -25.66
N ASP H 276 -20.19 12.48 -26.13
CA ASP H 276 -20.27 11.51 -27.23
C ASP H 276 -19.71 12.10 -28.52
N THR H 277 -19.98 13.39 -28.76
CA THR H 277 -19.45 14.02 -29.95
C THR H 277 -17.94 14.00 -29.95
N ILE H 278 -17.32 14.34 -28.83
CA ILE H 278 -15.87 14.34 -28.77
C ILE H 278 -15.34 12.92 -28.83
N LYS H 279 -16.08 11.96 -28.29
CA LYS H 279 -15.66 10.56 -28.43
C LYS H 279 -15.61 10.17 -29.90
N ARG H 280 -16.66 10.50 -30.65
CA ARG H 280 -16.67 10.20 -32.07
C ARG H 280 -15.54 10.91 -32.80
N MET H 281 -15.30 12.17 -32.44
CA MET H 281 -14.24 12.91 -33.11
C MET H 281 -12.87 12.29 -32.78
N THR H 282 -12.67 11.86 -31.55
CA THR H 282 -11.43 11.17 -31.22
C THR H 282 -11.29 9.91 -32.04
N LYS H 283 -12.37 9.14 -32.16
CA LYS H 283 -12.35 7.93 -32.98
C LYS H 283 -11.94 8.26 -34.40
N LEU H 284 -12.51 9.32 -34.97
CA LEU H 284 -12.20 9.69 -36.34
C LEU H 284 -10.74 10.10 -36.49
N VAL H 285 -10.25 10.92 -35.57
CA VAL H 285 -8.88 11.42 -35.72
C VAL H 285 -7.87 10.31 -35.50
N ASP H 286 -8.15 9.38 -34.59
CA ASP H 286 -7.24 8.26 -34.39
C ASP H 286 -7.12 7.41 -35.64
N ALA H 287 -8.17 7.40 -36.46
CA ALA H 287 -8.09 6.83 -37.79
C ALA H 287 -7.43 7.77 -38.78
N GLY H 288 -6.87 8.87 -38.31
CA GLY H 288 -6.15 9.77 -39.19
C GLY H 288 -7.01 10.50 -40.19
N GLU H 289 -8.31 10.62 -39.92
CA GLU H 289 -9.20 11.23 -40.88
C GLU H 289 -9.01 12.75 -40.91
N ARG H 290 -9.74 13.39 -41.82
CA ARG H 290 -9.73 14.84 -41.96
C ARG H 290 -11.06 15.38 -41.45
N VAL H 291 -10.99 16.12 -40.34
CA VAL H 291 -12.18 16.53 -39.61
C VAL H 291 -12.27 18.04 -39.61
N MET H 292 -13.47 18.53 -39.28
CA MET H 292 -13.75 19.95 -39.18
C MET H 292 -13.74 20.39 -37.73
N PHE H 293 -13.30 21.64 -37.49
CA PHE H 293 -13.19 22.19 -36.15
C PHE H 293 -13.94 23.50 -36.05
N TRP H 294 -14.63 23.70 -34.94
CA TRP H 294 -15.39 24.91 -34.70
C TRP H 294 -14.73 25.83 -33.69
N ASP H 295 -13.47 25.56 -33.33
CA ASP H 295 -12.83 26.30 -32.25
C ASP H 295 -12.66 27.77 -32.59
N LYS H 296 -12.86 28.16 -33.85
CA LYS H 296 -12.80 29.57 -34.23
C LYS H 296 -14.06 30.03 -34.96
N SER H 297 -15.13 29.25 -34.91
CA SER H 297 -16.35 29.63 -35.62
C SER H 297 -16.92 30.91 -35.02
N PRO H 298 -17.23 31.91 -35.83
CA PRO H 298 -17.91 33.10 -35.30
C PRO H 298 -19.27 32.79 -34.71
N TRP H 299 -19.99 31.82 -35.26
CA TRP H 299 -21.27 31.42 -34.71
C TRP H 299 -21.08 30.35 -33.65
N LYS H 300 -22.03 30.26 -32.71
CA LYS H 300 -21.86 29.29 -31.59
C LYS H 300 -23.09 28.37 -31.46
N SER H 301 -23.98 28.33 -32.45
CA SER H 301 -25.09 27.41 -32.36
C SER H 301 -24.59 25.97 -32.49
N LYS H 302 -25.48 25.04 -32.13
CA LYS H 302 -25.12 23.64 -32.10
C LYS H 302 -24.83 23.12 -33.51
N ASP H 303 -25.70 23.42 -34.46
CA ASP H 303 -25.54 22.94 -35.82
C ASP H 303 -25.58 24.09 -36.82
N VAL H 304 -25.41 23.73 -38.09
CA VAL H 304 -25.38 24.72 -39.17
C VAL H 304 -26.72 25.41 -39.30
N ASN H 305 -27.81 24.63 -39.35
CA ASN H 305 -29.13 25.20 -39.56
C ASN H 305 -29.50 26.16 -38.44
N ASP H 306 -29.09 25.82 -37.22
CA ASP H 306 -29.36 26.72 -36.10
C ASP H 306 -28.60 28.03 -36.26
N MET H 307 -27.34 27.97 -36.71
CA MET H 307 -26.60 29.19 -36.97
C MET H 307 -27.29 30.02 -38.06
N ILE H 308 -27.79 29.34 -39.09
CA ILE H 308 -28.44 30.03 -40.21
C ILE H 308 -29.71 30.72 -39.74
N ARG H 309 -30.57 29.98 -39.05
CA ARG H 309 -31.87 30.52 -38.67
C ARG H 309 -31.75 31.52 -37.53
N LYS H 310 -30.80 31.29 -36.63
CA LYS H 310 -30.65 32.18 -35.44
C LYS H 310 -29.53 33.19 -35.70
N GLU H 311 -28.28 32.72 -35.77
CA GLU H 311 -27.12 33.64 -35.95
C GLU H 311 -27.17 34.28 -37.35
N GLY H 312 -28.03 33.75 -38.22
CA GLY H 312 -28.13 34.27 -39.60
C GLY H 312 -27.00 33.75 -40.49
N ALA H 313 -26.27 32.73 -40.00
CA ALA H 313 -25.15 32.16 -40.78
C ALA H 313 -25.61 31.91 -42.22
N THR H 314 -24.77 32.26 -43.20
CA THR H 314 -25.10 32.04 -44.58
C THR H 314 -24.15 31.01 -45.20
N PRO H 315 -24.64 30.16 -46.09
CA PRO H 315 -23.87 28.95 -46.45
C PRO H 315 -22.47 29.24 -46.97
N GLU H 316 -22.31 30.30 -47.75
CA GLU H 316 -20.99 30.58 -48.33
C GLU H 316 -19.98 30.93 -47.24
N GLN H 317 -20.40 31.67 -46.21
CA GLN H 317 -19.52 31.90 -45.08
C GLN H 317 -19.14 30.59 -44.42
N ILE H 318 -20.12 29.69 -44.32
CA ILE H 318 -19.88 28.39 -43.70
C ILE H 318 -18.82 27.62 -44.50
N MET H 319 -18.98 27.58 -45.82
CA MET H 319 -18.00 26.88 -46.64
C MET H 319 -16.64 27.54 -46.55
N GLU H 320 -16.61 28.87 -46.50
CA GLU H 320 -15.35 29.57 -46.36
C GLU H 320 -14.66 29.15 -45.07
N TYR H 321 -15.39 29.16 -43.96
CA TYR H 321 -14.79 28.78 -42.69
C TYR H 321 -14.31 27.34 -42.75
N MET H 322 -15.13 26.45 -43.30
CA MET H 322 -14.76 25.05 -43.28
C MET H 322 -13.56 24.77 -44.17
N LYS H 323 -13.42 25.43 -45.30
CA LYS H 323 -12.28 25.16 -46.15
C LYS H 323 -10.98 25.64 -45.55
N ASN H 324 -11.08 26.41 -44.46
CA ASN H 324 -9.88 26.94 -43.77
C ASN H 324 -9.84 26.41 -42.33
N ASN H 325 -10.50 25.27 -42.08
CA ASN H 325 -10.58 24.74 -40.69
C ASN H 325 -10.49 23.21 -40.71
N ILE H 326 -10.23 22.61 -41.87
CA ILE H 326 -10.10 21.15 -41.94
C ILE H 326 -8.71 20.78 -41.43
N ALA H 327 -8.64 19.84 -40.49
CA ALA H 327 -7.37 19.40 -39.96
C ALA H 327 -7.35 17.88 -39.86
N GLN H 328 -6.14 17.32 -39.99
CA GLN H 328 -5.95 15.88 -39.94
C GLN H 328 -4.64 15.57 -39.24
N GLY H 329 -4.54 14.35 -38.74
CA GLY H 329 -3.32 13.93 -38.07
C GLY H 329 -3.07 14.76 -36.83
N LEU H 330 -1.80 15.06 -36.57
CA LEU H 330 -1.44 15.74 -35.33
C LEU H 330 -2.06 17.12 -35.26
N MET H 331 -2.22 17.78 -36.40
CA MET H 331 -2.91 19.07 -36.39
C MET H 331 -4.32 18.92 -35.87
N ALA H 332 -5.04 17.92 -36.39
CA ALA H 332 -6.41 17.68 -35.91
C ALA H 332 -6.39 17.35 -34.43
N LYS H 333 -5.43 16.53 -33.99
CA LYS H 333 -5.40 16.12 -32.60
C LYS H 333 -5.21 17.32 -31.69
N MET H 334 -4.23 18.16 -31.99
CA MET H 334 -4.01 19.31 -31.14
C MET H 334 -5.19 20.29 -31.17
N ARG H 335 -5.78 20.53 -32.34
CA ARG H 335 -6.95 21.39 -32.39
C ARG H 335 -8.15 20.79 -31.70
N LEU H 336 -8.17 19.47 -31.54
CA LEU H 336 -9.25 18.85 -30.80
C LEU H 336 -9.08 19.04 -29.30
N SER H 337 -7.83 18.97 -28.83
CA SER H 337 -7.57 19.09 -27.40
C SER H 337 -8.14 20.38 -26.85
N LYS H 338 -7.92 21.49 -27.55
CA LYS H 338 -8.48 22.75 -27.10
C LYS H 338 -9.99 22.77 -27.22
N TYR H 339 -10.54 22.20 -28.28
CA TYR H 339 -11.98 22.22 -28.48
C TYR H 339 -12.71 21.34 -27.48
N ALA H 340 -11.98 20.56 -26.67
CA ALA H 340 -12.62 19.63 -25.74
C ALA H 340 -13.63 20.34 -24.85
N LYS H 341 -13.20 21.40 -24.18
CA LYS H 341 -14.07 22.07 -23.23
C LYS H 341 -13.75 23.56 -23.15
PG AGS J . -1.30 -5.52 38.67
S1G AGS J . 0.39 -5.87 39.57
O2G AGS J . -1.04 -5.05 37.22
O3G AGS J . -2.16 -6.82 38.66
PB AGS J . -2.07 -4.44 41.03
O1B AGS J . -0.92 -3.69 41.57
O2B AGS J . -2.07 -5.91 41.45
O3B AGS J . -2.08 -4.41 39.45
PA AGS J . -3.98 -4.23 43.00
O1A AGS J . -4.84 -3.16 43.55
O2A AGS J . -4.65 -5.60 42.87
O3A AGS J . -3.45 -3.86 41.56
O5' AGS J . -2.70 -4.30 43.92
C5' AGS J . -2.42 -5.48 44.71
C4' AGS J . -2.28 -5.08 46.15
O4' AGS J . -3.53 -5.34 46.83
C3' AGS J . -1.22 -5.86 46.94
O3' AGS J . -0.68 -5.06 47.99
C2' AGS J . -2.01 -7.05 47.47
O2' AGS J . -1.45 -7.54 48.69
C1' AGS J . -3.39 -6.43 47.73
N9 AGS J . -4.50 -7.34 47.50
C8 AGS J . -5.06 -7.69 46.31
N7 AGS J . -6.06 -8.53 46.41
C5 AGS J . -6.16 -8.76 47.76
C6 AGS J . -7.04 -9.56 48.53
N6 AGS J . -8.00 -10.32 48.00
N1 AGS J . -6.87 -9.56 49.87
C2 AGS J . -5.91 -8.81 50.40
N3 AGS J . -5.03 -8.02 49.79
C4 AGS J . -5.22 -8.03 48.46
MG MG K . -3.97 -3.93 39.14
PG AGS L . 4.17 19.74 30.59
S1G AGS L . 4.80 17.93 30.25
O2G AGS L . 4.12 20.16 32.04
O3G AGS L . 2.90 20.13 29.90
PB AGS L . 5.21 22.36 29.74
O1B AGS L . 4.03 22.67 28.90
O2B AGS L . 6.57 22.78 29.29
O3B AGS L . 5.24 20.78 29.98
PA AGS L . 4.51 24.38 31.69
O1A AGS L . 3.07 24.55 31.33
O2A AGS L . 5.49 25.38 31.15
O3A AGS L . 4.97 22.92 31.21
O5' AGS L . 4.67 24.28 33.28
C5' AGS L . 6.00 24.40 33.85
C4' AGS L . 5.90 24.59 35.34
O4' AGS L . 5.03 25.72 35.64
C3' AGS L . 5.31 23.43 36.14
O3' AGS L . 6.27 22.42 36.43
C2' AGS L . 4.85 24.16 37.40
O2' AGS L . 5.93 24.47 38.27
C1' AGS L . 4.27 25.43 36.79
N9 AGS L . 2.86 25.30 36.41
C8 AGS L . 2.38 24.88 35.19
N7 AGS L . 1.07 24.86 35.13
C5 AGS L . 0.66 25.26 36.41
C6 AGS L . -0.61 25.43 36.98
N6 AGS L . -1.75 25.21 36.33
N1 AGS L . -0.66 25.84 38.27
C2 AGS L . 0.49 26.07 38.90
N3 AGS L . 1.74 25.95 38.47
C4 AGS L . 1.76 25.53 37.19
MG MG M . 2.45 22.16 28.07
PG AGS N . 21.34 23.99 8.90
S1G AGS N . 19.78 24.71 7.97
O2G AGS N . 22.14 23.08 7.93
O3G AGS N . 20.89 23.16 10.13
PB AGS N . 23.71 25.27 8.78
O1B AGS N . 24.42 23.97 8.94
O2B AGS N . 23.55 25.70 7.31
O3B AGS N . 22.25 25.16 9.37
PA AGS N . 24.68 27.86 8.85
O1A AGS N . 25.47 27.83 7.60
O2A AGS N . 23.27 28.40 8.65
O3A AGS N . 24.54 26.42 9.49
O5' AGS N . 25.49 28.70 9.92
C5' AGS N . 26.55 28.11 10.68
C4' AGS N . 26.98 29.08 11.74
O4' AGS N . 26.97 30.42 11.22
C3' AGS N . 26.08 29.14 12.96
O3' AGS N . 26.40 28.12 13.90
C2' AGS N . 26.39 30.53 13.53
O2' AGS N . 27.48 30.51 14.44
C1' AGS N . 26.76 31.34 12.27
N9 AGS N . 25.74 32.29 11.85
C8 AGS N . 24.59 32.03 11.16
N7 AGS N . 23.86 33.09 10.90
C5 AGS N . 24.58 34.12 11.48
C6 AGS N . 24.34 35.50 11.56
N6 AGS N . 23.26 36.11 11.05
N1 AGS N . 25.26 36.26 12.20
C2 AGS N . 26.34 35.66 12.72
N3 AGS N . 26.67 34.37 12.70
C4 AGS N . 25.74 33.65 12.06
MG MG O . 21.63 25.35 6.38
PG AGS P . 33.72 3.55 -7.81
S1G AGS P . 34.49 5.00 -8.84
O2G AGS P . 32.77 4.12 -6.72
O3G AGS P . 32.89 2.64 -8.77
PB AGS P . 35.18 2.90 -5.61
O1B AGS P . 34.84 1.69 -4.84
O2B AGS P . 34.42 4.13 -5.14
O3B AGS P . 34.84 2.70 -7.15
PA AGS P . 37.47 4.07 -6.55
O1A AGS P . 36.87 5.40 -6.70
O2A AGS P . 37.47 3.23 -7.83
O3A AGS P . 36.72 3.23 -5.44
O5' AGS P . 38.94 4.27 -6.00
C5' AGS P . 39.23 4.22 -4.59
C4' AGS P . 40.49 5.00 -4.32
O4' AGS P . 41.05 5.45 -5.57
C3' AGS P . 40.31 6.27 -3.51
O3' AGS P . 40.32 5.98 -2.11
C2' AGS P . 41.53 7.12 -3.92
O2' AGS P . 42.60 6.97 -3.01
C1' AGS P . 41.90 6.56 -5.31
N9 AGS P . 41.74 7.51 -6.39
C8 AGS P . 40.59 7.82 -7.08
N7 AGS P . 40.75 8.72 -8.02
C5 AGS P . 42.10 9.03 -7.95
C6 AGS P . 42.91 9.92 -8.69
N6 AGS P . 42.45 10.69 -9.68
N1 AGS P . 44.22 9.98 -8.38
C2 AGS P . 44.68 9.21 -7.39
N3 AGS P . 44.02 8.34 -6.62
C4 AGS P . 42.72 8.30 -6.96
MG MG Q . 32.42 4.29 -4.77
PG AGS R . 26.08 -22.55 -1.90
S1G AGS R . 24.94 -21.50 -0.71
O2G AGS R . 26.76 -21.60 -2.93
O3G AGS R . 25.21 -23.60 -2.66
PB AGS R . 26.77 -24.57 -0.25
O1B AGS R . 25.88 -24.20 0.86
O2B AGS R . 26.13 -25.54 -1.25
O3B AGS R . 27.16 -23.28 -1.08
PA AGS R . 29.09 -26.01 -0.69
O1A AGS R . 28.97 -27.47 -0.58
O2A AGS R . 28.82 -25.45 -2.09
O3A AGS R . 28.07 -25.29 0.31
O5' AGS R . 30.52 -25.61 -0.17
C5' AGS R . 30.90 -25.81 1.21
C4' AGS R . 32.39 -25.58 1.35
O4' AGS R . 33.11 -26.49 0.51
C3' AGS R . 32.88 -24.20 0.90
O3' AGS R . 32.69 -23.23 1.93
C2' AGS R . 34.37 -24.47 0.63
O2' AGS R . 35.16 -24.22 1.79
C1' AGS R . 34.40 -25.95 0.26
N9 AGS R . 34.74 -26.22 -1.13
C8 AGS R . 33.98 -25.95 -2.25
N7 AGS R . 34.55 -26.29 -3.38
C5 AGS R . 35.77 -26.83 -2.98
C6 AGS R . 36.84 -27.38 -3.71
N6 AGS R . 36.85 -27.48 -5.05
N1 AGS R . 37.91 -27.82 -3.02
C2 AGS R . 37.89 -27.72 -1.68
N3 AGS R . 36.94 -27.22 -0.89
C4 AGS R . 35.90 -26.79 -1.61
MG MG S . 25.28 -26.16 -2.93
ZN ZN T . -31.08 -5.93 -13.87
#